data_9B8C
#
_entry.id   9B8C
#
_cell.length_a   1.00
_cell.length_b   1.00
_cell.length_c   1.00
_cell.angle_alpha   90.00
_cell.angle_beta   90.00
_cell.angle_gamma   90.00
#
_symmetry.space_group_name_H-M   'P 1'
#
loop_
_entity.id
_entity.type
_entity.pdbx_description
1 polymer 'Envelope glycoprotein gp120'
2 polymer 'Transmembrane protein gp41'
3 polymer 'RM20A3 fragment antigen binding light chain'
4 polymer 'RM018 fragment antigen binding heavy chain'
5 polymer 'RM20A3 fragment antigen binding heavy chain'
6 polymer 'RM018 fragment antigen binding light chain'
7 branched alpha-D-mannopyranose-(1-2)-alpha-D-mannopyranose-(1-3)-[alpha-D-mannopyranose-(1-3)-[alpha-D-mannopyranose-(1-6)]alpha-D-mannopyranose-(1-6)]beta-D-mannopyranose-(1-4)-2-acetamido-2-deoxy-beta-D-glucopyranose-(1-3)-2-acetamido-2-deoxy-beta-D-glucopyranose
8 branched 2-acetamido-2-deoxy-beta-D-glucopyranose-(1-4)-2-acetamido-2-deoxy-beta-D-glucopyranose
9 branched beta-D-mannopyranose-(1-4)-2-acetamido-2-deoxy-beta-D-glucopyranose-(1-4)-2-acetamido-2-deoxy-beta-D-glucopyranose
10 non-polymer 2-acetamido-2-deoxy-beta-D-glucopyranose
#
loop_
_entity_poly.entity_id
_entity_poly.type
_entity_poly.pdbx_seq_one_letter_code
_entity_poly.pdbx_strand_id
1 'polypeptide(L)'
;AENLWVTVYYGVPVWKDAETTLFCASDAKAYETEKHNVWATHACVSTDPNPQEIHLENVTEEFNMWKNNMVEQMHEDIIS
LWDQSLKPCVKLTPLCVGLQCTNVTNNITDDMRGELKNCSFNATTELRNKRQKVYSLFYRLDIVPMVDLWTNYRLISCNT
SAITQACPKVSFEPIPIHYCAPAGFAILKCKDKKFNGTGPCQNVSTVQCTHGIKPVVSTQLLLNGSLAEEEVIIRSENIT
NNAKNILVQLNTSVQINCTRPNNNTVKSIRIGPGQAFYYTGDIIGDIRQAHCNVSKATWNETLGKVVKQLRKHFGNNTII
RFAQSSGGDLEVTTHSFNCGGEFFYCNTSGLFNSTWISNTSVQGSNSTGSNDSITLPCRIKQIINMWQRIGQAMYAPPIQ
GVIRCVSNITGLILTRDGGSTNSTTETFRPGGGDMRDNWRSELYKYKVVKIEPLGVAPTRCKRRVVG
;
A,C,D
2 'polypeptide(L)'
;AVGIGAVSLGFLGAAGSTMGAASMTLTVQARNLLSGIVQQQSNLLRAPEPQQHLLKDTHWGIKQLQARVLAVEHYLRDQQ
LLGIWGCSGKLICCTNVPWNSSWSNRNLSEIWDNMTWLQWDKEISNYTQIIYGLLEESQNQQEKNEQDLLALD
;
B,E,F
3 'polypeptide(L)'
;ALTQPPSVSGSPGQSVTISCTGTSSDIGSYNYVSWYQQHPGKAPKLMIYDVTQRPSGVSDRFSGSKSGNTASLTISGLQA
DDEADYYCSAYAGRQTFYIFGGGTRLTVLGQPKASPTVTLFPPSSEEL
;
G,J,N
4 'polypeptide(L)'
;QVQLVQSGAEVKKPGASVKLSCKASGYTFSIYAITWVRQAPGQGLEWMGGIIPLVGITNYAQKFQGRVTITADTSTTTAY
MELSSLRSEDTAVYYCSRGLGPSIETEDDYD(TYS)SYTSEYNLLHVWGRGVLVTVSS
;
H
5 'polypeptide(L)'
;EVQLVETGGGLVQPGGSLKLSCRASGYTFSSFAMSWVRQAPGKGLEWVSLINDRGGLTFYVDSVKGRFTISRDNSKNTLS
LQMHSLRDGDTAVYYCATGGMSSALQSSKYYFDFWGQGALVTVSS
;
I,K,M
6 'polypeptide(L)'
;QAALTQPRSVSESPGQSVTFSCTGTSSDIGGYNYVSWFQQHPETAPKLMIYEVSKRPSGVSDRFSGSKSGNTASLTISGL
QAEDEADYYCSSYADSNTLVFGGGTRLTVLGQPKAAPSVTLFPPSSEELQANKATLVCLISDFYPGAVTVAWKADSSPVK
AGVETTTPSKQSNNKYAASSYLSLTPEQWKSHRSYSCQVTHEGSTVEKTVAPTECS
;
L
#
loop_
_chem_comp.id
_chem_comp.type
_chem_comp.name
_chem_comp.formula
BMA D-saccharide, beta linking beta-D-mannopyranose 'C6 H12 O6'
MAN D-saccharide, alpha linking alpha-D-mannopyranose 'C6 H12 O6'
NAG D-saccharide, beta linking 2-acetamido-2-deoxy-beta-D-glucopyranose 'C8 H15 N O6'
#
# COMPACT_ATOMS: atom_id res chain seq x y z
N GLU A 2 14.50 -33.24 -25.45
CA GLU A 2 13.85 -34.45 -24.94
C GLU A 2 12.36 -34.22 -24.76
N ASN A 3 11.78 -33.44 -25.68
CA ASN A 3 10.35 -33.10 -25.65
C ASN A 3 9.96 -32.46 -24.32
N LEU A 4 10.78 -31.53 -23.85
CA LEU A 4 10.55 -30.86 -22.58
C LEU A 4 9.79 -29.57 -22.84
N TRP A 5 8.96 -29.19 -21.86
CA TRP A 5 8.12 -28.01 -21.93
C TRP A 5 8.34 -27.15 -20.70
N VAL A 6 8.13 -25.84 -20.87
CA VAL A 6 8.27 -24.89 -19.76
C VAL A 6 7.10 -25.07 -18.82
N THR A 7 7.40 -25.29 -17.53
CA THR A 7 6.39 -25.37 -16.49
C THR A 7 6.66 -24.25 -15.50
N VAL A 8 5.61 -23.50 -15.17
CA VAL A 8 5.69 -22.34 -14.30
C VAL A 8 5.33 -22.78 -12.89
N TYR A 9 6.19 -22.46 -11.93
CA TYR A 9 6.00 -22.79 -10.53
C TYR A 9 5.89 -21.50 -9.74
N TYR A 10 4.91 -21.43 -8.85
CA TYR A 10 4.70 -20.28 -7.98
C TYR A 10 4.86 -20.75 -6.54
N GLY A 11 5.74 -20.10 -5.80
CA GLY A 11 6.10 -20.53 -4.47
C GLY A 11 7.48 -21.14 -4.48
N VAL A 12 8.31 -20.69 -5.41
CA VAL A 12 9.66 -21.22 -5.59
C VAL A 12 10.55 -20.73 -4.43
N PRO A 13 11.24 -21.61 -3.69
CA PRO A 13 12.04 -21.14 -2.54
C PRO A 13 13.39 -20.53 -2.92
N VAL A 14 13.34 -19.40 -3.62
CA VAL A 14 14.56 -18.67 -4.00
C VAL A 14 14.44 -17.23 -3.54
N TRP A 15 15.58 -16.54 -3.56
CA TRP A 15 15.63 -15.15 -3.14
C TRP A 15 16.73 -14.41 -3.87
N LYS A 16 16.65 -13.08 -3.77
CA LYS A 16 17.62 -12.15 -4.30
C LYS A 16 18.03 -11.19 -3.18
N ASP A 17 19.26 -10.71 -3.25
CA ASP A 17 19.67 -9.66 -2.32
C ASP A 17 18.86 -8.41 -2.60
N ALA A 18 18.37 -7.77 -1.53
CA ALA A 18 17.53 -6.59 -1.70
C ALA A 18 17.66 -5.70 -0.47
N GLU A 19 17.37 -4.42 -0.71
CA GLU A 19 17.33 -3.39 0.33
C GLU A 19 15.90 -2.88 0.42
N THR A 20 15.23 -3.17 1.53
CA THR A 20 13.85 -2.73 1.75
C THR A 20 13.72 -2.11 3.13
N THR A 21 12.55 -1.55 3.38
CA THR A 21 12.25 -0.91 4.65
C THR A 21 11.83 -1.96 5.67
N LEU A 22 12.48 -1.94 6.83
CA LEU A 22 12.16 -2.83 7.93
C LEU A 22 11.41 -2.04 8.98
N PHE A 23 10.55 -2.71 9.74
CA PHE A 23 9.80 -2.06 10.81
C PHE A 23 10.23 -2.59 12.17
N CYS A 24 10.02 -1.78 13.20
CA CYS A 24 10.42 -2.13 14.55
C CYS A 24 9.32 -2.92 15.25
N ALA A 25 9.76 -3.80 16.16
CA ALA A 25 8.85 -4.58 16.97
C ALA A 25 9.50 -4.80 18.33
N SER A 26 8.66 -5.09 19.33
CA SER A 26 9.15 -5.36 20.67
C SER A 26 8.09 -6.07 21.50
N GLU A 53 12.14 -19.12 13.81
CA GLU A 53 13.48 -19.41 13.31
C GLU A 53 13.51 -20.78 12.67
N ILE A 54 13.72 -20.80 11.36
CA ILE A 54 13.68 -22.02 10.56
C ILE A 54 15.09 -22.30 10.02
N HIS A 55 15.68 -23.41 10.44
CA HIS A 55 17.00 -23.77 9.95
C HIS A 55 16.92 -24.23 8.50
N LEU A 56 17.86 -23.78 7.65
CA LEU A 56 17.90 -24.14 6.24
C LEU A 56 19.06 -25.12 6.04
N GLU A 57 18.72 -26.39 5.86
CA GLU A 57 19.75 -27.39 5.62
C GLU A 57 20.26 -27.29 4.19
N ASN A 58 21.56 -27.56 4.03
CA ASN A 58 22.22 -27.58 2.72
C ASN A 58 22.07 -26.26 1.97
N VAL A 59 22.12 -25.14 2.69
CA VAL A 59 22.05 -23.81 2.10
C VAL A 59 23.31 -23.05 2.50
N THR A 60 24.04 -22.58 1.50
CA THR A 60 25.21 -21.73 1.70
C THR A 60 24.84 -20.34 1.21
N GLU A 61 25.07 -19.32 2.04
CA GLU A 61 24.68 -17.96 1.70
C GLU A 61 25.84 -17.02 1.95
N GLU A 62 26.12 -16.15 0.97
CA GLU A 62 27.24 -15.23 1.07
C GLU A 62 26.80 -13.94 1.76
N PHE A 63 27.44 -13.63 2.87
CA PHE A 63 27.15 -12.46 3.68
C PHE A 63 28.24 -11.40 3.49
N ASN A 64 27.86 -10.14 3.72
CA ASN A 64 28.82 -9.03 3.73
C ASN A 64 28.30 -7.99 4.72
N MET A 65 28.87 -7.97 5.93
CA MET A 65 28.36 -7.06 6.95
C MET A 65 28.61 -5.59 6.63
N TRP A 66 29.54 -5.28 5.73
CA TRP A 66 29.84 -3.89 5.37
C TRP A 66 29.06 -3.42 4.17
N LYS A 67 28.19 -4.26 3.61
CA LYS A 67 27.24 -3.89 2.57
C LYS A 67 25.82 -4.09 3.07
N ASN A 68 25.63 -4.26 4.37
CA ASN A 68 24.34 -4.56 4.97
C ASN A 68 23.60 -3.26 5.23
N ASN A 69 22.51 -3.04 4.49
CA ASN A 69 21.75 -1.81 4.62
C ASN A 69 20.90 -1.77 5.88
N MET A 70 20.90 -2.83 6.68
CA MET A 70 20.16 -2.79 7.93
C MET A 70 20.81 -1.83 8.92
N VAL A 71 22.13 -1.65 8.82
CA VAL A 71 22.83 -0.73 9.70
C VAL A 71 22.47 0.70 9.35
N GLU A 72 22.40 1.01 8.05
CA GLU A 72 22.01 2.36 7.64
C GLU A 72 20.59 2.67 8.07
N GLN A 73 19.68 1.70 7.94
CA GLN A 73 18.32 1.91 8.38
C GLN A 73 18.22 2.07 9.89
N MET A 74 18.97 1.26 10.64
CA MET A 74 18.97 1.40 12.09
C MET A 74 19.52 2.77 12.51
N HIS A 75 20.58 3.23 11.83
CA HIS A 75 21.14 4.54 12.13
C HIS A 75 20.11 5.64 11.88
N GLU A 76 19.49 5.63 10.70
CA GLU A 76 18.50 6.65 10.39
C GLU A 76 17.31 6.59 11.34
N ASP A 77 16.87 5.38 11.68
CA ASP A 77 15.73 5.23 12.59
C ASP A 77 16.05 5.75 13.97
N ILE A 78 17.25 5.48 14.48
CA ILE A 78 17.61 5.98 15.81
C ILE A 78 17.74 7.49 15.79
N ILE A 79 18.29 8.07 14.72
CA ILE A 79 18.36 9.54 14.64
C ILE A 79 16.96 10.13 14.64
N SER A 80 16.06 9.56 13.83
CA SER A 80 14.71 10.10 13.74
C SER A 80 13.95 9.92 15.05
N LEU A 81 14.10 8.77 15.70
CA LEU A 81 13.42 8.54 16.97
C LEU A 81 13.94 9.49 18.05
N TRP A 82 15.26 9.68 18.09
CA TRP A 82 15.84 10.60 19.07
C TRP A 82 15.33 12.02 18.85
N ASP A 83 15.32 12.47 17.59
CA ASP A 83 14.87 13.83 17.32
C ASP A 83 13.39 14.01 17.63
N GLN A 84 12.57 13.00 17.33
CA GLN A 84 11.15 13.09 17.64
C GLN A 84 10.90 13.05 19.14
N SER A 85 11.72 12.32 19.89
CA SER A 85 11.57 12.32 21.34
C SER A 85 12.00 13.65 21.95
N LEU A 86 13.06 14.24 21.41
CA LEU A 86 13.58 15.49 21.97
C LEU A 86 12.74 16.71 21.59
N LYS A 87 12.13 16.70 20.40
CA LYS A 87 11.39 17.88 19.93
C LYS A 87 10.33 18.39 20.90
N PRO A 88 9.37 17.58 21.39
CA PRO A 88 8.33 18.13 22.28
C PRO A 88 8.81 18.23 23.72
N CYS A 89 9.83 19.05 23.95
CA CYS A 89 10.42 19.18 25.29
C CYS A 89 10.80 20.63 25.53
N VAL A 90 11.22 20.90 26.77
CA VAL A 90 11.48 22.26 27.21
C VAL A 90 12.75 22.78 26.55
N LYS A 91 12.64 23.94 25.91
CA LYS A 91 13.80 24.61 25.33
C LYS A 91 14.47 25.48 26.38
N LEU A 92 15.80 25.54 26.32
CA LEU A 92 16.61 26.31 27.26
C LEU A 92 17.13 27.61 26.65
N THR A 93 16.49 28.08 25.58
CA THR A 93 16.80 29.38 24.99
C THR A 93 16.89 30.51 25.99
N PRO A 94 15.97 30.67 26.96
CA PRO A 94 16.14 31.75 27.93
C PRO A 94 17.34 31.59 28.85
N LEU A 95 17.99 30.43 28.90
CA LEU A 95 19.14 30.25 29.78
C LEU A 95 20.47 30.58 29.13
N CYS A 96 20.49 31.01 27.87
CA CYS A 96 21.73 31.43 27.23
C CYS A 96 22.02 32.86 27.65
N VAL A 97 22.49 32.99 28.89
CA VAL A 97 22.82 34.28 29.49
C VAL A 97 24.21 34.16 30.11
N GLY A 98 24.79 35.31 30.44
CA GLY A 98 26.05 35.30 31.15
C GLY A 98 25.89 34.81 32.58
N LEU A 99 26.91 34.10 33.06
CA LEU A 99 26.92 33.53 34.40
C LEU A 99 28.11 34.06 35.17
N GLN A 100 27.92 34.29 36.47
CA GLN A 100 29.01 34.60 37.38
C GLN A 100 29.39 33.30 38.08
N CYS A 101 30.54 32.75 37.74
CA CYS A 101 30.98 31.46 38.23
C CYS A 101 32.18 31.63 39.14
N THR A 102 32.15 30.93 40.27
CA THR A 102 33.24 30.91 41.24
C THR A 102 33.57 29.45 41.55
N ASN A 103 34.53 29.26 42.43
CA ASN A 103 34.97 27.92 42.78
C ASN A 103 34.00 27.30 43.78
N VAL A 104 33.95 25.97 43.77
CA VAL A 104 33.07 25.24 44.66
C VAL A 104 33.71 25.22 46.04
N THR A 105 32.92 25.53 47.07
CA THR A 105 33.43 25.68 48.43
C THR A 105 33.49 24.38 49.23
N ASN A 106 33.14 23.26 48.63
CA ASN A 106 33.19 21.97 49.30
C ASN A 106 34.63 21.45 49.27
N ASN A 107 34.85 20.27 49.83
CA ASN A 107 36.18 19.67 49.86
C ASN A 107 36.46 19.01 48.50
N ILE A 108 37.36 19.62 47.74
CA ILE A 108 37.67 19.21 46.37
C ILE A 108 38.98 18.44 46.40
N THR A 109 38.98 17.24 45.83
CA THR A 109 40.20 16.46 45.74
C THR A 109 41.12 17.04 44.67
N ASP A 110 42.34 16.50 44.63
CA ASP A 110 43.37 17.05 43.72
C ASP A 110 42.95 16.93 42.26
N ASP A 111 42.21 15.88 41.90
CA ASP A 111 41.83 15.67 40.50
C ASP A 111 40.61 16.48 40.09
N MET A 112 39.77 16.89 41.04
CA MET A 112 38.54 17.60 40.73
C MET A 112 38.68 19.12 40.76
N ARG A 113 39.90 19.64 40.96
CA ARG A 113 40.08 21.08 41.00
C ARG A 113 39.86 21.67 39.62
N GLY A 114 38.93 22.62 39.51
CA GLY A 114 38.59 23.23 38.25
C GLY A 114 37.56 22.49 37.43
N GLU A 115 37.06 21.34 37.89
CA GLU A 115 36.08 20.57 37.13
C GLU A 115 34.66 21.05 37.37
N LEU A 116 34.38 21.63 38.53
CA LEU A 116 33.07 22.14 38.89
C LEU A 116 33.16 23.62 39.21
N LYS A 117 32.11 24.35 38.83
CA LYS A 117 31.97 25.77 39.15
C LYS A 117 30.60 26.02 39.74
N ASN A 118 30.56 26.90 40.74
CA ASN A 118 29.30 27.37 41.33
C ASN A 118 28.93 28.66 40.60
N CYS A 119 27.95 28.56 39.70
CA CYS A 119 27.57 29.65 38.82
C CYS A 119 26.24 30.22 39.26
N SER A 120 26.06 31.50 39.02
CA SER A 120 24.82 32.19 39.29
C SER A 120 24.40 32.94 38.04
N PHE A 121 23.11 32.88 37.75
CA PHE A 121 22.56 33.45 36.54
C PHE A 121 21.13 33.86 36.84
N ASN A 122 20.79 35.11 36.52
CA ASN A 122 19.39 35.45 36.52
C ASN A 122 18.70 34.76 35.36
N ALA A 123 17.44 34.41 35.58
CA ALA A 123 16.69 33.62 34.61
C ALA A 123 15.30 34.22 34.48
N THR A 124 14.40 33.49 33.84
CA THR A 124 13.02 33.90 33.66
C THR A 124 12.11 33.14 34.63
N THR A 125 10.85 33.55 34.63
CA THR A 125 9.84 33.05 35.56
C THR A 125 8.56 32.85 34.76
N GLU A 126 7.59 32.18 35.38
CA GLU A 126 6.34 31.86 34.71
C GLU A 126 5.73 33.12 34.09
N LEU A 127 5.83 34.24 34.79
CA LEU A 127 5.35 35.52 34.29
C LEU A 127 6.46 36.14 33.43
N ARG A 128 6.08 37.13 32.62
CA ARG A 128 7.02 37.73 31.69
C ARG A 128 7.60 39.06 32.19
N ASN A 129 7.07 39.62 33.27
CA ASN A 129 7.52 40.91 33.78
C ASN A 129 8.48 40.79 34.95
N LYS A 130 8.84 39.58 35.34
CA LYS A 130 9.69 39.32 36.51
C LYS A 130 10.85 38.43 36.09
N ARG A 131 11.78 38.27 37.03
CA ARG A 131 12.94 37.38 36.80
C ARG A 131 13.23 36.67 38.12
N GLN A 132 14.41 36.10 38.25
CA GLN A 132 14.80 35.37 39.45
C GLN A 132 16.30 35.11 39.36
N LYS A 133 16.87 34.61 40.45
CA LYS A 133 18.28 34.25 40.58
C LYS A 133 18.38 32.76 40.80
N VAL A 134 19.27 32.08 40.07
CA VAL A 134 19.34 30.62 40.10
C VAL A 134 20.79 30.20 40.28
N TYR A 135 21.21 30.00 41.53
CA TYR A 135 22.52 29.40 41.75
C TYR A 135 22.47 27.95 41.29
N SER A 136 23.52 27.50 40.62
CA SER A 136 23.59 26.12 40.19
C SER A 136 25.04 25.71 40.05
N LEU A 137 25.26 24.40 40.14
CA LEU A 137 26.59 23.81 40.03
C LEU A 137 26.75 23.22 38.64
N PHE A 138 27.71 23.73 37.87
CA PHE A 138 27.99 23.25 36.51
C PHE A 138 29.34 22.58 36.44
N TYR A 139 29.47 21.67 35.47
CA TYR A 139 30.77 21.11 35.13
C TYR A 139 31.51 22.08 34.23
N ARG A 140 32.83 22.13 34.37
CA ARG A 140 33.63 23.04 33.54
C ARG A 140 33.44 22.76 32.05
N LEU A 141 33.20 21.50 31.68
CA LEU A 141 32.99 21.17 30.28
C LEU A 141 31.72 21.78 29.70
N ASP A 142 30.75 22.14 30.56
CA ASP A 142 29.47 22.63 30.10
C ASP A 142 29.44 24.13 29.90
N ILE A 143 30.48 24.85 30.31
CA ILE A 143 30.53 26.29 30.24
C ILE A 143 31.83 26.70 29.58
N VAL A 144 31.82 27.86 28.92
CA VAL A 144 33.01 28.41 28.27
C VAL A 144 33.25 29.84 28.76
N PRO A 145 34.49 30.29 28.91
CA PRO A 145 34.72 31.70 29.25
C PRO A 145 34.22 32.63 28.17
N MET A 146 33.72 33.78 28.60
CA MET A 146 33.26 34.84 27.71
C MET A 146 34.04 36.11 28.01
N VAL A 147 33.89 37.09 27.12
CA VAL A 147 34.55 38.37 27.24
C VAL A 147 33.52 39.35 27.79
N ASP A 148 33.69 39.70 29.06
CA ASP A 148 32.78 40.60 29.74
C ASP A 148 33.51 41.14 30.96
N LEU A 149 32.87 42.10 31.63
CA LEU A 149 33.34 42.59 32.91
C LEU A 149 32.48 42.17 34.09
N TRP A 150 31.26 41.69 33.84
CA TRP A 150 30.31 41.40 34.91
C TRP A 150 30.00 39.92 35.03
N THR A 151 29.97 39.19 33.91
CA THR A 151 29.76 37.75 33.88
C THR A 151 31.03 37.08 33.40
N ASN A 152 31.20 35.81 33.76
CA ASN A 152 32.42 35.08 33.45
C ASN A 152 32.27 34.01 32.40
N TYR A 153 31.15 33.30 32.36
CA TYR A 153 30.99 32.16 31.47
C TYR A 153 29.64 32.18 30.78
N ARG A 154 29.56 31.40 29.72
CA ARG A 154 28.33 31.10 28.99
C ARG A 154 28.15 29.60 28.94
N LEU A 155 26.92 29.15 28.73
CA LEU A 155 26.70 27.74 28.47
C LEU A 155 27.29 27.40 27.10
N ILE A 156 27.93 26.24 27.02
CA ILE A 156 28.54 25.83 25.77
C ILE A 156 27.46 25.60 24.72
N SER A 157 27.76 25.98 23.48
CA SER A 157 26.94 25.85 22.28
C SER A 157 25.80 26.85 22.21
N CYS A 158 25.68 27.80 23.14
CA CYS A 158 24.67 28.84 22.98
C CYS A 158 24.98 29.76 21.81
N ASN A 159 26.22 29.80 21.34
CA ASN A 159 26.59 30.61 20.19
C ASN A 159 26.60 29.82 18.88
N THR A 160 26.17 28.56 18.90
CA THR A 160 26.11 27.71 17.72
C THR A 160 24.73 27.14 17.45
N SER A 161 23.98 26.78 18.49
CA SER A 161 22.68 26.17 18.29
C SER A 161 21.85 26.34 19.55
N ALA A 162 20.54 26.18 19.40
CA ALA A 162 19.64 26.19 20.55
C ALA A 162 19.81 24.91 21.34
N ILE A 163 19.68 25.03 22.66
CA ILE A 163 19.79 23.89 23.57
C ILE A 163 18.38 23.54 24.06
N THR A 164 18.02 22.27 23.89
CA THR A 164 16.73 21.72 24.30
C THR A 164 16.99 20.73 25.41
N GLN A 165 16.22 20.82 26.48
CA GLN A 165 16.34 19.86 27.58
C GLN A 165 15.55 18.61 27.27
N ALA A 166 16.17 17.47 27.56
CA ALA A 166 15.56 16.18 27.26
C ALA A 166 14.54 15.89 28.36
N CYS A 167 13.26 15.74 27.96
CA CYS A 167 12.11 15.57 28.85
C CYS A 167 12.45 14.62 29.98
N PRO A 168 12.25 14.97 31.26
CA PRO A 168 12.75 14.07 32.32
C PRO A 168 11.92 12.83 32.52
N LYS A 169 10.78 12.71 31.83
CA LYS A 169 9.99 11.48 31.90
C LYS A 169 10.65 10.42 31.03
N VAL A 170 10.62 10.64 29.71
CA VAL A 170 11.24 9.74 28.73
C VAL A 170 12.65 9.39 29.19
N SER A 171 13.06 8.15 28.91
CA SER A 171 14.38 7.65 29.26
C SER A 171 15.11 7.26 28.00
N PHE A 172 16.44 7.16 28.13
CA PHE A 172 17.30 6.73 27.03
C PHE A 172 17.82 5.32 27.22
N GLU A 173 17.53 4.68 28.37
CA GLU A 173 17.89 3.29 28.68
C GLU A 173 17.72 2.42 27.45
N PRO A 174 18.70 1.60 27.06
CA PRO A 174 18.52 0.80 25.84
C PRO A 174 17.41 -0.22 26.02
N ILE A 175 16.52 -0.26 25.03
CA ILE A 175 15.41 -1.21 25.00
C ILE A 175 15.62 -2.09 23.78
N PRO A 176 15.54 -3.42 23.89
CA PRO A 176 15.74 -4.26 22.70
C PRO A 176 14.75 -3.92 21.60
N ILE A 177 15.27 -3.77 20.38
CA ILE A 177 14.49 -3.46 19.20
C ILE A 177 14.65 -4.61 18.24
N HIS A 178 13.53 -5.13 17.75
CA HIS A 178 13.53 -6.19 16.73
C HIS A 178 13.24 -5.55 15.39
N TYR A 179 14.10 -5.79 14.41
CA TYR A 179 13.87 -5.33 13.05
C TYR A 179 13.24 -6.46 12.25
N CYS A 180 12.09 -6.17 11.65
CA CYS A 180 11.26 -7.16 10.98
C CYS A 180 11.11 -6.80 9.52
N ALA A 181 11.18 -7.81 8.67
CA ALA A 181 11.01 -7.65 7.23
C ALA A 181 9.54 -7.54 6.85
N PRO A 182 9.22 -6.82 5.78
CA PRO A 182 7.85 -6.88 5.25
C PRO A 182 7.56 -8.27 4.70
N ALA A 183 6.26 -8.56 4.58
CA ALA A 183 5.84 -9.79 3.94
C ALA A 183 6.34 -9.79 2.51
N GLY A 184 6.77 -10.95 2.02
CA GLY A 184 7.45 -11.05 0.75
C GLY A 184 8.95 -10.98 0.85
N PHE A 185 9.48 -10.66 2.04
CA PHE A 185 10.90 -10.57 2.31
C PHE A 185 11.20 -11.48 3.50
N ALA A 186 12.47 -11.82 3.65
CA ALA A 186 12.90 -12.65 4.77
C ALA A 186 14.28 -12.21 5.20
N ILE A 187 14.65 -12.54 6.43
CA ILE A 187 15.96 -12.22 6.98
C ILE A 187 16.69 -13.53 7.19
N LEU A 188 17.90 -13.61 6.64
CA LEU A 188 18.76 -14.78 6.81
C LEU A 188 19.76 -14.48 7.90
N LYS A 189 19.93 -15.43 8.81
CA LYS A 189 20.82 -15.33 9.97
C LYS A 189 21.93 -16.35 9.83
N CYS A 190 23.18 -15.88 9.95
CA CYS A 190 24.35 -16.73 9.89
C CYS A 190 24.70 -17.22 11.29
N LYS A 191 24.74 -18.53 11.46
CA LYS A 191 25.05 -19.16 12.73
C LYS A 191 26.46 -19.75 12.77
N ASP A 192 27.28 -19.51 11.76
CA ASP A 192 28.63 -20.08 11.75
C ASP A 192 29.48 -19.51 12.86
N LYS A 193 30.35 -20.37 13.39
CA LYS A 193 31.33 -19.97 14.37
C LYS A 193 32.53 -19.37 13.64
N LYS A 194 33.21 -18.44 14.30
CA LYS A 194 34.40 -17.80 13.74
C LYS A 194 34.07 -17.11 12.42
N PHE A 195 32.88 -16.51 12.34
CA PHE A 195 32.45 -15.82 11.13
C PHE A 195 32.97 -14.39 11.17
N ASN A 196 33.77 -14.01 10.18
CA ASN A 196 34.47 -12.74 10.18
C ASN A 196 33.69 -11.62 9.51
N GLY A 197 32.42 -11.84 9.20
CA GLY A 197 31.56 -10.80 8.67
C GLY A 197 31.33 -10.83 7.18
N THR A 198 32.19 -11.52 6.43
CA THR A 198 32.05 -11.65 4.99
C THR A 198 32.26 -13.10 4.59
N GLY A 199 31.73 -13.44 3.42
CA GLY A 199 31.96 -14.74 2.85
C GLY A 199 30.79 -15.69 3.06
N PRO A 200 30.93 -16.93 2.59
CA PRO A 200 29.84 -17.89 2.70
C PRO A 200 29.62 -18.33 4.15
N CYS A 201 28.34 -18.51 4.48
CA CYS A 201 27.92 -19.14 5.73
C CYS A 201 27.26 -20.46 5.35
N GLN A 202 27.61 -21.52 6.11
CA GLN A 202 27.05 -22.85 5.93
C GLN A 202 25.81 -23.08 6.79
N ASN A 203 25.79 -22.52 7.99
CA ASN A 203 24.68 -22.65 8.92
C ASN A 203 23.84 -21.38 8.83
N VAL A 204 22.75 -21.45 8.07
CA VAL A 204 21.89 -20.30 7.77
C VAL A 204 20.48 -20.64 8.19
N SER A 205 19.83 -19.69 8.88
CA SER A 205 18.45 -19.83 9.30
C SER A 205 17.63 -18.66 8.76
N THR A 206 16.33 -18.87 8.62
CA THR A 206 15.39 -17.84 8.17
C THR A 206 14.59 -17.36 9.36
N VAL A 207 14.53 -16.04 9.53
CA VAL A 207 13.71 -15.39 10.52
C VAL A 207 12.92 -14.29 9.84
N GLN A 208 11.83 -13.88 10.49
CA GLN A 208 11.07 -12.71 10.09
C GLN A 208 11.55 -11.46 10.83
N CYS A 209 11.98 -11.62 12.07
CA CYS A 209 12.46 -10.54 12.91
C CYS A 209 13.79 -10.93 13.53
N THR A 210 14.64 -9.93 13.76
CA THR A 210 15.91 -10.18 14.43
C THR A 210 15.66 -10.40 15.92
N HIS A 211 16.71 -10.84 16.62
CA HIS A 211 16.60 -10.94 18.07
C HIS A 211 16.59 -9.54 18.67
N GLY A 212 16.45 -9.45 19.98
CA GLY A 212 16.38 -8.13 20.58
C GLY A 212 17.77 -7.53 20.60
N ILE A 213 17.95 -6.44 19.87
CA ILE A 213 19.22 -5.74 19.76
C ILE A 213 19.09 -4.44 20.51
N LYS A 214 19.94 -4.25 21.49
CA LYS A 214 19.90 -3.04 22.30
C LYS A 214 20.68 -1.93 21.58
N PRO A 215 20.07 -0.75 21.35
CA PRO A 215 20.85 0.34 20.71
C PRO A 215 21.74 1.05 21.72
N VAL A 216 22.76 0.35 22.19
CA VAL A 216 23.63 0.88 23.24
C VAL A 216 24.60 1.86 22.61
N VAL A 217 24.73 3.03 23.20
CA VAL A 217 25.60 4.10 22.71
C VAL A 217 26.89 4.09 23.51
N SER A 218 28.00 3.96 22.81
CA SER A 218 29.34 3.98 23.37
C SER A 218 30.28 4.29 22.22
N THR A 219 31.55 4.55 22.54
CA THR A 219 32.54 4.81 21.50
C THR A 219 33.70 3.81 21.53
N GLN A 220 34.60 3.90 22.49
CA GLN A 220 35.80 3.07 22.46
C GLN A 220 35.51 1.60 22.75
N LEU A 221 34.59 1.31 23.67
CA LEU A 221 34.26 -0.06 24.05
C LEU A 221 32.78 -0.32 23.81
N LEU A 222 32.48 -1.53 23.34
CA LEU A 222 31.13 -1.94 23.04
C LEU A 222 30.54 -2.63 24.27
N LEU A 223 29.47 -2.06 24.82
CA LEU A 223 28.83 -2.54 26.03
C LEU A 223 27.51 -3.24 25.72
N ASN A 224 27.20 -4.23 26.56
CA ASN A 224 25.88 -4.88 26.58
C ASN A 224 25.51 -5.43 25.20
N GLY A 225 26.49 -6.01 24.51
CA GLY A 225 26.26 -6.65 23.23
C GLY A 225 26.23 -8.15 23.35
N SER A 226 26.34 -8.81 22.20
CA SER A 226 26.40 -10.27 22.16
C SER A 226 27.85 -10.72 22.22
N LEU A 227 28.05 -11.97 22.63
CA LEU A 227 29.36 -12.59 22.70
C LEU A 227 29.52 -13.65 21.61
N ALA A 228 30.77 -13.83 21.19
CA ALA A 228 31.09 -14.94 20.31
C ALA A 228 31.02 -16.25 21.07
N GLU A 229 30.69 -17.32 20.36
CA GLU A 229 30.50 -18.60 21.03
C GLU A 229 31.81 -19.28 21.38
N GLU A 230 32.83 -19.18 20.50
CA GLU A 230 34.07 -19.93 20.67
C GLU A 230 35.31 -19.08 20.90
N GLU A 231 35.47 -17.96 20.21
CA GLU A 231 36.70 -17.19 20.32
C GLU A 231 36.45 -15.74 19.92
N VAL A 232 37.44 -14.90 20.25
CA VAL A 232 37.40 -13.49 19.88
C VAL A 232 37.44 -13.40 18.36
N ILE A 233 36.54 -12.61 17.78
CA ILE A 233 36.40 -12.47 16.33
C ILE A 233 36.82 -11.06 15.96
N ILE A 234 37.78 -10.96 15.04
CA ILE A 234 38.30 -9.70 14.52
C ILE A 234 37.62 -9.45 13.18
N ARG A 235 36.83 -8.40 13.08
CA ARG A 235 36.08 -8.07 11.86
C ARG A 235 36.51 -6.71 11.37
N SER A 236 37.01 -6.65 10.14
CA SER A 236 37.38 -5.38 9.55
C SER A 236 37.27 -5.49 8.03
N GLU A 237 37.05 -4.35 7.39
CA GLU A 237 37.01 -4.27 5.95
C GLU A 237 38.41 -3.94 5.45
N ASN A 238 38.97 -4.80 4.60
CA ASN A 238 40.30 -4.62 4.02
C ASN A 238 41.32 -4.33 5.12
N ILE A 239 41.52 -5.35 5.97
CA ILE A 239 42.31 -5.23 7.19
C ILE A 239 43.70 -4.68 6.93
N THR A 240 44.23 -4.85 5.72
CA THR A 240 45.51 -4.26 5.37
C THR A 240 45.45 -2.74 5.31
N ASN A 241 44.27 -2.16 5.10
CA ASN A 241 44.10 -0.72 5.05
C ASN A 241 43.79 -0.22 6.46
N ASN A 242 44.75 0.49 7.04
CA ASN A 242 44.63 0.94 8.42
C ASN A 242 43.64 2.08 8.59
N ALA A 243 43.07 2.62 7.52
CA ALA A 243 42.10 3.70 7.65
C ALA A 243 40.72 3.20 8.09
N LYS A 244 40.47 1.90 8.01
CA LYS A 244 39.20 1.32 8.40
C LYS A 244 39.26 0.88 9.86
N ASN A 245 38.10 0.82 10.49
CA ASN A 245 38.02 0.43 11.89
C ASN A 245 37.93 -1.08 12.02
N ILE A 246 38.43 -1.58 13.15
CA ILE A 246 38.44 -3.01 13.47
C ILE A 246 37.46 -3.21 14.62
N LEU A 247 36.47 -4.07 14.41
CA LEU A 247 35.50 -4.42 15.44
C LEU A 247 35.90 -5.76 16.03
N VAL A 248 36.16 -5.78 17.33
CA VAL A 248 36.58 -6.98 18.04
C VAL A 248 35.41 -7.43 18.89
N GLN A 249 34.90 -8.64 18.63
CA GLN A 249 33.81 -9.21 19.40
C GLN A 249 34.37 -10.29 20.31
N LEU A 250 34.17 -10.13 21.61
CA LEU A 250 34.70 -11.07 22.59
C LEU A 250 33.75 -12.23 22.78
N ASN A 251 34.31 -13.37 23.18
CA ASN A 251 33.51 -14.54 23.56
C ASN A 251 33.25 -14.58 25.06
N THR A 252 33.81 -13.65 25.83
CA THR A 252 33.57 -13.51 27.25
C THR A 252 33.31 -12.03 27.50
N SER A 253 32.62 -11.75 28.60
CA SER A 253 32.34 -10.36 28.98
C SER A 253 33.37 -9.90 30.01
N VAL A 254 33.61 -8.60 30.01
CA VAL A 254 34.48 -7.97 31.02
C VAL A 254 33.58 -7.01 31.79
N GLN A 255 33.36 -7.28 33.07
CA GLN A 255 32.46 -6.45 33.84
C GLN A 255 33.12 -5.12 34.14
N ILE A 256 32.46 -4.03 33.76
CA ILE A 256 32.90 -2.67 34.01
C ILE A 256 31.94 -2.06 35.04
N ASN A 257 32.49 -1.59 36.17
CA ASN A 257 31.69 -1.03 37.26
C ASN A 257 31.94 0.47 37.32
N CYS A 258 30.99 1.28 36.84
CA CYS A 258 31.21 2.72 36.79
C CYS A 258 30.41 3.40 37.88
N THR A 259 30.96 4.48 38.46
CA THR A 259 30.19 5.24 39.43
C THR A 259 30.66 6.69 39.47
N ARG A 260 29.73 7.54 39.93
CA ARG A 260 29.94 8.96 40.18
C ARG A 260 29.62 9.17 41.67
N PRO A 261 30.61 9.06 42.57
CA PRO A 261 30.30 9.06 44.00
C PRO A 261 29.93 10.43 44.54
N ASN A 262 28.74 10.93 44.22
CA ASN A 262 28.33 12.27 44.62
C ASN A 262 26.83 12.31 44.77
N ASN A 263 26.35 12.69 45.96
CA ASN A 263 24.91 12.76 46.24
C ASN A 263 24.42 14.13 45.79
N ASN A 264 24.09 14.22 44.50
CA ASN A 264 23.66 15.47 43.90
C ASN A 264 22.21 15.77 44.28
N THR A 265 21.99 16.97 44.82
CA THR A 265 20.67 17.45 45.18
C THR A 265 20.23 18.37 44.05
N VAL A 266 19.12 18.00 43.41
CA VAL A 266 18.62 18.61 42.18
C VAL A 266 17.48 19.55 42.53
N LYS A 267 17.51 20.75 41.95
CA LYS A 267 16.47 21.76 42.09
C LYS A 267 15.90 22.04 40.70
N SER A 268 14.75 22.72 40.66
CA SER A 268 14.10 23.06 39.39
C SER A 268 13.48 24.45 39.45
N ILE A 269 13.35 25.07 38.27
CA ILE A 269 12.77 26.39 38.11
C ILE A 269 11.77 26.37 36.96
N ARG A 270 10.82 27.31 37.00
CA ARG A 270 9.74 27.33 36.01
C ARG A 270 10.24 27.75 34.64
N ILE A 271 11.05 28.81 34.57
CA ILE A 271 11.45 29.54 33.36
C ILE A 271 10.38 29.63 32.27
N GLY A 272 9.12 29.80 32.66
CA GLY A 272 8.05 30.03 31.70
C GLY A 272 6.80 29.21 31.97
N PRO A 273 5.68 29.58 31.36
CA PRO A 273 4.45 28.79 31.54
C PRO A 273 4.63 27.37 31.04
N GLY A 274 4.40 26.41 31.93
CA GLY A 274 4.47 25.01 31.55
C GLY A 274 5.86 24.45 31.34
N GLN A 275 6.91 25.25 31.58
CA GLN A 275 8.27 24.82 31.34
C GLN A 275 8.91 24.41 32.67
N ALA A 276 9.99 23.64 32.59
CA ALA A 276 10.73 23.29 33.78
C ALA A 276 12.17 22.98 33.40
N PHE A 277 13.11 23.60 34.09
CA PHE A 277 14.54 23.36 33.93
C PHE A 277 15.08 22.72 35.19
N TYR A 278 15.82 21.63 35.04
CA TYR A 278 16.41 20.90 36.15
C TYR A 278 17.93 21.09 36.14
N TYR A 279 18.50 21.30 37.32
CA TYR A 279 19.92 21.56 37.45
C TYR A 279 20.39 20.98 38.78
N THR A 280 21.70 20.77 38.87
CA THR A 280 22.25 20.30 40.13
C THR A 280 22.25 21.46 41.12
N GLY A 281 21.64 21.22 42.27
CA GLY A 281 21.55 22.22 43.30
C GLY A 281 22.84 22.28 44.08
N ASP A 282 23.19 21.14 44.67
CA ASP A 282 24.41 21.05 45.46
C ASP A 282 24.86 19.60 45.51
N ILE A 283 25.99 19.35 46.16
CA ILE A 283 26.50 18.01 46.40
C ILE A 283 26.57 17.82 47.91
N ILE A 284 25.92 16.77 48.41
CA ILE A 284 25.99 16.43 49.83
C ILE A 284 27.21 15.54 50.03
N GLY A 285 28.10 15.96 50.92
CA GLY A 285 29.33 15.23 51.18
C GLY A 285 30.47 15.68 50.29
N ASP A 286 31.56 14.92 50.40
CA ASP A 286 32.79 15.24 49.68
C ASP A 286 32.60 15.02 48.18
N ILE A 287 33.41 15.73 47.40
CA ILE A 287 33.37 15.67 45.94
C ILE A 287 34.58 14.87 45.45
N ARG A 288 34.29 13.81 44.70
CA ARG A 288 35.29 12.91 44.13
C ARG A 288 34.97 12.74 42.65
N GLN A 289 35.95 12.25 41.89
CA GLN A 289 35.72 12.08 40.46
C GLN A 289 34.93 10.81 40.19
N ALA A 290 34.49 10.68 38.94
CA ALA A 290 33.69 9.54 38.50
C ALA A 290 34.63 8.39 38.21
N HIS A 291 34.78 7.48 39.17
CA HIS A 291 35.72 6.37 39.02
C HIS A 291 34.99 5.16 38.47
N CYS A 292 35.58 4.55 37.43
CA CYS A 292 35.07 3.32 36.85
C CYS A 292 36.11 2.20 36.96
N ASN A 293 35.71 1.11 37.61
CA ASN A 293 36.61 0.03 37.95
C ASN A 293 36.58 -1.09 36.92
N VAL A 294 37.76 -1.63 36.61
CA VAL A 294 37.95 -2.71 35.63
C VAL A 294 38.93 -3.72 36.21
N SER A 295 38.53 -4.99 36.25
CA SER A 295 39.40 -6.02 36.80
C SER A 295 40.69 -6.14 35.99
N LYS A 296 41.83 -6.16 36.68
CA LYS A 296 43.12 -6.22 35.99
C LYS A 296 43.32 -7.56 35.28
N ALA A 297 43.01 -8.67 35.96
CA ALA A 297 43.30 -9.98 35.38
C ALA A 297 42.40 -10.28 34.19
N THR A 298 41.12 -9.96 34.30
CA THR A 298 40.19 -10.25 33.21
C THR A 298 40.54 -9.43 31.97
N TRP A 299 40.83 -8.13 32.17
CA TRP A 299 41.22 -7.28 31.04
C TRP A 299 42.54 -7.74 30.43
N ASN A 300 43.49 -8.14 31.26
CA ASN A 300 44.77 -8.62 30.74
C ASN A 300 44.59 -9.88 29.90
N GLU A 301 43.73 -10.80 30.36
CA GLU A 301 43.42 -11.98 29.55
C GLU A 301 42.72 -11.61 28.26
N THR A 302 41.83 -10.62 28.32
CA THR A 302 41.12 -10.19 27.11
C THR A 302 42.10 -9.61 26.08
N LEU A 303 43.03 -8.78 26.53
CA LEU A 303 44.02 -8.25 25.59
C LEU A 303 44.92 -9.34 25.05
N GLY A 304 45.23 -10.35 25.88
CA GLY A 304 45.98 -11.49 25.38
C GLY A 304 45.25 -12.21 24.26
N LYS A 305 43.95 -12.43 24.45
CA LYS A 305 43.15 -13.07 23.42
C LYS A 305 43.11 -12.22 22.15
N VAL A 306 43.00 -10.90 22.31
CA VAL A 306 42.93 -10.02 21.15
C VAL A 306 44.24 -10.07 20.36
N VAL A 307 45.39 -10.05 21.04
CA VAL A 307 46.65 -10.10 20.31
C VAL A 307 46.85 -11.48 19.68
N LYS A 308 46.38 -12.55 20.35
CA LYS A 308 46.47 -13.88 19.75
C LYS A 308 45.67 -13.94 18.46
N GLN A 309 44.51 -13.29 18.41
CA GLN A 309 43.74 -13.27 17.17
C GLN A 309 44.30 -12.30 16.14
N LEU A 310 44.86 -11.17 16.57
CA LEU A 310 45.43 -10.23 15.62
C LEU A 310 46.63 -10.84 14.93
N ARG A 311 47.44 -11.62 15.65
CA ARG A 311 48.61 -12.24 15.05
C ARG A 311 48.23 -13.16 13.89
N LYS A 312 46.99 -13.68 13.87
CA LYS A 312 46.56 -14.49 12.74
C LYS A 312 46.57 -13.66 11.45
N HIS A 313 46.38 -12.34 11.58
CA HIS A 313 46.33 -11.44 10.43
C HIS A 313 47.60 -10.64 10.24
N PHE A 314 48.55 -10.69 11.19
CA PHE A 314 49.77 -9.88 11.12
C PHE A 314 51.07 -10.66 11.26
N GLY A 315 51.05 -11.89 11.76
CA GLY A 315 52.26 -12.69 11.94
C GLY A 315 52.55 -13.02 13.39
N ASN A 316 53.11 -14.21 13.63
CA ASN A 316 53.37 -14.64 15.00
C ASN A 316 54.49 -13.85 15.66
N ASN A 317 55.41 -13.27 14.89
CA ASN A 317 56.53 -12.51 15.43
C ASN A 317 56.27 -11.01 15.44
N THR A 318 55.04 -10.57 15.23
CA THR A 318 54.71 -9.15 15.24
C THR A 318 54.37 -8.71 16.65
N ILE A 319 55.03 -7.65 17.12
CA ILE A 319 54.80 -7.12 18.45
C ILE A 319 53.64 -6.13 18.33
N ILE A 320 52.63 -6.30 19.19
CA ILE A 320 51.42 -5.50 19.14
C ILE A 320 51.42 -4.57 20.33
N ARG A 321 51.31 -3.27 20.06
CA ARG A 321 51.25 -2.25 21.11
C ARG A 321 49.85 -1.68 21.13
N PHE A 322 49.31 -1.52 22.33
CA PHE A 322 48.04 -0.86 22.56
C PHE A 322 48.35 0.49 23.20
N ALA A 323 48.16 1.56 22.42
CA ALA A 323 48.47 2.92 22.80
C ALA A 323 47.19 3.69 23.12
N GLN A 324 47.38 4.92 23.58
CA GLN A 324 46.27 5.79 23.91
C GLN A 324 45.62 6.36 22.65
N SER A 325 44.33 6.65 22.76
CA SER A 325 43.63 7.31 21.67
C SER A 325 44.06 8.77 21.58
N SER A 326 44.15 9.28 20.35
CA SER A 326 44.53 10.66 20.13
C SER A 326 43.98 11.10 18.77
N GLY A 327 44.17 12.38 18.47
CA GLY A 327 43.76 12.92 17.19
C GLY A 327 42.38 13.52 17.17
N GLY A 328 41.84 13.93 18.31
CA GLY A 328 40.50 14.49 18.32
C GLY A 328 40.15 15.06 19.68
N ASP A 329 38.91 15.52 19.78
CA ASP A 329 38.40 16.16 20.98
C ASP A 329 37.81 15.12 21.93
N LEU A 330 37.19 15.59 23.01
CA LEU A 330 36.66 14.72 24.06
C LEU A 330 35.65 13.71 23.52
N GLU A 331 34.92 14.06 22.46
CA GLU A 331 33.86 13.19 21.97
C GLU A 331 34.40 11.92 21.32
N VAL A 332 35.61 11.96 20.76
CA VAL A 332 36.16 10.84 20.00
C VAL A 332 37.39 10.22 20.65
N THR A 333 38.00 10.87 21.64
CA THR A 333 39.19 10.35 22.31
C THR A 333 38.88 9.74 23.67
N THR A 334 37.62 9.68 24.07
CA THR A 334 37.22 9.07 25.33
C THR A 334 36.05 8.13 25.12
N HIS A 335 35.82 7.30 26.13
CA HIS A 335 34.77 6.30 26.13
C HIS A 335 33.48 6.93 26.62
N SER A 336 32.58 7.26 25.70
CA SER A 336 31.27 7.75 26.11
C SER A 336 30.43 6.57 26.56
N PHE A 337 29.54 6.81 27.51
CA PHE A 337 28.81 5.69 28.08
C PHE A 337 27.70 6.21 28.98
N ASN A 338 26.50 6.38 28.42
CA ASN A 338 25.35 6.74 29.23
C ASN A 338 25.21 5.76 30.40
N CYS A 339 24.98 6.29 31.59
CA CYS A 339 24.70 5.46 32.77
C CYS A 339 23.68 6.19 33.62
N GLY A 340 22.45 5.69 33.65
CA GLY A 340 21.41 6.28 34.49
C GLY A 340 20.84 7.59 33.98
N GLY A 341 21.56 8.30 33.10
CA GLY A 341 21.14 9.55 32.52
C GLY A 341 22.39 10.32 32.17
N GLU A 342 23.33 10.43 33.11
CA GLU A 342 24.51 11.26 32.89
C GLU A 342 25.55 10.49 32.06
N PHE A 343 26.09 11.18 31.06
CA PHE A 343 27.05 10.64 30.11
C PHE A 343 28.48 10.65 30.67
N PHE A 344 29.07 9.46 30.83
CA PHE A 344 30.41 9.29 31.42
C PHE A 344 31.46 9.16 30.32
N TYR A 345 32.25 10.21 30.10
CA TYR A 345 33.38 10.17 29.15
C TYR A 345 34.62 9.66 29.86
N CYS A 346 34.83 8.34 29.85
CA CYS A 346 35.95 7.74 30.57
C CYS A 346 37.24 7.81 29.75
N ASN A 347 38.33 8.13 30.44
CA ASN A 347 39.60 8.43 29.79
C ASN A 347 40.18 7.22 29.03
N THR A 348 40.04 6.02 29.59
CA THR A 348 40.61 4.75 29.10
C THR A 348 42.13 4.65 29.22
N SER A 349 42.80 5.60 29.88
CA SER A 349 44.26 5.50 29.99
C SER A 349 44.70 4.26 30.76
N GLY A 350 43.88 3.79 31.69
CA GLY A 350 44.22 2.61 32.46
C GLY A 350 44.02 1.31 31.71
N LEU A 351 43.39 1.37 30.55
CA LEU A 351 43.28 0.24 29.63
C LEU A 351 44.27 0.46 28.51
N PHE A 352 44.48 -0.58 27.71
CA PHE A 352 45.44 -0.56 26.61
C PHE A 352 46.81 -0.26 27.21
N ASN A 353 47.59 0.69 26.68
CA ASN A 353 48.85 1.12 27.30
C ASN A 353 49.79 -0.04 27.61
N SER A 354 49.97 -0.94 26.64
CA SER A 354 50.81 -2.11 26.89
C SER A 354 51.41 -2.64 25.59
N THR A 355 52.51 -3.36 25.72
CA THR A 355 53.20 -3.97 24.58
C THR A 355 53.22 -5.48 24.76
N TRP A 356 52.72 -6.20 23.77
CA TRP A 356 52.66 -7.66 23.77
C TRP A 356 53.63 -8.18 22.71
N SER A 373 42.55 -3.87 40.48
CA SER A 373 41.49 -3.06 39.89
C SER A 373 42.04 -1.78 39.27
N ILE A 374 41.58 -1.50 38.06
CA ILE A 374 41.95 -0.30 37.32
C ILE A 374 40.86 0.73 37.60
N THR A 375 41.19 1.74 38.41
CA THR A 375 40.25 2.79 38.83
C THR A 375 40.30 3.93 37.82
N LEU A 376 39.67 3.70 36.68
CA LEU A 376 39.74 4.61 35.56
C LEU A 376 39.02 5.93 35.85
N PRO A 377 39.67 7.09 35.66
CA PRO A 377 38.95 8.36 35.85
C PRO A 377 38.01 8.61 34.67
N CYS A 378 36.89 9.27 34.97
CA CYS A 378 35.91 9.63 33.95
C CYS A 378 35.45 11.06 34.17
N ARG A 379 35.17 11.75 33.07
CA ARG A 379 34.64 13.10 33.10
C ARG A 379 33.14 13.06 32.83
N ILE A 380 32.42 14.03 33.38
CA ILE A 380 30.97 14.13 33.23
C ILE A 380 30.67 15.40 32.44
N LYS A 381 29.83 15.26 31.41
CA LYS A 381 29.42 16.36 30.55
C LYS A 381 27.91 16.39 30.53
N GLN A 382 27.33 17.59 30.57
CA GLN A 382 25.89 17.77 30.69
C GLN A 382 25.23 18.37 29.45
N ILE A 383 25.90 19.27 28.74
CA ILE A 383 25.40 19.81 27.48
C ILE A 383 26.13 19.02 26.41
N ILE A 384 25.50 17.93 25.99
CA ILE A 384 26.07 16.97 25.06
C ILE A 384 25.54 17.21 23.66
N ASN A 385 26.33 16.78 22.67
CA ASN A 385 25.94 16.81 21.25
C ASN A 385 26.15 15.40 20.70
N MET A 386 25.09 14.59 20.74
CA MET A 386 25.23 13.20 20.38
C MET A 386 25.29 13.06 18.88
N TRP A 387 25.52 11.83 18.43
CA TRP A 387 25.76 11.58 16.99
C TRP A 387 27.00 12.42 16.67
N GLN A 388 27.11 12.96 15.46
CA GLN A 388 28.24 13.82 15.12
C GLN A 388 27.73 15.05 14.38
N ARG A 389 26.58 15.58 14.81
CA ARG A 389 25.94 16.70 14.15
C ARG A 389 26.54 18.00 14.70
N ILE A 390 25.91 19.14 14.39
CA ILE A 390 26.31 20.42 14.96
C ILE A 390 25.07 21.28 15.23
N GLY A 391 24.18 21.37 14.25
CA GLY A 391 22.97 22.18 14.34
C GLY A 391 22.02 21.99 15.52
N GLN A 392 22.26 21.01 16.40
CA GLN A 392 21.39 20.75 17.53
C GLN A 392 22.24 20.52 18.77
N ALA A 393 21.61 20.72 19.93
CA ALA A 393 22.25 20.43 21.20
C ALA A 393 21.19 19.96 22.19
N MET A 394 21.61 19.09 23.10
CA MET A 394 20.74 18.49 24.10
C MET A 394 21.32 18.74 25.48
N TYR A 395 20.45 19.06 26.43
CA TYR A 395 20.82 19.19 27.84
C TYR A 395 20.27 17.98 28.57
N ALA A 396 21.16 17.22 29.21
CA ALA A 396 20.75 16.07 30.00
C ALA A 396 20.47 16.53 31.42
N PRO A 397 19.24 16.41 31.94
CA PRO A 397 18.99 16.88 33.30
C PRO A 397 19.68 15.97 34.31
N PRO A 398 20.23 16.51 35.40
CA PRO A 398 20.94 15.65 36.35
C PRO A 398 19.98 14.74 37.07
N ILE A 399 20.47 13.58 37.49
CA ILE A 399 19.68 12.57 38.17
C ILE A 399 20.06 12.59 39.65
N GLN A 400 19.08 12.41 40.50
CA GLN A 400 19.28 12.56 41.94
C GLN A 400 20.08 11.38 42.49
N GLY A 401 20.89 11.66 43.50
CA GLY A 401 21.63 10.65 44.21
C GLY A 401 22.88 10.18 43.50
N VAL A 402 23.40 9.08 44.01
CA VAL A 402 24.65 8.50 43.51
C VAL A 402 24.34 7.58 42.34
N ILE A 403 25.12 7.70 41.28
CA ILE A 403 24.94 6.93 40.05
C ILE A 403 26.00 5.84 40.04
N ARG A 404 25.57 4.58 39.93
CA ARG A 404 26.48 3.44 39.85
C ARG A 404 25.91 2.37 38.93
N CYS A 405 26.58 2.13 37.80
CA CYS A 405 26.15 1.13 36.82
C CYS A 405 27.13 -0.03 36.79
N VAL A 406 26.67 -1.13 36.18
CA VAL A 406 27.44 -2.34 35.98
C VAL A 406 27.13 -2.80 34.56
N SER A 407 28.12 -2.70 33.67
CA SER A 407 27.94 -2.98 32.25
C SER A 407 28.91 -4.08 31.80
N ASN A 408 28.50 -4.82 30.79
CA ASN A 408 29.27 -5.94 30.27
C ASN A 408 29.99 -5.47 29.00
N ILE A 409 31.31 -5.43 29.04
CA ILE A 409 32.09 -5.11 27.83
C ILE A 409 32.11 -6.39 27.00
N THR A 410 31.51 -6.32 25.81
CA THR A 410 31.41 -7.44 24.90
C THR A 410 32.20 -7.22 23.62
N GLY A 411 32.77 -6.05 23.42
CA GLY A 411 33.58 -5.81 22.23
C GLY A 411 34.33 -4.51 22.32
N LEU A 412 35.20 -4.31 21.34
CA LEU A 412 36.09 -3.16 21.25
C LEU A 412 36.05 -2.62 19.82
N ILE A 413 36.36 -1.34 19.67
CA ILE A 413 36.70 -0.75 18.38
C ILE A 413 38.15 -0.32 18.46
N LEU A 414 38.99 -0.88 17.59
CA LEU A 414 40.40 -0.57 17.50
C LEU A 414 40.70 0.03 16.13
N THR A 415 41.71 0.88 16.08
CA THR A 415 42.25 1.40 14.84
C THR A 415 43.74 1.15 14.82
N ARG A 416 44.28 0.82 13.64
CA ARG A 416 45.69 0.53 13.49
C ARG A 416 46.44 1.81 13.16
N ASP A 417 47.60 1.98 13.80
CA ASP A 417 48.39 3.19 13.59
C ASP A 417 48.90 3.28 12.16
N GLY A 418 49.24 2.14 11.56
CA GLY A 418 49.70 2.12 10.19
C GLY A 418 51.18 2.40 10.04
N GLY A 419 51.56 2.91 8.89
CA GLY A 419 52.95 3.11 8.51
C GLY A 419 53.43 2.02 7.58
N SER A 420 54.57 2.28 6.93
CA SER A 420 55.19 1.34 5.99
C SER A 420 56.68 1.28 6.32
N THR A 421 57.00 0.55 7.39
CA THR A 421 58.36 0.37 7.85
C THR A 421 58.80 -1.10 7.85
N ASN A 422 57.85 -2.04 7.75
CA ASN A 422 58.13 -3.47 7.86
C ASN A 422 58.88 -3.78 9.16
N SER A 423 58.50 -3.07 10.23
CA SER A 423 59.11 -3.26 11.53
C SER A 423 58.52 -4.41 12.32
N THR A 424 57.36 -4.93 11.91
CA THR A 424 56.59 -5.93 12.67
C THR A 424 56.36 -5.47 14.12
N THR A 425 55.99 -4.20 14.26
CA THR A 425 55.69 -3.57 15.54
C THR A 425 54.41 -2.76 15.43
N GLU A 426 53.34 -3.40 14.98
CA GLU A 426 52.08 -2.70 14.72
C GLU A 426 51.50 -2.15 16.01
N THR A 427 50.99 -0.92 15.95
CA THR A 427 50.41 -0.23 17.08
C THR A 427 48.93 0.02 16.80
N PHE A 428 48.09 -0.32 17.77
CA PHE A 428 46.65 -0.11 17.71
C PHE A 428 46.25 0.82 18.83
N ARG A 429 45.21 1.60 18.57
CA ARG A 429 44.65 2.54 19.52
C ARG A 429 43.16 2.30 19.63
N PRO A 430 42.54 2.60 20.78
CA PRO A 430 41.06 2.55 20.81
C PRO A 430 40.47 3.78 20.13
N GLY A 431 40.63 3.84 18.82
CA GLY A 431 40.14 4.98 18.09
C GLY A 431 38.63 4.99 17.99
N GLY A 432 38.10 6.17 17.67
CA GLY A 432 36.68 6.35 17.55
C GLY A 432 36.20 6.04 16.15
N GLY A 433 34.98 6.46 15.86
CA GLY A 433 34.39 6.19 14.57
C GLY A 433 32.94 6.61 14.56
N ASP A 434 32.27 6.26 13.46
CA ASP A 434 30.86 6.56 13.33
C ASP A 434 30.07 5.66 14.28
N MET A 435 28.86 6.11 14.62
CA MET A 435 28.01 5.30 15.48
C MET A 435 27.55 4.04 14.79
N ARG A 436 27.57 4.01 13.45
CA ARG A 436 27.20 2.79 12.72
C ARG A 436 28.06 1.61 13.13
N ASP A 437 29.31 1.87 13.49
CA ASP A 437 30.21 0.79 13.87
C ASP A 437 29.77 0.11 15.16
N ASN A 438 28.98 0.78 15.99
CA ASN A 438 28.41 0.08 17.14
C ASN A 438 27.23 -0.76 16.71
N TRP A 439 26.39 -0.22 15.84
CA TRP A 439 25.23 -0.95 15.37
C TRP A 439 25.63 -1.98 14.34
N ARG A 440 26.76 -1.78 13.68
CA ARG A 440 27.33 -2.81 12.83
C ARG A 440 28.06 -3.88 13.66
N SER A 441 28.23 -3.65 14.97
CA SER A 441 28.77 -4.70 15.83
C SER A 441 27.69 -5.71 16.19
N GLU A 442 26.46 -5.41 15.80
CA GLU A 442 25.32 -6.29 15.83
C GLU A 442 24.83 -6.24 14.40
N LEU A 443 23.75 -6.95 14.08
CA LEU A 443 23.16 -6.91 12.73
C LEU A 443 24.20 -7.26 11.65
N TYR A 444 25.25 -8.00 12.02
CA TYR A 444 26.29 -8.39 11.07
C TYR A 444 26.04 -9.78 10.53
N LYS A 445 25.23 -10.56 11.25
CA LYS A 445 24.88 -11.92 10.89
C LYS A 445 23.56 -11.96 10.15
N TYR A 446 22.90 -10.82 9.95
CA TYR A 446 21.60 -10.75 9.32
C TYR A 446 21.71 -10.12 7.94
N LYS A 447 20.95 -10.68 7.02
CA LYS A 447 20.86 -10.21 5.64
C LYS A 447 19.39 -10.16 5.28
N VAL A 448 18.97 -9.11 4.57
CA VAL A 448 17.60 -8.96 4.10
C VAL A 448 17.56 -9.44 2.66
N VAL A 449 16.65 -10.36 2.36
CA VAL A 449 16.51 -10.89 1.02
C VAL A 449 15.05 -10.79 0.57
N LYS A 450 14.88 -10.55 -0.73
CA LYS A 450 13.57 -10.51 -1.36
C LYS A 450 13.24 -11.89 -1.90
N ILE A 451 12.03 -12.35 -1.64
CA ILE A 451 11.59 -13.66 -2.08
C ILE A 451 11.06 -13.53 -3.50
N GLU A 452 11.47 -14.45 -4.37
CA GLU A 452 11.08 -14.46 -5.78
C GLU A 452 10.32 -15.78 -6.01
N PRO A 453 9.05 -15.85 -5.61
CA PRO A 453 8.35 -17.15 -5.61
C PRO A 453 8.05 -17.69 -6.99
N LEU A 454 8.21 -16.91 -8.05
CA LEU A 454 7.86 -17.32 -9.40
C LEU A 454 9.10 -17.83 -10.10
N GLY A 455 8.97 -18.96 -10.79
CA GLY A 455 10.09 -19.49 -11.55
C GLY A 455 9.60 -20.48 -12.58
N VAL A 456 10.52 -20.93 -13.42
CA VAL A 456 10.21 -21.85 -14.51
C VAL A 456 11.20 -23.01 -14.47
N ALA A 457 10.78 -24.13 -15.05
CA ALA A 457 11.66 -25.29 -15.14
C ALA A 457 11.14 -26.20 -16.23
N PRO A 458 12.00 -26.98 -16.89
CA PRO A 458 11.50 -27.94 -17.88
C PRO A 458 10.88 -29.14 -17.19
N THR A 459 9.77 -29.62 -17.77
CA THR A 459 9.17 -30.87 -17.37
C THR A 459 8.67 -31.57 -18.61
N ARG A 460 8.15 -32.79 -18.44
CA ARG A 460 7.50 -33.51 -19.52
C ARG A 460 6.03 -33.12 -19.69
N CYS A 461 5.53 -32.21 -18.85
CA CYS A 461 4.12 -31.89 -18.81
C CYS A 461 3.76 -30.87 -19.89
N LYS A 462 2.84 -31.26 -20.77
CA LYS A 462 2.34 -30.39 -21.83
C LYS A 462 0.87 -30.08 -21.58
N ARG A 463 0.53 -28.79 -21.67
CA ARG A 463 -0.86 -28.37 -21.53
C ARG A 463 -1.59 -28.57 -22.84
N ARG A 464 -2.82 -29.07 -22.75
CA ARG A 464 -3.66 -29.31 -23.93
C ARG A 464 -4.56 -28.13 -24.23
N GLY B 10 8.77 -25.93 6.56
CA GLY B 10 8.81 -24.55 6.97
C GLY B 10 9.11 -23.59 5.83
N PHE B 11 8.91 -22.30 6.08
CA PHE B 11 9.16 -21.29 5.07
C PHE B 11 10.63 -21.29 4.66
N LEU B 12 10.87 -21.43 3.36
CA LEU B 12 12.19 -21.58 2.74
C LEU B 12 12.95 -22.81 3.20
N GLY B 13 12.32 -23.73 3.92
CA GLY B 13 13.03 -24.91 4.40
C GLY B 13 13.54 -25.77 3.26
N ALA B 14 12.82 -25.78 2.14
CA ALA B 14 13.18 -26.56 0.98
C ALA B 14 14.13 -25.83 0.05
N ALA B 15 14.60 -24.63 0.42
CA ALA B 15 15.51 -23.88 -0.43
C ALA B 15 16.79 -24.65 -0.70
N GLY B 16 17.26 -25.41 0.29
CA GLY B 16 18.43 -26.24 0.13
C GLY B 16 18.16 -27.65 -0.32
N SER B 17 16.90 -28.01 -0.54
CA SER B 17 16.52 -29.32 -1.03
C SER B 17 16.55 -29.31 -2.55
N THR B 18 16.49 -30.50 -3.14
CA THR B 18 16.47 -30.59 -4.58
C THR B 18 15.11 -30.13 -5.09
N MET B 19 15.07 -29.74 -6.36
CA MET B 19 13.84 -29.16 -6.90
C MET B 19 12.70 -30.17 -6.93
N GLY B 20 13.00 -31.45 -7.12
CA GLY B 20 11.96 -32.45 -7.08
C GLY B 20 11.27 -32.54 -5.74
N ALA B 21 12.00 -32.27 -4.66
CA ALA B 21 11.42 -32.26 -3.32
C ALA B 21 10.88 -30.89 -2.94
N ALA B 22 11.51 -29.82 -3.41
CA ALA B 22 11.04 -28.49 -3.09
C ALA B 22 9.75 -28.13 -3.80
N SER B 23 9.46 -28.77 -4.94
CA SER B 23 8.23 -28.47 -5.65
C SER B 23 6.98 -28.97 -4.93
N MET B 24 7.13 -29.80 -3.89
CA MET B 24 5.98 -30.27 -3.11
C MET B 24 5.66 -29.39 -1.92
N THR B 25 6.39 -28.29 -1.72
CA THR B 25 6.20 -27.38 -0.60
C THR B 25 5.79 -25.99 -1.08
N LEU B 26 5.17 -25.91 -2.25
CA LEU B 26 4.83 -24.61 -2.81
C LEU B 26 3.80 -23.88 -1.97
N THR B 27 2.92 -24.61 -1.28
CA THR B 27 1.95 -23.95 -0.41
C THR B 27 2.59 -23.50 0.89
N VAL B 28 3.76 -24.03 1.24
CA VAL B 28 4.48 -23.56 2.41
C VAL B 28 5.15 -22.24 2.09
N GLN B 29 5.72 -22.14 0.89
CA GLN B 29 6.33 -20.89 0.46
C GLN B 29 5.26 -19.84 0.19
N ALA B 30 4.08 -20.26 -0.24
CA ALA B 30 2.96 -19.35 -0.37
C ALA B 30 2.43 -18.98 1.01
N ARG B 31 1.56 -17.98 1.04
CA ARG B 31 0.90 -17.41 2.20
C ARG B 31 1.81 -16.47 3.01
N ASN B 32 3.12 -16.60 2.85
CA ASN B 32 4.09 -15.72 3.49
C ASN B 32 4.40 -14.50 2.62
N LEU B 33 3.66 -14.30 1.52
CA LEU B 33 3.85 -13.17 0.64
C LEU B 33 2.98 -11.98 0.99
N LEU B 34 1.88 -12.19 1.72
CA LEU B 34 0.98 -11.10 2.10
C LEU B 34 1.11 -10.68 3.55
N SER B 35 1.40 -11.62 4.46
CA SER B 35 1.54 -11.28 5.87
C SER B 35 2.51 -12.23 6.56
N GLY B 61 5.18 5.48 11.40
CA GLY B 61 3.98 4.73 11.05
C GLY B 61 3.74 4.64 9.55
N ILE B 62 4.30 5.59 8.80
CA ILE B 62 4.12 5.57 7.34
C ILE B 62 4.99 4.48 6.72
N LYS B 63 6.12 4.16 7.33
CA LYS B 63 7.00 3.14 6.77
C LYS B 63 6.33 1.77 6.75
N GLN B 64 5.55 1.46 7.78
CA GLN B 64 4.86 0.17 7.79
C GLN B 64 3.79 0.13 6.71
N LEU B 65 3.16 1.26 6.45
CA LEU B 65 2.14 1.32 5.42
C LEU B 65 2.76 1.20 4.04
N GLN B 66 3.92 1.83 3.83
CA GLN B 66 4.62 1.68 2.56
C GLN B 66 5.07 0.23 2.37
N ALA B 67 5.52 -0.42 3.45
CA ALA B 67 5.91 -1.81 3.35
C ALA B 67 4.74 -2.70 2.98
N ARG B 68 3.57 -2.47 3.58
CA ARG B 68 2.40 -3.26 3.24
C ARG B 68 1.98 -3.04 1.79
N VAL B 69 1.99 -1.79 1.33
CA VAL B 69 1.61 -1.51 -0.06
C VAL B 69 2.61 -2.14 -1.01
N LEU B 70 3.90 -2.10 -0.68
CA LEU B 70 4.91 -2.73 -1.55
C LEU B 70 4.72 -4.24 -1.63
N ALA B 71 4.44 -4.89 -0.51
CA ALA B 71 4.21 -6.33 -0.55
C ALA B 71 2.98 -6.67 -1.38
N VAL B 72 1.91 -5.87 -1.23
CA VAL B 72 0.71 -6.10 -2.04
C VAL B 72 1.00 -5.88 -3.51
N GLU B 73 1.74 -4.82 -3.84
CA GLU B 73 2.06 -4.53 -5.23
C GLU B 73 2.87 -5.65 -5.85
N HIS B 74 3.86 -6.20 -5.14
CA HIS B 74 4.64 -7.30 -5.70
C HIS B 74 3.80 -8.56 -5.87
N TYR B 75 2.94 -8.86 -4.89
CA TYR B 75 2.05 -10.01 -5.02
C TYR B 75 1.14 -9.87 -6.23
N LEU B 76 0.54 -8.69 -6.41
CA LEU B 76 -0.35 -8.50 -7.54
C LEU B 76 0.37 -8.51 -8.86
N ARG B 77 1.61 -7.99 -8.92
CA ARG B 77 2.37 -8.09 -10.15
C ARG B 77 2.64 -9.53 -10.52
N ASP B 78 2.97 -10.37 -9.53
CA ASP B 78 3.20 -11.78 -9.82
C ASP B 78 1.90 -12.47 -10.23
N GLN B 79 0.79 -12.15 -9.59
CA GLN B 79 -0.47 -12.79 -9.94
C GLN B 79 -0.93 -12.37 -11.33
N GLN B 80 -0.73 -11.11 -11.70
CA GLN B 80 -1.06 -10.67 -13.05
C GLN B 80 -0.16 -11.36 -14.07
N LEU B 81 1.11 -11.52 -13.73
CA LEU B 81 2.03 -12.17 -14.65
C LEU B 81 1.63 -13.63 -14.87
N LEU B 82 1.18 -14.31 -13.82
CA LEU B 82 0.63 -15.65 -14.02
C LEU B 82 -0.65 -15.60 -14.84
N GLY B 83 -1.52 -14.61 -14.59
CA GLY B 83 -2.78 -14.54 -15.29
C GLY B 83 -2.63 -14.38 -16.79
N ILE B 84 -1.69 -13.54 -17.22
CA ILE B 84 -1.48 -13.34 -18.66
C ILE B 84 -0.84 -14.55 -19.33
N TRP B 85 -0.43 -15.57 -18.56
CA TRP B 85 0.10 -16.82 -19.09
C TRP B 85 -0.93 -17.93 -19.09
N GLY B 86 -2.14 -17.70 -18.60
CA GLY B 86 -3.12 -18.75 -18.46
C GLY B 86 -2.88 -19.68 -17.30
N CYS B 87 -2.15 -19.23 -16.28
CA CYS B 87 -1.80 -20.03 -15.12
C CYS B 87 -2.48 -19.52 -13.84
N SER B 88 -3.52 -18.71 -13.97
CA SER B 88 -4.15 -18.13 -12.80
C SER B 88 -4.79 -19.21 -11.93
N GLY B 89 -4.59 -19.08 -10.62
CA GLY B 89 -5.18 -20.01 -9.67
C GLY B 89 -4.42 -21.30 -9.48
N LYS B 90 -3.27 -21.47 -10.12
CA LYS B 90 -2.47 -22.68 -10.03
C LYS B 90 -1.09 -22.36 -9.51
N LEU B 91 -0.49 -23.32 -8.82
CA LEU B 91 0.88 -23.23 -8.36
C LEU B 91 1.85 -23.98 -9.25
N ILE B 92 1.42 -25.07 -9.88
CA ILE B 92 2.18 -25.81 -10.87
C ILE B 92 1.39 -25.72 -12.16
N CYS B 93 1.88 -24.92 -13.09
CA CYS B 93 1.18 -24.64 -14.35
C CYS B 93 2.00 -25.15 -15.52
N CYS B 94 1.42 -26.08 -16.28
CA CYS B 94 2.06 -26.60 -17.48
C CYS B 94 1.70 -25.70 -18.65
N THR B 95 2.62 -25.54 -19.59
CA THR B 95 2.45 -24.63 -20.71
C THR B 95 2.71 -25.34 -22.02
N ASN B 96 2.59 -24.58 -23.11
CA ASN B 96 2.81 -25.07 -24.48
C ASN B 96 4.07 -24.50 -25.10
N VAL B 97 5.00 -24.00 -24.30
CA VAL B 97 6.26 -23.44 -24.80
C VAL B 97 7.31 -24.54 -24.69
N PRO B 98 7.92 -24.99 -25.78
CA PRO B 98 8.93 -26.04 -25.66
C PRO B 98 10.19 -25.47 -25.02
N TRP B 99 10.94 -26.35 -24.38
CA TRP B 99 12.18 -25.95 -23.76
C TRP B 99 13.28 -25.90 -24.81
N ASN B 100 14.02 -24.78 -24.83
CA ASN B 100 15.10 -24.59 -25.78
C ASN B 100 16.38 -25.09 -25.12
N SER B 101 17.10 -25.96 -25.82
CA SER B 101 18.33 -26.50 -25.27
C SER B 101 19.41 -25.44 -25.07
N SER B 102 19.27 -24.27 -25.71
CA SER B 102 20.22 -23.19 -25.47
C SER B 102 20.00 -22.50 -24.14
N TRP B 103 18.83 -22.68 -23.52
CA TRP B 103 18.62 -22.14 -22.18
C TRP B 103 19.32 -23.00 -21.14
N SER B 104 19.20 -24.32 -21.28
CA SER B 104 19.90 -25.26 -20.42
C SER B 104 19.91 -26.62 -21.11
N ASN B 105 21.08 -27.25 -21.17
CA ASN B 105 21.22 -28.55 -21.82
C ASN B 105 21.23 -29.70 -20.83
N ARG B 106 20.82 -29.47 -19.59
CA ARG B 106 20.77 -30.52 -18.60
C ARG B 106 19.57 -31.43 -18.83
N ASN B 107 19.71 -32.69 -18.44
CA ASN B 107 18.58 -33.61 -18.49
C ASN B 107 17.75 -33.46 -17.22
N LEU B 108 16.55 -34.04 -17.25
CA LEU B 108 15.63 -33.89 -16.13
C LEU B 108 16.16 -34.51 -14.85
N SER B 109 16.92 -35.60 -14.94
CA SER B 109 17.44 -36.21 -13.73
C SER B 109 18.42 -35.26 -13.04
N GLU B 110 19.29 -34.63 -13.82
CA GLU B 110 20.24 -33.69 -13.25
C GLU B 110 19.55 -32.43 -12.76
N ILE B 111 18.55 -31.96 -13.49
CA ILE B 111 17.86 -30.72 -13.12
C ILE B 111 17.09 -30.92 -11.81
N TRP B 112 16.29 -31.99 -11.73
CA TRP B 112 15.38 -32.14 -10.60
C TRP B 112 15.96 -32.88 -9.40
N ASP B 113 16.91 -33.80 -9.59
CA ASP B 113 17.46 -34.55 -8.47
C ASP B 113 18.79 -34.01 -7.95
N ASN B 114 19.57 -33.31 -8.77
CA ASN B 114 20.89 -32.84 -8.37
C ASN B 114 21.03 -31.32 -8.29
N MET B 115 19.93 -30.56 -8.34
CA MET B 115 19.98 -29.11 -8.26
C MET B 115 18.92 -28.59 -7.30
N THR B 116 19.25 -27.49 -6.65
CA THR B 116 18.31 -26.74 -5.83
C THR B 116 17.69 -25.63 -6.68
N TRP B 117 16.64 -25.01 -6.18
CA TRP B 117 16.00 -23.95 -6.96
C TRP B 117 16.89 -22.71 -7.06
N LEU B 118 17.74 -22.45 -6.05
CA LEU B 118 18.59 -21.27 -6.11
C LEU B 118 19.63 -21.39 -7.21
N GLN B 119 20.26 -22.56 -7.32
CA GLN B 119 21.28 -22.75 -8.35
C GLN B 119 20.64 -22.72 -9.73
N TRP B 120 19.46 -23.32 -9.86
CA TRP B 120 18.76 -23.30 -11.14
C TRP B 120 18.38 -21.87 -11.52
N ASP B 121 17.88 -21.09 -10.56
CA ASP B 121 17.52 -19.71 -10.82
C ASP B 121 18.73 -18.89 -11.26
N LYS B 122 19.89 -19.14 -10.65
CA LYS B 122 21.09 -18.45 -11.07
C LYS B 122 21.49 -18.86 -12.48
N GLU B 123 21.39 -20.15 -12.81
CA GLU B 123 21.86 -20.62 -14.10
C GLU B 123 21.09 -20.01 -15.27
N ILE B 124 19.77 -19.86 -15.16
CA ILE B 124 18.94 -19.44 -16.29
C ILE B 124 18.38 -18.03 -16.11
N SER B 125 18.98 -17.20 -15.25
CA SER B 125 18.43 -15.87 -15.06
C SER B 125 18.53 -15.04 -16.34
N ASN B 126 19.59 -15.25 -17.13
CA ASN B 126 19.83 -14.42 -18.30
C ASN B 126 18.83 -14.68 -19.41
N TYR B 127 18.01 -15.72 -19.31
CA TYR B 127 16.99 -16.02 -20.28
C TYR B 127 15.59 -15.89 -19.71
N THR B 128 15.44 -15.50 -18.44
CA THR B 128 14.15 -15.59 -17.77
C THR B 128 13.12 -14.72 -18.49
N GLN B 129 13.50 -13.48 -18.83
CA GLN B 129 12.52 -12.60 -19.45
C GLN B 129 12.16 -13.10 -20.84
N ILE B 130 13.11 -13.73 -21.53
CA ILE B 130 12.80 -14.28 -22.84
C ILE B 130 11.76 -15.36 -22.68
N ILE B 131 11.92 -16.22 -21.68
CA ILE B 131 10.97 -17.28 -21.44
C ILE B 131 9.61 -16.67 -21.14
N TYR B 132 9.60 -15.60 -20.33
CA TYR B 132 8.33 -14.98 -19.97
C TYR B 132 7.64 -14.46 -21.20
N GLY B 133 8.41 -13.86 -22.12
CA GLY B 133 7.79 -13.34 -23.32
C GLY B 133 7.15 -14.45 -24.13
N LEU B 134 7.86 -15.58 -24.25
CA LEU B 134 7.29 -16.69 -25.02
C LEU B 134 6.04 -17.20 -24.35
N LEU B 135 6.04 -17.25 -23.02
CA LEU B 135 4.86 -17.75 -22.32
C LEU B 135 3.67 -16.85 -22.61
N GLU B 136 3.92 -15.53 -22.60
CA GLU B 136 2.84 -14.59 -22.88
C GLU B 136 2.31 -14.82 -24.28
N GLU B 137 3.23 -15.04 -25.23
CA GLU B 137 2.80 -15.18 -26.61
C GLU B 137 1.95 -16.43 -26.77
N SER B 138 2.30 -17.50 -26.05
CA SER B 138 1.51 -18.72 -26.18
C SER B 138 0.09 -18.48 -25.73
N GLN B 139 -0.08 -17.75 -24.63
CA GLN B 139 -1.43 -17.50 -24.16
C GLN B 139 -2.19 -16.63 -25.14
N ASN B 140 -1.49 -15.69 -25.79
CA ASN B 140 -2.15 -14.83 -26.76
C ASN B 140 -2.73 -15.67 -27.89
N GLN B 141 -2.03 -16.74 -28.27
CA GLN B 141 -2.58 -17.60 -29.30
C GLN B 141 -3.68 -18.49 -28.72
N GLN B 142 -3.48 -18.99 -27.49
CA GLN B 142 -4.35 -20.04 -26.97
C GLN B 142 -5.79 -19.56 -26.84
N GLU B 143 -5.98 -18.37 -26.29
CA GLU B 143 -7.33 -17.87 -26.11
C GLU B 143 -8.00 -17.65 -27.44
N LYS B 144 -7.24 -17.18 -28.44
CA LYS B 144 -7.85 -16.98 -29.75
C LYS B 144 -8.32 -18.32 -30.31
N ASN B 145 -7.52 -19.36 -30.13
CA ASN B 145 -7.94 -20.66 -30.64
C ASN B 145 -9.18 -21.12 -29.89
N GLU B 146 -9.22 -20.89 -28.57
CA GLU B 146 -10.39 -21.28 -27.82
C GLU B 146 -11.58 -20.46 -28.26
N GLN B 147 -11.36 -19.17 -28.53
CA GLN B 147 -12.44 -18.32 -28.98
C GLN B 147 -13.01 -18.83 -30.29
N ASP B 148 -12.16 -19.38 -31.15
CA ASP B 148 -12.68 -19.93 -32.40
C ASP B 148 -13.38 -21.25 -32.16
N LEU B 149 -12.83 -22.09 -31.28
CA LEU B 149 -13.42 -23.41 -31.07
C LEU B 149 -14.82 -23.31 -30.47
N LEU B 150 -15.01 -22.34 -29.57
CA LEU B 150 -16.32 -22.11 -28.99
C LEU B 150 -17.26 -21.39 -29.94
N ALA B 151 -16.77 -20.88 -31.08
CA ALA B 151 -17.61 -20.20 -32.05
C ALA B 151 -18.22 -21.14 -33.08
N LEU B 152 -17.92 -22.43 -33.02
CA LEU B 152 -18.47 -23.39 -33.97
C LEU B 152 -19.90 -23.74 -33.59
N ASN C 3 -27.94 -15.06 -32.06
CA ASN C 3 -26.77 -15.37 -32.88
C ASN C 3 -25.51 -14.89 -32.19
N LEU C 4 -25.54 -13.65 -31.71
CA LEU C 4 -24.38 -13.01 -31.10
C LEU C 4 -24.48 -13.08 -29.59
N TRP C 5 -23.32 -13.18 -28.94
CA TRP C 5 -23.18 -13.36 -27.51
C TRP C 5 -22.24 -12.30 -26.95
N VAL C 6 -22.44 -11.97 -25.67
CA VAL C 6 -21.60 -11.00 -24.98
C VAL C 6 -20.26 -11.65 -24.68
N THR C 7 -19.18 -11.03 -25.14
CA THR C 7 -17.82 -11.46 -24.82
C THR C 7 -17.16 -10.35 -24.05
N VAL C 8 -16.58 -10.69 -22.92
CA VAL C 8 -15.94 -9.75 -22.01
C VAL C 8 -14.46 -9.69 -22.34
N TYR C 9 -13.94 -8.48 -22.51
CA TYR C 9 -12.52 -8.25 -22.77
C TYR C 9 -11.94 -7.45 -21.62
N TYR C 10 -10.73 -7.83 -21.21
CA TYR C 10 -9.97 -7.13 -20.18
C TYR C 10 -8.66 -6.70 -20.79
N GLY C 11 -8.34 -5.41 -20.64
CA GLY C 11 -7.20 -4.83 -21.31
C GLY C 11 -7.59 -3.98 -22.50
N VAL C 12 -8.82 -3.50 -22.53
CA VAL C 12 -9.34 -2.73 -23.67
C VAL C 12 -8.64 -1.38 -23.73
N PRO C 13 -8.08 -0.96 -24.88
CA PRO C 13 -7.38 0.34 -24.92
C PRO C 13 -8.31 1.55 -25.01
N VAL C 14 -9.10 1.78 -23.95
CA VAL C 14 -10.00 2.93 -23.86
C VAL C 14 -9.72 3.68 -22.57
N TRP C 15 -10.22 4.92 -22.51
CA TRP C 15 -10.01 5.77 -21.36
C TRP C 15 -11.16 6.75 -21.21
N LYS C 16 -11.25 7.32 -20.00
CA LYS C 16 -12.20 8.36 -19.65
C LYS C 16 -11.44 9.53 -19.04
N ASP C 17 -11.98 10.74 -19.17
CA ASP C 17 -11.37 11.88 -18.50
C ASP C 17 -11.48 11.70 -17.00
N ALA C 18 -10.40 12.02 -16.29
CA ALA C 18 -10.37 11.84 -14.84
C ALA C 18 -9.38 12.79 -14.21
N GLU C 19 -9.57 13.03 -12.91
CA GLU C 19 -8.67 13.83 -12.08
C GLU C 19 -8.11 12.94 -10.99
N THR C 20 -6.80 12.75 -10.97
CA THR C 20 -6.14 11.91 -9.98
C THR C 20 -4.89 12.59 -9.47
N THR C 21 -4.27 11.95 -8.47
CA THR C 21 -3.05 12.44 -7.87
C THR C 21 -1.85 12.06 -8.74
N LEU C 22 -0.98 13.02 -9.03
CA LEU C 22 0.21 12.80 -9.84
C LEU C 22 1.47 12.81 -8.98
N PHE C 23 2.47 12.07 -9.45
CA PHE C 23 3.77 12.00 -8.80
C PHE C 23 4.66 13.10 -9.33
N CYS C 24 5.47 13.69 -8.44
CA CYS C 24 6.48 14.66 -8.84
C CYS C 24 7.82 13.94 -8.90
N ALA C 25 8.36 13.81 -10.11
CA ALA C 25 9.63 13.13 -10.37
C ALA C 25 10.68 14.15 -10.78
N SER C 26 11.91 13.94 -10.34
CA SER C 26 13.01 14.82 -10.69
C SER C 26 14.35 14.19 -10.33
N THR C 47 14.52 9.61 -8.06
CA THR C 47 13.23 9.41 -8.72
C THR C 47 13.29 9.85 -10.19
N ASP C 48 14.48 9.84 -10.77
CA ASP C 48 14.62 10.26 -12.17
C ASP C 48 13.91 9.24 -13.06
N PRO C 49 12.91 9.64 -13.85
CA PRO C 49 12.20 8.65 -14.68
C PRO C 49 12.99 8.27 -15.92
N ASN C 50 12.64 7.09 -16.47
CA ASN C 50 13.08 6.66 -17.78
C ASN C 50 11.92 6.93 -18.74
N PRO C 51 11.98 7.96 -19.59
CA PRO C 51 10.79 8.35 -20.33
C PRO C 51 10.44 7.36 -21.43
N GLN C 52 9.14 7.28 -21.72
CA GLN C 52 8.60 6.53 -22.84
C GLN C 52 7.49 7.36 -23.47
N GLU C 53 7.34 7.23 -24.78
CA GLU C 53 6.28 7.93 -25.50
C GLU C 53 5.78 7.03 -26.61
N ILE C 54 4.46 6.81 -26.65
CA ILE C 54 3.82 5.97 -27.65
C ILE C 54 2.88 6.86 -28.47
N HIS C 55 3.19 7.03 -29.74
CA HIS C 55 2.29 7.80 -30.59
C HIS C 55 1.01 7.01 -30.86
N LEU C 56 -0.12 7.71 -30.80
CA LEU C 56 -1.44 7.12 -31.04
C LEU C 56 -1.88 7.46 -32.45
N GLU C 57 -1.92 6.47 -33.32
CA GLU C 57 -2.34 6.69 -34.70
C GLU C 57 -3.85 6.65 -34.80
N ASN C 58 -4.39 7.44 -35.72
CA ASN C 58 -5.83 7.46 -36.03
C ASN C 58 -6.68 7.76 -34.80
N VAL C 59 -6.29 8.75 -34.00
CA VAL C 59 -7.07 9.17 -32.84
C VAL C 59 -7.37 10.65 -32.92
N THR C 60 -8.43 11.04 -32.23
CA THR C 60 -8.76 12.43 -31.98
C THR C 60 -9.16 12.52 -30.52
N GLU C 61 -8.64 13.51 -29.80
CA GLU C 61 -8.96 13.68 -28.39
C GLU C 61 -9.28 15.15 -28.15
N GLU C 62 -10.33 15.40 -27.38
CA GLU C 62 -10.73 16.77 -27.05
C GLU C 62 -9.96 17.24 -25.83
N PHE C 63 -9.25 18.36 -25.98
CA PHE C 63 -8.47 18.97 -24.93
C PHE C 63 -9.12 20.28 -24.49
N ASN C 64 -8.90 20.64 -23.23
CA ASN C 64 -9.37 21.92 -22.69
C ASN C 64 -8.34 22.36 -21.64
N MET C 65 -7.47 23.30 -22.01
CA MET C 65 -6.40 23.69 -21.09
C MET C 65 -6.91 24.45 -19.87
N TRP C 66 -8.12 25.01 -19.92
CA TRP C 66 -8.67 25.77 -18.80
C TRP C 66 -9.51 24.91 -17.87
N LYS C 67 -9.65 23.61 -18.14
CA LYS C 67 -10.31 22.66 -17.26
C LYS C 67 -9.34 21.59 -16.80
N ASN C 68 -8.04 21.83 -16.96
CA ASN C 68 -7.00 20.85 -16.69
C ASN C 68 -6.65 20.88 -15.21
N ASN C 69 -7.00 19.81 -14.49
CA ASN C 69 -6.71 19.73 -13.08
C ASN C 69 -5.21 19.72 -12.78
N MET C 70 -4.37 19.44 -13.80
CA MET C 70 -2.94 19.41 -13.57
C MET C 70 -2.43 20.80 -13.18
N VAL C 71 -3.10 21.86 -13.61
CA VAL C 71 -2.68 23.20 -13.23
C VAL C 71 -2.95 23.45 -11.76
N GLU C 72 -4.13 23.05 -11.28
CA GLU C 72 -4.43 23.22 -9.87
C GLU C 72 -3.52 22.37 -9.00
N GLN C 73 -3.22 21.14 -9.45
CA GLN C 73 -2.33 20.30 -8.66
C GLN C 73 -0.90 20.83 -8.66
N MET C 74 -0.43 21.35 -9.80
CA MET C 74 0.89 21.96 -9.82
C MET C 74 0.95 23.18 -8.93
N HIS C 75 -0.09 24.00 -8.94
CA HIS C 75 -0.13 25.16 -8.04
C HIS C 75 -0.04 24.73 -6.59
N GLU C 76 -0.84 23.72 -6.21
CA GLU C 76 -0.80 23.25 -4.82
C GLU C 76 0.56 22.66 -4.47
N ASP C 77 1.18 21.94 -5.41
CA ASP C 77 2.50 21.36 -5.13
C ASP C 77 3.57 22.43 -4.96
N ILE C 78 3.54 23.47 -5.78
CA ILE C 78 4.54 24.53 -5.64
C ILE C 78 4.32 25.27 -4.33
N ILE C 79 3.08 25.55 -3.95
CA ILE C 79 2.83 26.20 -2.67
C ILE C 79 3.31 25.33 -1.52
N SER C 80 3.03 24.03 -1.57
CA SER C 80 3.45 23.15 -0.48
C SER C 80 4.97 23.04 -0.39
N LEU C 81 5.65 22.93 -1.53
CA LEU C 81 7.11 22.87 -1.50
C LEU C 81 7.69 24.18 -0.98
N TRP C 82 7.10 25.30 -1.39
CA TRP C 82 7.58 26.60 -0.91
C TRP C 82 7.41 26.70 0.61
N ASP C 83 6.24 26.34 1.11
CA ASP C 83 5.99 26.44 2.54
C ASP C 83 6.88 25.48 3.33
N GLN C 84 7.12 24.29 2.79
CA GLN C 84 7.98 23.34 3.48
C GLN C 84 9.43 23.81 3.51
N SER C 85 9.88 24.45 2.43
CA SER C 85 11.26 24.91 2.38
C SER C 85 11.56 25.98 3.42
N LEU C 86 10.58 26.82 3.76
CA LEU C 86 10.80 27.90 4.70
C LEU C 86 10.58 27.53 6.16
N LYS C 87 10.13 26.29 6.45
CA LYS C 87 9.95 25.94 7.86
C LYS C 87 11.27 25.80 8.60
N PRO C 88 12.26 25.01 8.14
CA PRO C 88 13.50 24.88 8.92
C PRO C 88 14.48 26.02 8.61
N CYS C 89 14.05 27.24 8.88
CA CYS C 89 14.85 28.42 8.56
C CYS C 89 14.68 29.44 9.67
N VAL C 90 15.48 30.50 9.58
CA VAL C 90 15.58 31.50 10.65
C VAL C 90 14.38 32.43 10.60
N LYS C 91 13.69 32.56 11.72
CA LYS C 91 12.64 33.57 11.86
C LYS C 91 13.27 34.91 12.22
N LEU C 92 12.68 35.99 11.69
CA LEU C 92 13.15 37.35 11.93
C LEU C 92 12.28 38.08 12.94
N THR C 93 11.52 37.36 13.75
CA THR C 93 10.74 37.94 14.85
C THR C 93 11.51 38.96 15.68
N PRO C 94 12.73 38.70 16.14
CA PRO C 94 13.43 39.73 16.93
C PRO C 94 13.80 40.99 16.15
N LEU C 95 13.71 40.99 14.83
CA LEU C 95 14.05 42.18 14.05
C LEU C 95 12.86 43.09 13.79
N CYS C 96 11.67 42.75 14.29
CA CYS C 96 10.52 43.65 14.19
C CYS C 96 10.66 44.71 15.27
N VAL C 97 11.56 45.66 15.02
CA VAL C 97 11.88 46.76 15.91
C VAL C 97 11.79 48.04 15.11
N GLY C 98 11.74 49.16 15.83
CA GLY C 98 11.76 50.44 15.16
C GLY C 98 13.13 50.73 14.58
N LEU C 99 13.13 51.40 13.44
CA LEU C 99 14.34 51.74 12.71
C LEU C 99 14.56 53.24 12.74
N GLN C 100 15.82 53.66 12.84
CA GLN C 100 16.23 55.05 12.69
C GLN C 100 16.90 55.14 11.33
N CYS C 101 16.19 55.66 10.34
CA CYS C 101 16.65 55.66 8.95
C CYS C 101 17.05 57.06 8.52
N THR C 102 18.18 57.12 7.82
CA THR C 102 18.71 58.34 7.23
C THR C 102 19.02 58.05 5.76
N ASN C 103 19.60 59.04 5.08
CA ASN C 103 19.92 58.89 3.68
C ASN C 103 21.25 58.16 3.51
N VAL C 104 21.39 57.53 2.35
CA VAL C 104 22.62 56.85 1.98
C VAL C 104 23.64 57.90 1.55
N THR C 105 24.86 57.81 2.07
CA THR C 105 25.89 58.82 1.85
C THR C 105 26.73 58.59 0.59
N ASN C 106 26.41 57.56 -0.19
CA ASN C 106 27.12 57.28 -1.42
C ASN C 106 26.57 58.17 -2.54
N ASN C 107 27.14 58.06 -3.73
CA ASN C 107 26.72 58.85 -4.88
C ASN C 107 25.57 58.15 -5.60
N ILE C 108 24.43 58.83 -5.69
CA ILE C 108 23.23 58.30 -6.33
C ILE C 108 22.77 59.29 -7.39
N THR C 109 21.92 58.80 -8.30
CA THR C 109 21.30 59.63 -9.31
C THR C 109 19.97 60.16 -8.81
N ASP C 110 19.35 61.04 -9.61
CA ASP C 110 18.09 61.64 -9.22
C ASP C 110 16.97 60.61 -9.15
N ASP C 111 17.00 59.61 -10.04
CA ASP C 111 15.94 58.61 -10.08
C ASP C 111 15.90 57.73 -8.84
N MET C 112 17.02 57.60 -8.12
CA MET C 112 17.09 56.73 -6.95
C MET C 112 17.07 57.51 -5.64
N ARG C 113 16.71 58.79 -5.66
CA ARG C 113 16.64 59.56 -4.42
C ARG C 113 15.51 59.01 -3.55
N GLY C 114 15.86 58.63 -2.33
CA GLY C 114 14.89 58.06 -1.42
C GLY C 114 14.60 56.59 -1.62
N GLU C 115 15.23 55.94 -2.60
CA GLU C 115 14.94 54.53 -2.86
C GLU C 115 15.61 53.63 -1.84
N LEU C 116 16.82 53.99 -1.38
CA LEU C 116 17.60 53.18 -0.46
C LEU C 116 17.86 54.02 0.78
N LYS C 117 17.66 53.43 1.96
CA LYS C 117 17.83 54.11 3.23
C LYS C 117 18.84 53.37 4.09
N ASN C 118 19.58 54.14 4.90
CA ASN C 118 20.54 53.60 5.87
C ASN C 118 19.86 53.59 7.23
N CYS C 119 19.47 52.42 7.72
CA CYS C 119 18.65 52.29 8.91
C CYS C 119 19.43 51.59 10.02
N SER C 120 19.47 52.21 11.19
CA SER C 120 20.09 51.65 12.38
C SER C 120 19.03 51.15 13.36
N PHE C 121 19.34 50.07 14.06
CA PHE C 121 18.42 49.53 15.04
C PHE C 121 19.16 48.65 16.05
N ASN C 122 18.49 48.36 17.16
CA ASN C 122 19.02 47.49 18.20
C ASN C 122 18.52 46.07 17.99
N ALA C 123 19.43 45.17 17.62
CA ALA C 123 19.12 43.77 17.37
C ALA C 123 19.56 42.92 18.55
N THR C 124 18.92 41.76 18.68
CA THR C 124 19.30 40.83 19.74
C THR C 124 20.55 40.06 19.34
N THR C 125 21.10 39.33 20.30
CA THR C 125 22.30 38.52 20.12
C THR C 125 22.00 37.10 20.57
N GLU C 126 23.03 36.24 20.58
CA GLU C 126 22.83 34.90 21.12
C GLU C 126 22.48 34.96 22.59
N LEU C 127 22.97 35.98 23.30
CA LEU C 127 22.65 36.17 24.70
C LEU C 127 21.34 36.92 24.84
N ARG C 128 20.51 36.48 25.78
CA ARG C 128 19.18 37.06 25.91
C ARG C 128 19.20 38.49 26.46
N ASN C 129 20.20 38.82 27.27
CA ASN C 129 20.27 40.12 27.94
C ASN C 129 21.42 40.97 27.44
N LYS C 130 21.74 40.89 26.14
CA LYS C 130 22.80 41.70 25.56
C LYS C 130 22.42 42.05 24.13
N ARG C 131 22.00 43.30 23.92
CA ARG C 131 21.61 43.77 22.60
C ARG C 131 22.85 44.23 21.83
N GLN C 132 22.64 44.63 20.57
CA GLN C 132 23.73 45.09 19.71
C GLN C 132 23.21 46.13 18.74
N LYS C 133 23.85 47.29 18.70
CA LYS C 133 23.52 48.28 17.68
C LYS C 133 23.94 47.74 16.32
N VAL C 134 23.08 47.92 15.32
CA VAL C 134 23.37 47.49 13.96
C VAL C 134 22.99 48.63 13.03
N TYR C 135 23.51 48.57 11.80
CA TYR C 135 23.21 49.51 10.74
C TYR C 135 23.17 48.70 9.44
N SER C 136 22.07 48.85 8.70
CA SER C 136 21.82 48.07 7.51
C SER C 136 21.12 48.92 6.47
N LEU C 137 21.48 48.73 5.21
CA LEU C 137 20.78 49.38 4.12
C LEU C 137 19.53 48.60 3.75
N PHE C 138 18.40 49.29 3.61
CA PHE C 138 17.15 48.69 3.16
C PHE C 138 16.59 49.48 1.99
N TYR C 139 15.89 48.75 1.12
CA TYR C 139 15.16 49.40 0.06
C TYR C 139 13.92 50.06 0.64
N ARG C 140 13.56 51.22 0.09
CA ARG C 140 12.42 51.97 0.62
C ARG C 140 11.14 51.16 0.57
N LEU C 141 10.99 50.26 -0.42
CA LEU C 141 9.79 49.46 -0.52
C LEU C 141 9.65 48.46 0.62
N ASP C 142 10.74 48.16 1.33
CA ASP C 142 10.73 47.18 2.41
C ASP C 142 10.46 47.79 3.77
N ILE C 143 10.30 49.12 3.86
CA ILE C 143 10.06 49.81 5.11
C ILE C 143 8.85 50.70 4.94
N VAL C 144 8.24 51.04 6.08
CA VAL C 144 7.04 51.88 6.13
C VAL C 144 7.27 52.98 7.17
N PRO C 145 6.86 54.23 6.91
CA PRO C 145 7.01 55.27 7.94
C PRO C 145 6.28 54.92 9.23
N MET C 146 6.92 55.24 10.34
CA MET C 146 6.37 55.04 11.67
C MET C 146 7.03 56.07 12.56
N VAL C 147 6.24 56.99 13.10
CA VAL C 147 6.78 58.16 13.78
C VAL C 147 6.89 57.86 15.27
N ASP C 148 8.08 58.07 15.80
CA ASP C 148 8.35 57.94 17.23
C ASP C 148 9.42 58.96 17.58
N LEU C 149 9.78 59.00 18.86
CA LEU C 149 10.80 59.96 19.30
C LEU C 149 12.17 59.64 18.71
N TRP C 150 12.52 58.35 18.62
CA TRP C 150 13.83 57.92 18.16
C TRP C 150 13.82 57.06 16.91
N THR C 151 12.66 56.80 16.31
CA THR C 151 12.56 55.94 15.13
C THR C 151 11.73 56.63 14.06
N ASN C 152 11.99 56.24 12.81
CA ASN C 152 11.29 56.78 11.65
C ASN C 152 10.53 55.75 10.84
N TYR C 153 11.01 54.51 10.78
CA TYR C 153 10.42 53.49 9.93
C TYR C 153 10.40 52.15 10.65
N ARG C 154 9.56 51.24 10.17
CA ARG C 154 9.56 49.85 10.58
C ARG C 154 9.45 48.98 9.35
N LEU C 155 9.72 47.68 9.51
CA LEU C 155 9.59 46.77 8.37
C LEU C 155 8.12 46.66 7.96
N ILE C 156 7.90 46.60 6.65
CA ILE C 156 6.55 46.67 6.09
C ILE C 156 5.64 45.55 6.60
N SER C 157 6.19 44.35 6.83
CA SER C 157 5.36 43.20 7.17
C SER C 157 5.17 42.97 8.67
N CYS C 158 5.89 43.70 9.53
CA CYS C 158 5.82 43.38 10.95
C CYS C 158 4.46 43.69 11.57
N ASN C 159 3.66 44.57 10.97
CA ASN C 159 2.32 44.83 11.49
C ASN C 159 1.28 43.90 10.89
N THR C 160 1.67 42.99 10.01
CA THR C 160 0.75 42.06 9.36
C THR C 160 1.08 40.61 9.68
N SER C 161 2.34 40.22 9.61
CA SER C 161 2.70 38.82 9.76
C SER C 161 4.15 38.70 10.18
N ALA C 162 4.50 37.51 10.65
CA ALA C 162 5.89 37.17 10.93
C ALA C 162 6.68 37.09 9.63
N ILE C 163 7.97 37.44 9.72
CA ILE C 163 8.89 37.40 8.59
C ILE C 163 9.84 36.24 8.82
N THR C 164 9.95 35.36 7.84
CA THR C 164 10.84 34.20 7.88
C THR C 164 11.93 34.40 6.85
N GLN C 165 13.18 34.25 7.27
CA GLN C 165 14.31 34.37 6.37
C GLN C 165 14.46 33.08 5.58
N ALA C 166 14.66 33.20 4.27
CA ALA C 166 14.94 32.02 3.48
C ALA C 166 16.33 31.50 3.84
N CYS C 167 16.47 30.19 3.92
CA CYS C 167 17.77 29.61 4.23
C CYS C 167 18.75 29.90 3.11
N PRO C 168 19.95 30.41 3.40
CA PRO C 168 20.89 30.72 2.30
C PRO C 168 21.37 29.48 1.57
N LYS C 169 21.24 28.30 2.17
CA LYS C 169 21.65 27.06 1.51
C LYS C 169 20.61 26.55 0.51
N VAL C 170 19.40 27.10 0.53
CA VAL C 170 18.31 26.66 -0.33
C VAL C 170 18.18 27.67 -1.45
N SER C 171 18.19 27.20 -2.69
CA SER C 171 18.10 28.08 -3.83
C SER C 171 16.66 28.24 -4.30
N PHE C 172 16.44 29.30 -5.06
CA PHE C 172 15.13 29.66 -5.62
C PHE C 172 14.99 29.23 -7.06
N GLU C 173 16.09 29.31 -7.83
CA GLU C 173 16.21 28.93 -9.24
C GLU C 173 15.29 27.78 -9.63
N PRO C 174 14.44 27.93 -10.66
CA PRO C 174 13.60 26.79 -11.06
C PRO C 174 14.44 25.60 -11.46
N ILE C 175 13.95 24.42 -11.10
CA ILE C 175 14.55 23.14 -11.47
C ILE C 175 13.45 22.40 -12.22
N PRO C 176 13.66 21.93 -13.46
CA PRO C 176 12.57 21.28 -14.17
C PRO C 176 12.13 20.02 -13.47
N ILE C 177 10.82 19.84 -13.38
CA ILE C 177 10.21 18.68 -12.73
C ILE C 177 9.29 18.01 -13.74
N HIS C 178 8.97 16.75 -13.45
CA HIS C 178 8.09 15.96 -14.29
C HIS C 178 6.89 15.51 -13.46
N TYR C 179 5.71 15.63 -14.04
CA TYR C 179 4.49 15.09 -13.44
C TYR C 179 4.20 13.76 -14.10
N CYS C 180 4.00 12.73 -13.28
CA CYS C 180 3.83 11.37 -13.73
C CYS C 180 2.51 10.81 -13.25
N ALA C 181 1.78 10.14 -14.14
CA ALA C 181 0.54 9.54 -13.74
C ALA C 181 0.78 8.25 -12.97
N PRO C 182 -0.10 7.88 -12.05
CA PRO C 182 0.01 6.55 -11.42
C PRO C 182 -0.40 5.46 -12.38
N ALA C 183 -0.06 4.23 -12.00
CA ALA C 183 -0.48 3.08 -12.79
C ALA C 183 -2.00 3.03 -12.88
N GLY C 184 -2.51 2.67 -14.05
CA GLY C 184 -3.92 2.74 -14.34
C GLY C 184 -4.36 4.05 -14.98
N PHE C 185 -3.47 5.03 -15.06
CA PHE C 185 -3.75 6.32 -15.66
C PHE C 185 -2.68 6.60 -16.69
N ALA C 186 -2.96 7.52 -17.60
CA ALA C 186 -2.01 7.89 -18.63
C ALA C 186 -2.17 9.37 -18.93
N ILE C 187 -1.12 9.98 -19.51
CA ILE C 187 -1.14 11.39 -19.87
C ILE C 187 -1.11 11.49 -21.38
N LEU C 188 -2.06 12.21 -21.95
CA LEU C 188 -2.10 12.44 -23.39
C LEU C 188 -1.47 13.80 -23.68
N LYS C 189 -0.64 13.82 -24.71
CA LYS C 189 0.09 15.01 -25.16
C LYS C 189 -0.34 15.36 -26.57
N CYS C 190 -0.73 16.62 -26.75
CA CYS C 190 -1.14 17.13 -28.06
C CYS C 190 0.05 17.74 -28.78
N LYS C 191 0.33 17.25 -29.98
CA LYS C 191 1.46 17.71 -30.78
C LYS C 191 1.06 18.61 -31.93
N ASP C 192 -0.22 18.97 -32.05
CA ASP C 192 -0.67 19.76 -33.18
C ASP C 192 -0.03 21.14 -33.17
N LYS C 193 0.39 21.58 -34.35
CA LYS C 193 0.84 22.94 -34.54
C LYS C 193 -0.36 23.87 -34.50
N LYS C 194 -0.16 25.07 -33.96
CA LYS C 194 -1.20 26.09 -33.88
C LYS C 194 -2.38 25.59 -33.04
N PHE C 195 -2.08 24.87 -31.97
CA PHE C 195 -3.11 24.38 -31.05
C PHE C 195 -3.49 25.52 -30.10
N ASN C 196 -4.77 25.90 -30.08
CA ASN C 196 -5.21 27.08 -29.36
C ASN C 196 -5.61 26.79 -27.91
N GLY C 197 -5.41 25.56 -27.43
CA GLY C 197 -5.68 25.20 -26.06
C GLY C 197 -6.97 24.44 -25.82
N THR C 198 -7.91 24.47 -26.75
CA THR C 198 -9.17 23.75 -26.62
C THR C 198 -9.49 23.02 -27.91
N GLY C 199 -10.49 22.16 -27.84
CA GLY C 199 -10.98 21.49 -29.02
C GLY C 199 -10.24 20.21 -29.36
N PRO C 200 -10.57 19.62 -30.51
CA PRO C 200 -9.94 18.35 -30.88
C PRO C 200 -8.48 18.51 -31.22
N CYS C 201 -7.73 17.45 -30.94
CA CYS C 201 -6.32 17.32 -31.29
C CYS C 201 -6.16 15.95 -31.94
N GLN C 202 -5.51 15.92 -33.11
CA GLN C 202 -5.33 14.70 -33.87
C GLN C 202 -3.99 14.02 -33.61
N ASN C 203 -2.91 14.77 -33.55
CA ASN C 203 -1.58 14.22 -33.31
C ASN C 203 -1.38 14.10 -31.81
N VAL C 204 -1.87 12.99 -31.25
CA VAL C 204 -1.92 12.75 -29.82
C VAL C 204 -1.03 11.57 -29.49
N SER C 205 -0.22 11.72 -28.45
CA SER C 205 0.66 10.65 -27.96
C SER C 205 0.40 10.39 -26.48
N THR C 206 0.76 9.19 -26.05
CA THR C 206 0.62 8.77 -24.66
C THR C 206 2.00 8.76 -24.00
N VAL C 207 2.08 9.41 -22.83
CA VAL C 207 3.26 9.41 -21.99
C VAL C 207 2.85 9.04 -20.57
N GLN C 208 3.84 8.58 -19.80
CA GLN C 208 3.68 8.34 -18.38
C GLN C 208 4.06 9.57 -17.58
N CYS C 209 5.08 10.31 -18.02
CA CYS C 209 5.56 11.51 -17.35
C CYS C 209 5.63 12.66 -18.35
N THR C 210 5.42 13.87 -17.85
CA THR C 210 5.54 15.07 -18.66
C THR C 210 7.02 15.40 -18.87
N HIS C 211 7.29 16.35 -19.77
CA HIS C 211 8.66 16.80 -19.96
C HIS C 211 9.07 17.65 -18.76
N GLY C 212 10.31 18.10 -18.76
CA GLY C 212 10.76 18.91 -17.65
C GLY C 212 10.16 20.30 -17.76
N ILE C 213 9.37 20.70 -16.76
CA ILE C 213 8.70 21.99 -16.75
C ILE C 213 9.35 22.82 -15.66
N LYS C 214 9.84 23.98 -16.03
CA LYS C 214 10.50 24.86 -15.09
C LYS C 214 9.46 25.67 -14.33
N PRO C 215 9.39 25.60 -12.98
CA PRO C 215 8.39 26.45 -12.29
C PRO C 215 8.88 27.89 -12.19
N VAL C 216 8.92 28.56 -13.34
CA VAL C 216 9.43 29.92 -13.43
C VAL C 216 8.36 30.85 -12.90
N VAL C 217 8.75 31.78 -12.03
CA VAL C 217 7.83 32.73 -11.42
C VAL C 217 7.99 34.07 -12.09
N SER C 218 6.89 34.56 -12.68
CA SER C 218 6.83 35.84 -13.36
C SER C 218 5.38 36.30 -13.31
N THR C 219 5.14 37.57 -13.65
CA THR C 219 3.81 38.15 -13.56
C THR C 219 3.26 38.73 -14.86
N GLN C 220 4.10 39.21 -15.78
CA GLN C 220 3.62 39.77 -17.04
C GLN C 220 4.19 39.08 -18.27
N LEU C 221 5.47 38.71 -18.24
CA LEU C 221 6.09 38.00 -19.34
C LEU C 221 6.43 36.59 -18.84
N LEU C 222 6.35 35.62 -19.75
CA LEU C 222 6.68 34.24 -19.44
C LEU C 222 8.13 33.99 -19.83
N LEU C 223 8.95 33.65 -18.84
CA LEU C 223 10.38 33.45 -19.04
C LEU C 223 10.75 31.98 -19.02
N ASN C 224 11.74 31.62 -19.83
CA ASN C 224 12.34 30.29 -19.82
C ASN C 224 11.29 29.18 -19.98
N GLY C 225 10.30 29.44 -20.83
CA GLY C 225 9.24 28.50 -21.09
C GLY C 225 9.38 27.80 -22.43
N SER C 226 8.26 27.30 -22.94
CA SER C 226 8.23 26.60 -24.21
C SER C 226 7.85 27.57 -25.32
N LEU C 227 8.46 27.39 -26.48
CA LEU C 227 8.15 28.16 -27.67
C LEU C 227 7.19 27.40 -28.57
N ALA C 228 6.36 28.15 -29.29
CA ALA C 228 5.47 27.53 -30.25
C ALA C 228 6.27 27.01 -31.44
N GLU C 229 5.84 25.86 -31.98
CA GLU C 229 6.57 25.23 -33.07
C GLU C 229 6.44 26.02 -34.37
N GLU C 230 5.25 26.57 -34.65
CA GLU C 230 4.94 27.11 -35.97
C GLU C 230 4.79 28.62 -35.98
N GLU C 231 4.01 29.20 -35.08
CA GLU C 231 3.77 30.64 -35.08
C GLU C 231 3.33 31.06 -33.69
N VAL C 232 3.17 32.37 -33.52
CA VAL C 232 2.69 32.90 -32.25
C VAL C 232 1.25 32.43 -32.03
N ILE C 233 0.99 31.86 -30.85
CA ILE C 233 -0.30 31.26 -30.52
C ILE C 233 -0.95 32.11 -29.43
N ILE C 234 -2.17 32.55 -29.70
CA ILE C 234 -2.95 33.38 -28.78
C ILE C 234 -4.04 32.49 -28.20
N ARG C 235 -4.02 32.31 -26.87
CA ARG C 235 -4.92 31.42 -26.16
C ARG C 235 -5.77 32.22 -25.20
N SER C 236 -7.08 32.03 -25.26
CA SER C 236 -8.00 32.72 -24.34
C SER C 236 -9.19 31.83 -24.05
N GLU C 237 -9.57 31.75 -22.77
CA GLU C 237 -10.73 30.96 -22.38
C GLU C 237 -11.98 31.44 -23.10
N ASN C 238 -12.14 32.75 -23.21
CA ASN C 238 -13.24 33.35 -23.98
C ASN C 238 -12.68 34.63 -24.56
N ILE C 239 -12.39 34.62 -25.86
CA ILE C 239 -11.71 35.76 -26.49
C ILE C 239 -12.55 37.03 -26.47
N THR C 240 -13.86 36.92 -26.27
CA THR C 240 -14.74 38.09 -26.22
C THR C 240 -15.02 38.56 -24.80
N ASN C 241 -14.48 37.88 -23.79
CA ASN C 241 -14.65 38.23 -22.39
C ASN C 241 -13.39 38.95 -21.94
N ASN C 242 -13.51 40.24 -21.62
CA ASN C 242 -12.35 41.02 -21.21
C ASN C 242 -11.93 40.74 -19.77
N ALA C 243 -12.67 39.92 -19.03
CA ALA C 243 -12.30 39.54 -17.68
C ALA C 243 -11.35 38.35 -17.62
N LYS C 244 -11.01 37.75 -18.77
CA LYS C 244 -10.11 36.61 -18.84
C LYS C 244 -8.79 37.05 -19.43
N ASN C 245 -7.72 36.37 -19.02
CA ASN C 245 -6.39 36.71 -19.50
C ASN C 245 -6.13 36.02 -20.83
N ILE C 246 -5.29 36.67 -21.64
CA ILE C 246 -4.87 36.17 -22.95
C ILE C 246 -3.42 35.76 -22.81
N LEU C 247 -3.13 34.48 -23.07
CA LEU C 247 -1.79 33.93 -22.98
C LEU C 247 -1.22 33.81 -24.38
N VAL C 248 -0.11 34.50 -24.64
CA VAL C 248 0.51 34.54 -25.96
C VAL C 248 1.82 33.77 -25.86
N GLN C 249 1.94 32.71 -26.65
CA GLN C 249 3.17 31.93 -26.72
C GLN C 249 3.89 32.28 -28.02
N LEU C 250 5.14 32.70 -27.91
CA LEU C 250 5.92 33.09 -29.07
C LEU C 250 6.60 31.87 -29.67
N ASN C 251 6.85 31.94 -30.98
CA ASN C 251 7.62 30.90 -31.67
C ASN C 251 9.11 31.18 -31.65
N THR C 252 9.49 32.44 -31.43
CA THR C 252 10.89 32.83 -31.28
C THR C 252 11.04 33.53 -29.94
N SER C 253 12.19 33.33 -29.30
CA SER C 253 12.43 33.92 -28.00
C SER C 253 12.98 35.33 -28.15
N VAL C 254 12.77 36.13 -27.10
CA VAL C 254 13.33 37.49 -27.01
C VAL C 254 14.17 37.53 -25.75
N GLN C 255 15.43 37.91 -25.87
CA GLN C 255 16.31 37.79 -24.72
C GLN C 255 16.26 39.05 -23.88
N ILE C 256 16.35 38.88 -22.56
CA ILE C 256 16.31 39.95 -21.58
C ILE C 256 17.64 39.89 -20.83
N ASN C 257 18.37 41.00 -20.80
CA ASN C 257 19.62 41.09 -20.04
C ASN C 257 19.32 41.96 -18.82
N CYS C 258 19.29 41.37 -17.63
CA CYS C 258 18.96 42.10 -16.42
C CYS C 258 20.20 42.18 -15.54
N THR C 259 20.40 43.35 -14.93
CA THR C 259 21.48 43.48 -13.96
C THR C 259 21.14 44.50 -12.87
N ARG C 260 21.71 44.26 -11.69
CA ARG C 260 21.76 45.20 -10.56
C ARG C 260 23.20 45.69 -10.43
N PRO C 261 23.59 46.76 -11.12
CA PRO C 261 25.01 47.13 -11.17
C PRO C 261 25.55 47.72 -9.87
N ASN C 262 25.50 46.96 -8.77
CA ASN C 262 25.96 47.44 -7.47
C ASN C 262 26.75 46.33 -6.80
N ASN C 263 28.01 46.61 -6.46
CA ASN C 263 28.87 45.64 -5.82
C ASN C 263 28.51 45.61 -4.34
N ASN C 264 27.42 44.89 -4.06
CA ASN C 264 26.88 44.79 -2.72
C ASN C 264 27.83 44.01 -1.82
N THR C 265 28.08 44.53 -0.62
CA THR C 265 28.85 43.85 0.40
C THR C 265 27.85 43.43 1.47
N VAL C 266 27.72 42.11 1.66
CA VAL C 266 26.74 41.52 2.56
C VAL C 266 27.43 41.18 3.88
N LYS C 267 26.80 41.59 4.98
CA LYS C 267 27.26 41.31 6.32
C LYS C 267 26.17 40.52 7.03
N SER C 268 26.53 39.89 8.15
CA SER C 268 25.58 39.10 8.92
C SER C 268 25.85 39.27 10.40
N ILE C 269 24.78 39.08 11.19
CA ILE C 269 24.82 39.12 12.64
C ILE C 269 24.08 37.92 13.17
N ARG C 270 24.45 37.49 14.37
CA ARG C 270 23.75 36.41 15.05
C ARG C 270 22.68 37.02 15.96
N ILE C 271 21.44 36.61 15.75
CA ILE C 271 20.29 37.13 16.48
C ILE C 271 19.69 36.13 17.45
N GLY C 272 20.19 34.89 17.49
CA GLY C 272 19.73 33.90 18.41
C GLY C 272 20.68 32.73 18.48
N PRO C 273 20.40 31.77 19.37
CA PRO C 273 21.30 30.62 19.53
C PRO C 273 21.63 29.89 18.24
N GLY C 274 20.67 29.77 17.32
CA GLY C 274 20.90 29.15 16.03
C GLY C 274 20.38 29.98 14.89
N GLN C 275 20.22 31.29 15.12
CA GLN C 275 19.59 32.21 14.19
C GLN C 275 20.61 33.21 13.69
N ALA C 276 20.99 33.08 12.42
CA ALA C 276 21.92 33.99 11.76
C ALA C 276 21.13 34.81 10.73
N PHE C 277 21.27 36.12 10.80
CA PHE C 277 20.58 37.06 9.92
C PHE C 277 21.56 37.71 8.97
N TYR C 278 21.18 37.79 7.69
CA TYR C 278 22.00 38.39 6.63
C TYR C 278 21.35 39.68 6.15
N TYR C 279 22.19 40.68 5.90
CA TYR C 279 21.70 42.01 5.51
C TYR C 279 22.74 42.67 4.62
N THR C 280 22.31 43.73 3.94
CA THR C 280 23.23 44.53 3.14
C THR C 280 24.14 45.32 4.06
N GLY C 281 25.44 45.13 3.91
CA GLY C 281 26.42 45.85 4.70
C GLY C 281 26.74 47.19 4.08
N ASP C 282 27.17 47.17 2.83
CA ASP C 282 27.55 48.39 2.13
C ASP C 282 27.43 48.16 0.63
N ILE C 283 27.67 49.22 -0.15
CA ILE C 283 27.77 49.14 -1.60
C ILE C 283 29.12 49.72 -1.97
N ILE C 284 29.94 48.96 -2.70
CA ILE C 284 31.26 49.43 -3.09
C ILE C 284 31.12 50.25 -4.37
N GLY C 285 31.64 51.48 -4.34
CA GLY C 285 31.58 52.37 -5.48
C GLY C 285 30.25 53.08 -5.62
N ASP C 286 30.09 53.74 -6.75
CA ASP C 286 28.89 54.51 -7.01
C ASP C 286 27.70 53.58 -7.18
N ILE C 287 26.51 54.09 -6.88
CA ILE C 287 25.27 53.33 -6.99
C ILE C 287 24.62 53.72 -8.31
N ARG C 288 24.22 52.71 -9.08
CA ARG C 288 23.51 52.91 -10.33
C ARG C 288 22.28 52.02 -10.30
N GLN C 289 21.29 52.37 -11.12
CA GLN C 289 20.00 51.74 -10.98
C GLN C 289 20.03 50.34 -11.61
N ALA C 290 18.96 49.59 -11.38
CA ALA C 290 18.88 48.18 -11.76
C ALA C 290 18.00 48.09 -12.99
N HIS C 291 18.58 47.62 -14.10
CA HIS C 291 17.95 47.77 -15.41
C HIS C 291 17.96 46.46 -16.17
N CYS C 292 16.88 46.20 -16.90
CA CYS C 292 16.85 45.14 -17.92
C CYS C 292 16.79 45.69 -19.33
N ASN C 293 17.71 45.22 -20.19
CA ASN C 293 17.79 45.62 -21.59
C ASN C 293 17.18 44.56 -22.50
N VAL C 294 16.15 44.97 -23.26
CA VAL C 294 15.58 44.18 -24.35
C VAL C 294 15.85 44.92 -25.65
N SER C 295 16.29 44.20 -26.67
CA SER C 295 16.56 44.82 -27.97
C SER C 295 15.31 45.51 -28.50
N LYS C 296 15.49 46.36 -29.51
CA LYS C 296 14.37 47.00 -30.20
C LYS C 296 13.97 46.35 -31.52
N ALA C 297 14.90 45.75 -32.26
CA ALA C 297 14.53 45.17 -33.55
C ALA C 297 13.68 43.93 -33.36
N THR C 298 14.10 43.05 -32.46
CA THR C 298 13.35 41.81 -32.25
C THR C 298 12.08 42.06 -31.47
N TRP C 299 12.08 43.04 -30.57
CA TRP C 299 10.83 43.33 -29.86
C TRP C 299 9.80 43.91 -30.82
N ASN C 300 10.22 44.76 -31.75
CA ASN C 300 9.29 45.29 -32.74
C ASN C 300 8.76 44.19 -33.65
N GLU C 301 9.63 43.24 -34.04
CA GLU C 301 9.13 42.12 -34.83
C GLU C 301 8.17 41.25 -34.04
N THR C 302 8.47 41.04 -32.75
CA THR C 302 7.61 40.24 -31.90
C THR C 302 6.24 40.88 -31.76
N LEU C 303 6.20 42.19 -31.53
CA LEU C 303 4.90 42.84 -31.38
C LEU C 303 4.15 42.88 -32.70
N GLY C 304 4.86 42.99 -33.82
CA GLY C 304 4.18 42.88 -35.10
C GLY C 304 3.54 41.52 -35.30
N LYS C 305 4.24 40.46 -34.90
CA LYS C 305 3.67 39.11 -35.00
C LYS C 305 2.46 38.96 -34.06
N VAL C 306 2.56 39.49 -32.85
CA VAL C 306 1.45 39.37 -31.91
C VAL C 306 0.23 40.11 -32.44
N VAL C 307 0.43 41.31 -32.98
CA VAL C 307 -0.69 42.07 -33.52
C VAL C 307 -1.29 41.36 -34.73
N LYS C 308 -0.43 40.83 -35.62
CA LYS C 308 -0.94 40.09 -36.78
C LYS C 308 -1.80 38.91 -36.35
N GLN C 309 -1.39 38.19 -35.30
CA GLN C 309 -2.21 37.09 -34.81
C GLN C 309 -3.47 37.59 -34.11
N LEU C 310 -3.39 38.73 -33.42
CA LEU C 310 -4.58 39.30 -32.78
C LEU C 310 -5.63 39.67 -33.81
N ARG C 311 -5.19 40.16 -34.97
CA ARG C 311 -6.15 40.57 -36.00
C ARG C 311 -7.00 39.42 -36.52
N LYS C 312 -6.62 38.17 -36.26
CA LYS C 312 -7.44 37.03 -36.68
C LYS C 312 -8.57 36.75 -35.72
N HIS C 313 -8.60 37.42 -34.56
CA HIS C 313 -9.67 37.28 -33.58
C HIS C 313 -10.48 38.56 -33.44
N PHE C 314 -10.24 39.54 -34.31
CA PHE C 314 -10.92 40.83 -34.31
C PHE C 314 -11.05 41.27 -35.75
N GLY C 315 -11.58 42.47 -35.97
CA GLY C 315 -11.70 42.97 -37.31
C GLY C 315 -10.34 43.21 -37.94
N ASN C 316 -10.27 42.98 -39.25
CA ASN C 316 -9.00 43.13 -39.96
C ASN C 316 -8.55 44.58 -40.04
N ASN C 317 -9.48 45.53 -39.97
CA ASN C 317 -9.18 46.96 -40.05
C ASN C 317 -9.23 47.65 -38.69
N THR C 318 -9.30 46.88 -37.60
CA THR C 318 -9.33 47.47 -36.27
C THR C 318 -7.91 47.83 -35.87
N ILE C 319 -7.73 49.04 -35.32
CA ILE C 319 -6.42 49.47 -34.86
C ILE C 319 -6.16 48.80 -33.52
N ILE C 320 -5.00 48.17 -33.39
CA ILE C 320 -4.58 47.49 -32.18
C ILE C 320 -3.45 48.31 -31.57
N ARG C 321 -3.63 48.73 -30.32
CA ARG C 321 -2.68 49.55 -29.61
C ARG C 321 -2.30 48.87 -28.31
N PHE C 322 -1.04 49.04 -27.91
CA PHE C 322 -0.56 48.57 -26.62
C PHE C 322 -0.43 49.74 -25.66
N ALA C 323 -0.62 49.46 -24.37
CA ALA C 323 -0.58 50.48 -23.35
C ALA C 323 0.02 49.92 -22.07
N GLN C 324 0.27 50.81 -21.12
CA GLN C 324 0.83 50.46 -19.83
C GLN C 324 -0.21 49.74 -18.99
N SER C 325 0.28 48.94 -18.03
CA SER C 325 -0.62 48.24 -17.13
C SER C 325 -1.27 49.24 -16.18
N SER C 326 -2.39 48.82 -15.59
CA SER C 326 -3.07 49.66 -14.62
C SER C 326 -2.29 49.69 -13.31
N GLY C 327 -2.65 50.65 -12.46
CA GLY C 327 -2.00 50.80 -11.17
C GLY C 327 -2.67 49.96 -10.08
N GLY C 328 -1.98 49.85 -8.94
CA GLY C 328 -2.52 49.12 -7.80
C GLY C 328 -1.92 47.75 -7.64
N ASP C 329 -1.41 47.45 -6.43
CA ASP C 329 -0.75 46.17 -6.14
C ASP C 329 0.53 46.02 -6.95
N LEU C 330 1.62 46.62 -6.46
CA LEU C 330 2.90 46.64 -7.16
C LEU C 330 3.35 45.26 -7.61
N GLU C 331 3.03 44.22 -6.84
CA GLU C 331 3.40 42.86 -7.24
C GLU C 331 2.76 42.45 -8.57
N VAL C 332 1.69 43.13 -8.98
CA VAL C 332 0.98 42.83 -10.21
C VAL C 332 1.32 43.84 -11.31
N THR C 333 1.46 45.11 -10.95
CA THR C 333 1.68 46.16 -11.93
C THR C 333 3.06 46.08 -12.57
N THR C 334 4.01 45.45 -11.91
CA THR C 334 5.37 45.29 -12.42
C THR C 334 5.62 43.83 -12.78
N HIS C 335 6.69 43.62 -13.55
CA HIS C 335 7.08 42.31 -14.03
C HIS C 335 8.22 41.73 -13.20
N SER C 336 7.86 40.73 -12.38
CA SER C 336 8.76 40.04 -11.47
C SER C 336 9.67 39.03 -12.16
N PHE C 337 10.86 38.82 -11.57
CA PHE C 337 11.65 37.63 -11.85
C PHE C 337 12.11 36.98 -10.56
N ASN C 338 13.25 36.29 -10.60
CA ASN C 338 14.02 35.83 -9.47
C ASN C 338 15.47 35.74 -9.94
N CYS C 339 15.93 36.81 -10.57
CA CYS C 339 17.27 36.85 -11.11
C CYS C 339 18.28 36.80 -9.97
N GLY C 340 19.30 35.98 -10.13
CA GLY C 340 20.17 35.70 -9.01
C GLY C 340 19.31 35.12 -7.90
N GLY C 341 19.28 35.83 -6.78
CA GLY C 341 18.48 35.43 -5.63
C GLY C 341 17.61 36.58 -5.15
N GLU C 342 17.56 37.66 -5.93
CA GLU C 342 16.93 38.92 -5.52
C GLU C 342 15.75 39.19 -6.43
N PHE C 343 14.59 39.45 -5.84
CA PHE C 343 13.33 39.60 -6.55
C PHE C 343 13.25 40.98 -7.21
N PHE C 344 13.43 41.03 -8.53
CA PHE C 344 13.28 42.30 -9.23
C PHE C 344 11.80 42.63 -9.36
N TYR C 345 11.49 43.75 -10.01
CA TYR C 345 10.13 44.21 -10.26
C TYR C 345 10.18 45.27 -11.35
N CYS C 346 10.26 44.86 -12.62
CA CYS C 346 10.53 45.82 -13.68
C CYS C 346 9.27 46.50 -14.18
N ASN C 347 9.48 47.58 -14.94
CA ASN C 347 8.42 48.48 -15.37
C ASN C 347 8.28 48.37 -16.88
N THR C 348 7.24 47.69 -17.33
CA THR C 348 7.06 47.42 -18.75
C THR C 348 6.39 48.59 -19.48
N SER C 349 6.19 49.72 -18.80
CA SER C 349 5.55 50.88 -19.44
C SER C 349 6.36 51.38 -20.63
N GLY C 350 7.68 51.27 -20.58
CA GLY C 350 8.48 51.67 -21.71
C GLY C 350 8.61 50.62 -22.78
N LEU C 351 8.00 49.46 -22.58
CA LEU C 351 8.08 48.33 -23.51
C LEU C 351 6.84 48.20 -24.38
N PHE C 352 5.67 48.52 -23.84
CA PHE C 352 4.39 48.39 -24.54
C PHE C 352 3.84 49.73 -25.01
N ASN C 353 4.63 50.79 -24.99
CA ASN C 353 4.18 52.12 -25.38
C ASN C 353 4.31 52.29 -26.90
N SER C 354 3.41 51.61 -27.61
CA SER C 354 3.41 51.67 -29.06
C SER C 354 1.98 51.47 -29.58
N THR C 355 1.74 51.95 -30.78
CA THR C 355 0.46 51.83 -31.46
C THR C 355 0.69 51.17 -32.82
N TRP C 356 -0.12 50.16 -33.12
CA TRP C 356 -0.03 49.43 -34.38
C TRP C 356 -1.28 49.67 -35.23
N SER C 373 18.66 50.36 -27.58
CA SER C 373 17.69 49.31 -27.27
C SER C 373 16.57 49.90 -26.42
N ILE C 374 15.90 49.06 -25.61
CA ILE C 374 14.93 49.50 -24.63
C ILE C 374 15.40 49.00 -23.26
N THR C 375 15.36 49.87 -22.26
CA THR C 375 15.84 49.56 -20.92
C THR C 375 14.75 49.83 -19.89
N LEU C 376 14.64 48.92 -18.93
CA LEU C 376 13.50 48.89 -18.01
C LEU C 376 13.98 49.13 -16.58
N PRO C 377 13.65 50.27 -15.95
CA PRO C 377 13.92 50.44 -14.50
C PRO C 377 13.24 49.38 -13.66
N CYS C 378 14.03 48.63 -12.90
CA CYS C 378 13.56 47.56 -12.04
C CYS C 378 13.79 47.90 -10.58
N ARG C 379 12.74 47.80 -9.77
CA ARG C 379 12.84 48.03 -8.33
C ARG C 379 13.11 46.70 -7.65
N ILE C 380 13.80 46.77 -6.51
CA ILE C 380 14.23 45.60 -5.75
C ILE C 380 13.53 45.60 -4.40
N LYS C 381 12.99 44.44 -4.02
CA LYS C 381 12.42 44.21 -2.70
C LYS C 381 13.08 42.98 -2.09
N GLN C 382 13.14 42.95 -0.76
CA GLN C 382 13.64 41.81 0.00
C GLN C 382 12.57 41.06 0.77
N ILE C 383 11.53 41.75 1.22
CA ILE C 383 10.43 41.13 1.96
C ILE C 383 9.31 40.91 0.95
N ILE C 384 9.07 39.65 0.60
CA ILE C 384 8.22 39.28 -0.53
C ILE C 384 7.03 38.49 -0.01
N ASN C 385 5.84 38.92 -0.39
CA ASN C 385 4.61 38.16 -0.20
C ASN C 385 4.28 37.57 -1.56
N MET C 386 4.64 36.32 -1.79
CA MET C 386 4.48 35.72 -3.10
C MET C 386 3.05 35.25 -3.31
N TRP C 387 2.70 35.10 -4.59
CA TRP C 387 1.34 34.75 -5.04
C TRP C 387 0.41 35.85 -4.54
N GLN C 388 -0.73 35.52 -3.93
CA GLN C 388 -1.66 36.51 -3.40
C GLN C 388 -1.98 36.20 -1.94
N ARG C 389 -1.04 35.60 -1.22
CA ARG C 389 -1.26 35.17 0.15
C ARG C 389 -0.90 36.29 1.13
N ILE C 390 -1.61 36.31 2.25
CA ILE C 390 -1.35 37.23 3.35
C ILE C 390 -1.16 36.39 4.60
N GLY C 391 -0.07 36.65 5.33
CA GLY C 391 0.26 35.95 6.56
C GLY C 391 1.59 35.23 6.52
N GLN C 392 2.15 34.97 5.34
CA GLN C 392 3.44 34.30 5.19
C GLN C 392 4.37 35.25 4.43
N ALA C 393 5.20 35.98 5.16
CA ALA C 393 6.17 36.91 4.57
C ALA C 393 7.54 36.27 4.62
N MET C 394 8.21 36.24 3.47
CA MET C 394 9.55 35.67 3.34
C MET C 394 10.53 36.82 3.12
N TYR C 395 11.68 36.75 3.77
CA TYR C 395 12.76 37.72 3.60
C TYR C 395 13.85 37.10 2.74
N ALA C 396 14.11 37.72 1.58
CA ALA C 396 15.12 37.21 0.67
C ALA C 396 16.46 37.85 1.02
N PRO C 397 17.44 37.10 1.53
CA PRO C 397 18.69 37.75 1.91
C PRO C 397 19.45 38.23 0.69
N PRO C 398 20.26 39.29 0.82
CA PRO C 398 21.03 39.74 -0.34
C PRO C 398 22.18 38.79 -0.64
N ILE C 399 22.63 38.83 -1.89
CA ILE C 399 23.79 38.08 -2.36
C ILE C 399 24.89 39.07 -2.69
N GLN C 400 26.09 38.82 -2.16
CA GLN C 400 27.22 39.73 -2.36
C GLN C 400 27.60 39.81 -3.84
N GLY C 401 28.03 41.00 -4.23
CA GLY C 401 28.45 41.26 -5.59
C GLY C 401 27.31 41.73 -6.46
N VAL C 402 27.59 41.75 -7.75
CA VAL C 402 26.60 42.16 -8.74
C VAL C 402 25.79 40.92 -9.10
N ILE C 403 24.55 41.15 -9.54
CA ILE C 403 23.69 40.11 -10.08
C ILE C 403 23.39 40.51 -11.52
N ARG C 404 23.75 39.63 -12.46
CA ARG C 404 23.39 39.78 -13.86
C ARG C 404 22.91 38.43 -14.36
N CYS C 405 21.74 38.41 -15.00
CA CYS C 405 21.23 37.20 -15.64
C CYS C 405 20.60 37.51 -16.99
N VAL C 406 20.84 36.63 -17.95
CA VAL C 406 20.24 36.68 -19.28
C VAL C 406 19.17 35.60 -19.33
N SER C 407 18.04 35.90 -20.00
CA SER C 407 16.85 35.08 -19.83
C SER C 407 15.94 35.14 -21.04
N ASN C 408 15.48 33.97 -21.49
CA ASN C 408 14.64 33.87 -22.67
C ASN C 408 13.21 34.26 -22.32
N ILE C 409 12.65 35.25 -23.03
CA ILE C 409 11.23 35.54 -22.98
C ILE C 409 10.57 34.67 -24.03
N THR C 410 9.71 33.75 -23.58
CA THR C 410 9.02 32.80 -24.44
C THR C 410 7.54 33.11 -24.58
N GLY C 411 6.97 33.97 -23.73
CA GLY C 411 5.56 34.31 -23.87
C GLY C 411 5.21 35.59 -23.15
N LEU C 412 3.96 35.99 -23.35
CA LEU C 412 3.40 37.23 -22.83
C LEU C 412 2.03 36.93 -22.22
N ILE C 413 1.65 37.73 -21.22
CA ILE C 413 0.28 37.77 -20.74
C ILE C 413 -0.27 39.14 -21.11
N LEU C 414 -1.33 39.14 -21.91
CA LEU C 414 -2.01 40.36 -22.32
C LEU C 414 -3.43 40.33 -21.80
N THR C 415 -3.97 41.51 -21.48
CA THR C 415 -5.37 41.69 -21.17
C THR C 415 -5.91 42.82 -22.03
N ARG C 416 -7.16 42.68 -22.45
CA ARG C 416 -7.82 43.70 -23.25
C ARG C 416 -8.53 44.69 -22.34
N ASP C 417 -8.54 45.96 -22.76
CA ASP C 417 -9.17 47.00 -21.97
C ASP C 417 -10.69 46.88 -21.99
N GLY C 418 -11.24 46.47 -23.13
CA GLY C 418 -12.68 46.35 -23.31
C GLY C 418 -13.13 47.06 -24.56
N GLY C 419 -14.22 46.57 -25.14
CA GLY C 419 -14.73 47.09 -26.39
C GLY C 419 -15.51 48.38 -26.24
N SER C 420 -14.89 49.41 -25.65
CA SER C 420 -15.58 50.66 -25.42
C SER C 420 -15.83 51.43 -26.71
N THR C 421 -15.12 51.10 -27.79
CA THR C 421 -15.24 51.79 -29.07
C THR C 421 -16.03 50.98 -30.10
N ASN C 422 -16.71 49.91 -29.69
CA ASN C 422 -17.47 49.05 -30.59
C ASN C 422 -16.58 48.46 -31.69
N SER C 423 -15.43 47.92 -31.27
CA SER C 423 -14.47 47.28 -32.18
C SER C 423 -13.94 48.23 -33.24
N THR C 424 -13.76 49.50 -32.88
CA THR C 424 -13.07 50.45 -33.75
C THR C 424 -11.57 50.42 -33.47
N THR C 425 -11.20 50.53 -32.20
CA THR C 425 -9.81 50.44 -31.74
C THR C 425 -9.81 49.60 -30.48
N GLU C 426 -8.84 48.69 -30.37
CA GLU C 426 -8.67 47.86 -29.20
C GLU C 426 -7.32 48.14 -28.55
N THR C 427 -7.33 48.20 -27.22
CA THR C 427 -6.16 48.49 -26.41
C THR C 427 -5.85 47.26 -25.56
N PHE C 428 -4.60 46.82 -25.62
CA PHE C 428 -4.11 45.70 -24.84
C PHE C 428 -3.05 46.18 -23.87
N ARG C 429 -3.04 45.61 -22.68
CA ARG C 429 -2.11 45.96 -21.63
C ARG C 429 -1.40 44.69 -21.15
N PRO C 430 -0.16 44.81 -20.66
CA PRO C 430 0.48 43.62 -20.07
C PRO C 430 -0.03 43.38 -18.66
N GLY C 431 -1.30 42.99 -18.57
CA GLY C 431 -1.88 42.80 -17.27
C GLY C 431 -1.36 41.54 -16.61
N GLY C 432 -1.55 41.49 -15.30
CA GLY C 432 -1.12 40.37 -14.50
C GLY C 432 -2.22 39.36 -14.32
N GLY C 433 -2.02 38.48 -13.34
CA GLY C 433 -2.97 37.42 -13.09
C GLY C 433 -2.41 36.48 -12.04
N ASP C 434 -3.14 35.39 -11.82
CA ASP C 434 -2.67 34.41 -10.87
C ASP C 434 -1.50 33.66 -11.50
N MET C 435 -0.68 33.05 -10.64
CA MET C 435 0.45 32.27 -11.13
C MET C 435 0.02 31.02 -11.88
N ARG C 436 -1.22 30.56 -11.71
CA ARG C 436 -1.69 29.40 -12.45
C ARG C 436 -1.57 29.62 -13.95
N ASP C 437 -1.72 30.87 -14.40
CA ASP C 437 -1.66 31.14 -15.83
C ASP C 437 -0.28 30.91 -16.39
N ASN C 438 0.77 31.02 -15.57
CA ASN C 438 2.08 30.70 -16.12
C ASN C 438 2.25 29.21 -16.23
N TRP C 439 1.78 28.47 -15.23
CA TRP C 439 1.96 27.03 -15.24
C TRP C 439 1.02 26.39 -16.23
N ARG C 440 -0.18 26.96 -16.38
CA ARG C 440 -1.07 26.50 -17.42
C ARG C 440 -0.43 26.70 -18.79
N SER C 441 0.39 27.74 -18.96
CA SER C 441 1.04 27.97 -20.24
C SER C 441 2.04 26.88 -20.60
N GLU C 442 2.40 26.02 -19.65
CA GLU C 442 3.20 24.83 -19.93
C GLU C 442 2.38 23.55 -19.92
N LEU C 443 1.31 23.50 -19.12
CA LEU C 443 0.51 22.29 -19.01
C LEU C 443 -0.61 22.22 -20.03
N TYR C 444 -0.69 23.19 -20.95
CA TYR C 444 -1.76 23.19 -21.92
C TYR C 444 -1.73 21.98 -22.86
N LYS C 445 -0.56 21.35 -23.05
CA LYS C 445 -0.48 20.21 -23.94
C LYS C 445 -0.83 18.88 -23.29
N TYR C 446 -1.02 18.83 -21.97
CA TYR C 446 -1.19 17.56 -21.26
C TYR C 446 -2.60 17.42 -20.68
N LYS C 447 -3.09 16.18 -20.75
CA LYS C 447 -4.39 15.79 -20.20
C LYS C 447 -4.21 14.47 -19.47
N VAL C 448 -4.87 14.31 -18.33
CA VAL C 448 -4.82 13.07 -17.56
C VAL C 448 -6.07 12.26 -17.86
N VAL C 449 -5.89 11.00 -18.24
CA VAL C 449 -7.00 10.11 -18.54
C VAL C 449 -6.87 8.83 -17.72
N LYS C 450 -8.01 8.29 -17.31
CA LYS C 450 -8.11 7.04 -16.58
C LYS C 450 -8.35 5.90 -17.54
N ILE C 451 -7.60 4.82 -17.39
CA ILE C 451 -7.73 3.65 -18.26
C ILE C 451 -8.86 2.77 -17.75
N GLU C 452 -9.69 2.29 -18.67
CA GLU C 452 -10.84 1.43 -18.37
C GLU C 452 -10.58 0.08 -19.04
N PRO C 453 -9.88 -0.85 -18.38
CA PRO C 453 -9.48 -2.09 -19.06
C PRO C 453 -10.65 -2.98 -19.48
N LEU C 454 -11.83 -2.82 -18.92
CA LEU C 454 -12.94 -3.72 -19.19
C LEU C 454 -13.81 -3.23 -20.34
N GLY C 455 -14.37 -4.18 -21.06
CA GLY C 455 -15.33 -3.87 -22.10
C GLY C 455 -16.07 -5.13 -22.50
N VAL C 456 -17.16 -4.93 -23.22
CA VAL C 456 -17.99 -6.02 -23.70
C VAL C 456 -18.23 -5.80 -25.19
N ALA C 457 -18.42 -6.89 -25.93
CA ALA C 457 -18.67 -6.75 -27.36
C ALA C 457 -19.36 -8.01 -27.87
N PRO C 458 -20.17 -7.90 -28.92
CA PRO C 458 -20.78 -9.12 -29.48
C PRO C 458 -19.77 -9.92 -30.27
N THR C 459 -19.81 -11.23 -30.07
CA THR C 459 -19.05 -12.18 -30.88
C THR C 459 -19.95 -13.37 -31.12
N ARG C 460 -19.51 -14.32 -31.93
CA ARG C 460 -20.23 -15.58 -32.08
C ARG C 460 -19.77 -16.62 -31.08
N CYS C 461 -18.97 -16.24 -30.10
CA CYS C 461 -18.35 -17.17 -29.16
C CYS C 461 -19.27 -17.42 -27.98
N LYS C 462 -19.70 -18.66 -27.81
CA LYS C 462 -20.62 -19.07 -26.75
C LYS C 462 -19.88 -19.97 -25.77
N ARG C 463 -19.94 -19.62 -24.49
CA ARG C 463 -19.29 -20.42 -23.46
C ARG C 463 -20.06 -21.70 -23.16
N ARG C 464 -19.33 -22.79 -23.06
CA ARG C 464 -19.88 -24.05 -22.57
C ARG C 464 -18.74 -25.05 -22.41
N GLU D 2 -22.50 -39.87 5.02
CA GLU D 2 -23.55 -39.98 4.02
C GLU D 2 -23.01 -39.59 2.65
N ASN D 3 -21.74 -39.90 2.41
CA ASN D 3 -21.07 -39.56 1.15
C ASN D 3 -21.14 -38.06 0.89
N LEU D 4 -20.83 -37.27 1.92
CA LEU D 4 -20.83 -35.82 1.85
C LEU D 4 -19.41 -35.30 1.70
N TRP D 5 -19.28 -34.20 0.95
CA TRP D 5 -18.00 -33.61 0.61
C TRP D 5 -17.99 -32.13 0.98
N VAL D 6 -16.79 -31.62 1.27
CA VAL D 6 -16.62 -30.22 1.65
C VAL D 6 -16.79 -29.35 0.42
N THR D 7 -17.69 -28.37 0.50
CA THR D 7 -17.86 -27.35 -0.52
C THR D 7 -17.55 -26.00 0.10
N VAL D 8 -16.70 -25.23 -0.58
CA VAL D 8 -16.22 -23.94 -0.11
C VAL D 8 -17.06 -22.86 -0.77
N TYR D 9 -17.55 -21.92 0.04
CA TYR D 9 -18.35 -20.80 -0.41
C TYR D 9 -17.66 -19.49 -0.07
N TYR D 10 -17.71 -18.53 -1.00
CA TYR D 10 -17.15 -17.20 -0.82
C TYR D 10 -18.27 -16.18 -1.01
N GLY D 11 -18.46 -15.32 -0.01
CA GLY D 11 -19.57 -14.40 0.02
C GLY D 11 -20.58 -14.82 1.06
N VAL D 12 -20.10 -15.55 2.06
CA VAL D 12 -20.96 -16.14 3.09
C VAL D 12 -21.41 -15.04 4.06
N PRO D 13 -22.73 -14.91 4.36
CA PRO D 13 -23.16 -13.86 5.31
C PRO D 13 -22.86 -14.20 6.76
N VAL D 14 -21.59 -14.22 7.11
CA VAL D 14 -21.13 -14.48 8.47
C VAL D 14 -20.23 -13.33 8.88
N TRP D 15 -20.35 -12.91 10.14
CA TRP D 15 -19.52 -11.86 10.67
C TRP D 15 -19.12 -12.19 12.10
N LYS D 16 -18.02 -11.58 12.54
CA LYS D 16 -17.51 -11.73 13.89
C LYS D 16 -17.27 -10.36 14.50
N ASP D 17 -17.39 -10.28 15.81
CA ASP D 17 -17.12 -9.02 16.51
C ASP D 17 -15.67 -8.61 16.31
N ALA D 18 -15.49 -7.39 15.84
CA ALA D 18 -14.15 -6.85 15.62
C ALA D 18 -14.27 -5.34 15.58
N GLU D 19 -13.18 -4.67 15.94
CA GLU D 19 -13.11 -3.22 15.93
C GLU D 19 -11.94 -2.80 15.05
N THR D 20 -12.12 -1.68 14.35
CA THR D 20 -11.11 -1.18 13.42
C THR D 20 -11.26 0.33 13.29
N THR D 21 -10.52 0.90 12.35
CA THR D 21 -10.55 2.33 12.09
C THR D 21 -11.75 2.67 11.23
N LEU D 22 -12.51 3.67 11.65
CA LEU D 22 -13.69 4.13 10.94
C LEU D 22 -13.42 5.47 10.26
N PHE D 23 -14.11 5.68 9.14
CA PHE D 23 -14.00 6.91 8.37
C PHE D 23 -14.94 7.95 8.96
N CYS D 24 -14.52 9.20 8.97
CA CYS D 24 -15.37 10.31 9.39
C CYS D 24 -15.89 11.01 8.14
N ALA D 25 -17.19 10.87 7.89
CA ALA D 25 -17.86 11.48 6.75
C ALA D 25 -18.74 12.63 7.23
N SER D 26 -18.98 13.58 6.33
CA SER D 26 -19.86 14.70 6.64
C SER D 26 -20.30 15.43 5.37
N GLN D 52 -27.33 1.84 2.03
CA GLN D 52 -28.23 2.45 3.00
C GLN D 52 -28.58 1.40 4.06
N GLU D 53 -29.70 1.56 4.77
CA GLU D 53 -30.08 0.64 5.83
C GLU D 53 -30.82 -0.56 5.25
N ILE D 54 -30.30 -1.76 5.53
CA ILE D 54 -30.86 -3.00 5.04
C ILE D 54 -31.29 -3.85 6.24
N HIS D 55 -32.57 -4.15 6.34
CA HIS D 55 -33.08 -4.88 7.49
C HIS D 55 -32.70 -6.36 7.43
N LEU D 56 -32.28 -6.92 8.57
CA LEU D 56 -31.91 -8.34 8.68
C LEU D 56 -33.03 -9.07 9.40
N GLU D 57 -33.83 -9.83 8.66
CA GLU D 57 -34.90 -10.61 9.26
C GLU D 57 -34.34 -11.87 9.91
N ASN D 58 -34.94 -12.26 11.04
CA ASN D 58 -34.55 -13.47 11.78
C ASN D 58 -33.09 -13.44 12.20
N VAL D 59 -32.59 -12.26 12.56
CA VAL D 59 -31.22 -12.10 13.06
C VAL D 59 -31.31 -11.49 14.44
N THR D 60 -30.74 -12.19 15.42
CA THR D 60 -30.63 -11.70 16.80
C THR D 60 -29.16 -11.52 17.10
N GLU D 61 -28.76 -10.30 17.48
CA GLU D 61 -27.36 -9.99 17.75
C GLU D 61 -27.18 -9.51 19.18
N GLU D 62 -26.02 -9.83 19.76
CA GLU D 62 -25.70 -9.42 21.11
C GLU D 62 -24.91 -8.12 21.07
N PHE D 63 -25.43 -7.09 21.73
CA PHE D 63 -24.82 -5.78 21.79
C PHE D 63 -24.30 -5.52 23.21
N ASN D 64 -23.27 -4.68 23.31
CA ASN D 64 -22.75 -4.27 24.60
C ASN D 64 -22.18 -2.86 24.42
N MET D 65 -22.91 -1.85 24.88
CA MET D 65 -22.47 -0.47 24.68
C MET D 65 -21.25 -0.11 25.52
N TRP D 66 -20.93 -0.90 26.53
CA TRP D 66 -19.78 -0.62 27.41
C TRP D 66 -18.52 -1.34 26.95
N LYS D 67 -18.61 -2.14 25.88
CA LYS D 67 -17.45 -2.77 25.26
C LYS D 67 -17.35 -2.35 23.80
N ASN D 68 -18.09 -1.33 23.38
CA ASN D 68 -18.13 -0.86 22.00
C ASN D 68 -16.99 0.12 21.79
N ASN D 69 -16.02 -0.26 20.97
CA ASN D 69 -14.84 0.56 20.75
C ASN D 69 -15.12 1.75 19.83
N MET D 70 -16.34 1.90 19.32
CA MET D 70 -16.65 3.09 18.55
C MET D 70 -16.62 4.32 19.44
N VAL D 71 -16.90 4.14 20.72
CA VAL D 71 -16.90 5.25 21.67
C VAL D 71 -15.47 5.71 21.94
N GLU D 72 -14.56 4.76 22.15
CA GLU D 72 -13.17 5.12 22.38
C GLU D 72 -12.55 5.75 21.14
N GLN D 73 -12.90 5.25 19.96
CA GLN D 73 -12.38 5.84 18.74
C GLN D 73 -12.94 7.23 18.52
N MET D 74 -14.24 7.44 18.79
CA MET D 74 -14.80 8.77 18.66
C MET D 74 -14.16 9.74 19.65
N HIS D 75 -13.90 9.28 20.88
CA HIS D 75 -13.25 10.11 21.87
C HIS D 75 -11.85 10.52 21.40
N GLU D 76 -11.05 9.55 20.94
CA GLU D 76 -9.70 9.87 20.50
C GLU D 76 -9.72 10.76 19.25
N ASP D 77 -10.69 10.55 18.37
CA ASP D 77 -10.79 11.38 17.17
C ASP D 77 -11.16 12.81 17.51
N ILE D 78 -12.07 13.00 18.46
CA ILE D 78 -12.43 14.36 18.87
C ILE D 78 -11.25 15.04 19.57
N ILE D 79 -10.52 14.30 20.40
CA ILE D 79 -9.33 14.89 21.02
C ILE D 79 -8.32 15.32 19.95
N SER D 80 -8.11 14.46 18.95
CA SER D 80 -7.17 14.80 17.89
C SER D 80 -7.61 16.03 17.11
N LEU D 81 -8.89 16.10 16.75
CA LEU D 81 -9.37 17.26 16.01
C LEU D 81 -9.28 18.52 16.86
N TRP D 82 -9.60 18.42 18.14
CA TRP D 82 -9.50 19.55 19.05
C TRP D 82 -8.06 20.06 19.12
N ASP D 83 -7.10 19.15 19.33
CA ASP D 83 -5.72 19.56 19.46
C ASP D 83 -5.18 20.12 18.16
N GLN D 84 -5.55 19.56 17.02
CA GLN D 84 -5.09 20.09 15.75
C GLN D 84 -5.70 21.47 15.47
N SER D 85 -6.95 21.69 15.86
CA SER D 85 -7.59 22.97 15.59
C SER D 85 -6.88 24.12 16.29
N LEU D 86 -6.30 23.87 17.46
CA LEU D 86 -5.64 24.91 18.23
C LEU D 86 -4.17 25.11 17.87
N LYS D 87 -3.60 24.30 16.98
CA LYS D 87 -2.19 24.51 16.64
C LYS D 87 -1.99 25.77 15.80
N PRO D 88 -2.67 25.96 14.66
CA PRO D 88 -2.41 27.17 13.85
C PRO D 88 -3.21 28.38 14.34
N CYS D 89 -2.99 28.75 15.60
CA CYS D 89 -3.73 29.83 16.23
C CYS D 89 -2.77 30.62 17.11
N VAL D 90 -3.27 31.74 17.64
CA VAL D 90 -2.46 32.68 18.40
C VAL D 90 -2.22 32.13 19.80
N LYS D 91 -0.95 32.09 20.21
CA LYS D 91 -0.60 31.75 21.58
C LYS D 91 -0.61 33.03 22.41
N LEU D 92 -0.89 32.86 23.71
CA LEU D 92 -0.96 33.97 24.65
C LEU D 92 0.25 34.05 25.57
N THR D 93 1.38 33.49 25.17
CA THR D 93 2.59 33.65 25.96
C THR D 93 3.04 35.11 26.12
N PRO D 94 2.69 36.05 25.22
CA PRO D 94 2.90 37.46 25.58
C PRO D 94 2.03 37.95 26.72
N LEU D 95 1.01 37.19 27.12
CA LEU D 95 0.21 37.50 28.29
C LEU D 95 0.79 36.72 29.46
N CYS D 96 -0.02 36.36 30.45
CA CYS D 96 0.48 35.74 31.69
C CYS D 96 1.51 36.65 32.35
N VAL D 97 1.05 37.85 32.68
CA VAL D 97 1.82 38.86 33.38
C VAL D 97 0.99 39.24 34.60
N GLY D 98 1.64 39.91 35.56
CA GLY D 98 0.88 40.45 36.66
C GLY D 98 0.03 41.59 36.14
N LEU D 99 -1.20 41.67 36.65
CA LEU D 99 -2.13 42.70 36.23
C LEU D 99 -2.85 43.25 37.45
N GLN D 100 -3.20 44.53 37.38
CA GLN D 100 -3.88 45.23 38.46
C GLN D 100 -5.37 45.21 38.19
N CYS D 101 -6.14 44.60 39.08
CA CYS D 101 -7.57 44.46 38.93
C CYS D 101 -8.31 45.28 39.98
N THR D 102 -9.45 45.83 39.57
CA THR D 102 -10.33 46.57 40.45
C THR D 102 -11.76 46.14 40.18
N ASN D 103 -12.67 46.63 41.02
CA ASN D 103 -14.09 46.36 40.85
C ASN D 103 -14.62 47.11 39.65
N VAL D 104 -15.49 46.45 38.88
CA VAL D 104 -16.09 47.08 37.71
C VAL D 104 -17.04 48.17 38.17
N THR D 105 -16.98 49.32 37.50
CA THR D 105 -17.85 50.46 37.82
C THR D 105 -19.00 50.45 36.83
N ASN D 106 -20.18 50.11 37.32
CA ASN D 106 -21.41 50.02 36.51
C ASN D 106 -22.56 49.75 37.48
N ASN D 107 -23.76 49.62 36.92
CA ASN D 107 -24.93 49.21 37.68
C ASN D 107 -24.90 47.69 37.78
N ILE D 108 -24.20 47.20 38.81
CA ILE D 108 -23.94 45.78 39.00
C ILE D 108 -24.88 45.27 40.09
N THR D 109 -25.58 44.18 39.80
CA THR D 109 -26.48 43.56 40.76
C THR D 109 -25.69 42.76 41.80
N ASP D 110 -26.40 42.31 42.84
CA ASP D 110 -25.76 41.59 43.93
C ASP D 110 -25.14 40.29 43.45
N ASP D 111 -25.80 39.61 42.50
CA ASP D 111 -25.34 38.31 42.04
C ASP D 111 -24.02 38.39 41.28
N MET D 112 -23.67 39.56 40.74
CA MET D 112 -22.46 39.74 39.95
C MET D 112 -21.33 40.42 40.72
N ARG D 113 -21.49 40.62 42.03
CA ARG D 113 -20.43 41.26 42.80
C ARG D 113 -19.25 40.32 42.95
N GLY D 114 -18.08 40.77 42.54
CA GLY D 114 -16.88 39.98 42.64
C GLY D 114 -16.67 38.98 41.52
N GLU D 115 -17.61 38.85 40.59
CA GLU D 115 -17.50 37.87 39.51
C GLU D 115 -16.79 38.42 38.28
N LEU D 116 -16.87 39.72 38.05
CA LEU D 116 -16.25 40.37 36.90
C LEU D 116 -15.34 41.46 37.45
N LYS D 117 -14.11 41.52 36.96
CA LYS D 117 -13.13 42.50 37.40
C LYS D 117 -12.55 43.25 36.21
N ASN D 118 -12.25 44.53 36.44
CA ASN D 118 -11.65 45.40 35.45
C ASN D 118 -10.15 45.41 35.71
N CYS D 119 -9.37 44.77 34.83
CA CYS D 119 -7.95 44.55 35.05
C CYS D 119 -7.15 45.22 33.95
N SER D 120 -5.96 45.71 34.31
CA SER D 120 -5.05 46.36 33.38
C SER D 120 -3.66 45.74 33.47
N PHE D 121 -2.98 45.72 32.32
CA PHE D 121 -1.67 45.10 32.20
C PHE D 121 -0.88 45.72 31.07
N ASN D 122 0.43 45.48 31.09
CA ASN D 122 1.34 45.90 30.04
C ASN D 122 1.49 44.78 29.01
N ALA D 123 0.97 44.99 27.81
CA ALA D 123 1.02 44.03 26.73
C ALA D 123 2.06 44.45 25.70
N THR D 124 2.56 43.47 24.96
CA THR D 124 3.47 43.74 23.86
C THR D 124 2.67 44.21 22.65
N THR D 125 3.39 44.70 21.65
CA THR D 125 2.81 45.18 20.40
C THR D 125 3.48 44.43 19.24
N GLU D 126 3.15 44.85 18.02
CA GLU D 126 3.78 44.23 16.85
C GLU D 126 5.28 44.50 16.80
N LEU D 127 5.77 45.50 17.55
CA LEU D 127 7.19 45.81 17.64
C LEU D 127 7.74 45.25 18.94
N ARG D 128 8.92 44.64 18.86
CA ARG D 128 9.50 43.97 20.02
C ARG D 128 9.74 44.95 21.16
N ASN D 129 10.20 46.16 20.87
CA ASN D 129 10.64 47.10 21.88
C ASN D 129 9.59 48.13 22.27
N LYS D 130 8.32 47.90 21.91
CA LYS D 130 7.21 48.75 22.31
C LYS D 130 6.31 48.00 23.29
N ARG D 131 5.64 48.77 24.15
CA ARG D 131 4.68 48.24 25.10
C ARG D 131 3.44 49.12 25.08
N GLN D 132 2.31 48.54 25.43
CA GLN D 132 1.04 49.27 25.52
C GLN D 132 0.33 48.89 26.81
N LYS D 133 -0.40 49.86 27.36
CA LYS D 133 -1.22 49.62 28.54
C LYS D 133 -2.63 49.28 28.08
N VAL D 134 -3.10 48.09 28.45
CA VAL D 134 -4.37 47.56 27.99
C VAL D 134 -5.20 47.19 29.21
N TYR D 135 -6.49 47.48 29.13
CA TYR D 135 -7.43 47.10 30.17
C TYR D 135 -8.54 46.26 29.56
N SER D 136 -9.08 45.34 30.35
CA SER D 136 -10.13 44.46 29.89
C SER D 136 -10.90 43.93 31.09
N LEU D 137 -12.06 43.35 30.82
CA LEU D 137 -12.91 42.77 31.85
C LEU D 137 -12.75 41.26 31.84
N PHE D 138 -12.28 40.71 32.97
CA PHE D 138 -12.10 39.28 33.13
C PHE D 138 -13.06 38.72 34.16
N TYR D 139 -13.42 37.46 34.00
CA TYR D 139 -14.20 36.75 34.99
C TYR D 139 -13.30 36.32 36.13
N ARG D 140 -13.84 36.31 37.36
CA ARG D 140 -13.05 35.93 38.52
C ARG D 140 -12.48 34.52 38.38
N LEU D 141 -13.19 33.63 37.69
CA LEU D 141 -12.72 32.24 37.55
C LEU D 141 -11.51 32.11 36.64
N ASP D 142 -11.15 33.14 35.90
CA ASP D 142 -9.99 33.11 35.03
C ASP D 142 -8.74 33.69 35.70
N ILE D 143 -8.87 34.16 36.93
CA ILE D 143 -7.84 34.91 37.63
C ILE D 143 -7.55 34.25 38.97
N VAL D 144 -6.27 34.19 39.34
CA VAL D 144 -5.82 33.71 40.64
C VAL D 144 -5.08 34.86 41.33
N PRO D 145 -5.36 35.16 42.60
CA PRO D 145 -4.60 36.20 43.30
C PRO D 145 -3.10 35.93 43.35
N MET D 146 -2.32 37.00 43.26
CA MET D 146 -0.87 36.95 43.35
C MET D 146 -0.40 38.16 44.15
N VAL D 147 0.49 37.91 45.11
CA VAL D 147 1.05 38.96 45.95
C VAL D 147 2.34 39.44 45.27
N ASP D 148 2.27 40.60 44.65
CA ASP D 148 3.45 41.23 44.07
C ASP D 148 3.26 42.74 44.17
N LEU D 149 4.20 43.51 43.62
CA LEU D 149 4.16 44.96 43.69
C LEU D 149 3.51 45.46 42.41
N TRP D 150 2.80 46.58 42.52
CA TRP D 150 2.05 47.20 41.41
C TRP D 150 1.12 46.25 40.65
N THR D 151 0.85 45.06 41.20
CA THR D 151 -0.05 44.05 40.65
C THR D 151 -0.60 43.28 41.84
N ASN D 152 -1.79 42.70 41.65
CA ASN D 152 -2.39 41.88 42.70
C ASN D 152 -3.04 40.62 42.19
N TYR D 153 -3.02 40.35 40.89
CA TYR D 153 -3.60 39.15 40.31
C TYR D 153 -2.77 38.67 39.13
N ARG D 154 -2.95 37.40 38.77
CA ARG D 154 -2.45 36.85 37.51
C ARG D 154 -3.53 35.97 36.90
N LEU D 155 -3.40 35.67 35.61
CA LEU D 155 -4.35 34.76 34.98
C LEU D 155 -4.05 33.33 35.42
N ILE D 156 -5.11 32.51 35.50
CA ILE D 156 -4.90 31.11 35.84
C ILE D 156 -4.20 30.40 34.69
N SER D 157 -3.63 29.23 35.02
CA SER D 157 -2.94 28.41 34.04
C SER D 157 -1.78 29.16 33.39
N CYS D 158 -1.05 29.92 34.21
CA CYS D 158 0.17 30.59 33.79
C CYS D 158 1.40 30.03 34.48
N ASN D 159 1.26 29.51 35.69
CA ASN D 159 2.38 28.82 36.33
C ASN D 159 2.55 27.44 35.72
N THR D 160 1.43 26.78 35.40
CA THR D 160 1.43 25.50 34.71
C THR D 160 0.76 25.67 33.36
N SER D 161 1.04 24.71 32.48
CA SER D 161 0.48 24.71 31.13
C SER D 161 0.82 25.97 30.35
N ALA D 162 0.07 26.20 29.26
CA ALA D 162 0.18 27.40 28.45
C ALA D 162 -1.20 27.60 27.83
N ILE D 163 -1.49 28.83 27.44
CA ILE D 163 -2.81 29.21 26.96
C ILE D 163 -2.68 29.58 25.48
N THR D 164 -3.48 28.91 24.66
CA THR D 164 -3.56 29.18 23.23
C THR D 164 -4.95 29.74 22.93
N GLN D 165 -5.00 30.86 22.22
CA GLN D 165 -6.27 31.45 21.85
C GLN D 165 -6.88 30.69 20.69
N ALA D 166 -8.17 30.38 20.80
CA ALA D 166 -8.86 29.73 19.69
C ALA D 166 -8.95 30.70 18.52
N CYS D 167 -8.78 30.18 17.31
CA CYS D 167 -8.83 31.03 16.12
C CYS D 167 -10.23 31.64 15.98
N PRO D 168 -10.34 32.96 15.74
CA PRO D 168 -11.68 33.54 15.55
C PRO D 168 -12.38 33.09 14.27
N LYS D 169 -11.65 32.51 13.32
CA LYS D 169 -12.23 32.11 12.04
C LYS D 169 -12.84 30.72 12.07
N VAL D 170 -12.78 30.02 13.21
CA VAL D 170 -13.36 28.70 13.37
C VAL D 170 -14.41 28.80 14.47
N SER D 171 -15.21 27.75 14.60
CA SER D 171 -16.28 27.72 15.57
C SER D 171 -16.34 26.35 16.23
N PHE D 172 -17.11 26.27 17.31
CA PHE D 172 -17.30 25.06 18.09
C PHE D 172 -18.70 24.48 17.90
N GLU D 173 -19.38 24.87 16.82
CA GLU D 173 -20.72 24.37 16.56
C GLU D 173 -20.68 22.84 16.42
N PRO D 174 -21.57 22.10 17.11
CA PRO D 174 -21.51 20.63 17.01
C PRO D 174 -22.07 20.13 15.69
N ILE D 175 -21.32 20.34 14.61
CA ILE D 175 -21.76 19.88 13.29
C ILE D 175 -21.81 18.36 13.29
N PRO D 176 -22.93 17.73 12.89
CA PRO D 176 -23.01 16.27 12.98
C PRO D 176 -22.02 15.59 12.04
N ILE D 177 -21.48 14.46 12.49
CA ILE D 177 -20.54 13.66 11.72
C ILE D 177 -21.09 12.24 11.63
N HIS D 178 -20.58 11.49 10.67
CA HIS D 178 -20.97 10.11 10.42
C HIS D 178 -19.73 9.23 10.52
N TYR D 179 -19.84 8.11 11.23
CA TYR D 179 -18.80 7.10 11.26
C TYR D 179 -19.16 6.00 10.29
N CYS D 180 -18.24 5.70 9.37
CA CYS D 180 -18.46 4.74 8.30
C CYS D 180 -17.44 3.62 8.43
N ALA D 181 -17.89 2.38 8.30
CA ALA D 181 -16.97 1.26 8.38
C ALA D 181 -16.15 1.14 7.09
N PRO D 182 -14.92 0.63 7.18
CA PRO D 182 -14.17 0.34 5.95
C PRO D 182 -14.75 -0.87 5.24
N ALA D 183 -14.37 -1.00 3.97
CA ALA D 183 -14.80 -2.14 3.17
C ALA D 183 -14.33 -3.43 3.82
N GLY D 184 -15.22 -4.43 3.86
CA GLY D 184 -14.98 -5.67 4.56
C GLY D 184 -15.60 -5.71 5.94
N PHE D 185 -16.08 -4.57 6.44
CA PHE D 185 -16.71 -4.44 7.74
C PHE D 185 -18.10 -3.87 7.54
N ALA D 186 -18.94 -4.02 8.55
CA ALA D 186 -20.31 -3.50 8.50
C ALA D 186 -20.67 -3.02 9.88
N ILE D 187 -21.68 -2.13 9.96
CA ILE D 187 -22.18 -1.62 11.23
C ILE D 187 -23.59 -2.15 11.40
N LEU D 188 -23.83 -2.80 12.54
CA LEU D 188 -25.14 -3.31 12.87
C LEU D 188 -25.82 -2.34 13.81
N LYS D 189 -27.08 -2.02 13.51
CA LYS D 189 -27.89 -1.07 14.25
C LYS D 189 -29.07 -1.79 14.89
N CYS D 190 -29.23 -1.59 16.20
CA CYS D 190 -30.35 -2.14 16.94
C CYS D 190 -31.48 -1.13 16.99
N LYS D 191 -32.66 -1.53 16.51
CA LYS D 191 -33.82 -0.65 16.44
C LYS D 191 -34.88 -0.97 17.49
N ASP D 192 -34.60 -1.86 18.44
CA ASP D 192 -35.57 -2.14 19.49
C ASP D 192 -35.88 -0.88 20.27
N LYS D 193 -37.17 -0.57 20.40
CA LYS D 193 -37.60 0.68 21.02
C LYS D 193 -37.15 0.79 22.47
N LYS D 194 -37.12 -0.33 23.20
CA LYS D 194 -36.78 -0.36 24.61
C LYS D 194 -35.39 -0.96 24.87
N PHE D 195 -34.51 -0.93 23.88
CA PHE D 195 -33.17 -1.46 24.05
C PHE D 195 -32.41 -0.69 25.12
N ASN D 196 -31.84 -1.43 26.08
CA ASN D 196 -31.18 -0.84 27.24
C ASN D 196 -29.65 -0.84 27.10
N GLY D 197 -29.14 -0.97 25.88
CA GLY D 197 -27.72 -0.87 25.64
C GLY D 197 -26.92 -2.14 25.80
N THR D 198 -27.55 -3.26 26.15
CA THR D 198 -26.82 -4.51 26.33
C THR D 198 -27.77 -5.68 26.11
N GLY D 199 -27.21 -6.79 25.64
CA GLY D 199 -27.98 -8.00 25.49
C GLY D 199 -28.44 -8.23 24.07
N PRO D 200 -29.28 -9.25 23.87
CA PRO D 200 -29.76 -9.54 22.51
C PRO D 200 -30.70 -8.48 21.98
N CYS D 201 -30.61 -8.27 20.66
CA CYS D 201 -31.44 -7.35 19.91
C CYS D 201 -31.99 -8.11 18.72
N GLN D 202 -33.32 -8.09 18.59
CA GLN D 202 -34.03 -8.83 17.55
C GLN D 202 -34.30 -8.01 16.30
N ASN D 203 -34.48 -6.69 16.42
CA ASN D 203 -34.74 -5.81 15.28
C ASN D 203 -33.39 -5.19 14.88
N VAL D 204 -32.71 -5.81 13.92
CA VAL D 204 -31.34 -5.46 13.55
C VAL D 204 -31.28 -5.10 12.08
N SER D 205 -30.55 -4.02 11.77
CA SER D 205 -30.32 -3.58 10.40
C SER D 205 -28.84 -3.38 10.18
N THR D 206 -28.42 -3.44 8.91
CA THR D 206 -27.04 -3.25 8.50
C THR D 206 -26.92 -1.90 7.81
N VAL D 207 -25.93 -1.12 8.24
CA VAL D 207 -25.59 0.15 7.62
C VAL D 207 -24.09 0.18 7.36
N GLN D 208 -23.70 1.06 6.45
CA GLN D 208 -22.30 1.37 6.21
C GLN D 208 -21.85 2.57 7.02
N CYS D 209 -22.74 3.55 7.21
CA CYS D 209 -22.46 4.76 7.98
C CYS D 209 -23.55 4.96 9.02
N THR D 210 -23.17 5.54 10.15
CA THR D 210 -24.12 5.87 11.20
C THR D 210 -24.88 7.13 10.82
N HIS D 211 -25.94 7.42 11.58
CA HIS D 211 -26.62 8.69 11.39
C HIS D 211 -25.71 9.82 11.85
N GLY D 212 -26.11 11.06 11.55
CA GLY D 212 -25.31 12.19 11.94
C GLY D 212 -25.34 12.35 13.45
N ILE D 213 -24.16 12.35 14.07
CA ILE D 213 -24.03 12.44 15.51
C ILE D 213 -23.36 13.77 15.82
N LYS D 214 -24.04 14.59 16.61
CA LYS D 214 -23.51 15.89 16.97
C LYS D 214 -22.55 15.74 18.13
N PRO D 215 -21.26 16.13 18.01
CA PRO D 215 -20.35 15.98 19.17
C PRO D 215 -20.60 17.10 20.18
N VAL D 216 -21.75 17.05 20.83
CA VAL D 216 -22.14 18.06 21.80
C VAL D 216 -21.42 17.77 23.11
N VAL D 217 -20.79 18.79 23.68
CA VAL D 217 -20.00 18.66 24.90
C VAL D 217 -20.80 19.26 26.05
N SER D 218 -21.11 18.41 27.04
CA SER D 218 -21.84 18.79 28.24
C SER D 218 -21.37 17.85 29.33
N THR D 219 -21.64 18.22 30.59
CA THR D 219 -21.13 17.45 31.72
C THR D 219 -22.20 16.77 32.59
N GLN D 220 -23.45 17.28 32.63
CA GLN D 220 -24.48 16.64 33.46
C GLN D 220 -25.73 16.29 32.69
N LEU D 221 -26.21 17.16 31.81
CA LEU D 221 -27.35 16.89 30.97
C LEU D 221 -26.86 16.62 29.56
N LEU D 222 -27.57 15.77 28.84
CA LEU D 222 -27.27 15.44 27.45
C LEU D 222 -28.13 16.33 26.57
N LEU D 223 -27.49 17.16 25.75
CA LEU D 223 -28.19 18.12 24.91
C LEU D 223 -28.14 17.71 23.44
N ASN D 224 -29.23 18.02 22.74
CA ASN D 224 -29.33 17.85 21.29
C ASN D 224 -29.00 16.42 20.85
N GLY D 225 -29.42 15.44 21.64
CA GLY D 225 -29.21 14.05 21.35
C GLY D 225 -30.43 13.40 20.73
N SER D 226 -30.44 12.08 20.74
CA SER D 226 -31.56 11.30 20.23
C SER D 226 -32.57 11.07 21.33
N LEU D 227 -33.84 11.00 20.95
CA LEU D 227 -34.92 10.68 21.87
C LEU D 227 -35.31 9.22 21.75
N ALA D 228 -35.76 8.66 22.87
CA ALA D 228 -36.31 7.31 22.86
C ALA D 228 -37.66 7.30 22.16
N GLU D 229 -37.99 6.18 21.53
CA GLU D 229 -39.32 6.05 20.93
C GLU D 229 -40.40 5.97 21.99
N GLU D 230 -40.15 5.23 23.08
CA GLU D 230 -41.13 5.03 24.13
C GLU D 230 -40.47 5.11 25.50
N GLU D 231 -41.26 5.55 26.47
CA GLU D 231 -40.90 5.66 27.89
C GLU D 231 -39.56 6.40 28.05
N VAL D 232 -38.78 6.02 29.06
CA VAL D 232 -37.44 6.56 29.31
C VAL D 232 -36.54 5.35 29.50
N ILE D 233 -35.35 5.40 28.91
CA ILE D 233 -34.44 4.27 28.91
C ILE D 233 -33.32 4.55 29.90
N ILE D 234 -33.18 3.66 30.88
CA ILE D 234 -32.17 3.74 31.92
C ILE D 234 -31.09 2.73 31.56
N ARG D 235 -29.86 3.20 31.38
CA ARG D 235 -28.74 2.36 30.95
C ARG D 235 -27.63 2.44 31.98
N SER D 236 -27.12 1.28 32.40
CA SER D 236 -26.00 1.24 33.32
C SER D 236 -25.24 -0.05 33.14
N GLU D 237 -23.91 0.03 33.18
CA GLU D 237 -23.08 -1.16 33.09
C GLU D 237 -23.39 -2.14 34.21
N ASN D 238 -23.58 -1.62 35.42
CA ASN D 238 -23.92 -2.43 36.58
C ASN D 238 -24.86 -1.56 37.42
N ILE D 239 -26.17 -1.84 37.33
CA ILE D 239 -27.15 -0.99 37.98
C ILE D 239 -27.03 -1.03 39.51
N THR D 240 -26.31 -2.00 40.06
CA THR D 240 -26.14 -2.13 41.50
C THR D 240 -24.78 -1.65 41.98
N ASN D 241 -23.90 -1.22 41.08
CA ASN D 241 -22.57 -0.74 41.44
C ASN D 241 -22.61 0.77 41.37
N ASN D 242 -22.45 1.42 42.52
CA ASN D 242 -22.53 2.88 42.58
C ASN D 242 -21.40 3.59 41.86
N ALA D 243 -20.33 2.88 41.47
CA ALA D 243 -19.22 3.50 40.77
C ALA D 243 -19.46 3.68 39.29
N LYS D 244 -20.56 3.16 38.76
CA LYS D 244 -20.90 3.26 37.34
C LYS D 244 -21.95 4.35 37.17
N ASN D 245 -21.92 5.01 36.02
CA ASN D 245 -22.87 6.06 35.73
C ASN D 245 -24.14 5.48 35.13
N ILE D 246 -25.25 6.18 35.36
CA ILE D 246 -26.55 5.83 34.82
C ILE D 246 -26.90 6.86 33.76
N LEU D 247 -27.14 6.39 32.54
CA LEU D 247 -27.52 7.24 31.43
C LEU D 247 -29.03 7.16 31.27
N VAL D 248 -29.69 8.31 31.33
CA VAL D 248 -31.14 8.41 31.25
C VAL D 248 -31.44 9.08 29.91
N GLN D 249 -32.13 8.37 29.03
CA GLN D 249 -32.52 8.91 27.73
C GLN D 249 -34.03 9.06 27.71
N LEU D 250 -34.50 10.29 27.48
CA LEU D 250 -35.93 10.59 27.48
C LEU D 250 -36.51 10.38 26.08
N ASN D 251 -37.82 10.10 26.05
CA ASN D 251 -38.52 10.08 24.77
C ASN D 251 -39.01 11.45 24.34
N THR D 252 -39.07 12.41 25.25
CA THR D 252 -39.45 13.78 24.96
C THR D 252 -38.33 14.70 25.40
N SER D 253 -38.14 15.79 24.66
CA SER D 253 -37.11 16.74 25.00
C SER D 253 -37.65 17.72 26.03
N VAL D 254 -36.73 18.32 26.79
CA VAL D 254 -37.06 19.40 27.71
C VAL D 254 -36.29 20.62 27.21
N GLN D 255 -37.00 21.67 26.85
CA GLN D 255 -36.34 22.81 26.25
C GLN D 255 -35.70 23.65 27.34
N ILE D 256 -34.39 23.85 27.24
CA ILE D 256 -33.63 24.71 28.14
C ILE D 256 -33.34 26.00 27.37
N ASN D 257 -33.76 27.14 27.92
CA ASN D 257 -33.46 28.43 27.32
C ASN D 257 -32.44 29.13 28.19
N CYS D 258 -31.29 29.50 27.63
CA CYS D 258 -30.23 30.12 28.42
C CYS D 258 -29.90 31.47 27.82
N THR D 259 -29.25 32.34 28.59
CA THR D 259 -28.83 33.61 28.03
C THR D 259 -27.90 34.37 28.96
N ARG D 260 -27.02 35.16 28.33
CA ARG D 260 -26.13 36.16 28.94
C ARG D 260 -26.62 37.57 28.61
N PRO D 261 -27.58 38.12 29.35
CA PRO D 261 -28.20 39.40 28.94
C PRO D 261 -27.32 40.63 29.11
N ASN D 262 -26.15 40.67 28.47
CA ASN D 262 -25.24 41.81 28.58
C ASN D 262 -24.63 42.08 27.22
N ASN D 263 -24.79 43.30 26.71
CA ASN D 263 -24.30 43.67 25.39
C ASN D 263 -22.81 44.01 25.51
N ASN D 264 -22.01 42.95 25.60
CA ASN D 264 -20.57 43.13 25.69
C ASN D 264 -20.02 43.64 24.36
N THR D 265 -19.11 44.61 24.46
CA THR D 265 -18.39 45.16 23.32
C THR D 265 -16.98 44.58 23.38
N VAL D 266 -16.59 43.88 22.32
CA VAL D 266 -15.33 43.14 22.24
C VAL D 266 -14.32 43.99 21.48
N LYS D 267 -13.12 44.11 22.03
CA LYS D 267 -12.01 44.84 21.44
C LYS D 267 -10.86 43.87 21.22
N SER D 268 -9.92 44.25 20.35
CA SER D 268 -8.77 43.41 20.05
C SER D 268 -7.51 44.26 19.93
N ILE D 269 -6.38 43.62 20.21
CA ILE D 269 -5.06 44.22 20.10
C ILE D 269 -4.12 43.25 19.39
N ARG D 270 -3.08 43.79 18.78
CA ARG D 270 -1.99 42.99 18.26
C ARG D 270 -0.92 42.85 19.34
N ILE D 271 -0.55 41.61 19.62
CA ILE D 271 0.47 41.29 20.62
C ILE D 271 1.76 40.79 19.99
N GLY D 272 1.80 40.63 18.68
CA GLY D 272 3.00 40.22 17.99
C GLY D 272 2.85 40.41 16.50
N PRO D 273 3.88 40.04 15.73
CA PRO D 273 3.82 40.27 14.27
C PRO D 273 2.81 39.37 13.60
N GLY D 274 1.54 39.78 13.63
CA GLY D 274 0.45 39.01 13.08
C GLY D 274 -0.35 38.21 14.08
N GLN D 275 -0.10 38.39 15.38
CA GLN D 275 -0.80 37.69 16.45
C GLN D 275 -1.73 38.67 17.15
N ALA D 276 -3.03 38.47 17.00
CA ALA D 276 -4.05 39.34 17.58
C ALA D 276 -4.73 38.65 18.76
N PHE D 277 -4.91 39.40 19.84
CA PHE D 277 -5.57 38.92 21.04
C PHE D 277 -6.92 39.60 21.19
N TYR D 278 -7.94 38.82 21.52
CA TYR D 278 -9.31 39.31 21.69
C TYR D 278 -9.68 39.27 23.16
N TYR D 279 -10.37 40.31 23.62
CA TYR D 279 -10.73 40.44 25.02
C TYR D 279 -12.03 41.22 25.12
N THR D 280 -12.65 41.14 26.29
CA THR D 280 -13.87 41.90 26.55
C THR D 280 -13.48 43.35 26.76
N GLY D 281 -14.04 44.24 25.96
CA GLY D 281 -13.72 45.65 26.05
C GLY D 281 -14.55 46.34 27.10
N ASP D 282 -15.87 46.27 26.94
CA ASP D 282 -16.77 46.93 27.90
C ASP D 282 -18.12 46.23 27.83
N ILE D 283 -19.05 46.70 28.67
CA ILE D 283 -20.42 46.22 28.68
C ILE D 283 -21.33 47.43 28.51
N ILE D 284 -22.22 47.37 27.52
CA ILE D 284 -23.20 48.43 27.29
C ILE D 284 -24.45 48.08 28.09
N GLY D 285 -24.87 48.99 28.95
CA GLY D 285 -26.02 48.75 29.80
C GLY D 285 -25.65 48.13 31.13
N ASP D 286 -26.69 47.76 31.88
CA ASP D 286 -26.51 47.23 33.22
C ASP D 286 -25.88 45.85 33.14
N ILE D 287 -25.23 45.45 34.23
CA ILE D 287 -24.57 44.15 34.33
C ILE D 287 -25.44 43.27 35.20
N ARG D 288 -25.82 42.11 34.66
CA ARG D 288 -26.71 41.16 35.30
C ARG D 288 -26.12 39.78 35.09
N GLN D 289 -26.69 38.78 35.76
CA GLN D 289 -26.11 37.46 35.64
C GLN D 289 -26.53 36.82 34.33
N ALA D 290 -25.83 35.75 33.96
CA ALA D 290 -26.20 34.92 32.82
C ALA D 290 -27.00 33.77 33.39
N HIS D 291 -28.30 33.76 33.10
CA HIS D 291 -29.24 32.84 33.71
C HIS D 291 -29.73 31.83 32.67
N CYS D 292 -30.20 30.68 33.16
CA CYS D 292 -30.81 29.70 32.26
C CYS D 292 -32.09 29.13 32.86
N ASN D 293 -33.16 29.16 32.05
CA ASN D 293 -34.51 28.83 32.45
C ASN D 293 -34.92 27.42 32.01
N VAL D 294 -35.47 26.66 32.96
CA VAL D 294 -36.02 25.32 32.79
C VAL D 294 -37.50 25.40 33.17
N SER D 295 -38.38 25.01 32.25
CA SER D 295 -39.81 25.12 32.53
C SER D 295 -40.24 24.14 33.61
N LYS D 296 -41.00 24.63 34.59
CA LYS D 296 -41.48 23.75 35.67
C LYS D 296 -42.44 22.70 35.16
N ALA D 297 -43.29 23.05 34.20
CA ALA D 297 -44.36 22.17 33.78
C ALA D 297 -43.89 21.02 32.90
N THR D 298 -42.61 21.00 32.51
CA THR D 298 -42.02 19.90 31.76
C THR D 298 -41.02 19.13 32.59
N TRP D 299 -40.15 19.85 33.31
CA TRP D 299 -39.18 19.20 34.18
C TRP D 299 -39.89 18.43 35.28
N ASN D 300 -40.91 19.03 35.87
CA ASN D 300 -41.84 18.23 36.65
C ASN D 300 -42.58 17.34 35.66
N GLU D 301 -42.84 16.13 36.10
CA GLU D 301 -43.32 14.99 35.31
C GLU D 301 -42.21 14.38 34.44
N THR D 302 -41.22 15.16 33.95
CA THR D 302 -40.05 14.49 33.39
C THR D 302 -39.30 13.73 34.47
N LEU D 303 -39.11 14.36 35.63
CA LEU D 303 -38.51 13.64 36.73
C LEU D 303 -39.41 12.52 37.21
N GLY D 304 -40.73 12.68 37.10
CA GLY D 304 -41.63 11.60 37.46
C GLY D 304 -41.43 10.39 36.57
N LYS D 305 -41.26 10.61 35.26
CA LYS D 305 -41.00 9.51 34.35
C LYS D 305 -39.65 8.86 34.63
N VAL D 306 -38.64 9.66 34.94
CA VAL D 306 -37.33 9.10 35.26
C VAL D 306 -37.43 8.24 36.52
N VAL D 307 -38.16 8.70 37.54
CA VAL D 307 -38.35 7.92 38.75
C VAL D 307 -39.13 6.64 38.47
N LYS D 308 -40.20 6.74 37.66
CA LYS D 308 -40.97 5.55 37.32
C LYS D 308 -40.12 4.49 36.66
N GLN D 309 -39.16 4.89 35.81
CA GLN D 309 -38.27 3.90 35.20
C GLN D 309 -37.15 3.47 36.13
N LEU D 310 -36.68 4.34 37.03
CA LEU D 310 -35.72 3.89 38.04
C LEU D 310 -36.34 2.85 38.95
N ARG D 311 -37.64 2.98 39.23
CA ARG D 311 -38.34 1.99 40.04
C ARG D 311 -38.51 0.65 39.35
N LYS D 312 -38.10 0.51 38.08
CA LYS D 312 -38.12 -0.77 37.40
C LYS D 312 -36.86 -1.58 37.68
N HIS D 313 -35.85 -0.98 38.31
CA HIS D 313 -34.61 -1.63 38.68
C HIS D 313 -34.39 -1.65 40.18
N PHE D 314 -34.98 -0.71 40.90
CA PHE D 314 -34.91 -0.61 42.35
C PHE D 314 -36.28 -0.96 42.91
N GLY D 315 -36.31 -1.33 44.19
CA GLY D 315 -37.52 -1.85 44.77
C GLY D 315 -38.64 -0.83 44.80
N ASN D 316 -39.88 -1.34 44.75
CA ASN D 316 -41.06 -0.47 44.75
C ASN D 316 -41.26 0.23 46.08
N ASN D 317 -40.65 -0.27 47.16
CA ASN D 317 -40.79 0.32 48.49
C ASN D 317 -39.76 1.40 48.77
N THR D 318 -38.90 1.74 47.80
CA THR D 318 -37.85 2.73 47.99
C THR D 318 -38.35 4.06 47.46
N ILE D 319 -38.19 5.10 48.28
CA ILE D 319 -38.60 6.45 47.91
C ILE D 319 -37.37 7.14 47.32
N ILE D 320 -37.36 7.32 46.01
CA ILE D 320 -36.21 7.86 45.31
C ILE D 320 -36.21 9.37 45.47
N ARG D 321 -35.08 9.91 45.92
CA ARG D 321 -34.89 11.34 46.07
C ARG D 321 -33.70 11.77 45.21
N PHE D 322 -33.66 13.04 44.85
CA PHE D 322 -32.57 13.62 44.09
C PHE D 322 -31.90 14.70 44.91
N ALA D 323 -30.60 14.87 44.68
CA ALA D 323 -29.83 15.88 45.40
C ALA D 323 -28.78 16.48 44.49
N GLN D 324 -28.35 17.69 44.84
CA GLN D 324 -27.29 18.35 44.09
C GLN D 324 -25.99 17.57 44.24
N SER D 325 -25.11 17.72 43.25
CA SER D 325 -23.88 16.94 43.26
C SER D 325 -22.97 17.39 44.39
N SER D 326 -22.02 16.51 44.73
CA SER D 326 -21.05 16.84 45.76
C SER D 326 -20.04 17.84 45.21
N GLY D 327 -19.23 18.38 46.11
CA GLY D 327 -18.25 19.37 45.70
C GLY D 327 -17.08 18.77 44.96
N GLY D 328 -16.24 19.65 44.45
CA GLY D 328 -15.11 19.24 43.63
C GLY D 328 -14.84 20.28 42.56
N ASP D 329 -14.13 19.85 41.52
CA ASP D 329 -13.78 20.73 40.42
C ASP D 329 -15.03 21.25 39.72
N LEU D 330 -14.96 22.50 39.26
CA LEU D 330 -16.11 23.13 38.64
C LEU D 330 -16.58 22.37 37.40
N GLU D 331 -15.66 21.76 36.66
CA GLU D 331 -16.04 21.05 35.44
C GLU D 331 -16.94 19.85 35.69
N VAL D 332 -16.99 19.30 36.90
CA VAL D 332 -17.84 18.15 37.21
C VAL D 332 -19.00 18.51 38.12
N THR D 333 -18.88 19.55 38.94
CA THR D 333 -19.98 19.94 39.84
C THR D 333 -21.04 20.78 39.13
N THR D 334 -20.69 21.40 38.01
CA THR D 334 -21.59 22.22 37.21
C THR D 334 -21.85 21.58 35.86
N HIS D 335 -22.89 22.08 35.20
CA HIS D 335 -23.31 21.66 33.87
C HIS D 335 -22.76 22.67 32.87
N SER D 336 -21.72 22.26 32.13
CA SER D 336 -20.97 23.19 31.29
C SER D 336 -21.16 22.91 29.80
N PHE D 337 -22.39 23.09 29.33
CA PHE D 337 -22.65 23.02 27.89
C PHE D 337 -22.02 24.21 27.20
N ASN D 338 -21.41 24.00 26.03
CA ASN D 338 -21.02 25.15 25.24
C ASN D 338 -22.29 25.79 24.69
N CYS D 339 -22.37 27.11 24.69
CA CYS D 339 -23.61 27.79 24.25
C CYS D 339 -23.55 28.19 22.77
N GLY D 340 -22.72 29.18 22.47
CA GLY D 340 -22.56 29.72 21.14
C GLY D 340 -21.08 29.61 20.88
N GLY D 341 -20.36 30.55 21.47
CA GLY D 341 -18.92 30.48 21.56
C GLY D 341 -18.48 30.57 23.01
N GLU D 342 -19.23 31.28 23.85
CA GLU D 342 -18.93 31.25 25.27
C GLU D 342 -19.17 29.86 25.85
N PHE D 343 -18.49 29.59 26.96
CA PHE D 343 -18.50 28.27 27.60
C PHE D 343 -19.22 28.29 28.94
N PHE D 344 -20.52 28.51 28.90
CA PHE D 344 -21.36 28.58 30.11
C PHE D 344 -21.15 27.39 31.03
N TYR D 345 -21.18 27.64 32.36
CA TYR D 345 -21.06 26.62 33.40
C TYR D 345 -22.26 26.62 34.36
N CYS D 346 -23.47 26.37 33.83
CA CYS D 346 -24.68 26.44 34.64
C CYS D 346 -24.61 25.60 35.90
N ASN D 347 -25.33 26.05 36.92
CA ASN D 347 -25.44 25.38 38.21
C ASN D 347 -26.79 24.68 38.27
N THR D 348 -26.77 23.36 38.51
CA THR D 348 -27.98 22.54 38.48
C THR D 348 -28.49 22.21 39.87
N SER D 349 -28.35 23.13 40.82
CA SER D 349 -28.95 22.93 42.14
C SER D 349 -30.45 23.21 42.13
N GLY D 350 -30.95 23.95 41.13
CA GLY D 350 -32.38 24.13 40.98
C GLY D 350 -33.09 22.92 40.42
N LEU D 351 -32.35 21.99 39.82
CA LEU D 351 -32.86 20.73 39.32
C LEU D 351 -32.35 19.61 40.22
N PHE D 352 -33.01 18.46 40.11
CA PHE D 352 -32.61 17.28 40.87
C PHE D 352 -32.62 17.55 42.36
N ASN D 353 -33.68 18.21 42.82
CA ASN D 353 -33.88 18.54 44.24
C ASN D 353 -35.33 18.22 44.58
N SER D 354 -35.59 16.99 45.02
CA SER D 354 -36.95 16.57 45.29
C SER D 354 -36.90 15.30 46.14
N THR D 355 -38.08 14.90 46.62
CA THR D 355 -38.24 13.73 47.49
C THR D 355 -39.11 12.64 46.88
N TRP D 356 -39.22 12.60 45.53
CA TRP D 356 -40.02 11.60 44.78
C TRP D 356 -40.18 10.22 45.41
N SER D 373 -41.56 28.41 36.44
CA SER D 373 -40.29 28.42 35.74
C SER D 373 -39.12 28.47 36.72
N ILE D 374 -38.18 27.54 36.55
CA ILE D 374 -36.96 27.47 37.35
C ILE D 374 -35.89 28.23 36.61
N THR D 375 -35.19 29.11 37.31
CA THR D 375 -34.08 29.86 36.75
C THR D 375 -32.84 29.49 37.55
N LEU D 376 -31.73 29.26 36.84
CA LEU D 376 -30.48 28.84 37.46
C LEU D 376 -29.34 29.80 37.11
N PRO D 377 -28.49 30.21 38.11
CA PRO D 377 -27.42 31.18 37.83
C PRO D 377 -26.29 30.57 37.02
N CYS D 378 -26.14 30.94 35.75
CA CYS D 378 -25.17 30.30 34.87
C CYS D 378 -23.90 31.15 34.83
N ARG D 379 -22.80 30.61 35.33
CA ARG D 379 -21.53 31.31 35.34
C ARG D 379 -20.83 31.07 34.01
N ILE D 380 -19.75 31.82 33.76
CA ILE D 380 -18.99 31.75 32.51
C ILE D 380 -17.52 31.52 32.89
N LYS D 381 -16.63 31.45 31.90
CA LYS D 381 -15.21 31.18 32.07
C LYS D 381 -14.59 31.32 30.69
N GLN D 382 -13.26 31.47 30.67
CA GLN D 382 -12.54 31.68 29.40
C GLN D 382 -11.30 30.80 29.25
N ILE D 383 -10.62 30.50 30.35
CA ILE D 383 -9.43 29.65 30.34
C ILE D 383 -9.91 28.27 30.78
N ILE D 384 -9.95 27.33 29.84
CA ILE D 384 -10.70 26.08 30.00
C ILE D 384 -9.77 24.89 29.82
N ASN D 385 -9.80 23.98 30.79
CA ASN D 385 -9.15 22.68 30.68
C ASN D 385 -10.21 21.69 30.19
N MET D 386 -10.38 21.66 28.87
CA MET D 386 -11.58 21.06 28.27
C MET D 386 -11.71 19.57 28.54
N TRP D 387 -10.61 18.83 28.47
CA TRP D 387 -10.65 17.37 28.51
C TRP D 387 -10.02 16.81 29.78
N GLN D 388 -10.06 17.56 30.87
CA GLN D 388 -9.47 17.14 32.14
C GLN D 388 -7.98 16.86 31.97
N ARG D 389 -7.30 17.78 31.28
CA ARG D 389 -5.89 17.67 31.00
C ARG D 389 -5.18 18.93 31.44
N ILE D 390 -3.91 18.78 31.81
CA ILE D 390 -3.04 19.89 32.17
C ILE D 390 -1.98 20.00 31.08
N GLY D 391 -1.82 21.21 30.53
CA GLY D 391 -0.85 21.47 29.48
C GLY D 391 -1.44 21.92 28.16
N GLN D 392 -2.76 21.95 28.01
CA GLN D 392 -3.41 22.34 26.76
C GLN D 392 -4.53 23.34 27.02
N ALA D 393 -4.29 24.31 27.90
CA ALA D 393 -5.33 25.29 28.22
C ALA D 393 -5.67 26.11 27.00
N MET D 394 -6.97 26.32 26.78
CA MET D 394 -7.50 27.07 25.65
C MET D 394 -8.17 28.33 26.17
N TYR D 395 -8.02 29.43 25.44
CA TYR D 395 -8.68 30.69 25.75
C TYR D 395 -9.84 30.88 24.80
N ALA D 396 -11.05 31.01 25.34
CA ALA D 396 -12.24 31.19 24.53
C ALA D 396 -12.49 32.69 24.40
N PRO D 397 -12.38 33.28 23.21
CA PRO D 397 -12.57 34.72 23.10
C PRO D 397 -14.01 35.11 23.33
N PRO D 398 -14.28 36.24 24.00
CA PRO D 398 -15.68 36.67 24.16
C PRO D 398 -16.36 36.88 22.82
N ILE D 399 -17.64 36.56 22.76
CA ILE D 399 -18.46 36.69 21.56
C ILE D 399 -19.29 37.96 21.70
N GLN D 400 -19.31 38.75 20.63
CA GLN D 400 -19.96 40.07 20.65
C GLN D 400 -21.45 39.93 20.94
N GLY D 401 -22.01 40.97 21.56
CA GLY D 401 -23.43 41.07 21.78
C GLY D 401 -23.95 40.11 22.84
N VAL D 402 -25.24 39.80 22.72
CA VAL D 402 -25.95 38.95 23.67
C VAL D 402 -26.03 37.54 23.11
N ILE D 403 -25.90 36.55 23.98
CA ILE D 403 -25.92 35.13 23.64
C ILE D 403 -27.17 34.55 24.29
N ARG D 404 -28.05 33.96 23.46
CA ARG D 404 -29.33 33.41 23.91
C ARG D 404 -29.47 32.06 23.22
N CYS D 405 -29.21 30.97 23.96
CA CYS D 405 -29.22 29.64 23.37
C CYS D 405 -30.52 28.94 23.70
N VAL D 406 -30.96 28.08 22.78
CA VAL D 406 -32.17 27.26 22.95
C VAL D 406 -31.77 25.81 22.69
N SER D 407 -31.54 25.04 23.75
CA SER D 407 -31.08 23.66 23.60
C SER D 407 -32.18 22.69 24.01
N ASN D 408 -32.10 21.48 23.47
CA ASN D 408 -33.00 20.38 23.78
C ASN D 408 -32.31 19.41 24.73
N ILE D 409 -32.87 19.21 25.91
CA ILE D 409 -32.38 18.20 26.84
C ILE D 409 -33.01 16.88 26.44
N THR D 410 -32.17 15.92 26.04
CA THR D 410 -32.60 14.60 25.62
C THR D 410 -32.20 13.52 26.60
N GLY D 411 -31.29 13.81 27.53
CA GLY D 411 -30.91 12.83 28.53
C GLY D 411 -30.10 13.47 29.63
N LEU D 412 -29.65 12.62 30.55
CA LEU D 412 -28.89 13.11 31.71
C LEU D 412 -28.10 11.95 32.32
N ILE D 413 -27.14 12.31 33.17
CA ILE D 413 -26.26 11.36 33.83
C ILE D 413 -26.53 11.42 35.33
N LEU D 414 -26.81 10.26 35.93
CA LEU D 414 -26.98 10.10 37.37
C LEU D 414 -25.88 9.22 37.94
N THR D 415 -25.46 9.52 39.17
CA THR D 415 -24.40 8.77 39.85
C THR D 415 -24.86 8.07 41.12
N ARG D 416 -26.16 8.04 41.41
CA ARG D 416 -26.72 7.46 42.62
C ARG D 416 -26.17 8.15 43.87
N ASP D 417 -26.50 7.63 45.05
CA ASP D 417 -26.03 8.19 46.32
C ASP D 417 -24.55 7.97 46.54
N GLY D 418 -23.96 6.95 45.90
CA GLY D 418 -22.57 6.62 46.15
C GLY D 418 -22.40 5.70 47.33
N GLY D 419 -22.92 6.09 48.49
CA GLY D 419 -22.82 5.26 49.66
C GLY D 419 -23.74 4.05 49.69
N SER D 420 -24.72 3.99 48.80
CA SER D 420 -25.65 2.86 48.70
C SER D 420 -26.30 2.56 50.05
N THR D 421 -26.90 3.58 50.65
CA THR D 421 -27.53 3.45 51.95
C THR D 421 -28.57 2.32 51.94
N ASN D 422 -28.49 1.43 52.92
CA ASN D 422 -29.40 0.29 53.01
C ASN D 422 -30.70 0.75 53.66
N SER D 423 -31.46 1.53 52.90
CA SER D 423 -32.71 2.10 53.38
C SER D 423 -33.66 2.20 52.20
N THR D 424 -34.70 3.02 52.34
CA THR D 424 -35.73 3.23 51.33
C THR D 424 -35.74 4.69 50.86
N THR D 425 -34.60 5.37 50.96
CA THR D 425 -34.44 6.77 50.63
C THR D 425 -33.27 6.95 49.67
N GLU D 426 -33.23 6.08 48.65
CA GLU D 426 -32.13 6.10 47.69
C GLU D 426 -32.00 7.47 47.04
N THR D 427 -30.78 8.00 47.07
CA THR D 427 -30.47 9.35 46.60
C THR D 427 -29.71 9.26 45.28
N PHE D 428 -30.14 10.07 44.31
CA PHE D 428 -29.47 10.21 43.02
C PHE D 428 -28.93 11.63 42.88
N ARG D 429 -27.60 11.74 42.76
CA ARG D 429 -26.98 13.01 42.45
C ARG D 429 -26.61 13.05 40.96
N PRO D 430 -26.71 14.18 40.27
CA PRO D 430 -26.10 14.27 38.94
C PRO D 430 -24.59 14.24 39.06
N GLY D 431 -23.95 13.85 37.96
CA GLY D 431 -22.50 13.93 37.91
C GLY D 431 -22.01 13.74 36.50
N GLY D 432 -20.70 13.90 36.34
CA GLY D 432 -20.05 13.82 35.05
C GLY D 432 -19.27 12.54 34.87
N GLY D 433 -18.22 12.62 34.08
CA GLY D 433 -17.42 11.46 33.75
C GLY D 433 -16.20 11.86 32.96
N ASP D 434 -15.75 10.97 32.08
CA ASP D 434 -14.59 11.21 31.22
C ASP D 434 -14.99 11.81 29.88
N MET D 435 -16.21 12.32 29.76
CA MET D 435 -16.78 12.94 28.57
C MET D 435 -17.06 11.94 27.45
N ARG D 436 -16.98 10.64 27.73
CA ARG D 436 -17.30 9.63 26.73
C ARG D 436 -18.76 9.19 26.80
N ASP D 437 -19.42 9.39 27.94
CA ASP D 437 -20.82 8.99 28.06
C ASP D 437 -21.73 9.82 27.18
N ASN D 438 -21.30 11.04 26.84
CA ASN D 438 -22.09 11.89 25.94
C ASN D 438 -22.18 11.28 24.56
N TRP D 439 -21.21 10.45 24.19
CA TRP D 439 -21.17 9.77 22.92
C TRP D 439 -21.62 8.33 23.02
N ARG D 440 -21.56 7.74 24.21
CA ARG D 440 -22.24 6.48 24.43
C ARG D 440 -23.74 6.65 24.28
N SER D 441 -24.27 7.82 24.64
CA SER D 441 -25.70 8.07 24.50
C SER D 441 -26.17 8.02 23.05
N GLU D 442 -25.26 8.16 22.08
CA GLU D 442 -25.60 8.08 20.66
C GLU D 442 -25.09 6.81 19.98
N LEU D 443 -23.95 6.28 20.41
CA LEU D 443 -23.36 5.10 19.80
C LEU D 443 -23.85 3.79 20.44
N TYR D 444 -24.73 3.87 21.44
CA TYR D 444 -25.20 2.66 22.12
C TYR D 444 -25.87 1.67 21.18
N LYS D 445 -26.43 2.13 20.07
CA LYS D 445 -27.18 1.26 19.16
C LYS D 445 -26.35 0.70 18.03
N TYR D 446 -25.06 1.01 17.95
CA TYR D 446 -24.21 0.56 16.85
C TYR D 446 -23.13 -0.40 17.33
N LYS D 447 -22.83 -1.37 16.46
CA LYS D 447 -21.76 -2.34 16.66
C LYS D 447 -21.02 -2.50 15.35
N VAL D 448 -19.69 -2.58 15.40
CA VAL D 448 -18.86 -2.83 14.23
C VAL D 448 -18.55 -4.31 14.17
N VAL D 449 -18.78 -4.93 13.02
CA VAL D 449 -18.48 -6.34 12.82
C VAL D 449 -17.64 -6.52 11.56
N LYS D 450 -16.79 -7.53 11.58
CA LYS D 450 -15.96 -7.92 10.44
C LYS D 450 -16.67 -9.02 9.68
N ILE D 451 -16.74 -8.87 8.36
CA ILE D 451 -17.38 -9.86 7.51
C ILE D 451 -16.41 -10.99 7.25
N GLU D 452 -16.90 -12.22 7.35
CA GLU D 452 -16.13 -13.44 7.12
C GLU D 452 -16.75 -14.13 5.91
N PRO D 453 -16.40 -13.70 4.70
CA PRO D 453 -17.13 -14.19 3.51
C PRO D 453 -16.82 -15.61 3.14
N LEU D 454 -15.81 -16.24 3.76
CA LEU D 454 -15.38 -17.58 3.40
C LEU D 454 -15.97 -18.59 4.38
N GLY D 455 -16.45 -19.71 3.86
CA GLY D 455 -16.97 -20.75 4.72
C GLY D 455 -17.02 -22.06 3.99
N VAL D 456 -17.33 -23.11 4.75
CA VAL D 456 -17.39 -24.47 4.24
C VAL D 456 -18.70 -25.10 4.67
N ALA D 457 -19.17 -26.07 3.90
CA ALA D 457 -20.39 -26.79 4.27
C ALA D 457 -20.41 -28.14 3.55
N PRO D 458 -21.05 -29.15 4.11
CA PRO D 458 -21.18 -30.42 3.37
C PRO D 458 -22.22 -30.30 2.27
N THR D 459 -21.88 -30.86 1.11
CA THR D 459 -22.82 -31.04 0.00
C THR D 459 -22.51 -32.39 -0.62
N ARG D 460 -23.30 -32.78 -1.62
CA ARG D 460 -23.01 -33.99 -2.38
C ARG D 460 -22.14 -33.71 -3.61
N CYS D 461 -21.46 -32.58 -3.65
CA CYS D 461 -20.68 -32.15 -4.80
C CYS D 461 -19.23 -32.60 -4.65
N LYS D 462 -18.85 -33.62 -5.41
CA LYS D 462 -17.47 -34.08 -5.52
C LYS D 462 -16.87 -33.52 -6.81
N ARG D 463 -15.61 -33.10 -6.75
CA ARG D 463 -14.98 -32.47 -7.91
C ARG D 463 -14.67 -33.56 -8.95
N ARG D 464 -14.00 -33.16 -10.04
CA ARG D 464 -13.52 -34.03 -11.12
C ARG D 464 -14.64 -34.27 -12.13
N SER E 8 3.90 -5.06 -29.86
CA SER E 8 5.03 -4.26 -30.34
C SER E 8 4.65 -2.78 -30.54
N LEU E 9 3.36 -2.46 -30.46
CA LEU E 9 2.91 -1.09 -30.65
C LEU E 9 3.06 -0.25 -29.39
N GLY E 10 3.10 -0.87 -28.22
CA GLY E 10 3.21 -0.14 -26.97
C GLY E 10 1.87 0.13 -26.32
N PHE E 11 1.95 0.75 -25.15
CA PHE E 11 0.77 1.00 -24.33
C PHE E 11 -0.17 1.95 -25.05
N LEU E 12 -1.42 1.52 -25.23
CA LEU E 12 -2.46 2.23 -25.96
C LEU E 12 -2.11 2.48 -27.42
N GLY E 13 -1.08 1.84 -27.96
CA GLY E 13 -0.71 2.07 -29.34
C GLY E 13 -1.80 1.66 -30.30
N ALA E 14 -2.59 0.67 -29.91
CA ALA E 14 -3.71 0.17 -30.71
C ALA E 14 -5.01 0.91 -30.40
N ALA E 15 -4.98 1.95 -29.56
CA ALA E 15 -6.20 2.63 -29.15
C ALA E 15 -6.97 3.21 -30.33
N GLY E 16 -6.28 3.65 -31.37
CA GLY E 16 -6.92 4.16 -32.56
C GLY E 16 -7.14 3.14 -33.64
N SER E 17 -6.74 1.89 -33.41
CA SER E 17 -6.96 0.82 -34.36
C SER E 17 -8.35 0.23 -34.17
N THR E 18 -8.75 -0.63 -35.10
CA THR E 18 -10.08 -1.22 -35.02
C THR E 18 -10.15 -2.23 -33.88
N MET E 19 -11.38 -2.56 -33.48
CA MET E 19 -11.56 -3.47 -32.36
C MET E 19 -10.97 -4.85 -32.62
N GLY E 20 -11.10 -5.35 -33.84
CA GLY E 20 -10.57 -6.66 -34.17
C GLY E 20 -9.06 -6.70 -34.26
N ALA E 21 -8.40 -5.54 -34.31
CA ALA E 21 -6.95 -5.43 -34.26
C ALA E 21 -6.47 -5.08 -32.86
N ALA E 22 -7.15 -4.17 -32.19
CA ALA E 22 -6.80 -3.80 -30.83
C ALA E 22 -6.98 -4.96 -29.87
N SER E 23 -7.90 -5.88 -30.17
CA SER E 23 -8.10 -7.04 -29.30
C SER E 23 -6.90 -7.98 -29.26
N MET E 24 -5.91 -7.81 -30.14
CA MET E 24 -4.71 -8.63 -30.13
C MET E 24 -3.62 -8.11 -29.19
N THR E 25 -3.84 -6.96 -28.55
CA THR E 25 -2.82 -6.31 -27.70
C THR E 25 -3.31 -6.18 -26.27
N LEU E 26 -4.16 -7.09 -25.81
CA LEU E 26 -4.73 -6.97 -24.47
C LEU E 26 -3.68 -7.13 -23.39
N THR E 27 -2.63 -7.90 -23.64
CA THR E 27 -1.61 -8.09 -22.61
C THR E 27 -0.77 -6.84 -22.41
N VAL E 28 -0.61 -6.04 -23.47
CA VAL E 28 0.14 -4.79 -23.35
C VAL E 28 -0.59 -3.85 -22.42
N GLN E 29 -1.91 -3.77 -22.54
CA GLN E 29 -2.69 -2.93 -21.65
C GLN E 29 -2.71 -3.51 -20.24
N ALA E 30 -2.85 -4.83 -20.12
CA ALA E 30 -2.95 -5.46 -18.82
C ALA E 30 -1.68 -5.29 -18.00
N ARG E 31 -0.51 -5.39 -18.63
CA ARG E 31 0.74 -5.31 -17.88
C ARG E 31 1.07 -3.91 -17.39
N ASN E 32 0.38 -2.88 -17.88
CA ASN E 32 0.65 -1.50 -17.50
C ASN E 32 -0.36 -0.94 -16.50
N LEU E 33 -1.15 -1.80 -15.86
CA LEU E 33 -2.12 -1.37 -14.87
C LEU E 33 -1.56 -1.35 -13.45
N LEU E 34 -0.38 -1.92 -13.23
CA LEU E 34 0.26 -1.94 -11.92
C LEU E 34 1.64 -1.29 -12.00
N GLY E 61 4.48 12.13 0.78
CA GLY E 61 4.43 10.68 0.77
C GLY E 61 3.03 10.12 0.87
N ILE E 62 2.14 10.88 1.52
CA ILE E 62 0.76 10.43 1.66
C ILE E 62 0.09 10.39 0.29
N LYS E 63 0.34 11.40 -0.54
CA LYS E 63 -0.25 11.46 -1.86
C LYS E 63 0.19 10.28 -2.72
N GLN E 64 1.46 9.89 -2.61
CA GLN E 64 1.96 8.77 -3.38
C GLN E 64 1.29 7.47 -2.94
N LEU E 65 1.09 7.28 -1.64
CA LEU E 65 0.39 6.10 -1.16
C LEU E 65 -1.06 6.12 -1.59
N GLN E 66 -1.70 7.28 -1.61
CA GLN E 66 -3.08 7.34 -2.08
C GLN E 66 -3.17 6.94 -3.54
N ALA E 67 -2.23 7.40 -4.36
CA ALA E 67 -2.24 7.02 -5.77
C ALA E 67 -1.98 5.52 -5.95
N ARG E 68 -1.06 4.96 -5.16
CA ARG E 68 -0.78 3.53 -5.31
C ARG E 68 -1.94 2.68 -4.81
N VAL E 69 -2.55 3.07 -3.70
CA VAL E 69 -3.68 2.32 -3.17
C VAL E 69 -4.88 2.42 -4.09
N LEU E 70 -5.14 3.60 -4.68
CA LEU E 70 -6.28 3.67 -5.58
C LEU E 70 -6.02 2.88 -6.86
N ALA E 71 -4.78 2.84 -7.36
CA ALA E 71 -4.50 1.97 -8.50
C ALA E 71 -4.73 0.51 -8.15
N VAL E 72 -4.32 0.10 -6.95
CA VAL E 72 -4.55 -1.27 -6.52
C VAL E 72 -6.04 -1.55 -6.39
N GLU E 73 -6.80 -0.62 -5.82
CA GLU E 73 -8.24 -0.82 -5.66
C GLU E 73 -8.94 -0.90 -7.00
N HIS E 74 -8.54 -0.10 -7.99
CA HIS E 74 -9.18 -0.19 -9.30
C HIS E 74 -8.87 -1.52 -9.96
N TYR E 75 -7.61 -1.97 -9.87
CA TYR E 75 -7.26 -3.28 -10.40
C TYR E 75 -8.05 -4.39 -9.72
N LEU E 76 -8.12 -4.36 -8.39
CA LEU E 76 -8.82 -5.42 -7.67
C LEU E 76 -10.32 -5.40 -7.92
N ARG E 77 -10.93 -4.22 -8.07
CA ARG E 77 -12.35 -4.20 -8.41
C ARG E 77 -12.59 -4.79 -9.79
N ASP E 78 -11.70 -4.50 -10.75
CA ASP E 78 -11.88 -5.11 -12.07
C ASP E 78 -11.68 -6.62 -12.02
N GLN E 79 -10.70 -7.09 -11.24
CA GLN E 79 -10.47 -8.52 -11.17
C GLN E 79 -11.60 -9.24 -10.44
N GLN E 80 -12.13 -8.63 -9.39
CA GLN E 80 -13.27 -9.22 -8.70
C GLN E 80 -14.49 -9.25 -9.60
N LEU E 81 -14.69 -8.20 -10.39
CA LEU E 81 -15.82 -8.16 -11.30
C LEU E 81 -15.71 -9.24 -12.37
N LEU E 82 -14.49 -9.47 -12.88
CA LEU E 82 -14.31 -10.60 -13.79
C LEU E 82 -14.54 -11.93 -13.10
N GLY E 83 -14.10 -12.07 -11.85
CA GLY E 83 -14.32 -13.31 -11.11
C GLY E 83 -15.79 -13.60 -10.89
N ILE E 84 -16.58 -12.58 -10.58
CA ILE E 84 -18.01 -12.75 -10.40
C ILE E 84 -18.64 -13.28 -11.67
N TRP E 85 -18.15 -12.85 -12.82
CA TRP E 85 -18.64 -13.31 -14.12
C TRP E 85 -18.08 -14.66 -14.53
N GLY E 86 -17.16 -15.23 -13.75
CA GLY E 86 -16.53 -16.49 -14.12
C GLY E 86 -15.45 -16.38 -15.17
N CYS E 87 -14.84 -15.20 -15.30
CA CYS E 87 -13.82 -14.91 -16.30
C CYS E 87 -12.45 -14.74 -15.68
N SER E 88 -12.25 -15.21 -14.45
CA SER E 88 -10.97 -15.04 -13.77
C SER E 88 -9.87 -15.78 -14.52
N GLY E 89 -8.74 -15.11 -14.68
CA GLY E 89 -7.60 -15.69 -15.35
C GLY E 89 -7.61 -15.59 -16.86
N LYS E 90 -8.59 -14.90 -17.44
CA LYS E 90 -8.72 -14.75 -18.88
C LYS E 90 -8.77 -13.27 -19.24
N LEU E 91 -8.27 -12.96 -20.44
CA LEU E 91 -8.39 -11.64 -21.03
C LEU E 91 -9.49 -11.55 -22.07
N ILE E 92 -9.73 -12.64 -22.79
CA ILE E 92 -10.86 -12.76 -23.73
C ILE E 92 -11.74 -13.85 -23.15
N CYS E 93 -12.90 -13.46 -22.63
CA CYS E 93 -13.80 -14.37 -21.94
C CYS E 93 -15.15 -14.41 -22.65
N CYS E 94 -15.50 -15.57 -23.17
CA CYS E 94 -16.79 -15.77 -23.81
C CYS E 94 -17.80 -16.12 -22.73
N THR E 95 -19.05 -15.68 -22.91
CA THR E 95 -20.09 -15.90 -21.92
C THR E 95 -21.34 -16.47 -22.58
N ASN E 96 -22.38 -16.67 -21.77
CA ASN E 96 -23.67 -17.21 -22.20
C ASN E 96 -24.78 -16.17 -22.25
N VAL E 97 -24.43 -14.89 -22.27
CA VAL E 97 -25.43 -13.82 -22.35
C VAL E 97 -25.61 -13.47 -23.82
N PRO E 98 -26.81 -13.61 -24.38
CA PRO E 98 -26.99 -13.23 -25.79
C PRO E 98 -26.95 -11.72 -25.94
N TRP E 99 -26.59 -11.28 -27.14
CA TRP E 99 -26.54 -9.86 -27.44
C TRP E 99 -27.92 -9.36 -27.81
N ASN E 100 -28.33 -8.25 -27.17
CA ASN E 100 -29.62 -7.63 -27.42
C ASN E 100 -29.46 -6.66 -28.57
N SER E 101 -30.39 -6.68 -29.52
CA SER E 101 -30.33 -5.72 -30.62
C SER E 101 -30.58 -4.31 -30.15
N SER E 102 -31.16 -4.12 -28.97
CA SER E 102 -31.39 -2.79 -28.43
C SER E 102 -30.13 -2.15 -27.87
N TRP E 103 -29.07 -2.93 -27.62
CA TRP E 103 -27.83 -2.36 -27.11
C TRP E 103 -27.00 -1.76 -28.23
N SER E 104 -26.90 -2.46 -29.35
CA SER E 104 -26.23 -1.92 -30.54
C SER E 104 -26.70 -2.74 -31.73
N ASN E 105 -27.45 -2.10 -32.62
CA ASN E 105 -28.02 -2.79 -33.78
C ASN E 105 -27.03 -2.72 -34.95
N ARG E 106 -25.93 -3.45 -34.78
CA ARG E 106 -24.86 -3.49 -35.76
C ARG E 106 -24.44 -4.93 -35.98
N ASN E 107 -23.84 -5.18 -37.14
CA ASN E 107 -23.30 -6.49 -37.47
C ASN E 107 -21.84 -6.56 -37.03
N LEU E 108 -21.31 -7.78 -37.00
CA LEU E 108 -19.94 -7.97 -36.53
C LEU E 108 -18.90 -7.28 -37.41
N SER E 109 -19.17 -7.18 -38.71
CA SER E 109 -18.17 -6.59 -39.60
C SER E 109 -17.96 -5.11 -39.29
N GLU E 110 -19.04 -4.37 -39.10
CA GLU E 110 -18.90 -2.95 -38.80
C GLU E 110 -18.42 -2.70 -37.37
N ILE E 111 -18.70 -3.61 -36.44
CA ILE E 111 -18.25 -3.42 -35.07
C ILE E 111 -16.76 -3.70 -34.96
N TRP E 112 -16.30 -4.81 -35.53
CA TRP E 112 -14.92 -5.25 -35.33
C TRP E 112 -13.93 -4.70 -36.34
N ASP E 113 -14.34 -4.51 -37.60
CA ASP E 113 -13.41 -4.10 -38.65
C ASP E 113 -13.47 -2.62 -38.98
N ASN E 114 -14.55 -1.90 -38.65
CA ASN E 114 -14.74 -0.52 -39.08
C ASN E 114 -14.85 0.49 -37.94
N MET E 115 -14.62 0.09 -36.68
CA MET E 115 -14.66 1.06 -35.60
C MET E 115 -13.72 0.66 -34.48
N THR E 116 -13.35 1.64 -33.68
CA THR E 116 -12.39 1.50 -32.59
C THR E 116 -13.10 1.19 -31.28
N TRP E 117 -12.30 0.81 -30.28
CA TRP E 117 -12.88 0.52 -28.96
C TRP E 117 -13.38 1.79 -28.27
N LEU E 118 -12.78 2.95 -28.55
CA LEU E 118 -13.28 4.18 -27.93
C LEU E 118 -14.67 4.53 -28.45
N GLN E 119 -14.89 4.39 -29.76
CA GLN E 119 -16.20 4.67 -30.32
C GLN E 119 -17.22 3.66 -29.84
N TRP E 120 -16.81 2.40 -29.71
CA TRP E 120 -17.72 1.39 -29.17
C TRP E 120 -18.07 1.69 -27.73
N ASP E 121 -17.08 2.04 -26.93
CA ASP E 121 -17.31 2.35 -25.53
C ASP E 121 -18.27 3.54 -25.39
N LYS E 122 -18.12 4.54 -26.24
CA LYS E 122 -19.07 5.64 -26.22
C LYS E 122 -20.46 5.19 -26.66
N GLU E 123 -20.52 4.34 -27.69
CA GLU E 123 -21.82 3.92 -28.23
C GLU E 123 -22.64 3.14 -27.21
N ILE E 124 -22.01 2.27 -26.42
CA ILE E 124 -22.72 1.43 -25.46
C ILE E 124 -22.63 2.00 -24.05
N SER E 125 -22.34 3.29 -23.90
CA SER E 125 -22.38 3.92 -22.60
C SER E 125 -23.82 3.84 -22.08
N ASN E 126 -23.93 3.70 -20.76
CA ASN E 126 -25.16 3.53 -19.97
C ASN E 126 -25.99 2.32 -20.39
N TYR E 127 -25.41 1.39 -21.17
CA TYR E 127 -25.95 0.05 -21.34
C TYR E 127 -25.09 -0.99 -20.65
N THR E 128 -23.93 -0.63 -20.11
CA THR E 128 -23.02 -1.61 -19.56
C THR E 128 -23.52 -2.18 -18.23
N GLN E 129 -24.33 -1.42 -17.48
CA GLN E 129 -24.77 -1.93 -16.19
C GLN E 129 -25.79 -3.05 -16.36
N ILE E 130 -26.60 -2.98 -17.41
CA ILE E 130 -27.54 -4.05 -17.70
C ILE E 130 -26.79 -5.30 -18.09
N ILE E 131 -25.77 -5.14 -18.93
CA ILE E 131 -24.95 -6.27 -19.36
C ILE E 131 -24.24 -6.89 -18.17
N TYR E 132 -23.72 -6.06 -17.27
CA TYR E 132 -23.02 -6.59 -16.10
C TYR E 132 -23.97 -7.36 -15.20
N GLY E 133 -25.19 -6.86 -15.00
CA GLY E 133 -26.16 -7.60 -14.21
C GLY E 133 -26.53 -8.93 -14.84
N LEU E 134 -26.68 -8.94 -16.17
CA LEU E 134 -26.99 -10.20 -16.84
C LEU E 134 -25.83 -11.18 -16.75
N LEU E 135 -24.60 -10.69 -16.84
CA LEU E 135 -23.44 -11.56 -16.71
C LEU E 135 -23.36 -12.17 -15.31
N GLU E 136 -23.63 -11.36 -14.29
CA GLU E 136 -23.62 -11.86 -12.92
C GLU E 136 -24.67 -12.95 -12.73
N GLU E 137 -25.89 -12.70 -13.20
CA GLU E 137 -26.95 -13.68 -13.01
C GLU E 137 -26.66 -14.95 -13.80
N SER E 138 -26.13 -14.82 -15.02
CA SER E 138 -25.79 -15.99 -15.82
C SER E 138 -24.72 -16.83 -15.14
N GLN E 139 -23.70 -16.19 -14.57
CA GLN E 139 -22.68 -16.97 -13.88
C GLN E 139 -23.23 -17.63 -12.62
N ASN E 140 -24.14 -16.97 -11.90
CA ASN E 140 -24.72 -17.63 -10.73
C ASN E 140 -25.51 -18.87 -11.14
N GLN E 141 -26.26 -18.77 -12.23
CA GLN E 141 -27.01 -19.92 -12.72
C GLN E 141 -26.08 -21.02 -13.20
N GLN E 142 -24.99 -20.64 -13.87
CA GLN E 142 -24.02 -21.62 -14.35
C GLN E 142 -23.34 -22.34 -13.19
N GLU E 143 -22.99 -21.61 -12.13
CA GLU E 143 -22.37 -22.26 -10.98
C GLU E 143 -23.34 -23.23 -10.31
N LYS E 144 -24.62 -22.86 -10.19
CA LYS E 144 -25.57 -23.81 -9.62
C LYS E 144 -25.75 -25.04 -10.51
N ASN E 145 -25.78 -24.84 -11.83
CA ASN E 145 -25.94 -25.98 -12.73
C ASN E 145 -24.73 -26.90 -12.69
N GLU E 146 -23.53 -26.32 -12.63
CA GLU E 146 -22.33 -27.15 -12.55
C GLU E 146 -22.25 -27.89 -11.23
N GLN E 147 -22.66 -27.26 -10.13
CA GLN E 147 -22.68 -27.96 -8.85
C GLN E 147 -23.68 -29.11 -8.87
N ASP E 148 -24.83 -28.92 -9.51
CA ASP E 148 -25.80 -30.00 -9.58
C ASP E 148 -25.32 -31.12 -10.50
N LEU E 149 -24.65 -30.78 -11.61
CA LEU E 149 -24.10 -31.81 -12.47
C LEU E 149 -22.99 -32.58 -11.77
N LEU E 150 -22.17 -31.90 -10.97
CA LEU E 150 -21.12 -32.58 -10.23
C LEU E 150 -21.66 -33.29 -8.99
N ALA E 151 -22.94 -33.14 -8.67
CA ALA E 151 -23.55 -33.86 -7.56
C ALA E 151 -24.20 -35.16 -8.00
N LEU E 152 -24.19 -35.48 -9.29
CA LEU E 152 -24.70 -36.77 -9.75
C LEU E 152 -23.65 -37.84 -9.53
N ASP E 153 -24.05 -38.97 -8.98
CA ASP E 153 -23.12 -40.05 -8.69
C ASP E 153 -22.82 -40.79 -9.98
N SER F 8 -31.14 -8.69 -4.41
CA SER F 8 -32.50 -8.22 -4.18
C SER F 8 -32.73 -7.96 -2.70
N LEU F 9 -32.15 -8.79 -1.84
CA LEU F 9 -32.31 -8.67 -0.40
C LEU F 9 -31.28 -7.75 0.25
N GLY F 10 -30.29 -7.25 -0.50
CA GLY F 10 -29.27 -6.40 0.08
C GLY F 10 -28.02 -7.12 0.51
N PHE F 11 -27.07 -6.33 1.01
CA PHE F 11 -25.74 -6.79 1.37
C PHE F 11 -25.77 -8.01 2.28
N LEU F 12 -26.34 -7.89 3.48
CA LEU F 12 -26.46 -9.02 4.40
C LEU F 12 -27.90 -9.45 4.65
N GLY F 13 -28.81 -9.14 3.71
CA GLY F 13 -30.21 -9.44 3.93
C GLY F 13 -30.49 -10.92 4.16
N ALA F 14 -29.66 -11.78 3.57
CA ALA F 14 -29.82 -13.22 3.70
C ALA F 14 -29.13 -13.79 4.94
N ALA F 15 -28.56 -12.93 5.80
CA ALA F 15 -27.83 -13.42 6.97
C ALA F 15 -28.72 -14.24 7.89
N GLY F 16 -29.98 -13.86 8.01
CA GLY F 16 -30.91 -14.61 8.84
C GLY F 16 -31.71 -15.66 8.10
N SER F 17 -31.49 -15.81 6.80
CA SER F 17 -32.17 -16.81 6.02
C SER F 17 -31.42 -18.13 6.12
N THR F 18 -32.01 -19.18 5.55
CA THR F 18 -31.38 -20.48 5.61
C THR F 18 -30.13 -20.51 4.72
N MET F 19 -29.27 -21.49 4.98
CA MET F 19 -28.04 -21.60 4.20
C MET F 19 -28.32 -21.81 2.72
N GLY F 20 -29.35 -22.60 2.40
CA GLY F 20 -29.71 -22.78 1.01
C GLY F 20 -30.11 -21.48 0.34
N ALA F 21 -31.02 -20.74 0.96
CA ALA F 21 -31.43 -19.45 0.41
C ALA F 21 -30.29 -18.46 0.38
N ALA F 22 -29.46 -18.45 1.42
CA ALA F 22 -28.35 -17.51 1.48
C ALA F 22 -27.25 -17.82 0.48
N SER F 23 -27.14 -19.06 0.02
CA SER F 23 -26.12 -19.42 -0.96
C SER F 23 -26.35 -18.77 -2.31
N MET F 24 -27.53 -18.21 -2.58
CA MET F 24 -27.83 -17.57 -3.85
C MET F 24 -27.49 -16.09 -3.88
N THR F 25 -26.95 -15.53 -2.79
CA THR F 25 -26.64 -14.11 -2.67
C THR F 25 -25.14 -13.85 -2.53
N LEU F 26 -24.31 -14.79 -2.98
CA LEU F 26 -22.87 -14.66 -2.76
C LEU F 26 -22.27 -13.45 -3.49
N THR F 27 -22.78 -13.12 -4.67
CA THR F 27 -22.18 -12.02 -5.43
C THR F 27 -22.47 -10.67 -4.79
N VAL F 28 -23.63 -10.56 -4.13
CA VAL F 28 -24.01 -9.30 -3.51
C VAL F 28 -23.03 -8.95 -2.40
N GLN F 29 -22.65 -9.95 -1.60
CA GLN F 29 -21.67 -9.75 -0.55
C GLN F 29 -20.24 -9.67 -1.10
N ALA F 30 -19.95 -10.41 -2.16
CA ALA F 30 -18.62 -10.37 -2.75
C ALA F 30 -18.29 -8.98 -3.27
N ARG F 31 -19.28 -8.29 -3.86
CA ARG F 31 -19.03 -6.96 -4.39
C ARG F 31 -18.71 -5.93 -3.32
N ASN F 32 -19.11 -6.17 -2.07
CA ASN F 32 -19.01 -5.19 -1.01
C ASN F 32 -17.79 -5.39 -0.10
N LEU F 33 -16.83 -6.22 -0.50
CA LEU F 33 -15.63 -6.43 0.29
C LEU F 33 -14.51 -5.46 -0.07
N LEU F 34 -14.52 -4.88 -1.27
CA LEU F 34 -13.51 -3.93 -1.70
C LEU F 34 -13.93 -2.48 -1.53
N SER F 35 -15.22 -2.18 -1.62
CA SER F 35 -15.70 -0.80 -1.54
C SER F 35 -17.06 -0.75 -0.87
N GLY F 61 -5.52 11.42 7.47
CA GLY F 61 -5.45 10.75 6.20
C GLY F 61 -4.70 9.42 6.25
N ILE F 62 -3.75 9.33 7.18
CA ILE F 62 -2.96 8.10 7.29
C ILE F 62 -3.82 6.94 7.75
N LYS F 63 -4.82 7.21 8.61
CA LYS F 63 -5.63 6.13 9.13
C LYS F 63 -6.61 5.62 8.07
N GLN F 64 -7.01 6.47 7.13
CA GLN F 64 -7.87 6.02 6.05
C GLN F 64 -7.12 5.09 5.12
N LEU F 65 -5.85 5.42 4.84
CA LEU F 65 -5.03 4.53 4.04
C LEU F 65 -4.77 3.22 4.77
N GLN F 66 -4.60 3.28 6.09
CA GLN F 66 -4.43 2.03 6.84
C GLN F 66 -5.68 1.17 6.74
N ALA F 67 -6.86 1.79 6.81
CA ALA F 67 -8.09 1.04 6.67
C ALA F 67 -8.22 0.42 5.28
N ARG F 68 -7.84 1.17 4.25
CA ARG F 68 -7.91 0.64 2.89
C ARG F 68 -6.93 -0.52 2.70
N VAL F 69 -5.72 -0.39 3.24
CA VAL F 69 -4.74 -1.44 3.11
C VAL F 69 -5.19 -2.68 3.88
N LEU F 70 -5.81 -2.50 5.05
CA LEU F 70 -6.32 -3.66 5.78
C LEU F 70 -7.42 -4.37 5.00
N ALA F 71 -8.32 -3.61 4.36
CA ALA F 71 -9.35 -4.23 3.55
C ALA F 71 -8.75 -4.99 2.37
N VAL F 72 -7.74 -4.41 1.72
CA VAL F 72 -7.08 -5.08 0.60
C VAL F 72 -6.38 -6.34 1.07
N GLU F 73 -5.69 -6.27 2.20
CA GLU F 73 -4.99 -7.45 2.71
C GLU F 73 -5.96 -8.57 3.08
N HIS F 74 -7.10 -8.23 3.68
CA HIS F 74 -8.06 -9.29 4.01
C HIS F 74 -8.63 -9.92 2.75
N TYR F 75 -8.97 -9.10 1.75
CA TYR F 75 -9.46 -9.64 0.49
C TYR F 75 -8.42 -10.54 -0.17
N LEU F 76 -7.17 -10.09 -0.23
CA LEU F 76 -6.15 -10.87 -0.90
C LEU F 76 -5.81 -12.15 -0.14
N ARG F 77 -5.85 -12.12 1.20
CA ARG F 77 -5.62 -13.36 1.92
C ARG F 77 -6.75 -14.35 1.66
N ASP F 78 -7.99 -13.87 1.54
CA ASP F 78 -9.08 -14.81 1.24
C ASP F 78 -8.98 -15.35 -0.18
N GLN F 79 -8.60 -14.49 -1.14
CA GLN F 79 -8.45 -14.96 -2.52
C GLN F 79 -7.28 -15.92 -2.65
N GLN F 80 -6.19 -15.65 -1.93
CA GLN F 80 -5.06 -16.57 -1.93
C GLN F 80 -5.44 -17.90 -1.32
N LEU F 81 -6.18 -17.88 -0.22
CA LEU F 81 -6.58 -19.12 0.43
C LEU F 81 -7.48 -19.94 -0.48
N LEU F 82 -8.36 -19.29 -1.23
CA LEU F 82 -9.13 -20.02 -2.25
C LEU F 82 -8.22 -20.56 -3.34
N GLY F 83 -7.22 -19.79 -3.77
CA GLY F 83 -6.32 -20.26 -4.80
C GLY F 83 -5.51 -21.48 -4.40
N ILE F 84 -5.10 -21.55 -3.13
CA ILE F 84 -4.37 -22.71 -2.64
C ILE F 84 -5.22 -23.96 -2.78
N TRP F 85 -6.53 -23.84 -2.60
CA TRP F 85 -7.44 -24.97 -2.68
C TRP F 85 -7.88 -25.28 -4.10
N GLY F 86 -7.45 -24.51 -5.09
CA GLY F 86 -7.89 -24.71 -6.46
C GLY F 86 -9.28 -24.18 -6.74
N CYS F 87 -9.76 -23.22 -5.95
CA CYS F 87 -11.09 -22.66 -6.06
C CYS F 87 -11.08 -21.26 -6.66
N SER F 88 -9.94 -20.79 -7.16
CA SER F 88 -9.84 -19.43 -7.68
C SER F 88 -10.80 -19.21 -8.83
N GLY F 89 -11.47 -18.06 -8.81
CA GLY F 89 -12.40 -17.69 -9.84
C GLY F 89 -13.82 -18.20 -9.65
N LYS F 90 -14.09 -18.95 -8.59
CA LYS F 90 -15.42 -19.47 -8.30
C LYS F 90 -15.86 -19.02 -6.91
N LEU F 91 -17.16 -18.77 -6.78
CA LEU F 91 -17.76 -18.47 -5.49
C LEU F 91 -18.32 -19.70 -4.81
N ILE F 92 -18.72 -20.71 -5.58
CA ILE F 92 -19.14 -22.01 -5.05
C ILE F 92 -18.14 -23.01 -5.61
N CYS F 93 -17.35 -23.62 -4.72
CA CYS F 93 -16.26 -24.49 -5.12
C CYS F 93 -16.45 -25.87 -4.51
N CYS F 94 -16.61 -26.87 -5.37
CA CYS F 94 -16.71 -28.26 -4.95
C CYS F 94 -15.30 -28.81 -4.81
N THR F 95 -15.09 -29.67 -3.81
CA THR F 95 -13.75 -30.21 -3.53
C THR F 95 -13.81 -31.73 -3.41
N ASN F 96 -12.65 -32.31 -3.12
CA ASN F 96 -12.48 -33.76 -2.97
C ASN F 96 -12.22 -34.18 -1.53
N VAL F 97 -12.56 -33.34 -0.55
CA VAL F 97 -12.36 -33.67 0.86
C VAL F 97 -13.69 -34.21 1.39
N PRO F 98 -13.75 -35.45 1.87
CA PRO F 98 -15.03 -35.94 2.40
C PRO F 98 -15.34 -35.27 3.72
N TRP F 99 -16.62 -35.13 4.01
CA TRP F 99 -17.04 -34.55 5.27
C TRP F 99 -16.92 -35.58 6.38
N ASN F 100 -16.34 -35.18 7.49
CA ASN F 100 -16.17 -36.04 8.65
C ASN F 100 -17.38 -35.88 9.56
N SER F 101 -17.95 -37.00 9.99
CA SER F 101 -19.09 -36.92 10.90
C SER F 101 -18.70 -36.38 12.27
N SER F 102 -17.41 -36.36 12.60
CA SER F 102 -16.99 -35.78 13.87
C SER F 102 -17.00 -34.26 13.84
N TRP F 103 -17.03 -33.65 12.65
CA TRP F 103 -17.13 -32.20 12.56
C TRP F 103 -18.58 -31.76 12.76
N SER F 104 -19.51 -32.44 12.08
CA SER F 104 -20.93 -32.18 12.23
C SER F 104 -21.66 -33.39 11.65
N ASN F 105 -22.56 -33.97 12.46
CA ASN F 105 -23.29 -35.17 12.07
C ASN F 105 -24.72 -34.87 11.64
N ARG F 106 -25.02 -33.62 11.33
CA ARG F 106 -26.34 -33.26 10.84
C ARG F 106 -26.47 -33.67 9.38
N ASN F 107 -27.69 -34.03 8.98
CA ASN F 107 -27.92 -34.34 7.58
C ASN F 107 -28.07 -33.05 6.79
N LEU F 108 -28.09 -33.18 5.46
CA LEU F 108 -28.17 -32.01 4.61
C LEU F 108 -29.45 -31.23 4.81
N SER F 109 -30.55 -31.91 5.12
CA SER F 109 -31.81 -31.20 5.31
C SER F 109 -31.73 -30.26 6.51
N GLU F 110 -31.15 -30.73 7.61
CA GLU F 110 -31.06 -29.90 8.80
C GLU F 110 -30.07 -28.75 8.58
N ILE F 111 -28.93 -29.03 7.94
CA ILE F 111 -27.91 -27.99 7.76
C ILE F 111 -28.41 -26.92 6.79
N TRP F 112 -28.96 -27.31 5.66
CA TRP F 112 -29.28 -26.35 4.61
C TRP F 112 -30.66 -25.74 4.73
N ASP F 113 -31.67 -26.44 5.28
CA ASP F 113 -33.03 -25.91 5.33
C ASP F 113 -33.43 -25.35 6.69
N ASN F 114 -32.85 -25.84 7.79
CA ASN F 114 -33.24 -25.45 9.13
C ASN F 114 -32.15 -24.70 9.90
N MET F 115 -31.09 -24.25 9.23
CA MET F 115 -29.98 -23.60 9.91
C MET F 115 -29.47 -22.44 9.06
N THR F 116 -29.01 -21.40 9.73
CA THR F 116 -28.42 -20.22 9.11
C THR F 116 -26.90 -20.35 9.07
N TRP F 117 -26.27 -19.47 8.29
CA TRP F 117 -24.82 -19.52 8.18
C TRP F 117 -24.13 -19.12 9.47
N LEU F 118 -24.74 -18.23 10.25
CA LEU F 118 -24.12 -17.83 11.52
C LEU F 118 -24.12 -18.98 12.52
N GLN F 119 -25.26 -19.67 12.64
CA GLN F 119 -25.32 -20.81 13.55
C GLN F 119 -24.43 -21.93 13.09
N TRP F 120 -24.37 -22.16 11.76
CA TRP F 120 -23.47 -23.17 11.23
C TRP F 120 -22.02 -22.82 11.51
N ASP F 121 -21.65 -21.56 11.28
CA ASP F 121 -20.28 -21.14 11.53
C ASP F 121 -19.91 -21.29 13.00
N LYS F 122 -20.87 -21.04 13.89
CA LYS F 122 -20.62 -21.32 15.30
C LYS F 122 -20.43 -22.82 15.53
N GLU F 123 -21.25 -23.65 14.86
CA GLU F 123 -21.16 -25.09 15.05
C GLU F 123 -19.80 -25.65 14.64
N ILE F 124 -19.18 -25.11 13.59
CA ILE F 124 -17.94 -25.66 13.07
C ILE F 124 -16.71 -24.87 13.55
N SER F 125 -16.85 -24.10 14.63
CA SER F 125 -15.68 -23.52 15.25
C SER F 125 -14.81 -24.63 15.81
N ASN F 126 -13.50 -24.39 15.79
CA ASN F 126 -12.44 -25.32 16.18
C ASN F 126 -12.21 -26.41 15.14
N TYR F 127 -12.95 -26.42 14.03
CA TYR F 127 -12.76 -27.40 12.96
C TYR F 127 -12.33 -26.79 11.65
N THR F 128 -12.36 -25.46 11.51
CA THR F 128 -12.09 -24.87 10.21
C THR F 128 -10.63 -25.01 9.82
N GLN F 129 -9.72 -25.05 10.79
CA GLN F 129 -8.31 -25.17 10.43
C GLN F 129 -7.98 -26.57 9.95
N ILE F 130 -8.67 -27.58 10.48
CA ILE F 130 -8.47 -28.94 10.01
C ILE F 130 -8.99 -29.06 8.58
N ILE F 131 -10.14 -28.46 8.30
CA ILE F 131 -10.71 -28.48 6.96
C ILE F 131 -9.78 -27.75 6.00
N TYR F 132 -9.25 -26.60 6.41
CA TYR F 132 -8.36 -25.85 5.53
C TYR F 132 -7.09 -26.64 5.23
N GLY F 133 -6.52 -27.30 6.23
CA GLY F 133 -5.34 -28.12 5.99
C GLY F 133 -5.63 -29.28 5.06
N LEU F 134 -6.78 -29.93 5.23
CA LEU F 134 -7.13 -31.03 4.34
C LEU F 134 -7.36 -30.55 2.92
N LEU F 135 -7.97 -29.36 2.76
CA LEU F 135 -8.17 -28.81 1.43
C LEU F 135 -6.85 -28.49 0.76
N GLU F 136 -5.90 -27.93 1.51
CA GLU F 136 -4.59 -27.62 0.95
C GLU F 136 -3.88 -28.89 0.50
N GLU F 137 -3.92 -29.93 1.34
CA GLU F 137 -3.24 -31.18 0.98
C GLU F 137 -3.90 -31.84 -0.22
N SER F 138 -5.24 -31.81 -0.27
CA SER F 138 -5.95 -32.40 -1.39
C SER F 138 -5.63 -31.69 -2.69
N GLN F 139 -5.56 -30.36 -2.66
CA GLN F 139 -5.21 -29.65 -3.90
C GLN F 139 -3.76 -29.90 -4.29
N ASN F 140 -2.84 -30.04 -3.34
CA ASN F 140 -1.47 -30.37 -3.74
C ASN F 140 -1.42 -31.72 -4.44
N GLN F 141 -2.17 -32.70 -3.92
CA GLN F 141 -2.20 -34.00 -4.57
C GLN F 141 -2.90 -33.92 -5.93
N GLN F 142 -3.93 -33.08 -6.03
CA GLN F 142 -4.62 -32.90 -7.31
C GLN F 142 -3.69 -32.28 -8.35
N GLU F 143 -2.87 -31.32 -7.95
CA GLU F 143 -1.94 -30.71 -8.89
C GLU F 143 -0.87 -31.68 -9.35
N LYS F 144 -0.36 -32.50 -8.42
CA LYS F 144 0.62 -33.50 -8.85
C LYS F 144 0.00 -34.54 -9.77
N ASN F 145 -1.23 -34.96 -9.49
CA ASN F 145 -1.89 -35.93 -10.35
C ASN F 145 -2.19 -35.35 -11.73
N GLU F 146 -2.61 -34.08 -11.79
CA GLU F 146 -2.87 -33.47 -13.09
C GLU F 146 -1.59 -33.29 -13.87
N GLN F 147 -0.49 -32.94 -13.20
CA GLN F 147 0.78 -32.79 -13.90
C GLN F 147 1.25 -34.14 -14.44
N ASP F 148 1.06 -35.22 -13.68
CA ASP F 148 1.47 -36.53 -14.17
C ASP F 148 0.57 -37.03 -15.30
N LEU F 149 -0.74 -36.76 -15.22
CA LEU F 149 -1.63 -37.13 -16.31
C LEU F 149 -1.31 -36.37 -17.58
N LEU F 150 -0.96 -35.10 -17.46
CA LEU F 150 -0.59 -34.32 -18.63
C LEU F 150 0.80 -34.65 -19.17
N ALA F 151 1.58 -35.45 -18.44
CA ALA F 151 2.89 -35.89 -18.89
C ALA F 151 2.84 -37.17 -19.73
N LEU F 152 1.68 -37.79 -19.88
CA LEU F 152 1.55 -38.96 -20.72
C LEU F 152 1.48 -38.52 -22.18
N ASP F 153 2.31 -39.13 -23.02
CA ASP F 153 2.34 -38.77 -24.43
C ASP F 153 1.10 -39.27 -25.13
N ALA G 1 -32.82 -54.93 -20.68
CA ALA G 1 -31.69 -54.23 -20.08
C ALA G 1 -31.38 -54.80 -18.71
N LEU G 2 -32.40 -54.86 -17.86
CA LEU G 2 -32.32 -55.43 -16.52
C LEU G 2 -33.15 -56.70 -16.50
N THR G 3 -32.55 -57.81 -16.06
CA THR G 3 -33.17 -59.12 -16.14
C THR G 3 -33.99 -59.39 -14.89
N GLN G 4 -35.27 -59.72 -15.09
CA GLN G 4 -36.23 -59.98 -14.03
C GLN G 4 -37.12 -61.14 -14.49
N PRO G 5 -37.47 -62.09 -13.61
CA PRO G 5 -38.31 -63.21 -14.05
C PRO G 5 -39.70 -62.72 -14.42
N PRO G 6 -40.37 -63.39 -15.38
CA PRO G 6 -41.70 -62.91 -15.80
C PRO G 6 -42.78 -63.07 -14.74
N SER G 7 -42.66 -64.00 -13.80
CA SER G 7 -43.73 -64.17 -12.82
C SER G 7 -43.20 -64.92 -11.60
N VAL G 8 -43.92 -64.76 -10.49
CA VAL G 8 -43.72 -65.55 -9.28
C VAL G 8 -45.09 -66.03 -8.83
N SER G 9 -45.10 -66.89 -7.82
CA SER G 9 -46.35 -67.39 -7.26
C SER G 9 -46.14 -67.79 -5.81
N GLY G 10 -47.25 -67.95 -5.10
CA GLY G 10 -47.22 -68.43 -3.74
C GLY G 10 -48.60 -68.37 -3.13
N SER G 11 -48.72 -69.05 -1.99
CA SER G 11 -49.96 -69.09 -1.25
C SER G 11 -50.09 -67.89 -0.33
N PRO G 12 -51.31 -67.49 0.04
CA PRO G 12 -51.45 -66.43 1.06
C PRO G 12 -50.78 -66.83 2.36
N GLY G 13 -50.11 -65.85 2.99
CA GLY G 13 -49.40 -66.07 4.22
C GLY G 13 -47.94 -66.46 4.06
N GLN G 14 -47.49 -66.77 2.85
CA GLN G 14 -46.11 -67.17 2.60
C GLN G 14 -45.23 -65.96 2.29
N SER G 15 -43.92 -66.17 2.46
CA SER G 15 -42.91 -65.18 2.12
C SER G 15 -42.53 -65.34 0.66
N VAL G 16 -42.64 -64.26 -0.13
CA VAL G 16 -42.40 -64.31 -1.57
C VAL G 16 -41.22 -63.41 -1.93
N THR G 17 -40.26 -63.97 -2.66
CA THR G 17 -39.05 -63.27 -3.08
C THR G 17 -39.07 -63.03 -4.58
N ILE G 18 -38.82 -61.78 -4.97
CA ILE G 18 -38.68 -61.37 -6.37
C ILE G 18 -37.27 -60.79 -6.49
N SER G 19 -36.56 -61.13 -7.57
CA SER G 19 -35.20 -60.64 -7.71
C SER G 19 -34.92 -60.17 -9.13
N CYS G 20 -33.96 -59.24 -9.24
CA CYS G 20 -33.49 -58.67 -10.48
C CYS G 20 -31.97 -58.75 -10.50
N THR G 21 -31.43 -59.12 -11.66
CA THR G 21 -29.98 -59.20 -11.87
C THR G 21 -29.61 -58.19 -12.94
N GLY G 22 -28.68 -57.29 -12.60
CA GLY G 22 -28.19 -56.28 -13.51
C GLY G 22 -26.75 -56.55 -13.85
N THR G 23 -25.94 -55.50 -13.97
CA THR G 23 -24.54 -55.61 -14.34
C THR G 23 -23.70 -54.88 -13.28
N SER G 24 -22.38 -54.96 -13.44
CA SER G 24 -21.49 -54.34 -12.47
C SER G 24 -21.57 -52.82 -12.50
N SER G 25 -21.84 -52.23 -13.66
CA SER G 25 -21.81 -50.79 -13.80
C SER G 25 -23.03 -50.07 -13.24
N ASP G 26 -24.11 -50.77 -12.87
CA ASP G 26 -25.29 -50.12 -12.32
C ASP G 26 -25.65 -50.61 -10.92
N ILE G 27 -26.08 -51.85 -10.74
CA ILE G 27 -26.38 -52.33 -9.40
C ILE G 27 -25.09 -52.52 -8.61
N GLY G 28 -24.07 -53.08 -9.24
CA GLY G 28 -22.80 -53.29 -8.57
C GLY G 28 -22.09 -52.00 -8.20
N SER G 29 -22.23 -50.97 -9.01
CA SER G 29 -21.49 -49.72 -8.80
C SER G 29 -22.23 -48.74 -7.89
N TYR G 30 -23.56 -48.76 -7.91
CA TYR G 30 -24.37 -47.80 -7.18
C TYR G 30 -25.30 -48.54 -6.21
N ASN G 31 -25.60 -47.89 -5.08
CA ASN G 31 -26.53 -48.40 -4.09
C ASN G 31 -27.87 -47.70 -4.18
N TYR G 32 -28.31 -47.37 -5.40
CA TYR G 32 -29.54 -46.61 -5.64
C TYR G 32 -30.42 -47.46 -6.54
N VAL G 33 -31.18 -48.35 -5.92
CA VAL G 33 -32.14 -49.21 -6.60
C VAL G 33 -33.50 -48.96 -5.99
N SER G 34 -34.53 -49.30 -6.75
CA SER G 34 -35.89 -49.10 -6.28
C SER G 34 -36.80 -50.15 -6.90
N TRP G 35 -37.91 -50.39 -6.21
CA TRP G 35 -38.94 -51.33 -6.62
C TRP G 35 -40.28 -50.62 -6.63
N TYR G 36 -41.06 -50.89 -7.68
CA TYR G 36 -42.38 -50.30 -7.89
C TYR G 36 -43.43 -51.38 -8.02
N GLN G 37 -44.64 -51.07 -7.54
CA GLN G 37 -45.81 -51.93 -7.62
C GLN G 37 -46.87 -51.27 -8.51
N GLN G 38 -47.15 -51.86 -9.66
CA GLN G 38 -48.10 -51.32 -10.62
C GLN G 38 -49.28 -52.28 -10.76
N HIS G 39 -50.44 -51.85 -10.28
CA HIS G 39 -51.64 -52.65 -10.55
C HIS G 39 -52.06 -52.41 -12.00
N PRO G 40 -52.59 -53.42 -12.70
CA PRO G 40 -53.03 -53.18 -14.08
C PRO G 40 -54.06 -52.07 -14.15
N GLY G 41 -53.84 -51.13 -15.07
CA GLY G 41 -54.72 -49.99 -15.23
C GLY G 41 -54.38 -48.80 -14.35
N LYS G 42 -53.43 -48.94 -13.42
CA LYS G 42 -53.07 -47.87 -12.49
C LYS G 42 -51.60 -47.53 -12.66
N ALA G 43 -51.25 -46.32 -12.21
CA ALA G 43 -49.86 -45.89 -12.21
C ALA G 43 -49.05 -46.69 -11.19
N PRO G 44 -47.75 -46.90 -11.42
CA PRO G 44 -46.93 -47.60 -10.42
C PRO G 44 -46.76 -46.76 -9.16
N LYS G 45 -46.72 -47.46 -8.03
CA LYS G 45 -46.46 -46.88 -6.73
C LYS G 45 -45.03 -47.22 -6.30
N LEU G 46 -44.36 -46.26 -5.66
CA LEU G 46 -43.04 -46.51 -5.12
C LEU G 46 -43.17 -47.38 -3.88
N MET G 47 -42.47 -48.52 -3.87
CA MET G 47 -42.49 -49.44 -2.75
C MET G 47 -41.17 -49.47 -1.99
N ILE G 48 -40.05 -49.57 -2.69
CA ILE G 48 -38.73 -49.60 -2.05
C ILE G 48 -37.84 -48.64 -2.82
N TYR G 49 -36.99 -47.91 -2.09
CA TYR G 49 -36.02 -47.03 -2.72
C TYR G 49 -34.68 -47.18 -2.02
N ASP G 50 -33.63 -46.75 -2.72
CA ASP G 50 -32.25 -46.89 -2.26
C ASP G 50 -31.96 -48.35 -1.88
N VAL G 51 -31.51 -48.63 -0.65
CA VAL G 51 -31.30 -49.99 -0.17
C VAL G 51 -32.20 -50.22 1.03
N THR G 52 -33.14 -51.15 0.88
CA THR G 52 -34.12 -51.53 1.90
C THR G 52 -34.75 -50.38 2.67
N GLN G 53 -35.08 -49.28 2.00
CA GLN G 53 -35.85 -48.20 2.60
C GLN G 53 -37.29 -48.29 2.12
N ARG G 54 -38.21 -47.89 2.98
CA ARG G 54 -39.63 -47.82 2.65
C ARG G 54 -40.09 -46.37 2.69
N PRO G 55 -40.84 -45.88 1.70
CA PRO G 55 -41.43 -44.55 1.84
C PRO G 55 -42.62 -44.58 2.78
N SER G 56 -42.98 -43.41 3.28
CA SER G 56 -44.15 -43.31 4.14
C SER G 56 -45.40 -43.76 3.39
N GLY G 57 -46.25 -44.52 4.07
CA GLY G 57 -47.46 -45.07 3.48
C GLY G 57 -47.35 -46.51 3.04
N VAL G 58 -46.14 -47.07 2.99
CA VAL G 58 -45.92 -48.46 2.61
C VAL G 58 -45.72 -49.26 3.88
N SER G 59 -46.45 -50.36 3.99
CA SER G 59 -46.37 -51.19 5.19
C SER G 59 -45.02 -51.90 5.25
N ASP G 60 -44.73 -52.45 6.43
CA ASP G 60 -43.43 -53.08 6.69
C ASP G 60 -43.36 -54.51 6.19
N ARG G 61 -44.34 -54.97 5.42
CA ARG G 61 -44.26 -56.29 4.82
C ARG G 61 -43.31 -56.33 3.63
N PHE G 62 -42.95 -55.18 3.07
CA PHE G 62 -42.06 -55.10 1.93
C PHE G 62 -40.65 -54.75 2.39
N SER G 63 -39.70 -55.64 2.10
CA SER G 63 -38.31 -55.43 2.44
C SER G 63 -37.50 -55.85 1.22
N GLY G 64 -36.19 -55.98 1.38
CA GLY G 64 -35.37 -56.36 0.25
C GLY G 64 -33.93 -56.55 0.66
N SER G 65 -33.09 -56.69 -0.35
CA SER G 65 -31.67 -56.93 -0.14
C SER G 65 -30.91 -56.57 -1.41
N LYS G 66 -29.59 -56.51 -1.26
CA LYS G 66 -28.67 -56.24 -2.35
C LYS G 66 -27.39 -57.01 -2.12
N SER G 67 -26.95 -57.75 -3.14
CA SER G 67 -25.69 -58.49 -3.08
C SER G 67 -25.13 -58.59 -4.48
N GLY G 68 -23.87 -58.21 -4.64
CA GLY G 68 -23.24 -58.26 -5.95
C GLY G 68 -23.99 -57.36 -6.92
N ASN G 69 -24.40 -57.94 -8.04
CA ASN G 69 -25.20 -57.26 -9.05
C ASN G 69 -26.67 -57.67 -9.00
N THR G 70 -27.11 -58.30 -7.91
CA THR G 70 -28.47 -58.80 -7.76
C THR G 70 -29.16 -58.08 -6.61
N ALA G 71 -30.36 -57.57 -6.88
CA ALA G 71 -31.21 -56.94 -5.89
C ALA G 71 -32.46 -57.78 -5.74
N SER G 72 -33.07 -57.76 -4.55
CA SER G 72 -34.27 -58.54 -4.32
C SER G 72 -35.24 -57.79 -3.42
N LEU G 73 -36.51 -58.15 -3.58
CA LEU G 73 -37.63 -57.68 -2.78
C LEU G 73 -38.28 -58.88 -2.12
N THR G 74 -38.66 -58.72 -0.87
CA THR G 74 -39.29 -59.77 -0.08
C THR G 74 -40.62 -59.24 0.45
N ILE G 75 -41.66 -60.03 0.25
CA ILE G 75 -42.98 -59.76 0.81
C ILE G 75 -43.15 -60.75 1.95
N SER G 76 -43.22 -60.23 3.18
CA SER G 76 -43.23 -61.07 4.37
C SER G 76 -44.54 -61.84 4.52
N GLY G 77 -45.59 -61.46 3.81
CA GLY G 77 -46.84 -62.17 3.89
C GLY G 77 -47.77 -61.72 2.77
N LEU G 78 -48.11 -62.67 1.92
CA LEU G 78 -48.87 -62.37 0.71
C LEU G 78 -50.31 -62.01 1.06
N GLN G 79 -50.85 -61.02 0.37
CA GLN G 79 -52.23 -60.60 0.50
C GLN G 79 -52.90 -60.59 -0.87
N ALA G 80 -54.23 -60.73 -0.86
CA ALA G 80 -54.99 -60.68 -2.10
C ALA G 80 -54.83 -59.34 -2.80
N ASP G 81 -54.67 -58.26 -2.03
CA ASP G 81 -54.55 -56.93 -2.60
C ASP G 81 -53.15 -56.63 -3.10
N ASP G 82 -52.20 -57.56 -2.97
CA ASP G 82 -50.85 -57.35 -3.45
C ASP G 82 -50.67 -57.72 -4.92
N GLU G 83 -51.68 -58.31 -5.55
CA GLU G 83 -51.56 -58.74 -6.93
C GLU G 83 -51.27 -57.54 -7.83
N ALA G 84 -50.10 -57.57 -8.46
CA ALA G 84 -49.66 -56.45 -9.27
C ALA G 84 -48.42 -56.87 -10.05
N ASP G 85 -48.04 -56.04 -11.00
CA ASP G 85 -46.77 -56.18 -11.72
C ASP G 85 -45.69 -55.39 -10.98
N TYR G 86 -44.65 -56.08 -10.55
CA TYR G 86 -43.55 -55.44 -9.83
C TYR G 86 -42.40 -55.17 -10.78
N TYR G 87 -41.77 -54.01 -10.62
CA TYR G 87 -40.68 -53.58 -11.50
C TYR G 87 -39.48 -53.15 -10.67
N CYS G 88 -38.29 -53.42 -11.21
CA CYS G 88 -37.04 -52.88 -10.70
C CYS G 88 -36.63 -51.63 -11.46
N SER G 89 -35.88 -50.79 -10.78
CA SER G 89 -35.23 -49.65 -11.41
C SER G 89 -33.89 -49.45 -10.73
N ALA G 90 -32.88 -49.07 -11.49
CA ALA G 90 -31.56 -48.82 -10.92
C ALA G 90 -30.88 -47.67 -11.64
N TYR G 91 -30.12 -46.91 -10.88
CA TYR G 91 -29.29 -45.84 -11.44
C TYR G 91 -28.06 -46.46 -12.09
N ALA G 92 -27.72 -45.97 -13.29
CA ALA G 92 -26.58 -46.50 -14.04
C ALA G 92 -25.62 -45.40 -14.49
N GLY G 93 -25.47 -44.35 -13.71
CA GLY G 93 -24.54 -43.29 -14.02
C GLY G 93 -25.17 -42.14 -14.79
N ARG G 94 -24.30 -41.29 -15.34
CA ARG G 94 -24.73 -40.08 -16.00
C ARG G 94 -25.07 -40.26 -17.47
N GLN G 95 -24.51 -41.27 -18.13
CA GLN G 95 -24.79 -41.50 -19.54
C GLN G 95 -26.10 -42.26 -19.73
N THR G 96 -26.39 -43.20 -18.83
CA THR G 96 -27.62 -43.97 -18.82
C THR G 96 -28.17 -43.76 -17.41
N PHE G 97 -29.17 -42.89 -17.28
CA PHE G 97 -29.62 -42.51 -15.95
C PHE G 97 -30.32 -43.66 -15.23
N TYR G 98 -31.35 -44.24 -15.83
CA TYR G 98 -32.12 -45.30 -15.19
C TYR G 98 -32.31 -46.48 -16.12
N ILE G 99 -32.21 -47.67 -15.53
CA ILE G 99 -32.47 -48.93 -16.22
C ILE G 99 -33.60 -49.61 -15.48
N PHE G 100 -34.64 -49.99 -16.21
CA PHE G 100 -35.78 -50.73 -15.67
C PHE G 100 -35.76 -52.15 -16.17
N GLY G 101 -36.29 -53.07 -15.36
CA GLY G 101 -36.49 -54.43 -15.76
C GLY G 101 -37.89 -54.65 -16.28
N GLY G 102 -38.24 -55.91 -16.49
CA GLY G 102 -39.57 -56.27 -16.90
C GLY G 102 -40.49 -56.38 -15.70
N GLY G 103 -41.72 -56.80 -15.97
CA GLY G 103 -42.71 -56.95 -14.93
C GLY G 103 -42.77 -58.38 -14.44
N THR G 104 -43.04 -58.53 -13.14
CA THR G 104 -43.22 -59.83 -12.50
C THR G 104 -44.66 -59.92 -12.06
N ARG G 105 -45.37 -60.94 -12.55
CA ARG G 105 -46.74 -61.17 -12.15
C ARG G 105 -46.73 -61.91 -10.81
N LEU G 106 -47.35 -61.31 -9.79
CA LEU G 106 -47.27 -61.89 -8.45
C LEU G 106 -48.03 -63.20 -8.38
N THR G 107 -49.18 -63.29 -9.05
CA THR G 107 -50.00 -64.50 -9.11
C THR G 107 -50.33 -65.04 -7.71
N VAL G 108 -51.13 -64.27 -7.00
CA VAL G 108 -51.53 -64.64 -5.65
C VAL G 108 -52.44 -65.86 -5.75
N VAL H 2 26.94 64.63 35.69
CA VAL H 2 28.31 64.16 35.71
C VAL H 2 29.02 64.68 36.96
N GLN H 3 28.29 64.72 38.07
CA GLN H 3 28.82 65.18 39.34
C GLN H 3 28.99 63.98 40.28
N LEU H 4 30.22 63.74 40.70
CA LEU H 4 30.58 62.70 41.65
C LEU H 4 31.22 63.37 42.86
N VAL H 5 30.56 63.25 44.01
CA VAL H 5 30.97 63.89 45.26
C VAL H 5 31.35 62.80 46.24
N GLN H 6 32.59 62.81 46.69
CA GLN H 6 33.09 61.76 47.56
C GLN H 6 32.83 62.11 49.01
N SER H 7 32.72 61.07 49.85
CA SER H 7 32.58 61.25 51.29
C SER H 7 33.32 60.15 52.02
N GLY H 8 34.11 60.56 53.01
CA GLY H 8 34.92 59.70 53.84
C GLY H 8 36.38 59.77 53.44
N ALA H 9 37.20 60.43 54.26
CA ALA H 9 38.61 60.63 53.98
C ALA H 9 39.43 60.56 55.28
N GLU H 10 39.21 59.53 56.08
CA GLU H 10 39.88 59.35 57.36
C GLU H 10 40.90 58.23 57.28
N VAL H 11 42.13 58.53 57.68
CA VAL H 11 43.19 57.53 57.83
C VAL H 11 43.08 56.95 59.22
N LYS H 12 43.00 55.62 59.31
CA LYS H 12 42.71 54.94 60.57
C LYS H 12 43.88 54.05 60.99
N LYS H 13 43.86 53.68 62.27
CA LYS H 13 44.88 52.85 62.88
C LYS H 13 44.76 51.40 62.42
N PRO H 14 45.78 50.58 62.66
CA PRO H 14 45.67 49.15 62.32
C PRO H 14 44.48 48.48 63.00
N GLY H 15 43.84 47.57 62.27
CA GLY H 15 42.66 46.87 62.70
C GLY H 15 41.37 47.51 62.21
N ALA H 16 41.43 48.73 61.71
CA ALA H 16 40.26 49.47 61.27
C ALA H 16 39.68 48.89 59.98
N SER H 17 38.43 49.28 59.74
CA SER H 17 37.72 49.06 58.48
C SER H 17 36.96 50.35 58.18
N VAL H 18 36.70 50.61 56.90
CA VAL H 18 36.05 51.84 56.49
C VAL H 18 34.90 51.56 55.54
N LYS H 19 34.02 52.54 55.43
CA LYS H 19 32.98 52.57 54.40
C LYS H 19 33.00 53.95 53.77
N LEU H 20 33.30 54.01 52.47
CA LEU H 20 33.37 55.25 51.73
C LEU H 20 32.14 55.35 50.83
N SER H 21 31.73 56.57 50.50
CA SER H 21 30.58 56.74 49.62
C SER H 21 30.88 57.73 48.52
N CYS H 22 30.21 57.51 47.39
CA CYS H 22 30.32 58.30 46.17
C CYS H 22 28.91 58.70 45.77
N LYS H 23 28.52 59.93 46.08
CA LYS H 23 27.23 60.45 45.68
C LYS H 23 27.34 60.85 44.22
N ALA H 24 26.27 60.60 43.46
CA ALA H 24 26.26 60.86 42.03
C ALA H 24 25.02 61.63 41.64
N SER H 25 25.18 62.51 40.65
CA SER H 25 24.07 63.28 40.12
C SER H 25 24.43 63.73 38.72
N GLY H 26 23.42 64.23 38.00
CA GLY H 26 23.61 64.75 36.66
C GLY H 26 23.41 63.76 35.54
N TYR H 27 23.10 62.50 35.86
CA TYR H 27 22.90 61.46 34.85
C TYR H 27 21.96 60.42 35.42
N THR H 28 21.46 59.55 34.55
CA THR H 28 20.59 58.47 35.01
C THR H 28 21.42 57.50 35.82
N PHE H 29 21.24 57.52 37.14
CA PHE H 29 22.10 56.77 38.05
C PHE H 29 22.02 55.27 37.79
N SER H 30 20.81 54.75 37.64
CA SER H 30 20.58 53.31 37.66
C SER H 30 21.20 52.55 36.48
N ILE H 31 21.55 53.21 35.38
CA ILE H 31 21.99 52.51 34.17
C ILE H 31 23.48 52.65 33.88
N TYR H 32 24.23 53.42 34.66
CA TYR H 32 25.67 53.57 34.44
C TYR H 32 26.46 52.85 35.52
N ALA H 33 27.56 52.22 35.11
CA ALA H 33 28.43 51.55 36.05
C ALA H 33 29.24 52.54 36.87
N ILE H 34 29.49 52.19 38.13
CA ILE H 34 30.37 52.95 39.01
C ILE H 34 31.48 52.00 39.47
N THR H 35 32.73 52.42 39.28
CA THR H 35 33.89 51.60 39.61
C THR H 35 34.78 52.33 40.60
N TRP H 36 35.64 51.57 41.26
CA TRP H 36 36.58 52.10 42.25
C TRP H 36 38.01 51.79 41.84
N VAL H 37 38.88 52.81 41.97
CA VAL H 37 40.29 52.69 41.62
C VAL H 37 41.12 53.17 42.80
N ARG H 38 42.14 52.40 43.18
CA ARG H 38 43.05 52.76 44.26
C ARG H 38 44.33 53.36 43.67
N GLN H 39 44.73 54.51 44.22
CA GLN H 39 45.91 55.21 43.73
C GLN H 39 47.19 54.49 44.11
N ALA H 40 47.23 53.87 45.30
CA ALA H 40 48.38 53.24 45.94
C ALA H 40 49.38 54.32 46.38
N PRO H 41 50.18 54.09 47.45
CA PRO H 41 50.95 55.19 48.05
C PRO H 41 52.13 55.63 47.20
N GLY H 42 51.85 56.38 46.13
CA GLY H 42 52.89 56.81 45.22
C GLY H 42 53.23 55.80 44.16
N GLN H 43 52.36 54.84 43.91
CA GLN H 43 52.53 53.78 42.92
C GLN H 43 51.44 53.93 41.87
N GLY H 44 51.39 52.99 40.94
CA GLY H 44 50.41 53.05 39.89
C GLY H 44 49.02 52.64 40.36
N LEU H 45 48.07 52.78 39.45
CA LEU H 45 46.67 52.52 39.77
C LEU H 45 46.41 51.03 39.90
N GLU H 46 45.45 50.69 40.75
CA GLU H 46 44.98 49.32 40.90
C GLU H 46 43.46 49.31 40.89
N TRP H 47 42.89 48.42 40.07
CA TRP H 47 41.44 48.30 39.97
C TRP H 47 40.89 47.54 41.16
N MET H 48 39.83 48.06 41.77
CA MET H 48 39.20 47.43 42.93
C MET H 48 37.93 46.68 42.60
N GLY H 49 37.11 47.20 41.70
CA GLY H 49 35.85 46.58 41.38
C GLY H 49 34.86 47.61 40.89
N GLY H 50 33.60 47.20 40.81
CA GLY H 50 32.57 48.10 40.34
C GLY H 50 31.21 47.46 40.46
N ILE H 51 30.19 48.25 40.15
CA ILE H 51 28.80 47.84 40.30
C ILE H 51 27.94 48.53 39.26
N ILE H 52 26.86 47.86 38.88
CA ILE H 52 25.76 48.43 38.09
C ILE H 52 24.60 48.60 39.06
N PRO H 53 24.28 49.84 39.51
CA PRO H 53 23.24 50.05 40.53
C PRO H 53 21.93 49.27 40.40
N LEU H 54 21.24 49.36 39.26
CA LEU H 54 19.95 48.68 39.11
C LEU H 54 20.10 47.19 39.38
N VAL H 55 20.88 46.50 38.55
CA VAL H 55 21.03 45.05 38.70
C VAL H 55 21.71 44.75 40.03
N GLY H 56 22.85 45.39 40.28
CA GLY H 56 23.56 45.17 41.52
C GLY H 56 24.55 44.03 41.39
N ILE H 57 25.42 44.09 40.39
CA ILE H 57 26.33 43.01 40.04
C ILE H 57 27.75 43.54 40.17
N THR H 58 28.64 42.75 40.76
CA THR H 58 30.02 43.15 40.98
C THR H 58 30.99 42.21 40.30
N ASN H 59 32.25 42.65 40.24
CA ASN H 59 33.32 41.90 39.60
C ASN H 59 34.64 42.17 40.32
N TYR H 60 34.64 42.02 41.65
CA TYR H 60 35.83 42.32 42.46
C TYR H 60 37.08 41.62 41.92
N ALA H 61 38.17 42.35 41.88
CA ALA H 61 39.43 41.84 41.36
C ALA H 61 39.90 40.64 42.19
N GLN H 62 40.96 39.99 41.71
CA GLN H 62 41.42 38.76 42.32
C GLN H 62 42.07 39.01 43.68
N LYS H 63 42.70 40.18 43.87
CA LYS H 63 43.35 40.46 45.14
C LYS H 63 42.38 40.99 46.18
N PHE H 64 41.27 41.59 45.73
CA PHE H 64 40.24 42.15 46.61
C PHE H 64 38.99 41.28 46.66
N GLN H 65 39.06 40.04 46.18
CA GLN H 65 37.87 39.20 46.05
C GLN H 65 37.28 38.76 47.39
N GLY H 66 37.89 39.08 48.52
CA GLY H 66 37.31 38.76 49.82
C GLY H 66 37.22 39.95 50.77
N ARG H 67 37.80 41.09 50.39
CA ARG H 67 37.88 42.25 51.27
C ARG H 67 36.85 43.32 50.90
N VAL H 68 36.90 43.81 49.66
CA VAL H 68 36.05 44.92 49.25
C VAL H 68 34.61 44.46 49.09
N THR H 69 33.66 45.35 49.43
CA THR H 69 32.22 45.08 49.32
C THR H 69 31.54 46.33 48.75
N ILE H 70 31.52 46.45 47.43
CA ILE H 70 30.86 47.56 46.75
C ILE H 70 29.37 47.30 46.73
N THR H 71 28.59 48.31 47.09
CA THR H 71 27.13 48.28 47.04
C THR H 71 26.65 49.58 46.41
N ALA H 72 25.34 49.67 46.15
CA ALA H 72 24.77 50.89 45.62
C ALA H 72 23.34 51.04 46.09
N ASP H 73 22.92 52.30 46.23
CA ASP H 73 21.56 52.67 46.64
C ASP H 73 20.97 53.55 45.55
N THR H 74 20.01 53.00 44.81
CA THR H 74 19.35 53.70 43.71
C THR H 74 18.28 54.68 44.18
N SER H 75 17.89 54.63 45.45
CA SER H 75 16.88 55.56 45.96
C SER H 75 17.51 56.89 46.35
N THR H 76 18.76 56.85 46.82
CA THR H 76 19.53 58.04 47.15
C THR H 76 20.61 58.32 46.12
N THR H 77 20.72 57.48 45.07
CA THR H 77 21.73 57.59 44.02
C THR H 77 23.14 57.76 44.61
N THR H 78 23.51 56.81 45.48
CA THR H 78 24.81 56.82 46.13
C THR H 78 25.44 55.44 46.03
N ALA H 79 26.71 55.39 45.64
CA ALA H 79 27.47 54.15 45.62
C ALA H 79 28.31 54.09 46.90
N TYR H 80 28.49 52.88 47.43
CA TYR H 80 29.24 52.67 48.65
C TYR H 80 30.29 51.60 48.42
N MET H 81 31.40 51.71 49.15
CA MET H 81 32.44 50.69 49.14
C MET H 81 32.88 50.44 50.58
N GLU H 82 32.83 49.19 51.03
CA GLU H 82 33.26 48.82 52.36
C GLU H 82 34.58 48.07 52.26
N LEU H 83 35.59 48.56 52.98
CA LEU H 83 36.94 48.02 52.97
C LEU H 83 37.22 47.44 54.36
N SER H 84 37.27 46.11 54.45
CA SER H 84 37.56 45.41 55.69
C SER H 84 39.04 45.03 55.74
N SER H 85 39.56 44.98 56.97
CA SER H 85 40.93 44.51 57.25
C SER H 85 41.98 45.26 56.41
N LEU H 86 41.91 46.59 56.43
CA LEU H 86 42.92 47.38 55.73
C LEU H 86 44.21 47.47 56.52
N ARG H 87 44.11 47.48 57.85
CA ARG H 87 45.23 47.68 58.76
C ARG H 87 45.90 48.99 58.39
N SER H 88 47.23 49.05 58.27
CA SER H 88 47.94 50.25 57.83
C SER H 88 48.56 50.08 56.45
N GLU H 89 48.28 48.98 55.76
CA GLU H 89 48.87 48.74 54.46
C GLU H 89 48.05 49.44 53.37
N ASP H 90 48.74 49.73 52.28
CA ASP H 90 48.13 50.28 51.07
C ASP H 90 47.30 51.54 51.37
N THR H 91 47.88 52.43 52.17
CA THR H 91 47.27 53.73 52.38
C THR H 91 47.28 54.47 51.05
N ALA H 92 46.12 54.97 50.63
CA ALA H 92 46.03 55.50 49.28
C ALA H 92 44.82 56.43 49.15
N VAL H 93 44.83 57.17 48.06
CA VAL H 93 43.67 57.94 47.63
C VAL H 93 42.78 57.03 46.82
N TYR H 94 41.51 56.92 47.21
CA TYR H 94 40.52 56.08 46.56
C TYR H 94 39.66 56.96 45.68
N TYR H 95 39.47 56.54 44.43
CA TYR H 95 38.70 57.27 43.44
C TYR H 95 37.47 56.50 42.98
N CYS H 96 36.42 57.26 42.71
CA CYS H 96 35.16 56.79 42.16
C CYS H 96 35.05 57.23 40.71
N SER H 97 34.74 56.29 39.81
CA SER H 97 34.64 56.57 38.38
C SER H 97 33.29 56.12 37.86
N ARG H 98 32.89 56.74 36.74
CA ARG H 98 31.63 56.48 36.06
C ARG H 98 31.91 55.83 34.71
N GLY H 99 30.96 55.03 34.24
CA GLY H 99 31.09 54.47 32.91
C GLY H 99 30.97 55.51 31.82
N LEU H 100 31.59 55.22 30.67
CA LEU H 100 31.49 56.10 29.53
C LEU H 100 30.07 56.17 28.98
N GLY H 101 29.40 55.03 28.89
CA GLY H 101 28.05 54.97 28.41
C GLY H 101 27.29 53.99 29.25
N PRO H 102 26.00 53.83 28.99
CA PRO H 102 25.22 52.87 29.76
C PRO H 102 25.76 51.47 29.55
N SER H 103 25.75 50.68 30.62
CA SER H 103 26.14 49.28 30.55
C SER H 103 24.88 48.49 30.19
N ILE H 104 23.87 48.59 31.04
CA ILE H 104 22.54 48.08 30.74
C ILE H 104 21.82 49.17 29.94
N GLU H 105 20.59 48.91 29.52
CA GLU H 105 19.79 49.94 28.82
C GLU H 105 18.33 49.49 28.89
N THR H 106 17.62 49.96 29.90
CA THR H 106 16.21 49.65 30.02
C THR H 106 15.42 50.48 29.02
N GLU H 107 14.69 49.81 28.11
CA GLU H 107 13.78 50.53 27.24
C GLU H 107 12.63 51.09 28.05
N ASP H 108 11.95 50.23 28.82
CA ASP H 108 10.89 50.59 29.73
C ASP H 108 10.75 49.41 30.67
N ASP H 109 10.34 49.69 31.91
CA ASP H 109 10.27 48.69 32.96
C ASP H 109 11.75 48.42 33.30
N TYR H 110 12.12 47.21 33.73
CA TYR H 110 13.48 46.89 34.16
C TYR H 110 14.09 45.77 33.30
N ASP H 111 13.78 45.76 32.01
CA ASP H 111 14.42 44.81 31.09
C ASP H 111 15.78 45.44 30.76
N TYS H 112 16.75 45.18 31.63
CA TYS H 112 18.07 45.79 31.57
CB TYS H 112 18.89 45.24 32.75
CG TYS H 112 19.51 43.86 32.86
CD1 TYS H 112 19.11 43.06 33.92
CD2 TYS H 112 20.55 43.39 32.06
CE1 TYS H 112 19.64 41.79 34.13
CE2 TYS H 112 21.10 42.13 32.26
CZ TYS H 112 20.64 41.32 33.29
OH TYS H 112 21.18 40.07 33.49
S TYS H 112 22.21 39.91 34.80
O1 TYS H 112 22.83 41.21 34.77
O2 TYS H 112 21.33 39.65 35.93
O3 TYS H 112 23.09 38.79 34.45
C TYS H 112 18.83 45.73 30.21
O TYS H 112 19.15 46.78 29.67
N SER H 113 19.07 44.55 29.65
CA SER H 113 19.81 44.42 28.36
C SER H 113 21.18 45.12 28.36
N TYR H 114 22.24 44.33 28.51
CA TYR H 114 23.62 44.83 28.49
C TYR H 114 23.99 45.38 27.11
N THR H 115 25.01 46.26 27.07
CA THR H 115 25.43 46.91 25.82
C THR H 115 26.92 46.74 25.51
N SER H 116 27.62 45.82 26.18
CA SER H 116 29.01 45.46 25.83
C SER H 116 29.95 46.68 25.83
N GLU H 117 29.83 47.52 26.86
CA GLU H 117 30.70 48.68 27.02
C GLU H 117 31.80 48.35 28.04
N TYR H 118 33.05 48.35 27.57
CA TYR H 118 34.22 48.01 28.39
C TYR H 118 35.08 49.22 28.70
N ASN H 119 34.52 50.42 28.62
CA ASN H 119 35.22 51.67 28.93
C ASN H 119 34.67 52.27 30.21
N LEU H 120 34.59 51.46 31.26
CA LEU H 120 33.96 51.87 32.51
C LEU H 120 34.78 52.84 33.36
N LEU H 121 35.63 53.69 32.75
CA LEU H 121 36.46 54.65 33.49
C LEU H 121 36.40 56.01 32.79
N HIS H 122 35.29 56.73 33.00
CA HIS H 122 35.10 58.08 32.47
C HIS H 122 34.55 58.90 33.64
N VAL H 123 34.38 60.23 33.47
CA VAL H 123 34.00 61.19 34.51
C VAL H 123 34.68 60.76 35.81
N TRP H 124 36.01 60.72 35.77
CA TRP H 124 36.78 60.25 36.90
C TRP H 124 36.71 61.31 38.00
N GLY H 125 35.95 61.03 39.04
CA GLY H 125 35.76 61.99 40.11
C GLY H 125 37.00 62.15 40.95
N ARG H 126 36.94 63.10 41.88
CA ARG H 126 38.05 63.32 42.78
C ARG H 126 38.15 62.13 43.74
N GLY H 127 39.18 62.15 44.58
CA GLY H 127 39.47 61.03 45.46
C GLY H 127 39.46 61.45 46.93
N VAL H 128 39.57 60.44 47.78
CA VAL H 128 39.64 60.63 49.22
C VAL H 128 40.85 59.86 49.75
N LEU H 129 41.67 60.50 50.57
CA LEU H 129 42.87 59.88 51.12
C LEU H 129 42.50 59.08 52.37
N VAL H 130 42.73 57.77 52.33
CA VAL H 130 42.41 56.87 53.42
C VAL H 130 43.64 56.02 53.70
N VAL I 2 17.68 -56.21 -7.77
CA VAL I 2 16.25 -55.99 -7.69
C VAL I 2 15.54 -57.32 -7.64
N GLN I 3 14.52 -57.43 -6.78
CA GLN I 3 13.72 -58.63 -6.67
C GLN I 3 12.27 -58.25 -6.40
N LEU I 4 11.37 -58.89 -7.13
CA LEU I 4 9.92 -58.74 -6.94
C LEU I 4 9.36 -60.13 -6.66
N VAL I 5 8.77 -60.31 -5.49
CA VAL I 5 8.26 -61.60 -5.03
C VAL I 5 6.74 -61.51 -4.99
N GLU I 6 6.08 -62.30 -5.85
CA GLU I 6 4.63 -62.23 -6.02
C GLU I 6 3.95 -63.26 -5.13
N THR I 7 3.73 -62.86 -3.87
CA THR I 7 3.06 -63.73 -2.90
C THR I 7 1.55 -63.66 -3.13
N GLY I 8 1.12 -64.24 -4.25
CA GLY I 8 -0.26 -64.19 -4.67
C GLY I 8 -1.03 -65.43 -4.25
N GLY I 9 -2.17 -65.63 -4.90
CA GLY I 9 -3.09 -66.70 -4.56
C GLY I 9 -2.94 -67.92 -5.44
N GLY I 10 -3.98 -68.75 -5.44
CA GLY I 10 -4.00 -70.02 -6.17
C GLY I 10 -5.19 -70.19 -7.08
N LEU I 11 -6.03 -71.18 -6.76
CA LEU I 11 -7.18 -71.56 -7.56
C LEU I 11 -8.45 -70.95 -6.96
N VAL I 12 -9.28 -70.36 -7.82
CA VAL I 12 -10.60 -69.87 -7.46
C VAL I 12 -11.62 -70.39 -8.47
N GLN I 13 -12.89 -70.33 -8.08
CA GLN I 13 -13.98 -70.67 -8.97
C GLN I 13 -14.35 -69.48 -9.85
N PRO I 14 -14.94 -69.71 -11.03
CA PRO I 14 -15.47 -68.59 -11.81
C PRO I 14 -16.49 -67.81 -11.00
N GLY I 15 -16.38 -66.48 -11.05
CA GLY I 15 -17.22 -65.61 -10.27
C GLY I 15 -16.66 -65.24 -8.91
N GLY I 16 -15.55 -65.85 -8.50
CA GLY I 16 -14.94 -65.57 -7.22
C GLY I 16 -14.03 -64.38 -7.28
N SER I 17 -13.28 -64.18 -6.18
CA SER I 17 -12.38 -63.05 -6.05
C SER I 17 -11.01 -63.53 -5.56
N LEU I 18 -9.96 -62.87 -6.06
CA LEU I 18 -8.60 -63.19 -5.67
C LEU I 18 -7.77 -61.92 -5.58
N LYS I 19 -6.93 -61.84 -4.56
CA LYS I 19 -6.00 -60.73 -4.40
C LYS I 19 -4.58 -61.24 -4.61
N LEU I 20 -3.83 -60.54 -5.44
CA LEU I 20 -2.40 -60.76 -5.64
C LEU I 20 -1.64 -59.66 -4.93
N SER I 21 -0.41 -59.98 -4.52
CA SER I 21 0.48 -59.03 -3.89
C SER I 21 1.87 -59.22 -4.46
N CYS I 22 2.69 -58.18 -4.27
CA CYS I 22 4.06 -58.16 -4.77
C CYS I 22 4.91 -57.36 -3.80
N ARG I 23 5.93 -58.02 -3.25
CA ARG I 23 6.90 -57.40 -2.36
C ARG I 23 8.13 -57.03 -3.17
N ALA I 24 8.60 -55.80 -3.02
CA ALA I 24 9.72 -55.28 -3.78
C ALA I 24 10.94 -55.12 -2.87
N SER I 25 12.12 -55.41 -3.42
CA SER I 25 13.36 -55.15 -2.72
C SER I 25 14.45 -54.83 -3.74
N GLY I 26 15.49 -54.16 -3.27
CA GLY I 26 16.63 -53.82 -4.10
C GLY I 26 16.57 -52.46 -4.77
N TYR I 27 15.49 -51.71 -4.58
CA TYR I 27 15.38 -50.39 -5.18
C TYR I 27 14.38 -49.59 -4.35
N THR I 28 14.34 -48.29 -4.60
CA THR I 28 13.38 -47.42 -3.94
C THR I 28 12.02 -47.63 -4.59
N PHE I 29 11.10 -48.24 -3.85
CA PHE I 29 9.80 -48.59 -4.41
C PHE I 29 9.01 -47.35 -4.80
N SER I 30 9.00 -46.34 -3.93
CA SER I 30 8.19 -45.14 -4.16
C SER I 30 8.64 -44.31 -5.35
N SER I 31 9.82 -44.59 -5.93
CA SER I 31 10.31 -43.81 -7.06
C SER I 31 9.89 -44.35 -8.42
N PHE I 32 9.28 -45.53 -8.50
CA PHE I 32 8.95 -46.18 -9.77
C PHE I 32 7.48 -46.47 -9.87
N ALA I 33 6.96 -46.35 -11.10
CA ALA I 33 5.62 -46.81 -11.39
C ALA I 33 5.61 -48.33 -11.47
N MET I 34 4.44 -48.93 -11.22
CA MET I 34 4.30 -50.37 -11.20
C MET I 34 3.15 -50.79 -12.09
N SER I 35 3.20 -52.03 -12.57
CA SER I 35 2.17 -52.55 -13.44
C SER I 35 1.99 -54.03 -13.17
N TRP I 36 0.84 -54.54 -13.60
CA TRP I 36 0.55 -55.96 -13.68
C TRP I 36 0.34 -56.33 -15.13
N VAL I 37 1.07 -57.37 -15.58
CA VAL I 37 1.01 -57.86 -16.95
C VAL I 37 0.62 -59.34 -16.90
N ARG I 38 -0.35 -59.72 -17.71
CA ARG I 38 -0.93 -61.04 -17.73
C ARG I 38 -0.44 -61.85 -18.92
N GLN I 39 -0.08 -63.11 -18.67
CA GLN I 39 0.32 -64.05 -19.72
C GLN I 39 -0.59 -65.26 -19.65
N ALA I 40 -1.45 -65.40 -20.64
CA ALA I 40 -2.31 -66.58 -20.70
C ALA I 40 -1.57 -67.70 -21.44
N PRO I 41 -1.59 -68.95 -20.96
CA PRO I 41 -0.86 -70.01 -21.66
C PRO I 41 -1.29 -70.15 -23.12
N GLY I 42 -0.29 -70.13 -24.01
CA GLY I 42 -0.52 -70.25 -25.44
C GLY I 42 -0.87 -68.97 -26.15
N LYS I 43 -0.98 -67.83 -25.45
CA LYS I 43 -1.38 -66.57 -26.05
C LYS I 43 -0.31 -65.49 -26.02
N GLY I 44 0.46 -65.39 -24.94
CA GLY I 44 1.51 -64.39 -24.82
C GLY I 44 1.16 -63.33 -23.79
N LEU I 45 2.00 -62.30 -23.75
CA LEU I 45 1.88 -61.26 -22.74
C LEU I 45 0.75 -60.30 -23.07
N GLU I 46 0.04 -59.88 -22.04
CA GLU I 46 -0.98 -58.85 -22.14
C GLU I 46 -0.86 -57.94 -20.93
N TRP I 47 -0.85 -56.64 -21.15
CA TRP I 47 -0.84 -55.68 -20.05
C TRP I 47 -2.23 -55.58 -19.43
N VAL I 48 -2.27 -55.56 -18.10
CA VAL I 48 -3.52 -55.52 -17.34
C VAL I 48 -3.72 -54.17 -16.68
N SER I 49 -2.76 -53.71 -15.88
CA SER I 49 -2.99 -52.51 -15.10
C SER I 49 -1.68 -51.77 -14.84
N LEU I 50 -1.82 -50.46 -14.59
CA LEU I 50 -0.70 -49.58 -14.32
C LEU I 50 -1.07 -48.65 -13.17
N ILE I 51 -0.15 -48.48 -12.22
CA ILE I 51 -0.30 -47.54 -11.11
C ILE I 51 0.93 -46.67 -11.03
N ASN I 52 0.71 -45.40 -10.67
CA ASN I 52 1.77 -44.41 -10.63
C ASN I 52 2.70 -44.67 -9.46
N ASP I 53 3.75 -43.84 -9.36
CA ASP I 53 4.72 -44.01 -8.29
C ASP I 53 4.13 -43.63 -6.94
N ARG I 54 3.25 -42.63 -6.92
CA ARG I 54 2.59 -42.18 -5.69
C ARG I 54 1.32 -42.95 -5.38
N GLY I 55 0.80 -43.74 -6.33
CA GLY I 55 -0.41 -44.51 -6.11
C GLY I 55 -1.71 -43.81 -6.41
N GLY I 56 -1.67 -42.51 -6.76
CA GLY I 56 -2.90 -41.77 -6.98
C GLY I 56 -3.61 -42.05 -8.30
N LEU I 57 -2.89 -42.52 -9.31
CA LEU I 57 -3.44 -42.74 -10.65
C LEU I 57 -3.38 -44.21 -11.00
N THR I 58 -4.49 -44.74 -11.52
CA THR I 58 -4.62 -46.12 -11.94
C THR I 58 -5.17 -46.17 -13.37
N PHE I 59 -4.68 -47.12 -14.16
CA PHE I 59 -5.11 -47.31 -15.54
C PHE I 59 -5.28 -48.80 -15.80
N TYR I 60 -6.26 -49.13 -16.66
CA TYR I 60 -6.62 -50.50 -16.98
C TYR I 60 -6.90 -50.62 -18.47
N VAL I 61 -6.83 -51.86 -18.99
CA VAL I 61 -7.43 -52.16 -20.29
C VAL I 61 -8.94 -52.26 -20.11
N ASP I 62 -9.66 -51.94 -21.20
CA ASP I 62 -11.12 -51.90 -21.18
C ASP I 62 -11.74 -53.19 -20.67
N SER I 63 -11.14 -54.34 -20.98
CA SER I 63 -11.71 -55.62 -20.58
C SER I 63 -11.70 -55.84 -19.07
N VAL I 64 -10.87 -55.12 -18.32
CA VAL I 64 -10.81 -55.24 -16.87
C VAL I 64 -10.97 -53.87 -16.22
N LYS I 65 -11.55 -52.92 -16.96
CA LYS I 65 -11.64 -51.56 -16.44
C LYS I 65 -12.47 -51.52 -15.17
N GLY I 66 -13.53 -52.33 -15.11
CA GLY I 66 -14.19 -52.60 -13.87
C GLY I 66 -13.61 -53.85 -13.24
N ARG I 67 -14.15 -54.23 -12.09
CA ARG I 67 -13.83 -55.46 -11.39
C ARG I 67 -12.44 -55.53 -10.74
N PHE I 68 -11.44 -54.80 -11.27
CA PHE I 68 -10.07 -54.82 -10.78
C PHE I 68 -9.79 -53.53 -10.01
N THR I 69 -9.06 -53.65 -8.91
CA THR I 69 -8.53 -52.51 -8.19
C THR I 69 -7.05 -52.75 -7.96
N ILE I 70 -6.22 -51.80 -8.38
CA ILE I 70 -4.77 -51.85 -8.15
C ILE I 70 -4.45 -50.87 -7.04
N SER I 71 -3.62 -51.31 -6.08
CA SER I 71 -3.31 -50.52 -4.90
C SER I 71 -1.83 -50.58 -4.63
N ARG I 72 -1.30 -49.49 -4.10
CA ARG I 72 0.12 -49.34 -3.82
C ARG I 72 0.28 -48.85 -2.40
N ASP I 73 1.15 -49.49 -1.63
CA ASP I 73 1.49 -49.07 -0.27
C ASP I 73 2.98 -48.81 -0.27
N ASN I 74 3.34 -47.52 -0.22
CA ASN I 74 4.73 -47.10 -0.29
C ASN I 74 5.45 -47.20 1.05
N SER I 75 4.73 -47.51 2.14
CA SER I 75 5.35 -47.66 3.44
C SER I 75 5.84 -49.09 3.67
N LYS I 76 5.16 -50.08 3.07
CA LYS I 76 5.54 -51.48 3.16
C LYS I 76 6.13 -52.00 1.86
N ASN I 77 6.38 -51.12 0.88
CA ASN I 77 6.92 -51.51 -0.42
C ASN I 77 6.09 -52.62 -1.05
N THR I 78 4.78 -52.46 -1.03
CA THR I 78 3.84 -53.50 -1.41
C THR I 78 2.95 -53.03 -2.55
N LEU I 79 2.85 -53.83 -3.59
CA LEU I 79 1.90 -53.64 -4.68
C LEU I 79 0.84 -54.70 -4.52
N SER I 80 -0.42 -54.38 -4.83
CA SER I 80 -1.47 -55.39 -4.76
C SER I 80 -2.50 -55.14 -5.84
N LEU I 81 -3.17 -56.23 -6.22
CA LEU I 81 -4.25 -56.20 -7.21
C LEU I 81 -5.39 -57.07 -6.70
N GLN I 82 -6.55 -56.47 -6.49
CA GLN I 82 -7.75 -57.17 -6.05
C GLN I 82 -8.66 -57.35 -7.24
N MET I 83 -8.90 -58.60 -7.64
CA MET I 83 -9.69 -58.94 -8.81
C MET I 83 -10.99 -59.57 -8.32
N HIS I 84 -12.11 -58.94 -8.68
CA HIS I 84 -13.43 -59.42 -8.34
C HIS I 84 -14.09 -59.98 -9.58
N SER I 85 -15.08 -60.86 -9.38
CA SER I 85 -15.88 -61.44 -10.46
C SER I 85 -15.00 -62.02 -11.58
N LEU I 86 -14.02 -62.82 -11.17
CA LEU I 86 -13.07 -63.38 -12.13
C LEU I 86 -13.76 -64.28 -13.14
N ARG I 87 -13.36 -64.15 -14.39
CA ARG I 87 -13.89 -64.92 -15.51
C ARG I 87 -12.95 -66.05 -15.87
N ASP I 88 -13.49 -67.02 -16.62
CA ASP I 88 -12.65 -68.13 -17.07
C ASP I 88 -11.54 -67.66 -17.99
N GLY I 89 -11.77 -66.56 -18.71
CA GLY I 89 -10.74 -65.98 -19.56
C GLY I 89 -9.60 -65.32 -18.80
N ASP I 90 -9.70 -65.18 -17.48
CA ASP I 90 -8.67 -64.57 -16.67
C ASP I 90 -7.66 -65.57 -16.14
N THR I 91 -7.79 -66.86 -16.49
CA THR I 91 -6.80 -67.84 -16.08
C THR I 91 -5.50 -67.54 -16.78
N ALA I 92 -4.44 -67.30 -16.01
CA ALA I 92 -3.17 -66.85 -16.57
C ALA I 92 -2.14 -66.75 -15.46
N VAL I 93 -0.89 -66.59 -15.87
CA VAL I 93 0.19 -66.21 -14.96
C VAL I 93 0.30 -64.68 -14.98
N TYR I 94 0.21 -64.06 -13.81
CA TYR I 94 0.32 -62.62 -13.68
C TYR I 94 1.75 -62.29 -13.25
N TYR I 95 2.26 -61.18 -13.76
CA TYR I 95 3.60 -60.70 -13.42
C TYR I 95 3.52 -59.29 -12.87
N CYS I 96 4.31 -59.06 -11.84
CA CYS I 96 4.55 -57.75 -11.25
C CYS I 96 5.72 -57.13 -11.97
N ALA I 97 5.56 -55.90 -12.47
CA ALA I 97 6.61 -55.26 -13.25
C ALA I 97 6.80 -53.83 -12.83
N THR I 98 8.05 -53.39 -12.88
CA THR I 98 8.45 -52.03 -12.51
C THR I 98 8.60 -51.18 -13.76
N GLY I 99 7.95 -50.04 -13.78
CA GLY I 99 8.05 -49.08 -14.88
C GLY I 99 6.75 -48.94 -15.63
N GLY I 100 6.81 -48.11 -16.67
CA GLY I 100 5.70 -47.90 -17.58
C GLY I 100 5.05 -46.54 -17.52
N MET I 101 5.34 -45.69 -16.54
CA MET I 101 4.71 -44.37 -16.49
C MET I 101 5.66 -43.22 -16.14
N SER I 102 6.55 -43.44 -15.19
CA SER I 102 7.41 -42.38 -14.65
C SER I 102 6.54 -41.21 -14.16
N SER I 103 7.08 -39.99 -14.22
CA SER I 103 6.37 -38.80 -13.79
C SER I 103 6.91 -37.61 -14.57
N ALA I 104 6.25 -36.45 -14.41
CA ALA I 104 6.64 -35.27 -15.17
C ALA I 104 8.05 -34.80 -14.85
N LEU I 105 8.52 -35.05 -13.63
CA LEU I 105 9.83 -34.59 -13.18
C LEU I 105 10.92 -35.63 -13.35
N GLN I 106 10.61 -36.78 -13.93
CA GLN I 106 11.55 -37.86 -14.15
C GLN I 106 11.75 -38.07 -15.65
N SER I 107 12.65 -38.97 -16.00
CA SER I 107 12.86 -39.30 -17.40
C SER I 107 11.72 -40.19 -17.90
N SER I 108 11.62 -40.30 -19.21
CA SER I 108 10.61 -41.15 -19.82
C SER I 108 10.95 -42.62 -19.56
N LYS I 109 9.95 -43.39 -19.13
CA LYS I 109 10.16 -44.81 -18.80
C LYS I 109 8.99 -45.65 -19.30
N TYR I 110 8.67 -45.56 -20.58
CA TYR I 110 7.55 -46.36 -21.13
C TYR I 110 8.03 -47.76 -21.52
N TYR I 111 8.50 -48.47 -20.49
CA TYR I 111 9.01 -49.82 -20.63
C TYR I 111 8.95 -50.45 -19.25
N PHE I 112 9.07 -51.77 -19.21
CA PHE I 112 9.08 -52.52 -17.95
C PHE I 112 10.45 -53.16 -17.82
N ASP I 113 11.24 -52.70 -16.86
CA ASP I 113 12.63 -53.14 -16.76
C ASP I 113 12.88 -54.23 -15.72
N PHE I 114 12.08 -54.32 -14.66
CA PHE I 114 12.25 -55.35 -13.64
C PHE I 114 10.94 -56.13 -13.51
N TRP I 115 11.01 -57.42 -13.78
CA TRP I 115 9.86 -58.32 -13.76
C TRP I 115 9.97 -59.28 -12.59
N GLY I 116 8.83 -59.63 -12.00
CA GLY I 116 8.81 -60.56 -10.89
C GLY I 116 8.75 -62.00 -11.34
N GLN I 117 8.73 -62.89 -10.35
CA GLN I 117 8.75 -64.32 -10.64
C GLN I 117 7.46 -64.77 -11.33
N GLY I 118 6.34 -64.16 -10.99
CA GLY I 118 5.06 -64.52 -11.53
C GLY I 118 4.27 -65.40 -10.59
N ALA I 119 2.94 -65.30 -10.69
CA ALA I 119 2.03 -66.10 -9.88
C ALA I 119 0.91 -66.61 -10.77
N LEU I 120 0.46 -67.84 -10.52
CA LEU I 120 -0.55 -68.48 -11.35
C LEU I 120 -1.92 -68.28 -10.74
N VAL I 121 -2.82 -67.67 -11.51
CA VAL I 121 -4.23 -67.49 -11.14
C VAL I 121 -5.04 -68.39 -12.04
N THR I 122 -5.73 -69.36 -11.44
CA THR I 122 -6.53 -70.35 -12.15
C THR I 122 -7.99 -70.13 -11.82
N VAL I 123 -8.83 -70.05 -12.85
CA VAL I 123 -10.25 -69.80 -12.70
C VAL I 123 -11.02 -70.88 -13.44
N ALA J 1 -3.25 -56.75 -31.72
CA ALA J 1 -2.96 -55.33 -31.82
C ALA J 1 -1.92 -55.10 -32.92
N LEU J 2 -0.79 -55.78 -32.81
CA LEU J 2 0.28 -55.71 -33.79
C LEU J 2 0.69 -57.13 -34.18
N THR J 3 1.19 -57.27 -35.40
CA THR J 3 1.47 -58.57 -36.00
C THR J 3 2.95 -58.90 -35.92
N GLN J 4 3.25 -60.12 -35.47
CA GLN J 4 4.59 -60.69 -35.40
C GLN J 4 4.63 -62.03 -36.12
N PRO J 5 5.79 -62.44 -36.64
CA PRO J 5 5.89 -63.80 -37.17
C PRO J 5 5.80 -64.81 -36.05
N PRO J 6 5.27 -66.01 -36.30
CA PRO J 6 5.19 -67.00 -35.21
C PRO J 6 6.56 -67.53 -34.78
N SER J 7 7.55 -67.53 -35.66
CA SER J 7 8.87 -68.03 -35.29
C SER J 7 9.91 -67.52 -36.29
N VAL J 8 11.15 -67.48 -35.83
CA VAL J 8 12.31 -67.22 -36.67
C VAL J 8 13.39 -68.25 -36.33
N SER J 9 14.37 -68.37 -37.20
CA SER J 9 15.46 -69.30 -36.98
C SER J 9 16.71 -68.82 -37.69
N GLY J 10 17.84 -69.40 -37.30
CA GLY J 10 19.11 -69.15 -37.96
C GLY J 10 20.20 -69.97 -37.30
N SER J 11 21.34 -70.05 -37.99
CA SER J 11 22.46 -70.80 -37.48
C SER J 11 23.24 -70.00 -36.44
N PRO J 12 23.98 -70.67 -35.54
CA PRO J 12 24.85 -69.92 -34.63
C PRO J 12 25.86 -69.07 -35.39
N GLY J 13 26.03 -67.83 -34.93
CA GLY J 13 26.93 -66.90 -35.53
C GLY J 13 26.31 -66.01 -36.59
N GLN J 14 25.10 -66.33 -37.05
CA GLN J 14 24.43 -65.53 -38.05
C GLN J 14 23.57 -64.46 -37.39
N SER J 15 23.25 -63.43 -38.18
CA SER J 15 22.35 -62.37 -37.75
C SER J 15 20.91 -62.73 -38.12
N VAL J 16 19.98 -62.41 -37.22
CA VAL J 16 18.56 -62.60 -37.47
C VAL J 16 17.83 -61.28 -37.20
N THR J 17 16.66 -61.16 -37.83
CA THR J 17 15.81 -59.98 -37.68
C THR J 17 14.41 -60.43 -37.28
N ILE J 18 13.87 -59.81 -36.23
CA ILE J 18 12.50 -60.03 -35.77
C ILE J 18 11.77 -58.70 -35.93
N SER J 19 10.59 -58.74 -36.53
CA SER J 19 9.84 -57.52 -36.78
C SER J 19 8.48 -57.54 -36.11
N CYS J 20 8.00 -56.34 -35.80
CA CYS J 20 6.65 -56.09 -35.27
C CYS J 20 6.01 -55.02 -36.12
N THR J 21 4.81 -55.30 -36.60
CA THR J 21 4.05 -54.38 -37.44
C THR J 21 2.79 -53.98 -36.69
N GLY J 22 2.66 -52.70 -36.42
CA GLY J 22 1.52 -52.14 -35.71
C GLY J 22 0.76 -51.25 -36.68
N THR J 23 0.22 -50.14 -36.18
CA THR J 23 -0.51 -49.19 -36.99
C THR J 23 0.06 -47.80 -36.77
N SER J 24 -0.49 -46.83 -37.50
CA SER J 24 0.06 -45.47 -37.45
C SER J 24 -0.21 -44.81 -36.10
N SER J 25 -1.24 -45.23 -35.38
CA SER J 25 -1.59 -44.56 -34.14
C SER J 25 -0.79 -45.02 -32.93
N ASP J 26 0.04 -46.07 -33.05
CA ASP J 26 0.86 -46.53 -31.91
C ASP J 26 2.35 -46.53 -32.24
N ILE J 27 2.85 -47.43 -33.10
CA ILE J 27 4.27 -47.40 -33.44
C ILE J 27 4.59 -46.15 -34.25
N GLY J 28 3.72 -45.79 -35.19
CA GLY J 28 3.96 -44.60 -35.99
C GLY J 28 3.74 -43.29 -35.28
N SER J 29 3.16 -43.32 -34.08
CA SER J 29 2.88 -42.09 -33.32
C SER J 29 3.85 -41.87 -32.18
N TYR J 30 4.34 -42.93 -31.54
CA TYR J 30 5.23 -42.82 -30.39
C TYR J 30 6.46 -43.68 -30.61
N ASN J 31 7.62 -43.13 -30.25
CA ASN J 31 8.89 -43.86 -30.36
C ASN J 31 9.20 -44.60 -29.06
N TYR J 32 8.25 -45.44 -28.64
CA TYR J 32 8.39 -46.24 -27.41
C TYR J 32 7.96 -47.66 -27.76
N VAL J 33 8.87 -48.42 -28.37
CA VAL J 33 8.61 -49.80 -28.78
C VAL J 33 9.73 -50.65 -28.19
N SER J 34 9.49 -51.20 -27.01
CA SER J 34 10.50 -52.03 -26.35
C SER J 34 10.35 -53.48 -26.77
N TRP J 35 11.44 -54.24 -26.61
CA TRP J 35 11.50 -55.67 -26.91
C TRP J 35 11.99 -56.43 -25.69
N TYR J 36 11.33 -57.59 -25.46
CA TYR J 36 11.57 -58.46 -24.31
C TYR J 36 11.90 -59.87 -24.77
N GLN J 37 12.74 -60.54 -23.98
CA GLN J 37 13.12 -61.94 -24.16
C GLN J 37 12.58 -62.74 -22.97
N GLN J 38 11.79 -63.78 -23.27
CA GLN J 38 11.19 -64.64 -22.27
C GLN J 38 11.60 -66.08 -22.52
N HIS J 39 12.41 -66.63 -21.63
CA HIS J 39 12.68 -68.06 -21.72
C HIS J 39 11.46 -68.82 -21.18
N PRO J 40 11.06 -69.93 -21.80
CA PRO J 40 9.90 -70.67 -21.26
C PRO J 40 10.12 -71.08 -19.81
N GLY J 41 9.10 -70.80 -18.99
CA GLY J 41 9.18 -71.06 -17.56
C GLY J 41 9.74 -69.93 -16.73
N LYS J 42 10.29 -68.89 -17.36
CA LYS J 42 10.89 -67.76 -16.66
C LYS J 42 10.17 -66.48 -17.03
N ALA J 43 10.28 -65.48 -16.16
CA ALA J 43 9.72 -64.17 -16.44
C ALA J 43 10.54 -63.45 -17.52
N PRO J 44 9.90 -62.62 -18.34
CA PRO J 44 10.66 -61.87 -19.35
C PRO J 44 11.52 -60.80 -18.72
N LYS J 45 12.60 -60.46 -19.42
CA LYS J 45 13.49 -59.36 -19.07
C LYS J 45 13.59 -58.41 -20.25
N LEU J 46 13.95 -57.16 -19.95
CA LEU J 46 14.04 -56.11 -20.96
C LEU J 46 15.31 -56.28 -21.77
N MET J 47 15.15 -56.35 -23.09
CA MET J 47 16.27 -56.44 -24.03
C MET J 47 16.58 -55.10 -24.66
N ILE J 48 15.56 -54.30 -24.97
CA ILE J 48 15.78 -52.96 -25.50
C ILE J 48 14.53 -52.15 -25.26
N TYR J 49 14.69 -50.85 -25.00
CA TYR J 49 13.57 -49.96 -24.74
C TYR J 49 13.64 -48.75 -25.66
N ASP J 50 12.60 -47.92 -25.58
CA ASP J 50 12.38 -46.83 -26.51
C ASP J 50 12.36 -47.44 -27.91
N VAL J 51 13.33 -47.13 -28.78
CA VAL J 51 13.42 -47.76 -30.09
C VAL J 51 14.81 -48.36 -30.23
N THR J 52 15.84 -47.53 -30.07
CA THR J 52 17.23 -47.92 -30.30
C THR J 52 18.10 -47.88 -29.05
N GLN J 53 17.53 -47.66 -27.87
CA GLN J 53 18.31 -47.44 -26.66
C GLN J 53 18.33 -48.75 -25.86
N ARG J 54 19.49 -49.35 -25.78
CA ARG J 54 19.68 -50.63 -25.09
C ARG J 54 19.98 -50.39 -23.61
N PRO J 55 19.34 -51.07 -22.67
CA PRO J 55 19.71 -50.88 -21.25
C PRO J 55 21.02 -51.56 -20.93
N SER J 56 21.56 -51.19 -19.77
CA SER J 56 22.77 -51.84 -19.29
C SER J 56 22.46 -53.29 -18.91
N GLY J 57 23.50 -54.11 -18.90
CA GLY J 57 23.35 -55.52 -18.59
C GLY J 57 23.08 -56.39 -19.80
N VAL J 58 22.99 -55.81 -21.00
CA VAL J 58 22.70 -56.53 -22.23
C VAL J 58 23.89 -56.35 -23.15
N SER J 59 24.29 -57.43 -23.82
CA SER J 59 25.44 -57.39 -24.69
C SER J 59 25.18 -56.52 -25.92
N ASP J 60 26.24 -56.31 -26.70
CA ASP J 60 26.18 -55.41 -27.85
C ASP J 60 25.13 -55.83 -28.87
N ARG J 61 24.88 -57.13 -28.99
CA ARG J 61 23.82 -57.60 -29.87
C ARG J 61 22.46 -57.26 -29.28
N PHE J 62 21.41 -57.53 -30.06
CA PHE J 62 20.01 -57.19 -29.80
C PHE J 62 19.72 -55.72 -30.09
N SER J 63 20.48 -55.07 -30.95
CA SER J 63 20.17 -53.70 -31.30
C SER J 63 18.93 -53.65 -32.18
N GLY J 64 18.12 -52.61 -32.01
CA GLY J 64 16.89 -52.45 -32.73
C GLY J 64 16.81 -51.12 -33.47
N SER J 65 15.71 -50.95 -34.18
CA SER J 65 15.45 -49.76 -34.99
C SER J 65 13.97 -49.77 -35.35
N LYS J 66 13.54 -48.73 -36.07
CA LYS J 66 12.19 -48.69 -36.61
C LYS J 66 12.21 -47.96 -37.94
N SER J 67 11.18 -48.24 -38.74
CA SER J 67 10.92 -47.49 -39.97
C SER J 67 9.43 -47.54 -40.23
N GLY J 68 8.85 -46.38 -40.50
CA GLY J 68 7.41 -46.33 -40.74
C GLY J 68 6.66 -46.79 -39.50
N ASN J 69 5.81 -47.79 -39.69
CA ASN J 69 5.06 -48.41 -38.60
C ASN J 69 5.62 -49.75 -38.18
N THR J 70 6.84 -50.09 -38.61
CA THR J 70 7.44 -51.39 -38.34
C THR J 70 8.67 -51.21 -37.45
N ALA J 71 8.71 -51.96 -36.35
CA ALA J 71 9.86 -52.01 -35.47
C ALA J 71 10.64 -53.29 -35.76
N SER J 72 11.96 -53.24 -35.58
CA SER J 72 12.83 -54.35 -35.92
C SER J 72 13.91 -54.52 -34.86
N LEU J 73 14.14 -55.78 -34.49
CA LEU J 73 15.19 -56.19 -33.57
C LEU J 73 16.19 -57.02 -34.36
N THR J 74 17.45 -56.62 -34.33
CA THR J 74 18.52 -57.31 -35.03
C THR J 74 19.39 -57.99 -33.97
N ILE J 75 19.56 -59.30 -34.10
CA ILE J 75 20.34 -60.10 -33.17
C ILE J 75 21.49 -60.67 -33.97
N SER J 76 22.65 -60.04 -33.87
CA SER J 76 23.87 -60.52 -34.51
C SER J 76 24.62 -61.43 -33.54
N GLY J 77 25.43 -62.31 -34.10
CA GLY J 77 26.23 -63.18 -33.25
C GLY J 77 25.39 -64.14 -32.45
N LEU J 78 24.37 -64.73 -33.08
CA LEU J 78 23.39 -65.58 -32.39
C LEU J 78 24.07 -66.67 -31.59
N GLN J 79 23.67 -66.81 -30.32
CA GLN J 79 24.20 -67.78 -29.40
C GLN J 79 23.18 -68.88 -29.14
N ALA J 80 23.67 -70.02 -28.64
CA ALA J 80 22.79 -71.13 -28.33
C ALA J 80 21.86 -70.84 -27.16
N ASP J 81 22.17 -69.84 -26.33
CA ASP J 81 21.36 -69.50 -25.18
C ASP J 81 20.26 -68.50 -25.48
N ASP J 82 20.08 -68.11 -26.74
CA ASP J 82 19.05 -67.16 -27.13
C ASP J 82 17.74 -67.83 -27.52
N GLU J 83 17.61 -69.14 -27.32
CA GLU J 83 16.40 -69.85 -27.72
C GLU J 83 15.28 -69.48 -26.75
N ALA J 84 14.55 -68.41 -27.08
CA ALA J 84 13.53 -67.88 -26.19
C ALA J 84 12.48 -67.17 -27.04
N ASP J 85 11.34 -66.88 -26.43
CA ASP J 85 10.30 -66.10 -27.09
C ASP J 85 10.64 -64.62 -27.01
N TYR J 86 10.33 -63.89 -28.07
CA TYR J 86 10.53 -62.44 -28.10
C TYR J 86 9.21 -61.72 -28.31
N TYR J 87 9.02 -60.64 -27.55
CA TYR J 87 7.77 -59.88 -27.57
C TYR J 87 8.07 -58.39 -27.77
N CYS J 88 7.18 -57.71 -28.48
CA CYS J 88 7.14 -56.26 -28.55
C CYS J 88 6.14 -55.69 -27.54
N SER J 89 6.47 -54.50 -27.06
CA SER J 89 5.57 -53.70 -26.24
C SER J 89 5.59 -52.29 -26.79
N ALA J 90 4.48 -51.88 -27.41
CA ALA J 90 4.38 -50.57 -28.02
C ALA J 90 3.42 -49.71 -27.20
N TYR J 91 3.79 -48.46 -26.99
CA TYR J 91 2.90 -47.50 -26.36
C TYR J 91 1.85 -47.04 -27.36
N ALA J 92 0.57 -47.03 -26.94
CA ALA J 92 -0.55 -46.71 -27.82
C ALA J 92 -1.38 -45.52 -27.34
N GLY J 93 -0.78 -44.60 -26.59
CA GLY J 93 -1.49 -43.42 -26.13
C GLY J 93 -2.08 -43.56 -24.76
N ARG J 94 -2.96 -42.60 -24.43
CA ARG J 94 -3.51 -42.51 -23.09
C ARG J 94 -4.69 -43.44 -22.87
N GLN J 95 -5.46 -43.73 -23.91
CA GLN J 95 -6.65 -44.57 -23.75
C GLN J 95 -6.28 -46.04 -23.62
N THR J 96 -5.33 -46.49 -24.44
CA THR J 96 -4.77 -47.83 -24.34
C THR J 96 -3.27 -47.61 -24.17
N PHE J 97 -2.73 -48.05 -23.04
CA PHE J 97 -1.35 -47.71 -22.74
C PHE J 97 -0.37 -48.56 -23.52
N TYR J 98 -0.45 -49.88 -23.40
CA TYR J 98 0.52 -50.78 -24.02
C TYR J 98 -0.19 -51.87 -24.81
N ILE J 99 0.42 -52.22 -25.93
CA ILE J 99 -0.04 -53.31 -26.78
C ILE J 99 1.13 -54.26 -26.99
N PHE J 100 0.83 -55.56 -26.99
CA PHE J 100 1.78 -56.63 -27.22
C PHE J 100 1.34 -57.45 -28.41
N GLY J 101 2.33 -58.00 -29.12
CA GLY J 101 2.07 -59.00 -30.13
C GLY J 101 2.20 -60.38 -29.55
N GLY J 102 2.06 -61.38 -30.41
CA GLY J 102 2.31 -62.72 -29.99
C GLY J 102 3.80 -62.97 -29.92
N GLY J 103 4.15 -64.14 -29.40
CA GLY J 103 5.56 -64.44 -29.23
C GLY J 103 6.17 -64.96 -30.52
N THR J 104 7.43 -64.60 -30.72
CA THR J 104 8.22 -65.11 -31.82
C THR J 104 9.24 -66.08 -31.22
N ARG J 105 9.19 -67.33 -31.66
CA ARG J 105 10.13 -68.33 -31.18
C ARG J 105 11.40 -68.20 -31.98
N LEU J 106 12.54 -68.03 -31.30
CA LEU J 106 13.84 -67.97 -31.94
C LEU J 106 14.49 -69.34 -31.79
N THR J 107 14.69 -70.01 -32.91
CA THR J 107 15.28 -71.35 -32.96
C THR J 107 16.72 -71.23 -33.42
N VAL J 108 17.64 -71.80 -32.65
CA VAL J 108 19.07 -71.75 -32.95
C VAL J 108 19.44 -73.12 -33.51
N LEU J 109 19.96 -73.13 -34.74
CA LEU J 109 20.23 -74.38 -35.44
C LEU J 109 21.61 -74.91 -35.10
N VAL K 2 -50.54 -36.65 -4.74
CA VAL K 2 -50.42 -35.21 -4.93
C VAL K 2 -51.20 -34.71 -6.14
N GLN K 3 -52.05 -35.57 -6.71
CA GLN K 3 -52.90 -35.21 -7.84
C GLN K 3 -52.10 -34.64 -9.01
N LEU K 4 -51.06 -35.38 -9.40
CA LEU K 4 -50.27 -35.02 -10.56
C LEU K 4 -50.98 -35.58 -11.79
N VAL K 5 -51.45 -34.69 -12.67
CA VAL K 5 -52.39 -35.06 -13.75
C VAL K 5 -51.82 -34.62 -15.09
N GLU K 6 -51.76 -35.56 -16.03
CA GLU K 6 -51.43 -35.26 -17.42
C GLU K 6 -52.60 -34.62 -18.15
N THR K 7 -52.32 -33.58 -18.92
CA THR K 7 -53.31 -32.89 -19.74
C THR K 7 -52.91 -32.88 -21.22
N GLY K 8 -52.05 -33.81 -21.64
CA GLY K 8 -51.55 -33.82 -22.99
C GLY K 8 -52.51 -34.49 -23.97
N GLY K 9 -52.07 -34.53 -25.24
CA GLY K 9 -52.85 -35.11 -26.29
C GLY K 9 -52.72 -36.62 -26.31
N GLY K 10 -53.46 -37.25 -27.24
CA GLY K 10 -53.46 -38.69 -27.33
C GLY K 10 -53.53 -39.32 -28.72
N LEU K 11 -53.44 -38.53 -29.79
CA LEU K 11 -53.45 -39.09 -31.13
C LEU K 11 -52.63 -38.21 -32.06
N VAL K 12 -51.61 -38.80 -32.67
CA VAL K 12 -50.73 -38.11 -33.60
C VAL K 12 -50.44 -39.03 -34.77
N GLN K 13 -50.17 -38.45 -35.93
CA GLN K 13 -49.71 -39.21 -37.08
C GLN K 13 -48.20 -39.46 -36.98
N PRO K 14 -47.68 -40.51 -37.63
CA PRO K 14 -46.23 -40.68 -37.67
C PRO K 14 -45.56 -39.48 -38.32
N GLY K 15 -44.46 -39.03 -37.72
CA GLY K 15 -43.73 -37.89 -38.20
C GLY K 15 -44.19 -36.54 -37.66
N GLY K 16 -45.29 -36.51 -36.91
CA GLY K 16 -45.81 -35.27 -36.37
C GLY K 16 -45.21 -34.96 -35.01
N SER K 17 -45.85 -34.02 -34.31
CA SER K 17 -45.39 -33.58 -33.01
C SER K 17 -46.56 -33.55 -32.04
N LEU K 18 -46.25 -33.75 -30.75
CA LEU K 18 -47.25 -33.77 -29.71
C LEU K 18 -46.64 -33.24 -28.43
N LYS K 19 -47.40 -32.42 -27.71
CA LYS K 19 -46.97 -31.85 -26.43
C LYS K 19 -47.77 -32.48 -25.30
N LEU K 20 -47.06 -32.85 -24.23
CA LEU K 20 -47.65 -33.36 -23.00
C LEU K 20 -47.32 -32.38 -21.89
N SER K 21 -48.15 -32.35 -20.85
CA SER K 21 -47.84 -31.51 -19.70
C SER K 21 -48.38 -32.14 -18.42
N CYS K 22 -47.76 -31.75 -17.30
CA CYS K 22 -48.14 -32.19 -15.97
C CYS K 22 -48.48 -30.98 -15.13
N ARG K 23 -49.57 -31.06 -14.37
CA ARG K 23 -49.90 -30.08 -13.35
C ARG K 23 -49.77 -30.71 -11.97
N ALA K 24 -49.16 -29.98 -11.05
CA ALA K 24 -49.00 -30.41 -9.67
C ALA K 24 -49.74 -29.45 -8.75
N SER K 25 -50.27 -30.01 -7.66
CA SER K 25 -50.93 -29.20 -6.63
C SER K 25 -50.58 -29.57 -5.19
N GLY K 26 -50.22 -30.81 -4.90
CA GLY K 26 -50.06 -31.25 -3.53
C GLY K 26 -48.67 -31.15 -2.94
N TYR K 27 -47.71 -30.55 -3.65
CA TYR K 27 -46.35 -30.44 -3.15
C TYR K 27 -45.71 -29.20 -3.75
N THR K 28 -44.60 -28.77 -3.14
CA THR K 28 -43.86 -27.64 -3.66
C THR K 28 -43.18 -28.08 -4.95
N PHE K 29 -43.66 -27.55 -6.07
CA PHE K 29 -43.18 -28.00 -7.38
C PHE K 29 -41.70 -27.68 -7.58
N SER K 30 -41.29 -26.46 -7.23
CA SER K 30 -39.91 -26.03 -7.45
C SER K 30 -38.90 -26.77 -6.56
N SER K 31 -39.35 -27.53 -5.57
CA SER K 31 -38.44 -28.23 -4.66
C SER K 31 -38.06 -29.63 -5.13
N PHE K 32 -38.70 -30.15 -6.18
CA PHE K 32 -38.46 -31.51 -6.63
C PHE K 32 -38.06 -31.55 -8.09
N ALA K 33 -37.18 -32.49 -8.42
CA ALA K 33 -36.90 -32.79 -9.81
C ALA K 33 -38.09 -33.51 -10.42
N MET K 34 -38.19 -33.46 -11.75
CA MET K 34 -39.31 -34.05 -12.46
C MET K 34 -38.79 -34.92 -13.59
N SER K 35 -39.59 -35.90 -13.99
CA SER K 35 -39.19 -36.78 -15.06
C SER K 35 -40.40 -37.32 -15.79
N TRP K 36 -40.16 -37.85 -16.98
CA TRP K 36 -41.14 -38.60 -17.75
C TRP K 36 -40.65 -40.02 -17.93
N VAL K 37 -41.53 -40.98 -17.64
CA VAL K 37 -41.26 -42.41 -17.74
C VAL K 37 -42.28 -43.02 -18.69
N ARG K 38 -41.80 -43.82 -19.64
CA ARG K 38 -42.60 -44.37 -20.71
C ARG K 38 -42.84 -45.87 -20.51
N GLN K 39 -44.09 -46.27 -20.70
CA GLN K 39 -44.53 -47.68 -20.59
C GLN K 39 -45.16 -48.08 -21.91
N ALA K 40 -44.42 -48.78 -22.74
CA ALA K 40 -45.00 -49.35 -23.95
C ALA K 40 -45.89 -50.53 -23.55
N PRO K 41 -47.02 -50.75 -24.23
CA PRO K 41 -47.88 -51.88 -23.84
C PRO K 41 -47.16 -53.22 -23.92
N GLY K 42 -47.17 -53.95 -22.81
CA GLY K 42 -46.61 -55.28 -22.75
C GLY K 42 -45.10 -55.36 -22.64
N LYS K 43 -44.38 -54.22 -22.60
CA LYS K 43 -42.93 -54.21 -22.58
C LYS K 43 -42.35 -53.67 -21.28
N GLY K 44 -43.18 -53.37 -20.28
CA GLY K 44 -42.69 -52.77 -19.06
C GLY K 44 -42.50 -51.27 -19.22
N LEU K 45 -41.68 -50.70 -18.35
CA LEU K 45 -41.47 -49.26 -18.28
C LEU K 45 -40.02 -48.94 -18.60
N GLU K 46 -39.82 -47.76 -19.16
CA GLU K 46 -38.48 -47.21 -19.34
C GLU K 46 -38.51 -45.73 -19.05
N TRP K 47 -37.39 -45.22 -18.56
CA TRP K 47 -37.25 -43.79 -18.35
C TRP K 47 -36.96 -43.11 -19.67
N VAL K 48 -37.57 -41.94 -19.88
CA VAL K 48 -37.39 -41.15 -21.10
C VAL K 48 -36.61 -39.88 -20.83
N SER K 49 -37.04 -39.07 -19.86
CA SER K 49 -36.40 -37.78 -19.70
C SER K 49 -36.48 -37.32 -18.25
N LEU K 50 -35.54 -36.45 -17.88
CA LEU K 50 -35.46 -35.90 -16.54
C LEU K 50 -35.09 -34.43 -16.63
N ILE K 51 -35.72 -33.62 -15.77
CA ILE K 51 -35.40 -32.21 -15.62
C ILE K 51 -35.15 -31.91 -14.15
N ASN K 52 -34.24 -30.97 -13.91
CA ASN K 52 -33.85 -30.61 -12.55
C ASN K 52 -34.97 -29.82 -11.88
N ASP K 53 -34.76 -29.47 -10.61
CA ASP K 53 -35.79 -28.74 -9.88
C ASP K 53 -35.87 -27.30 -10.36
N ARG K 54 -34.75 -26.71 -10.77
CA ARG K 54 -34.73 -25.35 -11.28
C ARG K 54 -35.03 -25.27 -12.77
N GLY K 55 -34.97 -26.39 -13.48
CA GLY K 55 -35.25 -26.43 -14.89
C GLY K 55 -34.07 -26.18 -15.80
N GLY K 56 -32.90 -25.86 -15.25
CA GLY K 56 -31.75 -25.54 -16.08
C GLY K 56 -31.13 -26.74 -16.76
N LEU K 57 -31.26 -27.94 -16.18
CA LEU K 57 -30.62 -29.14 -16.69
C LEU K 57 -31.66 -30.15 -17.15
N THR K 58 -31.41 -30.73 -18.33
CA THR K 58 -32.26 -31.76 -18.91
C THR K 58 -31.40 -32.94 -19.31
N PHE K 59 -31.95 -34.13 -19.16
CA PHE K 59 -31.29 -35.38 -19.53
C PHE K 59 -32.27 -36.26 -20.27
N TYR K 60 -31.78 -37.01 -21.26
CA TYR K 60 -32.60 -37.84 -22.12
C TYR K 60 -31.94 -39.19 -22.34
N VAL K 61 -32.75 -40.18 -22.71
CA VAL K 61 -32.21 -41.40 -23.30
C VAL K 61 -31.78 -41.11 -24.73
N ASP K 62 -30.75 -41.83 -25.19
CA ASP K 62 -30.19 -41.62 -26.53
C ASP K 62 -31.25 -41.71 -27.62
N SER K 63 -32.25 -42.58 -27.45
CA SER K 63 -33.26 -42.78 -28.48
C SER K 63 -34.15 -41.57 -28.71
N VAL K 64 -34.17 -40.60 -27.80
CA VAL K 64 -34.99 -39.40 -27.92
C VAL K 64 -34.19 -38.12 -27.80
N LYS K 65 -32.87 -38.20 -27.57
CA LYS K 65 -32.06 -37.02 -27.28
C LYS K 65 -32.18 -35.95 -28.36
N GLY K 66 -32.29 -36.36 -29.62
CA GLY K 66 -32.42 -35.43 -30.71
C GLY K 66 -33.83 -35.08 -31.11
N ARG K 67 -34.85 -35.55 -30.39
CA ARG K 67 -36.24 -35.35 -30.76
C ARG K 67 -37.11 -34.71 -29.68
N PHE K 68 -36.86 -34.99 -28.40
CA PHE K 68 -37.73 -34.54 -27.31
C PHE K 68 -37.09 -33.36 -26.61
N THR K 69 -37.92 -32.40 -26.19
CA THR K 69 -37.51 -31.29 -25.35
C THR K 69 -38.37 -31.31 -24.10
N ILE K 70 -37.72 -31.32 -22.94
CA ILE K 70 -38.40 -31.26 -21.65
C ILE K 70 -38.14 -29.90 -21.03
N SER K 71 -39.18 -29.29 -20.49
CA SER K 71 -39.06 -27.97 -19.89
C SER K 71 -40.04 -27.91 -18.72
N ARG K 72 -39.83 -26.95 -17.84
CA ARG K 72 -40.71 -26.75 -16.70
C ARG K 72 -40.85 -25.28 -16.42
N ASP K 73 -41.96 -24.93 -15.76
CA ASP K 73 -42.25 -23.58 -15.30
C ASP K 73 -42.66 -23.69 -13.85
N ASN K 74 -41.84 -23.13 -12.97
CA ASN K 74 -42.14 -23.15 -11.55
C ASN K 74 -43.35 -22.29 -11.24
N SER K 75 -43.54 -21.21 -12.01
CA SER K 75 -44.79 -20.50 -11.96
C SER K 75 -45.84 -21.38 -12.63
N LYS K 76 -47.02 -21.45 -12.01
CA LYS K 76 -48.15 -22.28 -12.43
C LYS K 76 -47.89 -23.77 -12.30
N ASN K 77 -46.75 -24.17 -11.71
CA ASN K 77 -46.45 -25.57 -11.38
C ASN K 77 -46.65 -26.52 -12.57
N THR K 78 -46.01 -26.21 -13.69
CA THR K 78 -46.29 -26.91 -14.95
C THR K 78 -45.04 -27.54 -15.51
N LEU K 79 -45.12 -28.83 -15.84
CA LEU K 79 -44.06 -29.54 -16.55
C LEU K 79 -44.55 -29.73 -17.98
N SER K 80 -43.65 -29.57 -18.96
CA SER K 80 -43.98 -29.78 -20.36
C SER K 80 -42.96 -30.70 -21.02
N LEU K 81 -43.44 -31.48 -21.98
CA LEU K 81 -42.59 -32.31 -22.83
C LEU K 81 -43.10 -32.16 -24.27
N GLN K 82 -42.25 -31.64 -25.15
CA GLN K 82 -42.58 -31.46 -26.56
C GLN K 82 -41.84 -32.51 -27.35
N MET K 83 -42.59 -33.41 -27.98
CA MET K 83 -42.06 -34.54 -28.72
C MET K 83 -42.22 -34.28 -30.21
N HIS K 84 -41.10 -34.21 -30.92
CA HIS K 84 -41.08 -34.06 -32.36
C HIS K 84 -40.68 -35.37 -33.01
N SER K 85 -41.08 -35.54 -34.28
CA SER K 85 -40.72 -36.69 -35.09
C SER K 85 -41.04 -38.01 -34.40
N LEU K 86 -42.25 -38.12 -33.88
CA LEU K 86 -42.65 -39.33 -33.17
C LEU K 86 -42.70 -40.53 -34.09
N ARG K 87 -42.22 -41.66 -33.58
CA ARG K 87 -42.09 -42.92 -34.31
C ARG K 87 -43.10 -43.93 -33.78
N ASP K 88 -43.26 -45.01 -34.55
CA ASP K 88 -44.18 -46.07 -34.15
C ASP K 88 -43.75 -46.72 -32.82
N GLY K 89 -42.45 -46.73 -32.54
CA GLY K 89 -41.96 -47.26 -31.29
C GLY K 89 -42.27 -46.42 -30.07
N ASP K 90 -42.79 -45.19 -30.27
CA ASP K 90 -43.09 -44.29 -29.16
C ASP K 90 -44.52 -44.41 -28.68
N THR K 91 -45.31 -45.34 -29.21
CA THR K 91 -46.65 -45.57 -28.70
C THR K 91 -46.56 -46.13 -27.30
N ALA K 92 -47.13 -45.42 -26.32
CA ALA K 92 -46.94 -45.81 -24.92
C ALA K 92 -47.78 -44.92 -24.02
N VAL K 93 -47.85 -45.31 -22.76
CA VAL K 93 -48.36 -44.46 -21.68
C VAL K 93 -47.18 -43.70 -21.08
N TYR K 94 -47.28 -42.38 -21.05
CA TYR K 94 -46.25 -41.50 -20.51
C TYR K 94 -46.68 -41.00 -19.15
N TYR K 95 -45.92 -41.35 -18.11
CA TYR K 95 -46.21 -40.98 -16.74
C TYR K 95 -45.30 -39.84 -16.29
N CYS K 96 -45.90 -38.89 -15.58
CA CYS K 96 -45.16 -37.88 -14.84
C CYS K 96 -44.60 -38.54 -13.61
N ALA K 97 -43.39 -38.16 -13.21
CA ALA K 97 -42.84 -38.65 -11.95
C ALA K 97 -42.06 -37.54 -11.28
N THR K 98 -42.03 -37.61 -9.95
CA THR K 98 -41.35 -36.63 -9.11
C THR K 98 -40.12 -37.27 -8.53
N GLY K 99 -38.99 -36.57 -8.64
CA GLY K 99 -37.73 -37.06 -8.13
C GLY K 99 -36.84 -37.61 -9.23
N GLY K 100 -35.95 -38.52 -8.87
CA GLY K 100 -34.94 -38.99 -9.79
C GLY K 100 -33.69 -38.13 -9.82
N MET K 101 -33.66 -37.01 -9.10
CA MET K 101 -32.51 -36.13 -9.05
C MET K 101 -32.75 -35.17 -7.90
N SER K 102 -31.66 -34.63 -7.36
CA SER K 102 -31.75 -33.58 -6.37
C SER K 102 -30.52 -32.71 -6.47
N SER K 103 -30.62 -31.50 -5.95
CA SER K 103 -29.49 -30.58 -5.99
C SER K 103 -28.46 -30.99 -4.96
N ALA K 104 -27.28 -30.38 -5.04
CA ALA K 104 -26.20 -30.70 -4.13
C ALA K 104 -26.53 -30.39 -2.68
N LEU K 105 -27.51 -29.53 -2.43
CA LEU K 105 -27.88 -29.11 -1.09
C LEU K 105 -29.02 -29.95 -0.50
N GLN K 106 -29.56 -30.91 -1.27
CA GLN K 106 -30.61 -31.79 -0.85
C GLN K 106 -30.08 -33.21 -0.73
N SER K 107 -30.82 -34.06 -0.03
CA SER K 107 -30.41 -35.45 0.04
C SER K 107 -30.61 -36.14 -1.30
N SER K 108 -29.92 -37.26 -1.46
CA SER K 108 -30.00 -38.03 -2.70
C SER K 108 -31.39 -38.64 -2.86
N LYS K 109 -31.85 -38.72 -4.11
CA LYS K 109 -33.03 -39.53 -4.40
C LYS K 109 -32.70 -40.67 -5.33
N TYR K 110 -32.51 -40.37 -6.62
CA TYR K 110 -32.26 -41.39 -7.63
C TYR K 110 -33.38 -42.44 -7.65
N TYR K 111 -34.60 -42.01 -7.36
CA TYR K 111 -35.78 -42.85 -7.44
C TYR K 111 -36.95 -41.95 -7.82
N PHE K 112 -38.03 -42.57 -8.29
CA PHE K 112 -39.22 -41.84 -8.73
C PHE K 112 -40.32 -42.02 -7.71
N ASP K 113 -40.99 -40.92 -7.37
CA ASP K 113 -42.15 -40.94 -6.48
C ASP K 113 -43.25 -40.08 -7.09
N PHE K 114 -44.41 -40.08 -6.44
CA PHE K 114 -45.57 -39.27 -6.82
C PHE K 114 -45.87 -39.34 -8.31
N TRP K 115 -46.15 -40.56 -8.77
CA TRP K 115 -46.38 -40.77 -10.19
C TRP K 115 -47.74 -40.22 -10.60
N GLY K 116 -47.81 -39.71 -11.83
CA GLY K 116 -49.08 -39.30 -12.38
C GLY K 116 -49.84 -40.50 -12.91
N GLN K 117 -51.01 -40.24 -13.48
CA GLN K 117 -51.88 -41.33 -13.91
C GLN K 117 -51.59 -41.80 -15.33
N GLY K 118 -50.91 -40.99 -16.12
CA GLY K 118 -50.39 -41.40 -17.41
C GLY K 118 -51.22 -40.96 -18.58
N ALA K 119 -50.59 -40.33 -19.56
CA ALA K 119 -51.24 -39.96 -20.81
C ALA K 119 -50.94 -41.04 -21.85
N LEU K 120 -51.94 -41.42 -22.63
CA LEU K 120 -51.78 -42.44 -23.65
C LEU K 120 -51.49 -41.75 -24.98
N VAL K 121 -50.32 -42.04 -25.55
CA VAL K 121 -49.89 -41.46 -26.82
C VAL K 121 -49.79 -42.61 -27.81
N THR K 122 -50.59 -42.53 -28.88
CA THR K 122 -50.62 -43.53 -29.93
C THR K 122 -50.13 -42.89 -31.23
N VAL K 123 -49.21 -43.57 -31.90
CA VAL K 123 -48.69 -43.14 -33.20
C VAL K 123 -49.25 -44.11 -34.24
N SER K 124 -50.02 -43.58 -35.17
CA SER K 124 -50.69 -44.41 -36.18
C SER K 124 -49.67 -45.07 -37.11
N LEU L 4 51.16 44.10 32.90
CA LEU L 4 51.25 45.32 32.11
C LEU L 4 52.30 46.25 32.68
N THR L 5 53.24 46.68 31.83
CA THR L 5 54.32 47.58 32.19
C THR L 5 54.46 48.67 31.15
N GLN L 6 55.28 49.67 31.47
CA GLN L 6 55.55 50.80 30.58
C GLN L 6 56.81 51.51 31.09
N PRO L 7 57.47 52.29 30.23
CA PRO L 7 58.62 53.08 30.71
C PRO L 7 58.20 54.04 31.81
N ARG L 8 59.12 54.27 32.75
CA ARG L 8 58.80 55.10 33.90
C ARG L 8 58.74 56.59 33.55
N SER L 9 59.62 57.05 32.65
CA SER L 9 59.64 58.46 32.31
C SER L 9 60.12 58.69 30.88
N VAL L 10 59.70 59.82 30.32
CA VAL L 10 60.11 60.30 29.01
C VAL L 10 60.17 61.81 29.10
N SER L 11 61.09 62.42 28.32
CA SER L 11 61.30 63.86 28.39
C SER L 11 61.05 64.58 27.07
N GLU L 12 61.96 64.41 26.11
CA GLU L 12 61.95 65.17 24.86
C GLU L 12 62.21 66.65 25.17
N SER L 13 61.37 67.56 24.69
CA SER L 13 61.57 68.99 24.89
C SER L 13 60.27 69.71 24.54
N PRO L 14 60.07 70.94 25.03
CA PRO L 14 58.89 71.70 24.62
C PRO L 14 58.86 71.92 23.11
N GLY L 15 57.69 71.70 22.51
CA GLY L 15 57.52 71.89 21.09
C GLY L 15 57.83 70.67 20.25
N GLN L 16 58.45 69.63 20.83
CA GLN L 16 58.82 68.42 20.12
C GLN L 16 57.81 67.33 20.44
N SER L 17 57.15 66.81 19.41
CA SER L 17 56.15 65.76 19.59
C SER L 17 56.79 64.55 20.26
N VAL L 18 56.08 63.97 21.23
CA VAL L 18 56.61 62.89 22.06
C VAL L 18 55.73 61.67 21.93
N THR L 19 56.35 60.50 21.82
CA THR L 19 55.64 59.24 21.71
C THR L 19 56.05 58.32 22.85
N PHE L 20 55.10 57.49 23.30
CA PHE L 20 55.46 56.49 24.30
C PHE L 20 54.44 55.36 24.27
N SER L 21 54.82 54.23 24.86
CA SER L 21 54.08 52.99 24.73
C SER L 21 54.05 52.18 26.01
N CYS L 22 53.13 51.23 26.03
CA CYS L 22 53.01 50.19 27.05
C CYS L 22 52.95 48.84 26.36
N THR L 23 53.47 47.82 27.04
CA THR L 23 53.63 46.48 26.49
C THR L 23 53.00 45.45 27.42
N GLY L 24 52.80 44.26 26.86
CA GLY L 24 52.15 43.19 27.59
C GLY L 24 52.03 41.98 26.68
N THR L 25 51.18 41.04 27.08
CA THR L 25 50.99 39.82 26.33
C THR L 25 49.69 39.89 25.51
N SER L 26 49.35 38.77 24.85
CA SER L 26 48.20 38.73 23.98
C SER L 26 46.88 38.85 24.74
N SER L 27 46.86 38.42 26.00
CA SER L 27 45.64 38.48 26.80
C SER L 27 45.36 39.84 27.40
N ASP L 28 46.29 40.80 27.32
CA ASP L 28 46.13 42.12 27.90
C ASP L 28 45.97 43.20 26.83
N ILE L 29 46.80 43.18 25.79
CA ILE L 29 46.84 44.21 24.77
C ILE L 29 46.55 43.65 23.38
N GLY L 30 47.12 42.49 23.06
CA GLY L 30 47.07 41.94 21.72
C GLY L 30 45.67 41.76 21.18
N GLY L 31 44.84 41.01 21.90
CA GLY L 31 43.45 40.86 21.54
C GLY L 31 42.55 41.88 22.22
N TYR L 32 41.25 41.70 22.00
CA TYR L 32 40.16 42.47 22.60
C TYR L 32 40.04 43.92 22.14
N ASN L 33 41.14 44.56 21.74
CA ASN L 33 41.13 45.93 21.23
C ASN L 33 40.49 46.92 22.22
N TYR L 34 40.78 46.75 23.51
CA TYR L 34 40.29 47.66 24.56
C TYR L 34 41.47 48.15 25.39
N VAL L 35 42.21 49.12 24.86
CA VAL L 35 43.37 49.69 25.52
C VAL L 35 43.06 51.17 25.77
N SER L 36 43.13 51.57 27.04
CA SER L 36 42.83 52.93 27.45
C SER L 36 44.07 53.60 28.01
N TRP L 37 44.13 54.92 27.84
CA TRP L 37 45.19 55.75 28.40
C TRP L 37 44.61 56.90 29.20
N PHE L 38 45.27 57.25 30.30
CA PHE L 38 44.83 58.33 31.17
C PHE L 38 45.97 59.31 31.41
N GLN L 39 45.62 60.60 31.50
CA GLN L 39 46.55 61.67 31.86
C GLN L 39 46.18 62.16 33.24
N GLN L 40 47.04 61.89 34.23
CA GLN L 40 46.82 62.30 35.61
C GLN L 40 47.80 63.42 35.96
N HIS L 41 47.28 64.63 36.10
CA HIS L 41 48.07 65.72 36.62
C HIS L 41 48.16 65.54 38.13
N PRO L 42 49.17 66.12 38.78
CA PRO L 42 49.28 65.94 40.24
C PRO L 42 48.11 66.56 40.98
N GLU L 43 47.75 65.92 42.08
CA GLU L 43 46.67 66.38 42.96
C GLU L 43 45.34 66.56 42.22
N THR L 44 45.04 65.65 41.30
CA THR L 44 43.75 65.68 40.61
C THR L 44 43.48 64.33 39.98
N ALA L 45 42.22 64.12 39.63
CA ALA L 45 41.79 62.84 39.06
C ALA L 45 42.39 62.62 37.67
N PRO L 46 42.71 61.38 37.30
CA PRO L 46 43.11 61.10 35.91
C PRO L 46 41.99 61.44 34.93
N LYS L 47 42.36 62.03 33.80
CA LYS L 47 41.43 62.34 32.73
C LYS L 47 41.54 61.28 31.63
N LEU L 48 40.40 60.73 31.22
CA LEU L 48 40.34 59.80 30.11
C LEU L 48 40.67 60.51 28.79
N MET L 49 41.58 59.93 28.01
CA MET L 49 42.11 60.56 26.80
C MET L 49 41.87 59.80 25.51
N ILE L 50 42.25 58.52 25.44
CA ILE L 50 42.21 57.79 24.16
C ILE L 50 40.98 56.89 23.98
N TYR L 51 40.16 56.67 25.01
CA TYR L 51 39.01 55.70 24.94
C TYR L 51 39.69 54.36 24.62
N GLU L 52 39.15 53.56 23.69
CA GLU L 52 39.81 52.36 23.21
C GLU L 52 40.80 52.88 22.17
N VAL L 53 41.49 52.00 21.44
CA VAL L 53 42.47 52.42 20.44
C VAL L 53 41.96 53.55 19.54
N SER L 54 42.75 54.63 19.48
CA SER L 54 42.55 55.76 18.55
C SER L 54 41.18 56.46 18.61
N LYS L 55 40.63 56.70 19.80
CA LYS L 55 39.42 57.53 19.92
C LYS L 55 39.67 58.67 20.92
N ARG L 56 38.63 59.50 21.20
CA ARG L 56 38.81 60.57 22.18
C ARG L 56 37.55 61.14 22.88
N PRO L 57 37.44 61.20 24.20
CA PRO L 57 36.31 61.92 24.79
C PRO L 57 36.46 63.39 24.43
N SER L 58 35.38 63.99 23.90
CA SER L 58 35.46 65.37 23.41
C SER L 58 36.07 66.32 24.45
N GLY L 59 36.55 67.48 24.02
CA GLY L 59 37.24 68.41 24.90
C GLY L 59 38.74 68.20 25.00
N VAL L 60 39.31 67.29 24.20
CA VAL L 60 40.74 66.97 24.24
C VAL L 60 41.40 67.61 23.02
N SER L 61 42.31 68.55 23.30
CA SER L 61 43.00 69.28 22.25
C SER L 61 43.94 68.38 21.44
N ASP L 62 43.90 68.55 20.12
CA ASP L 62 44.75 67.84 19.16
C ASP L 62 44.64 66.32 19.31
N ARG L 63 43.48 65.84 19.74
CA ARG L 63 43.06 64.44 19.71
C ARG L 63 43.84 63.45 20.57
N PHE L 64 45.16 63.64 20.75
CA PHE L 64 46.01 62.67 21.45
C PHE L 64 45.84 61.27 20.86
N SER L 65 45.71 61.21 19.53
CA SER L 65 45.43 59.94 18.86
C SER L 65 46.58 58.96 19.08
N GLY L 66 46.22 57.70 19.33
CA GLY L 66 47.19 56.64 19.51
C GLY L 66 47.13 55.55 18.46
N SER L 67 47.81 54.43 18.73
CA SER L 67 47.86 53.30 17.82
C SER L 67 48.20 52.05 18.63
N LYS L 68 48.06 50.91 17.98
CA LYS L 68 48.38 49.63 18.58
C LYS L 68 48.96 48.70 17.52
N SER L 69 50.01 47.97 17.89
CA SER L 69 50.62 47.00 16.99
C SER L 69 51.16 45.84 17.82
N GLY L 70 50.87 44.62 17.37
CA GLY L 70 51.29 43.45 18.12
C GLY L 70 50.65 43.46 19.49
N ASN L 71 51.50 43.33 20.52
CA ASN L 71 51.07 43.40 21.90
C ASN L 71 51.48 44.72 22.56
N THR L 72 51.87 45.72 21.76
CA THR L 72 52.32 47.01 22.26
C THR L 72 51.37 48.10 21.77
N ALA L 73 50.92 48.95 22.69
CA ALA L 73 50.07 50.08 22.38
C ALA L 73 50.84 51.36 22.68
N SER L 74 50.58 52.40 21.91
CA SER L 74 51.37 53.62 22.01
C SER L 74 50.52 54.82 21.68
N LEU L 75 50.99 56.00 22.08
CA LEU L 75 50.35 57.24 21.71
C LEU L 75 51.40 58.29 21.37
N THR L 76 51.01 59.19 20.49
CA THR L 76 51.80 60.34 20.06
C THR L 76 51.12 61.61 20.54
N ILE L 77 51.88 62.47 21.22
CA ILE L 77 51.44 63.80 21.62
C ILE L 77 52.09 64.76 20.64
N SER L 78 51.27 65.30 19.74
CA SER L 78 51.71 66.28 18.76
C SER L 78 51.56 67.69 19.35
N GLY L 79 52.55 68.54 19.08
CA GLY L 79 52.47 69.90 19.57
C GLY L 79 52.59 69.99 21.07
N LEU L 80 53.53 69.23 21.64
CA LEU L 80 53.70 69.14 23.09
C LEU L 80 53.87 70.52 23.73
N GLN L 81 53.11 70.76 24.80
CA GLN L 81 53.13 72.02 25.54
C GLN L 81 53.54 71.75 26.98
N ALA L 82 53.67 72.84 27.74
CA ALA L 82 53.99 72.73 29.16
C ALA L 82 52.86 72.09 29.95
N GLU L 83 51.62 72.24 29.48
CA GLU L 83 50.46 71.70 30.18
C GLU L 83 50.41 70.18 30.20
N ASP L 84 51.27 69.49 29.45
CA ASP L 84 51.27 68.04 29.39
C ASP L 84 52.21 67.39 30.41
N GLU L 85 52.72 68.16 31.37
CA GLU L 85 53.57 67.62 32.42
C GLU L 85 52.70 66.83 33.39
N ALA L 86 52.45 65.57 33.03
CA ALA L 86 51.51 64.72 33.75
C ALA L 86 51.97 63.27 33.68
N ASP L 87 51.39 62.46 34.56
CA ASP L 87 51.65 61.02 34.60
C ASP L 87 50.69 60.33 33.64
N TYR L 88 51.24 59.67 32.62
CA TYR L 88 50.43 58.98 31.61
C TYR L 88 50.37 57.50 31.95
N TYR L 89 49.17 57.01 32.21
CA TYR L 89 48.92 55.62 32.59
C TYR L 89 48.32 54.83 31.43
N CYS L 90 48.79 53.60 31.29
CA CYS L 90 48.23 52.61 30.38
C CYS L 90 47.36 51.63 31.16
N SER L 91 46.19 51.31 30.61
CA SER L 91 45.28 50.36 31.23
C SER L 91 44.63 49.53 30.14
N SER L 92 44.18 48.33 30.50
CA SER L 92 43.56 47.47 29.51
C SER L 92 42.70 46.42 30.17
N TYR L 93 41.82 45.83 29.36
CA TYR L 93 41.11 44.63 29.76
C TYR L 93 42.07 43.45 29.74
N ALA L 94 42.16 42.74 30.86
CA ALA L 94 42.94 41.53 31.00
C ALA L 94 42.01 40.35 31.23
N ASP L 95 42.52 39.16 30.91
CA ASP L 95 41.73 37.96 31.01
C ASP L 95 41.39 37.68 32.48
N SER L 96 40.55 36.66 32.69
CA SER L 96 39.84 36.47 33.95
C SER L 96 38.92 37.64 34.26
N ASN L 97 38.47 38.34 33.21
CA ASN L 97 37.48 39.40 33.30
C ASN L 97 37.89 40.49 34.29
N THR L 98 39.08 41.06 34.09
CA THR L 98 39.58 42.09 35.00
C THR L 98 40.15 43.24 34.19
N LEU L 99 40.46 44.32 34.89
CA LEU L 99 41.17 45.47 34.34
C LEU L 99 42.54 45.55 34.99
N VAL L 100 43.53 45.98 34.21
CA VAL L 100 44.88 46.19 34.71
C VAL L 100 45.34 47.58 34.31
N PHE L 101 46.31 48.08 35.08
CA PHE L 101 46.93 49.38 34.86
C PHE L 101 48.44 49.21 34.80
N GLY L 102 49.10 50.11 34.09
CA GLY L 102 50.54 50.17 34.09
C GLY L 102 51.07 50.97 35.26
N GLY L 103 52.39 51.15 35.28
CA GLY L 103 53.02 51.86 36.37
C GLY L 103 53.00 53.37 36.26
N GLY L 104 52.65 53.90 35.09
CA GLY L 104 52.62 55.33 34.88
C GLY L 104 53.89 55.85 34.25
N THR L 105 53.76 56.65 33.19
CA THR L 105 54.89 57.26 32.50
C THR L 105 54.89 58.74 32.85
N ARG L 106 56.01 59.22 33.40
CA ARG L 106 56.14 60.61 33.78
C ARG L 106 56.69 61.38 32.58
N LEU L 107 55.89 62.33 32.08
CA LEU L 107 56.30 63.20 30.99
C LEU L 107 56.76 64.52 31.57
N THR L 108 58.05 64.84 31.40
CA THR L 108 58.64 66.05 31.96
C THR L 108 58.60 67.23 30.99
N VAL L 109 58.42 66.99 29.70
CA VAL L 109 58.39 68.04 28.69
C VAL L 109 59.75 68.74 28.72
N VAL M 2 -10.19 -13.18 -57.86
CA VAL M 2 -9.90 -14.24 -56.89
C VAL M 2 -9.46 -15.47 -57.68
N GLN M 3 -8.29 -16.02 -57.32
CA GLN M 3 -7.76 -17.20 -57.97
C GLN M 3 -7.18 -18.16 -56.94
N LEU M 4 -7.35 -19.45 -57.20
CA LEU M 4 -6.72 -20.53 -56.44
C LEU M 4 -6.17 -21.52 -57.45
N VAL M 5 -4.87 -21.82 -57.35
CA VAL M 5 -4.22 -22.75 -58.27
C VAL M 5 -3.50 -23.81 -57.45
N GLU M 6 -3.92 -25.06 -57.60
CA GLU M 6 -3.23 -26.18 -56.98
C GLU M 6 -2.00 -26.55 -57.81
N THR M 7 -0.87 -26.77 -57.13
CA THR M 7 0.39 -27.10 -57.78
C THR M 7 0.95 -28.43 -57.29
N GLY M 8 0.08 -29.29 -56.74
CA GLY M 8 0.53 -30.56 -56.18
C GLY M 8 0.82 -31.59 -57.25
N GLY M 9 1.24 -32.77 -56.78
CA GLY M 9 1.66 -33.82 -57.67
C GLY M 9 0.51 -34.66 -58.21
N GLY M 10 0.88 -35.66 -59.01
CA GLY M 10 -0.07 -36.50 -59.70
C GLY M 10 -0.11 -37.95 -59.26
N LEU M 11 0.55 -38.82 -60.03
CA LEU M 11 0.48 -40.25 -59.79
C LEU M 11 1.42 -40.68 -58.67
N VAL M 12 0.88 -41.40 -57.69
CA VAL M 12 1.66 -41.95 -56.59
C VAL M 12 1.18 -43.38 -56.34
N GLN M 13 2.09 -44.21 -55.87
CA GLN M 13 1.76 -45.57 -55.49
C GLN M 13 1.07 -45.58 -54.12
N PRO M 14 0.24 -46.61 -53.82
CA PRO M 14 -0.30 -46.73 -52.47
C PRO M 14 0.79 -46.79 -51.42
N GLY M 15 0.59 -46.04 -50.33
CA GLY M 15 1.56 -45.92 -49.27
C GLY M 15 2.52 -44.76 -49.40
N GLY M 16 2.51 -44.05 -50.54
CA GLY M 16 3.40 -42.93 -50.77
C GLY M 16 2.79 -41.62 -50.33
N SER M 17 3.40 -40.53 -50.79
CA SER M 17 2.99 -39.19 -50.42
C SER M 17 3.13 -38.25 -51.60
N LEU M 18 2.35 -37.17 -51.58
CA LEU M 18 2.38 -36.11 -52.59
C LEU M 18 2.69 -34.74 -52.02
N LYS M 19 2.09 -34.37 -50.89
CA LYS M 19 2.24 -33.03 -50.33
C LYS M 19 1.73 -31.96 -51.30
N LEU M 20 0.41 -31.95 -51.47
CA LEU M 20 -0.22 -31.03 -52.40
C LEU M 20 -0.15 -29.63 -51.84
N SER M 21 -0.19 -28.63 -52.72
CA SER M 21 -0.18 -27.25 -52.30
C SER M 21 -1.11 -26.44 -53.18
N CYS M 22 -1.50 -25.29 -52.65
CA CYS M 22 -2.44 -24.37 -53.28
C CYS M 22 -1.95 -22.95 -53.10
N ARG M 23 -1.91 -22.19 -54.19
CA ARG M 23 -1.52 -20.79 -54.18
C ARG M 23 -2.78 -19.96 -54.34
N ALA M 24 -2.90 -18.92 -53.52
CA ALA M 24 -4.04 -18.02 -53.54
C ALA M 24 -3.62 -16.65 -54.05
N SER M 25 -4.53 -15.97 -54.73
CA SER M 25 -4.28 -14.59 -55.15
C SER M 25 -5.60 -13.88 -55.35
N GLY M 26 -5.52 -12.55 -55.39
CA GLY M 26 -6.68 -11.71 -55.65
C GLY M 26 -7.49 -11.33 -54.43
N TYR M 27 -7.11 -11.78 -53.24
CA TYR M 27 -7.85 -11.49 -52.02
C TYR M 27 -6.88 -11.60 -50.86
N THR M 28 -7.33 -11.18 -49.68
CA THR M 28 -6.50 -11.27 -48.49
C THR M 28 -6.56 -12.71 -47.99
N PHE M 29 -5.43 -13.41 -48.12
CA PHE M 29 -5.38 -14.82 -47.77
C PHE M 29 -5.59 -15.03 -46.27
N SER M 30 -4.96 -14.19 -45.45
CA SER M 30 -5.03 -14.34 -44.00
C SER M 30 -6.41 -14.05 -43.43
N SER M 31 -7.34 -13.52 -44.22
CA SER M 31 -8.69 -13.22 -43.73
C SER M 31 -9.68 -14.36 -43.91
N PHE M 32 -9.33 -15.44 -44.60
CA PHE M 32 -10.27 -16.52 -44.90
C PHE M 32 -9.73 -17.86 -44.41
N ALA M 33 -10.64 -18.69 -43.92
CA ALA M 33 -10.32 -20.08 -43.66
C ALA M 33 -10.22 -20.84 -44.97
N MET M 34 -9.44 -21.92 -44.97
CA MET M 34 -9.19 -22.71 -46.16
C MET M 34 -9.56 -24.16 -45.90
N SER M 35 -9.91 -24.88 -46.96
CA SER M 35 -10.29 -26.28 -46.85
C SER M 35 -9.89 -27.03 -48.10
N TRP M 36 -9.76 -28.34 -47.94
CA TRP M 36 -9.58 -29.28 -49.05
C TRP M 36 -10.78 -30.20 -49.12
N VAL M 37 -11.32 -30.34 -50.33
CA VAL M 37 -12.51 -31.14 -50.60
C VAL M 37 -12.16 -32.05 -51.78
N ARG M 38 -12.60 -33.30 -51.74
CA ARG M 38 -12.22 -34.26 -52.77
C ARG M 38 -13.42 -34.84 -53.49
N GLN M 39 -13.21 -35.21 -54.75
CA GLN M 39 -14.20 -35.86 -55.59
C GLN M 39 -13.59 -37.10 -56.22
N ALA M 40 -14.12 -38.27 -55.91
CA ALA M 40 -13.67 -39.46 -56.60
C ALA M 40 -14.10 -39.35 -58.06
N PRO M 41 -13.36 -39.99 -59.00
CA PRO M 41 -13.68 -39.81 -60.42
C PRO M 41 -15.12 -40.10 -60.81
N GLY M 42 -15.78 -41.09 -60.19
CA GLY M 42 -17.16 -41.42 -60.50
C GLY M 42 -18.19 -41.17 -59.41
N LYS M 43 -17.84 -40.47 -58.34
CA LYS M 43 -18.73 -40.27 -57.20
C LYS M 43 -18.93 -38.76 -56.99
N GLY M 44 -19.63 -38.42 -55.91
CA GLY M 44 -19.86 -37.05 -55.54
C GLY M 44 -18.68 -36.42 -54.83
N LEU M 45 -18.89 -35.21 -54.36
CA LEU M 45 -17.86 -34.38 -53.77
C LEU M 45 -17.92 -34.50 -52.25
N GLU M 46 -16.76 -34.70 -51.61
CA GLU M 46 -16.67 -34.94 -50.17
C GLU M 46 -15.59 -34.07 -49.55
N TRP M 47 -15.91 -33.44 -48.42
CA TRP M 47 -14.95 -32.62 -47.69
C TRP M 47 -13.91 -33.49 -47.01
N VAL M 48 -12.66 -33.03 -47.03
CA VAL M 48 -11.51 -33.75 -46.47
C VAL M 48 -10.97 -33.05 -45.22
N SER M 49 -10.65 -31.76 -45.32
CA SER M 49 -9.98 -31.09 -44.22
C SER M 49 -10.29 -29.60 -44.21
N LEU M 50 -10.15 -29.00 -43.03
CA LEU M 50 -10.43 -27.59 -42.81
C LEU M 50 -9.37 -26.99 -41.90
N ILE M 51 -8.87 -25.81 -42.26
CA ILE M 51 -7.94 -25.04 -41.44
C ILE M 51 -8.48 -23.63 -41.33
N ASN M 52 -8.32 -23.02 -40.15
CA ASN M 52 -8.85 -21.67 -39.94
C ASN M 52 -7.95 -20.64 -40.61
N ASP M 53 -8.29 -19.36 -40.43
CA ASP M 53 -7.57 -18.30 -41.12
C ASP M 53 -6.18 -18.09 -40.54
N ARG M 54 -5.97 -18.39 -39.26
CA ARG M 54 -4.69 -18.22 -38.61
C ARG M 54 -3.82 -19.47 -38.65
N GLY M 55 -4.35 -20.61 -39.10
CA GLY M 55 -3.59 -21.82 -39.19
C GLY M 55 -3.43 -22.60 -37.90
N GLY M 56 -3.99 -22.12 -36.79
CA GLY M 56 -3.80 -22.80 -35.52
C GLY M 56 -4.66 -24.02 -35.32
N LEU M 57 -5.81 -24.09 -35.98
CA LEU M 57 -6.79 -25.16 -35.78
C LEU M 57 -6.95 -25.95 -37.06
N THR M 58 -6.85 -27.28 -36.95
CA THR M 58 -7.01 -28.17 -38.08
C THR M 58 -8.08 -29.21 -37.75
N PHE M 59 -8.91 -29.52 -38.74
CA PHE M 59 -9.98 -30.51 -38.62
C PHE M 59 -9.96 -31.41 -39.84
N TYR M 60 -10.30 -32.69 -39.63
CA TYR M 60 -10.25 -33.68 -40.69
C TYR M 60 -11.48 -34.58 -40.58
N VAL M 61 -11.83 -35.23 -41.69
CA VAL M 61 -12.76 -36.34 -41.60
C VAL M 61 -12.05 -37.52 -40.95
N ASP M 62 -12.82 -38.32 -40.21
CA ASP M 62 -12.26 -39.45 -39.47
C ASP M 62 -11.47 -40.40 -40.38
N SER M 63 -11.89 -40.55 -41.63
CA SER M 63 -11.24 -41.50 -42.51
C SER M 63 -9.80 -41.12 -42.84
N VAL M 64 -9.41 -39.86 -42.68
CA VAL M 64 -8.06 -39.41 -42.98
C VAL M 64 -7.39 -38.74 -41.78
N LYS M 65 -8.03 -38.79 -40.61
CA LYS M 65 -7.58 -37.98 -39.48
C LYS M 65 -6.15 -38.30 -39.06
N GLY M 66 -5.76 -39.57 -39.12
CA GLY M 66 -4.43 -39.98 -38.70
C GLY M 66 -3.34 -39.94 -39.75
N ARG M 67 -3.65 -39.65 -41.02
CA ARG M 67 -2.66 -39.66 -42.08
C ARG M 67 -2.50 -38.36 -42.86
N PHE M 68 -3.47 -37.44 -42.80
CA PHE M 68 -3.39 -36.16 -43.52
C PHE M 68 -3.04 -35.07 -42.53
N THR M 69 -2.20 -34.13 -42.96
CA THR M 69 -1.89 -32.93 -42.21
C THR M 69 -2.16 -31.73 -43.11
N ILE M 70 -2.96 -30.78 -42.63
CA ILE M 70 -3.24 -29.54 -43.35
C ILE M 70 -2.51 -28.42 -42.63
N SER M 71 -1.85 -27.56 -43.42
CA SER M 71 -1.09 -26.46 -42.85
C SER M 71 -1.17 -25.29 -43.82
N ARG M 72 -0.79 -24.12 -43.34
CA ARG M 72 -0.82 -22.94 -44.20
C ARG M 72 0.30 -22.00 -43.80
N ASP M 73 0.68 -21.16 -44.76
CA ASP M 73 1.70 -20.12 -44.59
C ASP M 73 1.09 -18.84 -45.14
N ASN M 74 0.73 -17.93 -44.23
CA ASN M 74 0.07 -16.69 -44.57
C ASN M 74 1.02 -15.64 -45.15
N SER M 75 2.33 -15.83 -45.02
CA SER M 75 3.29 -14.91 -45.58
C SER M 75 3.61 -15.21 -47.04
N LYS M 76 3.23 -16.39 -47.53
CA LYS M 76 3.46 -16.82 -48.89
C LYS M 76 2.16 -17.09 -49.63
N ASN M 77 1.01 -16.87 -49.00
CA ASN M 77 -0.29 -17.20 -49.58
C ASN M 77 -0.35 -18.66 -50.02
N THR M 78 0.13 -19.56 -49.14
CA THR M 78 0.29 -20.96 -49.51
C THR M 78 -0.48 -21.85 -48.53
N LEU M 79 -1.26 -22.77 -49.08
CA LEU M 79 -1.94 -23.81 -48.32
C LEU M 79 -1.28 -25.14 -48.68
N SER M 80 -1.04 -26.01 -47.70
CA SER M 80 -0.44 -27.32 -47.94
C SER M 80 -1.27 -28.42 -47.33
N LEU M 81 -1.25 -29.58 -47.98
CA LEU M 81 -1.87 -30.80 -47.47
C LEU M 81 -0.89 -31.95 -47.68
N GLN M 82 -0.39 -32.53 -46.60
CA GLN M 82 0.61 -33.59 -46.63
C GLN M 82 -0.07 -34.92 -46.29
N MET M 83 -0.16 -35.79 -47.29
CA MET M 83 -0.81 -37.09 -47.17
C MET M 83 0.29 -38.15 -47.11
N HIS M 84 0.45 -38.78 -45.94
CA HIS M 84 1.57 -39.69 -45.70
C HIS M 84 1.20 -41.17 -45.66
N SER M 85 -0.05 -41.53 -45.94
CA SER M 85 -0.43 -42.94 -45.95
C SER M 85 -1.54 -43.18 -46.98
N LEU M 86 -1.32 -42.75 -48.22
CA LEU M 86 -2.38 -42.79 -49.22
C LEU M 86 -2.78 -44.23 -49.55
N ARG M 87 -4.09 -44.44 -49.57
CA ARG M 87 -4.71 -45.72 -49.90
C ARG M 87 -5.27 -45.65 -51.31
N ASP M 88 -5.65 -46.82 -51.83
CA ASP M 88 -6.23 -46.88 -53.17
C ASP M 88 -7.53 -46.10 -53.25
N GLY M 89 -8.28 -46.02 -52.14
CA GLY M 89 -9.52 -45.26 -52.11
C GLY M 89 -9.34 -43.75 -52.13
N ASP M 90 -8.10 -43.25 -52.05
CA ASP M 90 -7.83 -41.83 -52.03
C ASP M 90 -7.68 -41.22 -53.42
N THR M 91 -7.89 -42.00 -54.48
CA THR M 91 -7.83 -41.45 -55.83
C THR M 91 -8.98 -40.47 -56.02
N ALA M 92 -8.65 -39.22 -56.33
CA ALA M 92 -9.68 -38.19 -56.41
C ALA M 92 -9.07 -36.89 -56.94
N VAL M 93 -9.96 -36.00 -57.38
CA VAL M 93 -9.59 -34.62 -57.65
C VAL M 93 -9.78 -33.86 -56.34
N TYR M 94 -8.70 -33.21 -55.88
CA TYR M 94 -8.69 -32.45 -54.64
C TYR M 94 -8.76 -30.97 -54.95
N TYR M 95 -9.83 -30.33 -54.48
CA TYR M 95 -10.10 -28.92 -54.70
C TYR M 95 -9.71 -28.12 -53.46
N CYS M 96 -9.05 -27.00 -53.71
CA CYS M 96 -8.70 -26.00 -52.71
C CYS M 96 -9.85 -25.00 -52.67
N ALA M 97 -10.38 -24.71 -51.49
CA ALA M 97 -11.51 -23.80 -51.39
C ALA M 97 -11.37 -22.89 -50.18
N THR M 98 -11.94 -21.69 -50.31
CA THR M 98 -11.98 -20.73 -49.22
C THR M 98 -13.25 -20.93 -48.42
N GLY M 99 -13.20 -20.52 -47.15
CA GLY M 99 -14.35 -20.63 -46.29
C GLY M 99 -14.33 -21.92 -45.51
N GLY M 100 -15.38 -22.10 -44.72
CA GLY M 100 -15.54 -23.25 -43.86
C GLY M 100 -15.64 -22.92 -42.39
N MET M 101 -15.13 -21.76 -41.97
CA MET M 101 -15.27 -21.28 -40.61
C MET M 101 -14.76 -19.84 -40.57
N SER M 102 -15.18 -19.12 -39.53
CA SER M 102 -14.68 -17.78 -39.25
C SER M 102 -14.30 -17.69 -37.78
N SER M 103 -13.29 -16.87 -37.50
CA SER M 103 -12.71 -16.83 -36.16
C SER M 103 -13.43 -15.82 -35.27
N ALA M 104 -14.71 -16.09 -35.05
CA ALA M 104 -15.58 -15.44 -34.05
C ALA M 104 -15.85 -13.95 -34.24
N LEU M 105 -14.96 -13.20 -34.89
CA LEU M 105 -15.12 -11.76 -35.06
C LEU M 105 -15.66 -11.39 -36.43
N GLN M 106 -15.98 -12.36 -37.27
CA GLN M 106 -16.61 -12.13 -38.56
C GLN M 106 -17.97 -12.82 -38.58
N SER M 107 -18.68 -12.67 -39.69
CA SER M 107 -19.92 -13.37 -39.88
C SER M 107 -19.64 -14.84 -40.19
N SER M 108 -20.67 -15.66 -40.09
CA SER M 108 -20.51 -17.10 -40.31
C SER M 108 -20.14 -17.36 -41.76
N LYS M 109 -19.27 -18.35 -41.96
CA LYS M 109 -18.84 -18.78 -43.29
C LYS M 109 -18.86 -20.30 -43.38
N TYR M 110 -20.02 -20.90 -43.08
CA TYR M 110 -20.16 -22.35 -43.14
C TYR M 110 -20.56 -22.79 -44.54
N TYR M 111 -19.73 -22.37 -45.50
CA TYR M 111 -19.90 -22.64 -46.91
C TYR M 111 -18.53 -22.45 -47.55
N PHE M 112 -18.41 -22.90 -48.79
CA PHE M 112 -17.16 -22.79 -49.56
C PHE M 112 -17.32 -21.63 -50.53
N ASP M 113 -16.68 -20.50 -50.21
CA ASP M 113 -16.94 -19.26 -50.95
C ASP M 113 -16.36 -19.29 -52.35
N PHE M 114 -15.16 -19.85 -52.53
CA PHE M 114 -14.50 -19.85 -53.83
C PHE M 114 -13.67 -21.12 -53.94
N TRP M 115 -13.70 -21.74 -55.12
CA TRP M 115 -13.05 -23.02 -55.37
C TRP M 115 -11.92 -22.87 -56.37
N GLY M 116 -10.87 -23.67 -56.18
CA GLY M 116 -9.81 -23.81 -57.14
C GLY M 116 -10.14 -24.81 -58.23
N GLN M 117 -9.17 -25.05 -59.10
CA GLN M 117 -9.40 -25.89 -60.27
C GLN M 117 -9.18 -27.37 -60.01
N GLY M 118 -8.39 -27.72 -59.00
CA GLY M 118 -8.25 -29.09 -58.54
C GLY M 118 -7.02 -29.83 -59.02
N ALA M 119 -6.37 -30.54 -58.11
CA ALA M 119 -5.24 -31.41 -58.43
C ALA M 119 -5.73 -32.85 -58.51
N LEU M 120 -5.16 -33.63 -59.43
CA LEU M 120 -5.54 -35.02 -59.61
C LEU M 120 -4.58 -35.92 -58.84
N VAL M 121 -5.11 -36.64 -57.85
CA VAL M 121 -4.36 -37.62 -57.08
C VAL M 121 -4.77 -39.00 -57.57
N THR M 122 -3.80 -39.73 -58.13
CA THR M 122 -4.02 -41.08 -58.65
C THR M 122 -3.25 -42.04 -57.77
N VAL M 123 -3.95 -43.04 -57.22
CA VAL M 123 -3.35 -43.99 -56.29
C VAL M 123 -4.24 -45.22 -56.23
N ALA N 1 -23.89 -39.22 -47.19
CA ALA N 1 -24.46 -38.87 -45.89
C ALA N 1 -25.87 -38.33 -46.06
N LEU N 2 -26.04 -37.41 -47.00
CA LEU N 2 -27.32 -36.81 -47.31
C LEU N 2 -27.97 -37.52 -48.50
N THR N 3 -29.30 -37.63 -48.45
CA THR N 3 -30.08 -38.23 -49.52
C THR N 3 -30.47 -37.14 -50.51
N GLN N 4 -30.18 -37.38 -51.79
CA GLN N 4 -30.46 -36.43 -52.86
C GLN N 4 -30.80 -37.24 -54.10
N PRO N 5 -31.81 -36.85 -54.88
CA PRO N 5 -32.16 -37.66 -56.06
C PRO N 5 -31.04 -37.62 -57.08
N PRO N 6 -30.85 -38.71 -57.85
CA PRO N 6 -29.76 -38.72 -58.83
C PRO N 6 -30.01 -37.82 -60.03
N SER N 7 -31.25 -37.50 -60.37
CA SER N 7 -31.50 -36.71 -61.56
C SER N 7 -32.83 -35.97 -61.46
N VAL N 8 -32.93 -34.91 -62.25
CA VAL N 8 -34.15 -34.12 -62.40
C VAL N 8 -34.12 -33.54 -63.80
N SER N 9 -35.29 -33.24 -64.35
CA SER N 9 -35.37 -32.71 -65.71
C SER N 9 -36.53 -31.72 -65.82
N GLY N 10 -36.47 -30.93 -66.88
CA GLY N 10 -37.54 -29.98 -67.18
C GLY N 10 -37.23 -29.27 -68.49
N SER N 11 -38.23 -28.46 -68.94
CA SER N 11 -38.12 -27.73 -70.20
C SER N 11 -37.72 -26.29 -69.96
N PRO N 12 -37.05 -25.63 -70.91
CA PRO N 12 -36.77 -24.19 -70.76
C PRO N 12 -38.06 -23.39 -70.58
N GLY N 13 -38.01 -22.44 -69.64
CA GLY N 13 -39.16 -21.63 -69.28
C GLY N 13 -39.90 -22.10 -68.05
N GLN N 14 -39.63 -23.31 -67.58
CA GLN N 14 -40.24 -23.86 -66.38
C GLN N 14 -39.24 -23.73 -65.23
N SER N 15 -39.62 -24.29 -64.08
CA SER N 15 -38.75 -24.32 -62.91
C SER N 15 -38.74 -25.73 -62.34
N VAL N 16 -37.65 -26.05 -61.64
CA VAL N 16 -37.50 -27.35 -60.98
C VAL N 16 -37.14 -27.16 -59.52
N THR N 17 -37.38 -28.22 -58.76
CA THR N 17 -37.05 -28.32 -57.34
C THR N 17 -36.11 -29.50 -57.15
N ILE N 18 -34.96 -29.24 -56.52
CA ILE N 18 -33.98 -30.25 -56.17
C ILE N 18 -33.97 -30.35 -54.65
N SER N 19 -34.43 -31.48 -54.12
CA SER N 19 -34.47 -31.67 -52.69
C SER N 19 -33.18 -32.27 -52.17
N CYS N 20 -32.95 -32.12 -50.87
CA CYS N 20 -31.83 -32.70 -50.17
C CYS N 20 -32.31 -33.07 -48.78
N THR N 21 -32.16 -34.32 -48.38
CA THR N 21 -32.70 -34.81 -47.11
C THR N 21 -31.56 -35.26 -46.21
N GLY N 22 -31.54 -34.72 -44.99
CA GLY N 22 -30.59 -35.08 -43.96
C GLY N 22 -31.34 -35.63 -42.76
N THR N 23 -30.84 -35.34 -41.56
CA THR N 23 -31.47 -35.78 -40.32
C THR N 23 -31.61 -34.58 -39.39
N SER N 24 -32.18 -34.83 -38.21
CA SER N 24 -32.48 -33.74 -37.29
C SER N 24 -31.24 -33.12 -36.67
N SER N 25 -30.10 -33.81 -36.67
CA SER N 25 -28.91 -33.27 -36.02
C SER N 25 -28.05 -32.40 -36.93
N ASP N 26 -28.35 -32.27 -38.23
CA ASP N 26 -27.51 -31.50 -39.14
C ASP N 26 -28.28 -30.40 -39.88
N ILE N 27 -29.19 -30.71 -40.80
CA ILE N 27 -29.93 -29.67 -41.50
C ILE N 27 -30.89 -28.97 -40.54
N GLY N 28 -31.65 -29.76 -39.78
CA GLY N 28 -32.68 -29.18 -38.93
C GLY N 28 -32.15 -28.30 -37.82
N SER N 29 -30.99 -28.65 -37.25
CA SER N 29 -30.52 -27.96 -36.05
C SER N 29 -29.62 -26.76 -36.32
N TYR N 30 -28.91 -26.71 -37.45
CA TYR N 30 -27.95 -25.63 -37.69
C TYR N 30 -28.37 -24.61 -38.73
N ASN N 31 -29.25 -24.95 -39.67
CA ASN N 31 -29.69 -24.01 -40.70
C ASN N 31 -28.53 -23.43 -41.52
N TYR N 32 -27.53 -24.25 -41.81
CA TYR N 32 -26.39 -23.85 -42.65
C TYR N 32 -26.29 -24.85 -43.79
N VAL N 33 -27.09 -24.63 -44.83
CA VAL N 33 -27.15 -25.49 -45.99
C VAL N 33 -26.74 -24.66 -47.20
N SER N 34 -25.81 -25.18 -48.00
CA SER N 34 -25.36 -24.52 -49.21
C SER N 34 -25.60 -25.44 -50.39
N TRP N 35 -25.74 -24.82 -51.56
CA TRP N 35 -25.89 -25.50 -52.83
C TRP N 35 -24.88 -24.94 -53.82
N TYR N 36 -24.32 -25.80 -54.66
CA TYR N 36 -23.38 -25.33 -55.66
C TYR N 36 -23.48 -26.18 -56.93
N GLN N 37 -23.04 -25.56 -58.02
CA GLN N 37 -23.18 -26.07 -59.38
C GLN N 37 -21.81 -26.48 -59.93
N GLN N 38 -21.66 -27.76 -60.27
CA GLN N 38 -20.43 -28.31 -60.80
C GLN N 38 -20.68 -28.77 -62.23
N HIS N 39 -19.92 -28.25 -63.17
CA HIS N 39 -19.94 -28.76 -64.54
C HIS N 39 -18.90 -29.87 -64.67
N PRO N 40 -19.13 -30.92 -65.45
CA PRO N 40 -18.09 -31.95 -65.61
C PRO N 40 -16.80 -31.34 -66.16
N GLY N 41 -15.68 -31.67 -65.52
CA GLY N 41 -14.40 -31.14 -65.92
C GLY N 41 -14.04 -29.78 -65.35
N LYS N 42 -14.96 -29.12 -64.65
CA LYS N 42 -14.75 -27.77 -64.12
C LYS N 42 -14.97 -27.76 -62.62
N ALA N 43 -14.39 -26.74 -61.98
CA ALA N 43 -14.59 -26.54 -60.55
C ALA N 43 -16.02 -26.09 -60.26
N PRO N 44 -16.58 -26.45 -59.11
CA PRO N 44 -17.93 -25.97 -58.77
C PRO N 44 -17.93 -24.50 -58.41
N LYS N 45 -19.05 -23.85 -58.72
CA LYS N 45 -19.32 -22.48 -58.32
C LYS N 45 -20.37 -22.47 -57.21
N LEU N 46 -20.17 -21.63 -56.21
CA LEU N 46 -21.15 -21.49 -55.15
C LEU N 46 -22.39 -20.78 -55.67
N MET N 47 -23.56 -21.37 -55.43
CA MET N 47 -24.85 -20.85 -55.89
C MET N 47 -25.74 -20.36 -54.77
N ILE N 48 -25.82 -21.06 -53.64
CA ILE N 48 -26.66 -20.68 -52.52
C ILE N 48 -25.90 -20.99 -51.24
N TYR N 49 -26.03 -20.14 -50.23
CA TYR N 49 -25.45 -20.40 -48.92
C TYR N 49 -26.42 -19.94 -47.84
N ASP N 50 -26.24 -20.48 -46.64
CA ASP N 50 -27.10 -20.18 -45.49
C ASP N 50 -28.57 -20.44 -45.83
N VAL N 51 -28.82 -21.57 -46.48
CA VAL N 51 -30.15 -22.09 -46.81
C VAL N 51 -30.84 -21.23 -47.87
N THR N 52 -31.07 -19.95 -47.57
CA THR N 52 -31.85 -19.07 -48.43
C THR N 52 -31.04 -17.94 -49.06
N GLN N 53 -29.85 -17.66 -48.58
CA GLN N 53 -29.15 -16.45 -48.98
C GLN N 53 -28.36 -16.71 -50.26
N ARG N 54 -28.59 -15.88 -51.26
CA ARG N 54 -27.88 -15.97 -52.53
C ARG N 54 -26.63 -15.09 -52.47
N PRO N 55 -25.45 -15.58 -52.89
CA PRO N 55 -24.28 -14.71 -52.96
C PRO N 55 -24.35 -13.81 -54.20
N SER N 56 -23.42 -12.87 -54.26
CA SER N 56 -23.33 -12.02 -55.44
C SER N 56 -22.83 -12.83 -56.62
N GLY N 57 -23.12 -12.32 -57.82
CA GLY N 57 -22.72 -12.98 -59.04
C GLY N 57 -23.69 -14.05 -59.53
N VAL N 58 -24.82 -14.22 -58.85
CA VAL N 58 -25.81 -15.24 -59.21
C VAL N 58 -27.15 -14.51 -59.35
N SER N 59 -27.86 -14.78 -60.43
CA SER N 59 -29.13 -14.13 -60.68
C SER N 59 -30.23 -14.72 -59.81
N ASP N 60 -31.37 -14.04 -59.79
CA ASP N 60 -32.49 -14.39 -58.93
C ASP N 60 -33.16 -15.71 -59.31
N ARG N 61 -32.84 -16.29 -60.47
CA ARG N 61 -33.48 -17.55 -60.85
C ARG N 61 -33.07 -18.72 -59.95
N PHE N 62 -32.03 -18.57 -59.14
CA PHE N 62 -31.63 -19.58 -58.18
C PHE N 62 -32.05 -19.13 -56.78
N SER N 63 -32.73 -20.01 -56.06
CA SER N 63 -33.17 -19.68 -54.70
C SER N 63 -33.27 -20.98 -53.92
N GLY N 64 -33.49 -20.86 -52.61
CA GLY N 64 -33.62 -22.07 -51.83
C GLY N 64 -34.35 -21.82 -50.52
N SER N 65 -34.63 -22.93 -49.84
CA SER N 65 -35.39 -22.89 -48.61
C SER N 65 -35.17 -24.22 -47.89
N LYS N 66 -35.74 -24.33 -46.69
CA LYS N 66 -35.75 -25.59 -45.97
C LYS N 66 -37.07 -25.74 -45.22
N SER N 67 -37.44 -26.99 -44.99
CA SER N 67 -38.60 -27.35 -44.18
C SER N 67 -38.25 -28.62 -43.42
N GLY N 68 -38.32 -28.56 -42.10
CA GLY N 68 -37.96 -29.72 -41.30
C GLY N 68 -36.50 -30.06 -41.51
N ASN N 69 -36.24 -31.30 -41.92
CA ASN N 69 -34.90 -31.77 -42.24
C ASN N 69 -34.62 -31.79 -43.73
N THR N 70 -35.46 -31.19 -44.55
CA THR N 70 -35.33 -31.21 -46.00
C THR N 70 -34.99 -29.82 -46.50
N ALA N 71 -33.94 -29.71 -47.31
CA ALA N 71 -33.55 -28.50 -47.99
C ALA N 71 -34.03 -28.58 -49.42
N SER N 72 -34.22 -27.43 -50.05
CA SER N 72 -34.76 -27.36 -51.40
C SER N 72 -34.11 -26.24 -52.18
N LEU N 73 -33.69 -26.55 -53.40
CA LEU N 73 -33.16 -25.59 -54.37
C LEU N 73 -34.20 -25.42 -55.47
N THR N 74 -34.63 -24.19 -55.70
CA THR N 74 -35.57 -23.86 -56.76
C THR N 74 -34.79 -23.16 -57.86
N ILE N 75 -34.88 -23.69 -59.08
CA ILE N 75 -34.18 -23.14 -60.23
C ILE N 75 -35.21 -22.84 -61.30
N SER N 76 -35.34 -21.57 -61.67
CA SER N 76 -36.18 -21.13 -62.76
C SER N 76 -35.33 -20.84 -64.00
N GLY N 77 -36.00 -20.61 -65.12
CA GLY N 77 -35.32 -20.32 -66.36
C GLY N 77 -34.92 -21.58 -67.11
N LEU N 78 -34.05 -22.38 -66.49
CA LEU N 78 -33.63 -23.67 -67.03
C LEU N 78 -33.03 -23.55 -68.42
N GLN N 79 -32.12 -22.59 -68.59
CA GLN N 79 -31.46 -22.42 -69.87
C GLN N 79 -30.40 -23.50 -70.05
N ALA N 80 -29.75 -23.50 -71.23
CA ALA N 80 -28.75 -24.50 -71.53
C ALA N 80 -27.56 -24.43 -70.59
N ASP N 81 -27.25 -23.25 -70.07
CA ASP N 81 -26.10 -23.08 -69.19
C ASP N 81 -26.27 -23.76 -67.84
N ASP N 82 -27.49 -24.19 -67.48
CA ASP N 82 -27.74 -24.79 -66.18
C ASP N 82 -27.63 -26.32 -66.19
N GLU N 83 -27.23 -26.92 -67.31
CA GLU N 83 -27.10 -28.37 -67.39
C GLU N 83 -25.81 -28.76 -66.66
N ALA N 84 -25.94 -29.06 -65.38
CA ALA N 84 -24.79 -29.33 -64.53
C ALA N 84 -25.23 -30.18 -63.35
N ASP N 85 -24.23 -30.71 -62.63
CA ASP N 85 -24.48 -31.48 -61.42
C ASP N 85 -24.55 -30.52 -60.22
N TYR N 86 -25.70 -30.48 -59.57
CA TYR N 86 -25.91 -29.63 -58.41
C TYR N 86 -25.75 -30.49 -57.16
N TYR N 87 -25.09 -29.94 -56.14
CA TYR N 87 -24.87 -30.64 -54.88
C TYR N 87 -25.31 -29.76 -53.72
N CYS N 88 -25.84 -30.42 -52.71
CA CYS N 88 -26.12 -29.83 -51.41
C CYS N 88 -25.04 -30.21 -50.41
N SER N 89 -24.82 -29.31 -49.46
CA SER N 89 -23.86 -29.52 -48.38
C SER N 89 -24.46 -28.93 -47.12
N ALA N 90 -24.21 -29.58 -45.98
CA ALA N 90 -24.75 -29.08 -44.73
C ALA N 90 -23.71 -29.22 -43.62
N TYR N 91 -23.75 -28.26 -42.72
CA TYR N 91 -22.92 -28.27 -41.52
C TYR N 91 -23.55 -29.16 -40.48
N ALA N 92 -22.77 -30.11 -39.95
CA ALA N 92 -23.23 -31.08 -38.95
C ALA N 92 -22.71 -30.78 -37.55
N GLY N 93 -22.05 -29.64 -37.34
CA GLY N 93 -21.41 -29.33 -36.08
C GLY N 93 -19.96 -29.72 -36.15
N ARG N 94 -19.26 -29.64 -35.03
CA ARG N 94 -17.88 -30.07 -35.03
C ARG N 94 -17.85 -31.60 -34.99
N GLN N 95 -16.68 -32.19 -35.29
CA GLN N 95 -16.57 -33.64 -35.38
C GLN N 95 -17.40 -34.14 -36.56
N THR N 96 -16.82 -34.07 -37.77
CA THR N 96 -17.47 -34.21 -39.08
C THR N 96 -18.22 -32.95 -39.45
N PHE N 97 -17.45 -31.93 -39.84
CA PHE N 97 -17.98 -30.59 -40.04
C PHE N 97 -19.02 -30.52 -41.14
N TYR N 98 -18.75 -31.15 -42.28
CA TYR N 98 -19.63 -31.03 -43.44
C TYR N 98 -20.02 -32.39 -43.96
N ILE N 99 -21.29 -32.50 -44.36
CA ILE N 99 -21.85 -33.70 -44.95
C ILE N 99 -22.43 -33.31 -46.31
N PHE N 100 -22.31 -34.21 -47.27
CA PHE N 100 -22.68 -33.95 -48.65
C PHE N 100 -23.61 -35.04 -49.15
N GLY N 101 -24.47 -34.67 -50.09
CA GLY N 101 -25.29 -35.63 -50.81
C GLY N 101 -24.62 -36.06 -52.10
N GLY N 102 -25.36 -36.83 -52.89
CA GLY N 102 -24.90 -37.20 -54.21
C GLY N 102 -25.19 -36.09 -55.18
N GLY N 103 -24.86 -36.33 -56.44
CA GLY N 103 -25.07 -35.33 -57.47
C GLY N 103 -26.42 -35.52 -58.13
N THR N 104 -27.02 -34.40 -58.53
CA THR N 104 -28.27 -34.38 -59.27
C THR N 104 -27.95 -33.87 -60.67
N ARG N 105 -28.19 -34.69 -61.67
CA ARG N 105 -27.94 -34.33 -63.05
C ARG N 105 -29.19 -33.62 -63.58
N LEU N 106 -29.09 -32.32 -63.82
CA LEU N 106 -30.19 -31.54 -64.35
C LEU N 106 -30.12 -31.59 -65.86
N THR N 107 -31.14 -32.19 -66.48
CA THR N 107 -31.20 -32.33 -67.93
C THR N 107 -32.12 -31.25 -68.50
N VAL N 108 -31.60 -30.47 -69.44
CA VAL N 108 -32.34 -29.44 -70.12
C VAL N 108 -32.76 -30.00 -71.48
N LEU N 109 -34.06 -30.13 -71.70
CA LEU N 109 -34.58 -30.75 -72.91
C LEU N 109 -34.81 -29.70 -73.99
C1 NAG O . 20.55 39.07 39.20
C2 NAG O . 22.01 39.13 39.66
C3 NAG O . 22.07 39.55 41.11
C4 NAG O . 21.40 40.92 41.20
C5 NAG O . 19.92 40.72 40.80
C6 NAG O . 19.05 41.95 40.88
C7 NAG O . 23.47 37.61 38.40
C8 NAG O . 24.07 36.23 38.37
N2 NAG O . 22.68 37.87 39.45
O3 NAG O . 23.41 39.42 41.53
O4 NAG O . 21.43 41.45 42.50
O5 NAG O . 19.88 40.29 39.45
O6 NAG O . 19.40 42.75 41.98
O7 NAG O . 23.70 38.41 37.50
C1 NAG O . 24.07 40.26 42.50
C2 NAG O . 23.65 40.06 43.98
C3 NAG O . 24.54 40.90 44.86
C4 NAG O . 25.98 40.49 44.61
C5 NAG O . 26.33 40.61 43.14
C6 NAG O . 27.70 40.07 42.83
C7 NAG O . 21.36 39.58 44.78
C8 NAG O . 19.98 40.17 44.94
N2 NAG O . 22.27 40.40 44.23
O3 NAG O . 24.19 40.70 46.20
O4 NAG O . 26.85 41.35 45.32
O5 NAG O . 25.41 39.88 42.37
O6 NAG O . 28.04 40.39 41.51
O7 NAG O . 21.59 38.43 45.13
C1 BMA O . 27.07 40.92 46.66
C2 BMA O . 28.57 40.98 46.86
C3 BMA O . 28.89 40.71 48.33
C4 BMA O . 28.09 41.69 49.19
C5 BMA O . 26.61 41.55 48.91
C6 BMA O . 25.75 42.52 49.70
O2 BMA O . 29.06 42.26 46.55
O3 BMA O . 30.27 40.81 48.56
O4 BMA O . 28.36 41.43 50.56
O5 BMA O . 26.41 41.78 47.54
O6 BMA O . 24.45 41.99 49.69
C1 MAN O . 30.66 39.81 49.51
C2 MAN O . 31.88 40.35 50.26
C3 MAN O . 33.01 40.54 49.24
C4 MAN O . 33.30 39.23 48.53
C5 MAN O . 32.02 38.70 47.89
C6 MAN O . 32.24 37.32 47.31
O2 MAN O . 32.16 39.41 51.27
O3 MAN O . 34.15 41.05 49.89
O4 MAN O . 34.30 39.48 47.57
O5 MAN O . 30.99 38.61 48.86
O6 MAN O . 33.46 37.31 46.61
C1 MAN O . 32.98 39.98 52.32
C2 MAN O . 33.27 38.85 53.32
C3 MAN O . 34.28 39.32 54.35
C4 MAN O . 34.24 40.83 54.53
C5 MAN O . 32.82 41.36 54.29
C6 MAN O . 32.76 42.88 54.43
O2 MAN O . 33.76 37.76 52.57
O3 MAN O . 35.55 38.88 53.94
O4 MAN O . 34.66 41.09 55.85
O5 MAN O . 32.33 41.02 53.00
O6 MAN O . 33.80 43.46 53.69
C1 MAN O . 23.62 42.82 50.54
C2 MAN O . 22.33 42.03 50.79
C3 MAN O . 21.60 41.81 49.47
C4 MAN O . 21.34 43.16 48.81
C5 MAN O . 22.67 43.91 48.64
C6 MAN O . 22.44 45.32 48.12
O2 MAN O . 21.58 42.80 51.69
O3 MAN O . 20.41 41.12 49.75
O4 MAN O . 20.73 42.90 47.56
O5 MAN O . 23.33 44.02 49.88
O6 MAN O . 22.83 46.25 49.10
C1 MAN O . 20.53 39.81 49.16
C2 MAN O . 19.11 39.31 48.83
C3 MAN O . 18.33 38.99 50.09
C4 MAN O . 19.13 38.06 51.00
C5 MAN O . 20.49 38.69 51.28
C6 MAN O . 21.37 37.79 52.11
O2 MAN O . 19.26 38.18 48.01
O3 MAN O . 17.11 38.41 49.70
O4 MAN O . 18.37 37.87 52.18
O5 MAN O . 21.15 38.92 50.05
O6 MAN O . 22.61 38.43 52.31
C1 MAN O . 21.64 46.79 49.72
C2 MAN O . 21.49 48.24 49.24
C3 MAN O . 22.65 49.08 49.76
C4 MAN O . 22.77 48.95 51.27
C5 MAN O . 22.86 47.46 51.66
C6 MAN O . 22.81 47.27 53.16
O2 MAN O . 20.27 48.70 49.74
O3 MAN O . 22.42 50.41 49.36
O4 MAN O . 23.92 49.67 51.66
O5 MAN O . 21.76 46.77 51.11
O6 MAN O . 24.06 47.61 53.71
C1 NAG P . 23.80 -2.76 30.52
C2 NAG P . 23.37 -1.30 30.70
C3 NAG P . 23.23 -0.98 32.18
C4 NAG P . 22.26 -1.96 32.81
C5 NAG P . 22.75 -3.39 32.55
C6 NAG P . 21.80 -4.45 33.08
C7 NAG P . 23.98 0.61 29.26
C8 NAG P . 25.13 1.41 28.70
N2 NAG P . 24.30 -0.41 30.07
O3 NAG P . 22.76 0.33 32.33
O4 NAG P . 22.17 -1.72 34.18
O5 NAG P . 22.87 -3.61 31.16
O6 NAG P . 20.72 -4.56 32.19
O7 NAG P . 22.82 0.91 28.96
C1 NAG P . 20.81 -1.35 34.50
C2 NAG P . 20.63 -1.43 36.02
C3 NAG P . 19.23 -0.98 36.40
C4 NAG P . 19.00 0.42 35.84
C5 NAG P . 19.25 0.44 34.34
C6 NAG P . 19.15 1.82 33.73
C7 NAG P . 22.04 -3.19 37.04
C8 NAG P . 22.05 -4.63 37.47
N2 NAG P . 20.88 -2.76 36.49
O3 NAG P . 19.09 -1.01 37.79
O4 NAG P . 17.68 0.82 36.13
O5 NAG P . 20.56 -0.03 34.06
O6 NAG P . 18.05 2.49 34.30
O7 NAG P . 23.02 -2.47 37.19
C1 NAG Q . 31.13 29.26 19.78
C2 NAG Q . 32.09 29.36 18.59
C3 NAG Q . 33.19 28.32 18.74
C4 NAG Q . 33.88 28.51 20.07
C5 NAG Q . 32.85 28.45 21.20
C6 NAG Q . 33.45 28.74 22.56
C7 NAG Q . 30.94 30.19 16.56
C8 NAG Q . 30.25 29.76 15.29
N2 NAG Q . 31.40 29.19 17.34
O3 NAG Q . 34.11 28.45 17.68
O4 NAG Q . 34.83 27.48 20.25
O5 NAG Q . 31.84 29.41 20.98
O6 NAG Q . 34.23 29.91 22.49
O7 NAG Q . 31.09 31.38 16.85
C1 NAG Q . 36.12 28.03 20.57
C2 NAG Q . 37.02 26.86 20.99
C3 NAG Q . 38.50 27.28 21.08
C4 NAG Q . 38.91 28.07 19.85
C5 NAG Q . 37.94 29.24 19.66
C6 NAG Q . 38.25 30.10 18.45
C7 NAG Q . 35.63 25.36 22.36
C8 NAG Q . 35.35 24.91 23.77
N2 NAG Q . 36.59 26.29 22.24
O3 NAG Q . 39.28 26.13 21.21
O4 NAG Q . 40.23 28.53 20.02
O5 NAG Q . 36.65 28.72 19.47
O6 NAG Q . 39.36 30.91 18.74
O7 NAG Q . 35.02 24.90 21.41
C1 NAG R . 19.48 51.65 19.96
C2 NAG R . 18.37 52.72 19.87
C3 NAG R . 18.90 54.06 20.36
C4 NAG R . 19.42 53.88 21.77
C5 NAG R . 20.52 52.81 21.78
C6 NAG R . 21.05 52.52 23.17
C7 NAG R . 16.67 52.50 18.08
C8 NAG R . 16.43 52.77 16.62
N2 NAG R . 17.89 52.86 18.52
O3 NAG R . 17.87 55.01 20.32
O4 NAG R . 19.92 55.12 22.23
O5 NAG R . 19.97 51.61 21.29
O6 NAG R . 21.91 53.57 23.56
O7 NAG R . 15.80 52.00 18.79
C1 NAG R . 19.25 55.62 23.42
C2 NAG R . 19.62 57.11 23.52
C3 NAG R . 18.98 57.73 24.76
C4 NAG R . 17.47 57.51 24.67
C5 NAG R . 17.17 56.01 24.53
C6 NAG R . 15.70 55.71 24.36
C7 NAG R . 21.78 57.94 22.62
C8 NAG R . 23.25 57.98 22.90
N2 NAG R . 21.06 57.29 23.56
O3 NAG R . 19.28 59.10 24.81
O4 NAG R . 16.86 58.01 25.83
O5 NAG R . 17.84 55.51 23.40
O6 NAG R . 15.56 54.37 23.98
O7 NAG R . 21.30 58.47 21.64
C1 NAG S . 25.30 53.91 7.19
C2 NAG S . 26.58 54.29 6.41
C3 NAG S . 27.81 53.83 7.18
C4 NAG S . 27.77 54.44 8.58
C5 NAG S . 26.46 54.06 9.27
C6 NAG S . 26.30 54.69 10.63
C7 NAG S . 26.26 54.36 3.96
C8 NAG S . 26.35 53.53 2.71
N2 NAG S . 26.58 53.71 5.10
O3 NAG S . 28.96 54.23 6.50
O4 NAG S . 28.86 53.97 9.32
O5 NAG S . 25.37 54.47 8.48
O6 NAG S . 25.11 54.22 11.22
O7 NAG S . 25.94 55.54 3.92
C1 NAG S . 29.77 55.05 9.61
C2 NAG S . 30.82 54.51 10.58
C3 NAG S . 31.87 55.59 10.87
C4 NAG S . 32.47 56.03 9.55
C5 NAG S . 31.36 56.51 8.61
C6 NAG S . 31.86 56.90 7.24
C7 NAG S . 29.86 52.81 12.08
C8 NAG S . 29.23 52.59 13.44
N2 NAG S . 30.21 54.08 11.81
O3 NAG S . 32.86 55.07 11.71
O4 NAG S . 33.41 57.06 9.79
O5 NAG S . 30.40 55.49 8.42
O6 NAG S . 32.73 57.99 7.36
O7 NAG S . 30.03 51.87 11.31
C1 NAG T . 16.49 31.28 -17.34
C2 NAG T . 16.68 31.82 -15.91
C3 NAG T . 18.08 32.38 -15.72
C4 NAG T . 19.12 31.38 -16.17
C5 NAG T . 18.83 30.98 -17.61
C6 NAG T . 19.80 29.93 -18.14
C7 NAG T . 14.71 32.69 -14.69
C8 NAG T . 13.80 33.89 -14.56
N2 NAG T . 15.69 32.82 -15.60
O3 NAG T . 18.26 32.71 -14.37
O4 NAG T . 20.40 31.99 -16.11
O5 NAG T . 17.54 30.40 -17.67
O6 NAG T . 19.87 28.87 -17.23
O7 NAG T . 14.54 31.70 -14.00
C1 NAG T . 21.38 31.16 -15.45
C2 NAG T . 22.73 31.87 -15.59
C3 NAG T . 23.81 31.29 -14.70
C4 NAG T . 23.30 30.95 -13.30
C5 NAG T . 21.99 30.18 -13.41
C6 NAG T . 21.39 29.84 -12.07
C7 NAG T . 22.76 32.73 -17.93
C8 NAG T . 23.37 32.50 -19.28
N2 NAG T . 23.16 31.86 -16.97
O3 NAG T . 24.87 32.20 -14.61
O4 NAG T . 24.26 30.18 -12.61
O5 NAG T . 21.06 30.97 -14.09
O6 NAG T . 21.19 31.03 -11.35
O7 NAG T . 21.97 33.63 -17.73
C1 BMA T . 24.77 30.96 -11.50
C2 BMA T . 25.09 30.01 -10.36
C3 BMA T . 25.72 30.82 -9.22
C4 BMA T . 26.94 31.57 -9.75
C5 BMA T . 26.55 32.48 -10.92
C6 BMA T . 27.73 33.18 -11.56
O2 BMA T . 26.01 29.04 -10.77
O3 BMA T . 26.06 30.00 -8.13
O4 BMA T . 27.50 32.34 -8.69
O5 BMA T . 25.93 31.67 -11.91
O6 BMA T . 28.31 34.01 -10.58
C1 NAG U . 2.70 48.97 33.27
C2 NAG U . 2.64 48.75 34.78
C3 NAG U . 2.72 50.09 35.52
C4 NAG U . 3.92 50.90 35.02
C5 NAG U . 3.92 50.98 33.49
C6 NAG U . 5.14 51.66 32.93
C7 NAG U . 1.33 46.74 35.35
C8 NAG U . -0.05 46.26 35.73
N2 NAG U . 1.43 48.07 35.15
O3 NAG U . 2.83 49.85 36.89
O4 NAG U . 3.84 52.19 35.58
O5 NAG U . 3.88 49.67 32.95
O6 NAG U . 5.51 51.02 31.73
O7 NAG U . 2.27 45.95 35.24
C1 NAG U . 5.11 52.57 36.16
C2 NAG U . 4.96 54.02 36.66
C3 NAG U . 6.21 54.47 37.40
C4 NAG U . 6.63 53.45 38.44
C5 NAG U . 6.72 52.06 37.81
C6 NAG U . 7.05 50.96 38.80
C7 NAG U . 3.93 56.01 35.68
C8 NAG U . 3.75 56.80 34.39
N2 NAG U . 4.67 54.90 35.57
O3 NAG U . 5.95 55.72 38.00
O4 NAG U . 7.90 53.82 38.94
O5 NAG U . 5.47 51.73 37.24
O6 NAG U . 8.41 51.05 39.13
O7 NAG U . 3.42 56.40 36.72
C1 NAG V . -0.37 26.76 39.79
C2 NAG V . -0.07 25.67 40.83
C3 NAG V . -1.34 25.18 41.52
C4 NAG V . -2.18 26.36 42.00
C5 NAG V . -2.45 27.28 40.82
C6 NAG V . -3.27 28.50 41.16
C7 NAG V . 1.60 23.86 40.82
C8 NAG V . 2.18 22.74 40.00
N2 NAG V . 0.62 24.57 40.23
O3 NAG V . -0.98 24.36 42.60
O4 NAG V . -3.41 25.93 42.52
O5 NAG V . -1.22 27.75 40.32
O6 NAG V . -3.37 29.33 40.04
O7 NAG V . 1.99 24.08 41.96
C1 NAG V . -3.32 25.54 43.91
C2 NAG V . -3.90 26.65 44.79
C3 NAG V . -3.92 26.20 46.24
C4 NAG V . -4.69 24.89 46.35
C5 NAG V . -4.04 23.85 45.43
C6 NAG V . -4.79 22.55 45.41
C7 NAG V . -3.68 29.11 44.73
C8 NAG V . -2.70 30.25 44.59
N2 NAG V . -3.15 27.88 44.67
O3 NAG V . -4.53 27.20 47.03
O4 NAG V . -4.67 24.45 47.68
O5 NAG V . -4.03 24.34 44.11
O6 NAG V . -3.95 21.54 44.92
O7 NAG V . -4.88 29.33 44.88
C1 NAG W . -11.86 49.96 33.54
C2 NAG W . -13.06 50.85 33.20
C3 NAG W . -12.64 51.87 32.15
C4 NAG W . -11.46 52.66 32.66
C5 NAG W . -10.33 51.72 33.05
C6 NAG W . -9.16 52.44 33.68
C7 NAG W . -15.23 49.71 33.48
C8 NAG W . -16.28 48.91 32.76
N2 NAG W . -14.18 50.08 32.73
O3 NAG W . -13.73 52.72 31.87
O4 NAG W . -11.03 53.54 31.65
O5 NAG W . -10.79 50.78 33.99
O6 NAG W . -9.07 52.08 35.04
O7 NAG W . -15.34 49.97 34.68
C1 NAG W . -11.23 54.91 32.04
C2 NAG W . -10.71 55.80 30.91
C3 NAG W . -10.97 57.26 31.23
C4 NAG W . -12.46 57.45 31.48
C5 NAG W . -12.91 56.51 32.60
C6 NAG W . -14.40 56.57 32.86
C7 NAG W . -8.80 54.78 29.71
C8 NAG W . -7.30 54.71 29.68
N2 NAG W . -9.31 55.57 30.68
O3 NAG W . -10.54 58.06 30.17
O4 NAG W . -12.70 58.78 31.85
O5 NAG W . -12.61 55.17 32.25
O6 NAG W . -14.66 56.08 34.15
O7 NAG W . -9.48 54.16 28.91
C1 NAG X . -28.64 22.56 20.05
C2 NAG X . -27.40 23.42 20.37
C3 NAG X . -27.71 24.90 20.22
C4 NAG X . -28.34 25.17 18.87
C5 NAG X . -29.61 24.32 18.77
C6 NAG X . -30.36 24.50 17.47
C7 NAG X . -25.64 23.23 22.09
C8 NAG X . -25.39 22.84 23.52
N2 NAG X . -26.92 23.12 21.69
O3 NAG X . -26.52 25.63 20.36
O4 NAG X . -28.65 26.53 18.74
O5 NAG X . -29.24 22.97 18.84
O6 NAG X . -29.58 23.98 16.43
O7 NAG X . -24.74 23.62 21.35
C1 NAG X . -28.06 27.07 17.54
C2 NAG X . -28.84 28.32 17.14
C3 NAG X . -28.16 29.06 15.99
C4 NAG X . -26.68 29.27 16.29
C5 NAG X . -26.03 27.94 16.66
C6 NAG X . -24.58 28.07 17.05
C7 NAG X . -31.29 28.44 17.42
C8 NAG X . -32.60 27.94 16.85
N2 NAG X . -30.20 27.99 16.79
O3 NAG X . -28.80 30.29 15.79
O4 NAG X . -26.05 29.81 15.16
O5 NAG X . -26.71 27.39 17.78
O6 NAG X . -24.50 28.46 18.40
O7 NAG X . -31.27 29.21 18.36
C1 BMA X . -25.72 31.20 15.38
C2 BMA X . -24.35 31.46 14.79
C3 BMA X . -24.04 32.96 14.92
C4 BMA X . -25.17 33.75 14.24
C5 BMA X . -26.52 33.40 14.87
C6 BMA X . -27.70 34.08 14.18
O2 BMA X . -24.33 31.12 13.44
O3 BMA X . -22.80 33.28 14.35
O4 BMA X . -24.90 35.14 14.37
O5 BMA X . -26.71 32.01 14.77
O6 BMA X . -27.50 35.48 14.27
C1 NAG Y . 26.92 28.33 45.52
C2 NAG Y . 26.73 27.16 46.50
C3 NAG Y . 25.40 27.30 47.24
C4 NAG Y . 25.38 28.65 47.93
C5 NAG Y . 25.60 29.77 46.89
C6 NAG Y . 25.68 31.14 47.51
C7 NAG Y . 27.86 25.07 45.84
C8 NAG Y . 27.69 23.81 45.04
N2 NAG Y . 26.80 25.90 45.81
O3 NAG Y . 25.27 26.26 48.16
O4 NAG Y . 24.13 28.82 48.56
O5 NAG Y . 26.82 29.55 46.22
O6 NAG Y . 24.64 31.27 48.46
O7 NAG Y . 28.90 25.30 46.45
C1 NAG Z . 43.99 10.12 29.49
C2 NAG Z . 43.88 11.54 28.91
C3 NAG Z . 45.25 11.98 28.39
C4 NAG Z . 46.26 11.88 29.51
C5 NAG Z . 46.28 10.45 30.06
C6 NAG Z . 47.21 10.28 31.24
C7 NAG Z . 42.27 12.70 27.44
C8 NAG Z . 41.28 12.49 26.33
N2 NAG Z . 42.90 11.60 27.87
O3 NAG Z . 45.18 13.31 27.93
O4 NAG Z . 47.55 12.21 29.01
O5 NAG Z . 44.98 10.10 30.51
O6 NAG Z . 48.49 10.76 30.90
O7 NAG Z . 42.47 13.81 27.92
C1 NAG AA . 51.64 2.97 30.47
C2 NAG AA . 51.53 3.05 32.00
C3 NAG AA . 52.76 3.76 32.56
C4 NAG AA . 54.01 3.02 32.10
C5 NAG AA . 54.02 2.96 30.56
C6 NAG AA . 55.19 2.18 30.01
C7 NAG AA . 49.16 3.15 32.67
C8 NAG AA . 48.06 4.09 33.07
N2 NAG AA . 50.34 3.73 32.40
O3 NAG AA . 52.67 3.77 33.96
O4 NAG AA . 55.15 3.70 32.58
O5 NAG AA . 52.85 2.33 30.11
O6 NAG AA . 56.24 2.19 30.95
O7 NAG AA . 48.96 1.94 32.60
C1 NAG BA . 39.58 28.30 41.40
C2 NAG BA . 40.48 29.44 41.88
C3 NAG BA . 41.41 29.86 40.75
C4 NAG BA . 42.21 28.65 40.29
C5 NAG BA . 41.24 27.54 39.87
C6 NAG BA . 41.94 26.25 39.47
C7 NAG BA . 39.32 30.76 43.60
C8 NAG BA . 38.51 32.02 43.83
N2 NAG BA . 39.70 30.57 42.33
O3 NAG BA . 42.27 30.87 41.23
O4 NAG BA . 43.04 29.03 39.21
O5 NAG BA . 40.37 27.22 40.94
O6 NAG BA . 43.16 26.57 38.83
O7 NAG BA . 39.58 30.01 44.52
C1 NAG CA . 20.96 -32.35 2.53
C2 NAG CA . 19.49 -32.79 2.53
C3 NAG CA . 19.36 -34.15 3.19
C4 NAG CA . 20.25 -35.14 2.45
C5 NAG CA . 21.70 -34.62 2.46
C6 NAG CA . 22.64 -35.50 1.67
C7 NAG CA . 17.38 -31.59 2.91
C8 NAG CA . 16.69 -30.53 3.74
N2 NAG CA . 18.67 -31.82 3.21
O3 NAG CA . 18.02 -34.56 3.14
O4 NAG CA . 20.18 -36.39 3.09
O5 NAG CA . 21.74 -33.33 1.87
O6 NAG CA . 22.46 -36.84 2.06
O7 NAG CA . 16.78 -32.19 2.02
C1 NAG DA . 23.67 -24.28 13.50
C2 NAG DA . 24.06 -25.72 13.79
C3 NAG DA . 23.10 -26.32 14.82
C4 NAG DA . 23.12 -25.44 16.06
C5 NAG DA . 22.77 -24.00 15.68
C6 NAG DA . 22.85 -23.04 16.85
C7 NAG DA . 25.13 -26.74 11.82
C8 NAG DA . 24.88 -27.60 10.60
N2 NAG DA . 24.05 -26.52 12.58
O3 NAG DA . 23.49 -27.63 15.12
O4 NAG DA . 22.19 -25.95 17.00
O5 NAG DA . 23.67 -23.53 14.70
O6 NAG DA . 22.29 -23.65 17.99
O7 NAG DA . 26.24 -26.30 12.07
C1 NAG EA . 36.79 -13.29 5.90
C2 NAG EA . 38.04 -12.72 5.24
C3 NAG EA . 38.05 -13.10 3.76
C4 NAG EA . 37.95 -14.61 3.64
C5 NAG EA . 36.69 -15.10 4.36
C6 NAG EA . 36.54 -16.60 4.38
C7 NAG EA . 38.73 -10.66 6.40
C8 NAG EA . 38.67 -9.15 6.36
N2 NAG EA . 38.11 -11.29 5.40
O3 NAG EA . 39.22 -12.62 3.17
O4 NAG EA . 37.91 -14.96 2.27
O5 NAG EA . 36.73 -14.69 5.72
O6 NAG EA . 36.38 -17.06 3.06
O7 NAG EA . 39.31 -11.25 7.31
C1 NAG FA . 21.40 12.31 49.68
C2 NAG FA . 20.88 10.87 49.85
C3 NAG FA . 19.42 10.91 50.24
C4 NAG FA . 19.26 11.74 51.50
C5 NAG FA . 19.84 13.14 51.27
C6 NAG FA . 19.81 14.02 52.50
C7 NAG FA . 21.55 8.85 48.60
C8 NAG FA . 21.62 8.26 47.22
N2 NAG FA . 21.06 10.10 48.64
O3 NAG FA . 18.96 9.60 50.45
O4 NAG FA . 17.89 11.83 51.84
O5 NAG FA . 21.19 13.04 50.87
O6 NAG FA . 18.51 13.97 53.06
O7 NAG FA . 21.91 8.22 49.58
C1 NAG GA . 30.98 -4.88 40.25
C2 NAG GA . 32.10 -5.78 40.78
C3 NAG GA . 31.55 -7.15 41.13
C4 NAG GA . 30.39 -6.99 42.10
C5 NAG GA . 29.33 -6.06 41.49
C6 NAG GA . 28.18 -5.78 42.43
C7 NAG GA . 34.24 -5.06 39.77
C8 NAG GA . 35.24 -5.38 38.69
N2 NAG GA . 33.18 -5.89 39.84
O3 NAG GA . 32.56 -7.94 41.68
O4 NAG GA . 29.83 -8.25 42.37
O5 NAG GA . 29.93 -4.81 41.18
O6 NAG GA . 27.76 -6.99 43.01
O7 NAG GA . 34.40 -4.11 40.52
C1 NAG HA . 36.61 0.97 42.79
C2 NAG HA . 35.51 0.93 43.86
C3 NAG HA . 35.88 1.83 45.02
C4 NAG HA . 37.23 1.41 45.56
C5 NAG HA . 38.27 1.45 44.42
C6 NAG HA . 39.64 0.95 44.85
C7 NAG HA . 33.36 0.47 42.74
C8 NAG HA . 32.09 1.10 42.23
N2 NAG HA . 34.25 1.32 43.30
O3 NAG HA . 34.90 1.75 46.00
O4 NAG HA . 37.62 2.29 46.59
O5 NAG HA . 37.85 0.61 43.36
O6 NAG HA . 40.19 1.86 45.78
O7 NAG HA . 33.55 -0.73 42.64
C1 NAG IA . 27.42 -10.02 32.14
C2 NAG IA . 26.00 -10.53 31.89
C3 NAG IA . 25.58 -11.43 33.04
C4 NAG IA . 26.60 -12.56 33.18
C5 NAG IA . 28.00 -11.96 33.38
C6 NAG IA . 29.08 -13.01 33.44
C7 NAG IA . 24.78 -8.86 30.56
C8 NAG IA . 23.78 -7.73 30.63
N2 NAG IA . 25.08 -9.44 31.73
O3 NAG IA . 24.30 -11.94 32.79
O4 NAG IA . 26.26 -13.36 34.29
O5 NAG IA . 28.30 -11.10 32.30
O6 NAG IA . 30.16 -12.59 32.63
O7 NAG IA . 25.30 -9.19 29.50
C1 NAG JA . 37.21 -17.66 24.42
C2 NAG JA . 37.12 -18.94 25.26
C3 NAG JA . 38.50 -19.25 25.84
C4 NAG JA . 39.49 -19.37 24.69
C5 NAG JA . 39.49 -18.08 23.87
C6 NAG JA . 40.38 -18.15 22.66
C7 NAG JA . 34.98 -19.49 26.37
C8 NAG JA . 34.14 -19.19 27.58
N2 NAG JA . 36.14 -18.82 26.31
O3 NAG JA . 38.43 -20.44 26.57
O4 NAG JA . 40.78 -19.61 25.22
O5 NAG JA . 38.18 -17.81 23.41
O6 NAG JA . 41.60 -17.48 22.94
O7 NAG JA . 34.61 -20.30 25.54
C1 NAG KA . 43.12 -2.62 0.64
C2 NAG KA . 42.63 -2.23 -0.75
C3 NAG KA . 43.77 -2.29 -1.75
C4 NAG KA . 44.90 -1.39 -1.25
C5 NAG KA . 45.32 -1.84 0.16
C6 NAG KA . 46.39 -0.96 0.77
C7 NAG KA . 40.24 -2.81 -1.00
C8 NAG KA . 39.29 -3.85 -1.52
N2 NAG KA . 41.55 -3.08 -1.17
O3 NAG KA . 43.32 -1.85 -3.00
O4 NAG KA . 45.99 -1.48 -2.14
O5 NAG KA . 44.20 -1.80 1.03
O6 NAG KA . 47.47 -0.87 -0.13
O7 NAG KA . 39.83 -1.80 -0.44
C1 NAG LA . 51.60 -19.24 14.75
C2 NAG LA . 51.14 -19.50 13.32
C3 NAG LA . 49.96 -20.47 13.32
C4 NAG LA . 50.36 -21.73 14.06
C5 NAG LA . 50.84 -21.37 15.47
C6 NAG LA . 51.32 -22.56 16.26
C7 NAG LA . 51.62 -17.54 11.90
C8 NAG LA . 51.02 -16.29 11.32
N2 NAG LA . 50.79 -18.28 12.65
O3 NAG LA . 49.59 -20.76 11.99
O4 NAG LA . 49.26 -22.61 14.11
O5 NAG LA . 51.91 -20.45 15.39
O6 NAG LA . 50.60 -23.70 15.86
O7 NAG LA . 52.80 -17.83 11.71
C1 NAG MA . 24.57 -13.31 -17.71
C2 NAG MA . 25.61 -14.40 -17.50
C3 NAG MA . 26.80 -13.82 -16.71
C4 NAG MA . 27.34 -12.62 -17.47
C5 NAG MA . 26.22 -11.59 -17.67
C6 NAG MA . 26.65 -10.39 -18.48
C7 NAG MA . 25.21 -16.82 -17.18
C8 NAG MA . 24.51 -17.81 -16.28
N2 NAG MA . 25.06 -15.53 -16.80
O3 NAG MA . 27.78 -14.81 -16.57
O4 NAG MA . 28.40 -12.04 -16.73
O5 NAG MA . 25.14 -12.19 -18.36
O6 NAG MA . 25.65 -10.11 -19.43
O7 NAG MA . 25.83 -17.17 -18.15
C1 NAG NA . 22.39 -36.20 -17.37
C2 NAG NA . 22.53 -37.73 -17.40
C3 NAG NA . 23.69 -38.16 -16.54
C4 NAG NA . 24.94 -37.45 -17.02
C5 NAG NA . 24.72 -35.93 -16.98
C6 NAG NA . 25.90 -35.16 -17.53
C7 NAG NA . 20.52 -39.15 -17.75
C8 NAG NA . 19.31 -39.71 -17.06
N2 NAG NA . 21.31 -38.38 -16.98
O3 NAG NA . 23.84 -39.55 -16.62
O4 NAG NA . 26.03 -37.79 -16.18
O5 NAG NA . 23.59 -35.60 -17.77
O6 NAG NA . 26.79 -34.86 -16.49
O7 NAG NA . 20.75 -39.39 -18.93
C1 NAG OA . 16.41 -21.59 -29.39
C2 NAG OA . 15.44 -21.34 -30.55
C3 NAG OA . 16.22 -20.88 -31.78
C4 NAG OA . 17.05 -19.65 -31.42
C5 NAG OA . 17.97 -19.99 -30.24
C6 NAG OA . 18.76 -18.81 -29.75
C7 NAG OA . 13.48 -22.57 -31.46
C8 NAG OA . 12.89 -23.94 -31.62
N2 NAG OA . 14.67 -22.52 -30.83
O3 NAG OA . 15.34 -20.57 -32.82
O4 NAG OA . 17.82 -19.25 -32.52
O5 NAG OA . 17.18 -20.44 -29.14
O6 NAG OA . 18.85 -18.84 -28.35
O7 NAG OA . 12.91 -21.58 -31.89
C1 NAG PA . 33.52 44.23 -4.94
C2 NAG PA . 33.99 43.22 -5.99
C3 NAG PA . 34.96 42.22 -5.36
C4 NAG PA . 36.11 42.99 -4.74
C5 NAG PA . 35.56 44.01 -3.73
C6 NAG PA . 36.64 44.88 -3.12
C7 NAG PA . 32.37 42.77 -7.80
C8 NAG PA . 31.20 41.89 -8.20
N2 NAG PA . 32.88 42.51 -6.58
O3 NAG PA . 35.43 41.34 -6.34
O4 NAG PA . 36.98 42.08 -4.09
O5 NAG PA . 34.64 44.87 -4.37
O6 NAG PA . 37.40 44.12 -2.22
O7 NAG PA . 32.79 43.64 -8.55
C1 NAG QA . 22.06 47.34 -20.09
C2 NAG QA . 23.42 46.66 -19.98
C3 NAG QA . 24.40 47.60 -19.30
C4 NAG QA . 24.44 48.92 -20.04
C5 NAG QA . 23.02 49.49 -20.18
C6 NAG QA . 22.96 50.76 -21.01
C7 NAG QA . 23.79 44.23 -19.68
C8 NAG QA . 23.55 43.08 -18.74
N2 NAG QA . 23.31 45.42 -19.26
O3 NAG QA . 25.68 47.00 -19.29
O4 NAG QA . 25.27 49.83 -19.35
O5 NAG QA . 22.19 48.54 -20.81
O6 NAG QA . 24.25 51.29 -21.14
O7 NAG QA . 24.38 44.07 -20.75
C1 NAG RA . 22.01 41.37 -24.41
C2 NAG RA . 23.02 40.21 -24.43
C3 NAG RA . 23.19 39.65 -25.83
C4 NAG RA . 21.84 39.41 -26.46
C5 NAG RA . 21.07 40.74 -26.51
C6 NAG RA . 19.72 40.62 -27.18
C7 NAG RA . 24.61 40.71 -22.61
C8 NAG RA . 26.02 41.17 -22.32
N2 NAG RA . 24.30 40.63 -23.91
O3 NAG RA . 23.93 38.45 -25.76
O4 NAG RA . 22.03 38.92 -27.77
O5 NAG RA . 20.85 41.17 -25.19
O6 NAG RA . 18.74 40.41 -26.20
O7 NAG RA . 23.83 40.42 -21.72
C1 NAG SA . 17.30 31.07 -25.56
C2 NAG SA . 17.75 29.67 -25.09
C3 NAG SA . 18.95 29.17 -25.87
C4 NAG SA . 18.62 29.24 -27.35
C5 NAG SA . 18.31 30.69 -27.70
C6 NAG SA . 17.99 30.91 -29.16
C7 NAG SA . 17.24 29.20 -22.70
C8 NAG SA . 17.80 29.32 -21.30
N2 NAG SA . 18.04 29.68 -23.67
O3 NAG SA . 19.26 27.87 -25.47
O4 NAG SA . 19.72 28.76 -28.09
O5 NAG SA . 17.19 31.12 -26.97
O6 NAG SA . 18.63 29.91 -29.92
O7 NAG SA . 16.15 28.71 -22.92
C1 NAG TA . 6.58 53.02 -15.17
C2 NAG TA . 5.81 53.29 -13.88
C3 NAG TA . 4.64 54.22 -14.17
C4 NAG TA . 5.16 55.49 -14.84
C5 NAG TA . 5.93 55.10 -16.10
C6 NAG TA . 6.55 56.30 -16.80
C7 NAG TA . 5.14 51.91 -11.96
C8 NAG TA . 4.65 50.55 -11.54
N2 NAG TA . 5.34 52.07 -13.29
O3 NAG TA . 3.98 54.51 -12.97
O4 NAG TA . 4.07 56.31 -15.16
O5 NAG TA . 6.99 54.23 -15.77
O6 NAG TA . 5.55 57.25 -17.04
O7 NAG TA . 5.33 52.79 -11.14
C1 NAG UA . 0.09 47.49 8.12
C2 NAG UA . -1.44 47.48 8.03
C3 NAG UA . -1.88 47.84 6.61
C4 NAG UA . -1.29 49.19 6.25
C5 NAG UA . 0.24 49.14 6.39
C6 NAG UA . 0.89 50.47 6.14
C7 NAG UA . -3.12 46.04 9.11
C8 NAG UA . -3.49 44.60 9.40
N2 NAG UA . -1.99 46.20 8.41
O3 NAG UA . -3.28 47.87 6.56
O4 NAG UA . -1.64 49.51 4.92
O5 NAG UA . 0.58 48.75 7.71
O6 NAG UA . 0.17 51.18 5.16
O7 NAG UA . -3.83 46.97 9.48
C1 NAG VA . -9.70 26.53 -31.38
C2 NAG VA . -10.91 27.31 -30.85
C3 NAG VA . -12.18 26.51 -31.09
C4 NAG VA . -12.28 26.20 -32.57
C5 NAG VA . -11.01 25.44 -33.02
C6 NAG VA . -11.00 25.15 -34.51
C7 NAG VA . -10.26 28.78 -28.98
C8 NAG VA . -10.22 28.87 -27.47
N2 NAG VA . -10.76 27.63 -29.45
O3 NAG VA . -13.29 27.26 -30.66
O4 NAG VA . -13.42 25.40 -32.79
O5 NAG VA . -9.87 26.22 -32.74
O6 NAG VA . -12.28 24.79 -34.93
O7 NAG VA . -9.87 29.70 -29.68
C1 NAG WA . 7.95 32.57 -36.30
C2 NAG WA . 8.85 31.93 -37.35
C3 NAG WA . 9.16 32.94 -38.45
C4 NAG WA . 7.86 33.43 -39.04
C5 NAG WA . 6.97 34.01 -37.93
C6 NAG WA . 5.61 34.45 -38.40
C7 NAG WA . 10.30 30.14 -36.47
C8 NAG WA . 11.66 29.85 -35.85
N2 NAG WA . 10.07 31.44 -36.76
O3 NAG WA . 9.97 32.34 -39.43
O4 NAG WA . 8.12 34.40 -40.02
O5 NAG WA . 6.77 33.05 -36.91
O6 NAG WA . 5.75 35.33 -39.49
O7 NAG WA . 9.50 29.25 -36.67
C1 NAG XA . -5.21 4.16 -39.67
C2 NAG XA . -4.64 2.78 -39.32
C3 NAG XA . -3.96 2.18 -40.53
C4 NAG XA . -4.95 2.13 -41.68
C5 NAG XA . -5.49 3.55 -41.95
C6 NAG XA . -6.56 3.57 -43.02
C7 NAG XA . -3.54 1.81 -37.37
C8 NAG XA . -2.57 2.06 -36.24
N2 NAG XA . -3.75 2.84 -38.20
O3 NAG XA . -3.50 0.90 -40.22
O4 NAG XA . -4.31 1.64 -42.84
O5 NAG XA . -6.08 4.06 -40.77
O6 NAG XA . -6.45 2.41 -43.80
O7 NAG XA . -4.08 0.73 -37.51
C1 NAG YA . 3.09 14.51 -34.88
C2 NAG YA . 3.28 14.15 -36.35
C3 NAG YA . 4.68 13.56 -36.56
C4 NAG YA . 5.70 14.56 -36.06
C5 NAG YA . 5.42 14.88 -34.58
C6 NAG YA . 6.35 15.92 -34.01
C7 NAG YA . 1.51 13.37 -37.89
C8 NAG YA . 0.52 12.25 -38.13
N2 NAG YA . 2.28 13.22 -36.80
O3 NAG YA . 4.86 13.29 -37.92
O4 NAG YA . 7.00 14.01 -36.20
O5 NAG YA . 4.10 15.39 -34.45
O6 NAG YA . 7.64 15.73 -34.55
O7 NAG YA . 1.58 14.32 -38.66
C1 NAG ZA . 17.47 62.24 0.99
C2 NAG ZA . 16.38 62.88 1.85
C3 NAG ZA . 15.18 63.23 0.98
C4 NAG ZA . 15.66 64.15 -0.14
C5 NAG ZA . 16.78 63.46 -0.93
C6 NAG ZA . 17.37 64.34 -2.01
C7 NAG ZA . 16.39 62.11 4.20
C8 NAG ZA . 15.83 61.05 5.14
N2 NAG ZA . 15.99 61.99 2.92
O3 NAG ZA . 14.21 63.87 1.76
O4 NAG ZA . 14.58 64.44 -0.99
O5 NAG ZA . 17.83 63.11 -0.06
O6 NAG ZA . 18.68 63.93 -2.28
O7 NAG ZA . 17.15 62.97 4.60
C1 NAG AB . -18.12 33.67 -24.06
C2 NAG AB . -18.62 35.11 -23.91
C3 NAG AB . -19.95 35.28 -24.65
C4 NAG AB . -19.76 34.88 -26.10
C5 NAG AB . -19.24 33.43 -26.15
C6 NAG AB . -18.95 32.97 -27.56
C7 NAG AB . -18.75 36.71 -22.02
C8 NAG AB . -18.93 36.82 -20.53
N2 NAG AB . -18.76 35.47 -22.52
O3 NAG AB . -20.37 36.62 -24.57
O4 NAG AB . -20.99 34.97 -26.77
O5 NAG AB . -18.03 33.33 -25.42
O6 NAG AB . -19.62 33.80 -28.47
O7 NAG AB . -18.62 37.71 -22.71
C1 NAG BB . -24.71 46.71 21.54
C2 NAG BB . -25.82 46.34 20.55
C3 NAG BB . -25.37 46.70 19.14
C4 NAG BB . -25.00 48.17 19.09
C5 NAG BB . -23.92 48.46 20.15
C6 NAG BB . -23.57 49.93 20.24
C7 NAG BB . -27.18 44.44 21.35
C8 NAG BB . -27.33 42.95 21.28
N2 NAG BB . -26.16 44.95 20.63
O3 NAG BB . -26.41 46.41 18.24
O4 NAG BB . -24.52 48.49 17.81
O5 NAG BB . -24.40 48.08 21.43
O6 NAG BB . -23.12 50.37 18.98
O7 NAG BB . -27.93 45.13 22.03
C1 NAG CB . -25.53 26.02 43.11
C2 NAG CB . -24.16 25.93 43.78
C3 NAG CB . -24.31 25.39 45.18
C4 NAG CB . -25.29 26.27 45.95
C5 NAG CB . -26.61 26.33 45.20
C6 NAG CB . -27.62 27.26 45.84
C7 NAG CB . -21.98 25.41 42.75
C8 NAG CB . -21.24 24.36 41.94
N2 NAG CB . -23.26 25.10 43.02
O3 NAG CB . -23.06 25.37 45.81
O4 NAG CB . -25.49 25.72 47.24
O5 NAG CB . -26.40 26.81 43.88
O6 NAG CB . -27.30 27.39 47.21
O7 NAG CB . -21.43 26.43 43.11
C1 NAG DB . -36.13 33.50 32.46
C2 NAG DB . -36.19 34.50 31.29
C3 NAG DB . -36.19 35.92 31.84
C4 NAG DB . -37.34 36.08 32.82
C5 NAG DB . -37.23 35.01 33.92
C6 NAG DB . -38.41 35.04 34.87
C7 NAG DB . -35.10 33.46 29.33
C8 NAG DB . -33.83 33.44 28.52
N2 NAG DB . -35.09 34.31 30.38
O3 NAG DB . -36.29 36.83 30.78
O4 NAG DB . -37.30 37.37 33.37
O5 NAG DB . -37.21 33.72 33.33
O6 NAG DB . -38.98 36.33 34.89
O7 NAG DB . -36.06 32.75 29.05
C1 NAG EB . -37.72 29.29 24.97
C2 NAG EB . -39.08 29.11 25.67
C3 NAG EB . -40.19 28.87 24.66
C4 NAG EB . -40.16 29.92 23.58
C5 NAG EB . -38.76 29.97 22.95
C6 NAG EB . -38.62 31.03 21.89
C7 NAG EB . -38.63 28.17 27.91
C8 NAG EB . -38.63 26.89 28.71
N2 NAG EB . -39.00 28.03 26.62
O3 NAG EB . -41.42 28.85 25.33
O4 NAG EB . -41.12 29.62 22.60
O5 NAG EB . -37.82 30.28 23.96
O6 NAG EB . -37.81 30.53 20.85
O7 NAG EB . -38.31 29.24 28.41
C1 NAG FB . -22.11 -5.42 40.06
C2 NAG FB . -22.55 -6.83 39.65
C3 NAG FB . -22.70 -7.69 40.90
C4 NAG FB . -21.39 -7.68 41.67
C5 NAG FB . -21.01 -6.24 42.01
C6 NAG FB . -19.67 -6.11 42.71
C7 NAG FB . -23.85 -6.87 37.57
C8 NAG FB . -25.25 -6.82 37.01
N2 NAG FB . -23.77 -6.80 38.91
O3 NAG FB . -23.05 -9.00 40.52
O4 NAG FB . -21.55 -8.44 42.86
O5 NAG FB . -20.93 -5.48 40.82
O6 NAG FB . -19.54 -7.17 43.62
O7 NAG FB . -22.88 -6.94 36.83
C1 NAG GB . -14.91 44.40 45.06
C2 NAG GB . -15.29 45.15 46.35
C3 NAG GB . -14.91 44.31 47.57
C4 NAG GB . -15.60 42.96 47.45
C5 NAG GB . -15.18 42.29 46.13
C6 NAG GB . -15.87 40.96 45.90
C7 NAG GB . -15.19 47.61 46.05
C8 NAG GB . -14.31 48.80 46.22
N2 NAG GB . -14.63 46.43 46.41
O3 NAG GB . -15.32 44.97 48.73
O4 NAG GB . -15.21 42.16 48.55
O5 NAG GB . -15.52 43.13 45.04
O6 NAG GB . -16.08 40.32 47.13
O7 NAG GB . -16.33 47.70 45.61
C1 NAG HB . -37.51 -15.24 8.39
C2 NAG HB . -37.27 -15.36 6.88
C3 NAG HB . -38.60 -15.58 6.17
C4 NAG HB . -39.26 -16.81 6.75
C5 NAG HB . -39.44 -16.62 8.26
C6 NAG HB . -40.02 -17.85 8.95
C7 NAG HB . -35.86 -14.12 5.25
C8 NAG HB . -35.26 -12.78 4.94
N2 NAG HB . -36.59 -14.18 6.38
O3 NAG HB . -38.38 -15.75 4.79
O4 NAG HB . -40.52 -16.99 6.14
O5 NAG HB . -38.19 -16.39 8.86
O6 NAG HB . -41.38 -17.95 8.62
O7 NAG HB . -35.69 -15.08 4.52
C1 NAG IB . -30.67 -5.00 29.73
C2 NAG IB . -30.55 -5.44 31.20
C3 NAG IB . -30.21 -6.91 31.26
C4 NAG IB . -31.25 -7.70 30.48
C5 NAG IB . -31.32 -7.17 29.04
C6 NAG IB . -32.40 -7.84 28.21
C7 NAG IB . -29.82 -3.52 32.58
C8 NAG IB . -28.61 -2.88 33.23
N2 NAG IB . -29.57 -4.65 31.90
O3 NAG IB . -30.16 -7.32 32.59
O4 NAG IB . -30.89 -9.07 30.48
O5 NAG IB . -31.63 -5.79 29.06
O6 NAG IB . -32.34 -9.22 28.41
O7 NAG IB . -30.93 -3.02 32.68
C1 NAG JB . -43.04 9.23 26.61
C2 NAG JB . -44.36 9.32 25.83
C3 NAG JB . -45.51 9.60 26.80
C4 NAG JB . -45.53 8.51 27.86
C5 NAG JB . -44.16 8.46 28.57
C6 NAG JB . -44.06 7.36 29.59
C7 NAG JB . -44.06 10.12 23.51
C8 NAG JB . -44.06 11.35 22.65
N2 NAG JB . -44.31 10.34 24.82
O3 NAG JB . -46.71 9.63 26.09
O4 NAG JB . -46.54 8.79 28.79
O5 NAG JB . -43.14 8.25 27.61
O6 NAG JB . -45.33 7.16 30.18
O7 NAG JB . -43.85 9.01 23.04
C1 NAG KB . -36.34 20.36 20.25
C2 NAG KB . -35.99 20.05 18.79
C3 NAG KB . -37.05 20.62 17.87
C4 NAG KB . -38.40 20.05 18.27
C5 NAG KB . -38.67 20.37 19.74
C6 NAG KB . -39.96 19.76 20.25
C7 NAG KB . -33.55 19.88 18.41
C8 NAG KB . -32.33 20.65 18.01
N2 NAG KB . -34.70 20.58 18.44
O3 NAG KB . -36.74 20.30 16.54
O4 NAG KB . -39.41 20.62 17.45
O5 NAG KB . -37.62 19.86 20.55
O6 NAG KB . -40.84 19.57 19.17
O7 NAG KB . -33.50 18.68 18.66
C1 NAG LB . -38.00 -2.72 13.37
C2 NAG LB . -39.50 -3.08 13.54
C3 NAG LB . -40.26 -2.63 12.31
C4 NAG LB . -40.01 -1.14 12.08
C5 NAG LB . -38.51 -0.88 11.96
C6 NAG LB . -38.17 0.59 11.81
C7 NAG LB . -39.91 -5.06 14.96
C8 NAG LB . -40.08 -6.54 14.93
N2 NAG LB . -39.69 -4.48 13.77
O3 NAG LB . -41.62 -2.89 12.49
O4 NAG LB . -40.67 -0.75 10.89
O5 NAG LB . -37.85 -1.35 13.13
O6 NAG LB . -38.83 1.10 10.69
O7 NAG LB . -39.97 -4.42 16.01
C1 NAG MB . -43.88 -1.71 41.01
C2 NAG MB . -44.28 -3.16 40.76
C3 NAG MB . -44.54 -3.38 39.28
C4 NAG MB . -45.60 -2.40 38.82
C5 NAG MB . -45.14 -0.97 39.12
C6 NAG MB . -46.18 0.07 38.77
C7 NAG MB . -43.47 -5.06 42.14
C8 NAG MB . -42.24 -5.88 42.45
N2 NAG MB . -43.27 -4.08 41.23
O3 NAG MB . -44.96 -4.71 39.08
O4 NAG MB . -45.81 -2.55 37.43
O5 NAG MB . -44.87 -0.84 40.51
O6 NAG MB . -47.05 -0.45 37.80
O7 NAG MB . -44.54 -5.30 42.67
C1 NAG NB . -34.88 21.90 47.48
C2 NAG NB . -34.33 23.32 47.64
C3 NAG NB . -34.67 23.85 49.02
C4 NAG NB . -36.19 23.79 49.22
C5 NAG NB . -36.66 22.35 49.00
C6 NAG NB . -38.16 22.21 49.09
C7 NAG NB . -32.25 24.36 46.85
C8 NAG NB . -30.75 24.16 46.75
N2 NAG NB . -32.91 23.35 47.43
O3 NAG NB . -34.22 25.17 49.15
O4 NAG NB . -36.51 24.22 50.52
O5 NAG NB . -36.26 21.90 47.72
O6 NAG NB . -38.67 23.27 49.86
O7 NAG NB . -32.79 25.37 46.42
C1 NAG OB . -23.40 -4.06 -41.53
C2 NAG OB . -23.26 -4.58 -42.96
C3 NAG OB . -22.83 -3.43 -43.88
C4 NAG OB . -23.85 -2.30 -43.75
C5 NAG OB . -23.95 -1.87 -42.29
C6 NAG OB . -25.01 -0.81 -42.06
C7 NAG OB . -22.66 -6.96 -43.00
C8 NAG OB . -21.51 -7.93 -43.10
N2 NAG OB . -22.32 -5.66 -43.03
O3 NAG OB . -22.76 -3.90 -45.19
O4 NAG OB . -23.42 -1.22 -44.55
O5 NAG OB . -24.31 -2.98 -41.49
O6 NAG OB . -25.43 -0.31 -43.31
O7 NAG OB . -23.82 -7.36 -42.90
C1 NAG PB . -27.71 5.82 -23.12
C2 NAG PB . -28.11 7.29 -22.91
C3 NAG PB . -28.50 7.90 -24.25
C4 NAG PB . -27.34 7.75 -25.21
C5 NAG PB . -26.97 6.26 -25.34
C6 NAG PB . -25.77 6.04 -26.22
C7 NAG PB . -29.35 8.42 -21.11
C8 NAG PB . -30.56 8.31 -20.22
N2 NAG PB . -29.20 7.39 -21.97
O3 NAG PB . -28.82 9.26 -24.05
O4 NAG PB . -27.72 8.27 -26.47
O5 NAG PB . -26.66 5.74 -24.06
O6 NAG PB . -25.63 7.13 -27.10
O7 NAG PB . -28.59 9.37 -21.04
C1 NAG QB . -33.48 -7.21 -24.48
C2 NAG QB . -34.24 -5.89 -24.60
C3 NAG QB . -35.70 -6.11 -24.18
C4 NAG QB . -36.29 -7.21 -25.04
C5 NAG QB . -35.44 -8.48 -24.89
C6 NAG QB . -35.92 -9.61 -25.78
C7 NAG QB . -33.83 -3.53 -23.90
C8 NAG QB . -33.06 -2.67 -22.93
N2 NAG QB . -33.62 -4.86 -23.79
O3 NAG QB . -36.43 -4.93 -24.35
O4 NAG QB . -37.61 -7.49 -24.61
O5 NAG QB . -34.10 -8.20 -25.26
O6 NAG QB . -34.85 -10.52 -25.97
O7 NAG QB . -34.59 -3.03 -24.72
C1 NAG RB . -31.98 -35.15 9.89
C2 NAG RB . -33.21 -35.95 9.45
C3 NAG RB . -34.42 -35.50 10.27
C4 NAG RB . -34.10 -35.68 11.75
C5 NAG RB . -32.83 -34.89 12.09
C6 NAG RB . -32.40 -35.09 13.53
C7 NAG RB . -33.06 -36.64 7.09
C8 NAG RB . -33.44 -36.26 5.68
N2 NAG RB . -33.47 -35.78 8.05
O3 NAG RB . -35.53 -36.26 9.89
O4 NAG RB . -35.18 -35.20 12.51
O5 NAG RB . -31.77 -35.31 11.28
O6 NAG RB . -32.03 -36.44 13.72
O7 NAG RB . -32.41 -37.65 7.32
C1 NAG SB . -14.38 -24.86 20.71
C2 NAG SB . -15.76 -25.38 21.11
C3 NAG SB . -16.31 -24.54 22.26
C4 NAG SB . -15.32 -24.57 23.41
C5 NAG SB . -13.95 -24.07 22.92
C6 NAG SB . -12.88 -24.15 23.98
C7 NAG SB . -17.67 -26.24 19.81
C8 NAG SB . -18.48 -26.03 18.57
N2 NAG SB . -16.67 -25.37 20.00
O3 NAG SB . -17.55 -25.06 22.64
O4 NAG SB . -15.80 -23.75 24.44
O5 NAG SB . -13.53 -24.86 21.83
O6 NAG SB . -13.44 -24.13 25.27
O7 NAG SB . -17.92 -27.16 20.59
C1 NAG TB . -12.42 -38.14 10.88
C2 NAG TB . -11.72 -39.11 9.93
C3 NAG TB . -11.19 -40.29 10.71
C4 NAG TB . -10.27 -39.78 11.81
C5 NAG TB . -11.03 -38.77 12.69
C6 NAG TB . -10.17 -38.13 13.75
C7 NAG TB . -12.24 -39.79 7.61
C8 NAG TB . -13.35 -40.26 6.70
N2 NAG TB . -12.60 -39.55 8.88
O3 NAG TB . -10.50 -41.14 9.85
O4 NAG TB . -9.82 -40.86 12.59
O5 NAG TB . -11.54 -37.72 11.89
O6 NAG TB . -9.24 -39.09 14.22
O7 NAG TB . -11.09 -39.66 7.21
#